data_6A5T
#
_entry.id   6A5T
#
_cell.length_a   1
_cell.length_b   1
_cell.length_c   1
_cell.angle_alpha   90
_cell.angle_beta   90
_cell.angle_gamma   90
#
_symmetry.space_group_name_H-M   'P 1'
#
loop_
_entity.id
_entity.type
_entity.pdbx_description
1 polymer 'DNA-directed RNA polymerase subunit'
2 polymer 'DNA-directed RNA polymerase subunit beta'
3 polymer 'RNA polymerase II third largest subunit B44, part of central core'
4 polymer 'RNA polymerase II subunit B32'
5 polymer 'RNA polymerase subunit ABC27, common to RNA polymerases I, II, and III'
6 polymer 'RNA polymerase subunit ABC23, common to RNA polymerases I, II, and III'
7 polymer 'RNA polymerase II subunit'
8 polymer 'DNA-directed RNA polymerases I, II, and III subunit RPABC3'
9 polymer 'DNA-directed RNA polymerase subunit'
10 polymer 'RNA polymerase subunit ABC10-beta, common to RNA polymerases I, II, and III'
11 polymer 'RNA polymerase II subunit B12.5'
12 polymer 'RNA polymerase subunit ABC10-alpha'
13 polymer "RNA (5'-R(P*GP*GP*UP*GP*UP*CP*UP*UP*GP*GP*G)-3')"
14 polymer 'DNA (198-MER)'
15 polymer 'DNA (198-MER)'
16 polymer 'Histone H3.3'
17 polymer 'Histone H4'
18 polymer 'Histone H2A type 1-B/E'
19 polymer 'Histone H2B type 1-J'
20 non-polymer 'ZINC ION'
21 non-polymer 'MAGNESIUM ION'
#
loop_
_entity_poly.entity_id
_entity_poly.type
_entity_poly.pdbx_seq_one_letter_code
_entity_poly.pdbx_strand_id
1 'polypeptide(L)'
;MSQFPYSSAPLRSVKEVQFGLLSPEEIRAISVVKIEYPEIMDESRQRPREGGLNDPKLGSIDRNFKCQTCGEGMAECPGH
FGHMELAKPVFHIGFIPKIKKVCECICMNCGKLLLDETNPTMAQAIRIRDPKKRFNAVWQLCKTKMVCEADAPVDEYSEQ
KVVSRGGCGNTQPVVRKDGMKLWGTWKKSGFSDRDAQPERKLLTPGEILNVFKHISPEDCFRLGFNEDYARPEWMIITVL
PVPPPQVRPSIAMDETTQGQDDLTHKLSDILKANINVQKLEMDGSPQHIINEVEQLLQFHVATYMDNDIAGQPQALQKSG
RPVKAIRARLKGKEGRLRGNLMGKRVDFSARTVISGDPNLELDQVGVPISIAKTLSYPETVTQYNIHRLTEYVRNGPNEH
PGAKYVIRDNGDRIDLRYHKRAGDIVLQYGWKVERHLMDDDPVLFNRQPSLHKMSMMAHRVKVMPYSTFRLNLSVTSPYN
ADFDGDEMNLHVPQSEETRAELSQLCAVPLQIVSPQSNKPVMGIVQDTLCGVRKMTLRDTFIEYEQVMNMLFWVPSWDGV
VPQPAILKPKPLWTGKQLLSIAIPSGIHLQRTDGGNSLLSPKDNGMLIVDGKVMFGVVDKKTVGSGGGGLIHTVMREKGP
KICAELFGNIQKVVNYWLLHNGFSIGIGDAIADASTMKEITHAISSAKEQVQEIIYKAQHNELELKPGMTLRESFEGEVS
RTLNDARDSAGRSAEMNLKDLNNVKQMVSAGSKGSFINIAQMSACVGQQMVEGKRIAFGFADRSLPHFTKDDFSPESKGF
VENSYLRGLTPQEFFFHAMAGREGLIDTAVKTAETGYIQRRLVKALEDIMVHYDGTTRNSLGDIIQFLYGEDGLDGTQVE
RQTIDTIPGSDKAFHKRYYVDLMDEKNSIKPDVIEYAADILGDVELQKELNSEYEQLVSDRKFLREIVFVNGDHNWPLPV
NLRRIIQNAQQIFHLDRAKASDLTIPEIIHGVRDLCKKLFVLRGENELIKEAQQNATSLFQCLVRARLATRRILEEFRLN
RDAFEWVLGTIEAQFQRSLVHPGEMVGVIAAQSIGEPATQMTLNTFHYAGVSSKNVTLGVPRLKEILNVAKNIKTPALTV
YLDREIALDIEKAKVIQSSIEYTTLKNVTSATEIYYDPDPTSTVIEEDFDTVEAYFSIPDEKVEETIDKQSPWLLRLELD
RARMLDKQLTMNQVADKISEVFSDDLFVMWSEDNADKLIIRCRVIRDPKAMDEELEAEEDQMLKRIEAHMLDLIALRGIP
GISKVYMVKHKVSVPDESGEYKNEELWALETDGINLAEVMAVPGVDSSRTYSNSFVEILSVLGIEATRSSLYKEILNVIA
FDGSYVNYRHMALLVDVMTSRGYLMAITRHGINRADTGALMRCSFEETVEILFEAGAAAELDDCRGVSENVMLGQLAPMG
TGAFDVMIDEKLLTSLPADYAPTMPLFKGKATQGSATPYDNNAQYDDEFNHDDVADVMFSPMAETGSGDDRSGGLTEYAG
IQSPYQPTSPGLSATSPGFAPTSPGFAPTSPRYSPTSPGYSPTSPSYSPTSPSYSPTSPSYSPTSPSYSPTSPSYSPTSP
SYSPTSPSYSPTSPSYSPTSPSYSPTSPQYSPTSPQYSPTSPQYSPTSPQYSPTSPQYSPTSPQYSPTSPQYSPTSPQYS
PTSPQYSPTSPQYSPTSPQYSPTSPQYSPTSPQYSPTSPQYSPASPQYSPSRHSPNGESKEGE
;
A
2 'polypeptide(L)'
;MSYDPYSIDDTITTEDCWTVISAFFEEKGLVSQQLDSFDEFMETSIQDLVWEEPRLILDQPAQHTNEKDNINKRYEIRFG
KIYLSRPTMTEADGTTHAMFPQEARLRNLTYSSPVYLDMEKSMFTSIDDEGNPNATLDWQQVHEPIKDGVEEGNKVHIGK
VPIMLRSKFCSLRTLDEVDLYKMKECPYDMGGYFVINGSEKVLIAQERSAANIVQVFKKAAPSPISHVAEIRSALEKGSR
LISTMQIKLYGREDKGTGRTIKATLPYVKQDIPIVIVFRALGVVPDGEILQHICYDENDWQMLEMLKPCIEEGFVIQDKE
VALDFIGRRGSAALGIRREKRIQYAKDILQKELLPHITQEEGFETRKTFFLGYMVNRLLLCALERKDQDDRDHFGKKRLD
LAGPLLANLFRILFRKLTREIYRYMQRCIETDRDFNLNLAVKSTTITSGLKYSLATGNWGEQKKAMSSRAGVSQVLNRYT
YSSTLSHLRRTNTPIGRDGKLAKPRQLHNTHWGLVCPAETPEGQACGLVKNLSLLSGISIGSPSEPIINFLEEWGMEPLE
DYDPAQHTKSTRIFVNGVWTGIHRDPSMLVSTMRDLRRSGAISPEVSIIRDIREREFKIFTDVGRVYRPLFIVEDDESKD
NKGELRITKEHIRKIQQGYDDDAMNDDSEEQEQDVYGWSSLVTSGVIEYVDGEEEETIMIAMTPEDLQTRSLEQKEIDLN
DTAKRIKPEMSTSSHHTFTHCEIHPSMILGVAASIIPFPDHNQSPRNTYQSAMGKQAMGVFLTNYNVRMDTMANILYYPQ
KPLAKTQAMEYLKFRELPAGQNAIVAIACYSGYNQEDSMIMNQSSIDRGLFRSLFFRSYMDQEKRFGISIVEEFEKPTRA
TTLRLKHGTYEKLDEDGLIAPGVRVSGDDIIIGKTTPIPPDTEELGQRTKYHTKRDASTPLRSTENGIVDQVLLTTNQEG
LKFVKVRMRTTKVPQIGDKFASRHGQKGTIGVTYRHEDMPFSAEGIVPDLIINPHAIPSRMTVAHLIECLLSKVGSIRGY
EGDATPFTDLTVDAVSNLLRDNGYQSRGFEVMYNGHTGKKLMAQVFFGPTYYQRLRHMVDDKIHARARGPVQVLTRQPVE
GRSRDGGLRFGEMERDCMIAHGAAGFLKERLMEASDAFRVHVCGICGLMSVIANLKKNQFECRSCKNKTNIYQLHIPYAA
KLLFQELMAMNIAPRLYTERSGVSMRS
;
B
3 'polypeptide(L)'
;MSKEPKVNIINAQDDEVELMLSDVNLSLANSLRRTMLAEVPTLAIDLVEIKMNTSVLADEFISHRLGLIPLVSEDVEEMK
YSRDCTCEDYCDECSVVLELSARHEGEEGTTDVYSSSLIKVSGPGNLNVGEPVRRDDYDQGILLCKLRNHQELNIRCIAK
KGIAKEHAKWSPCSAIAFEYDPHNKLKHTDFWFEVDAKKEWPDSKYATWEEPPKPGEVFDYKAKPNRFYMTVETTGSLKA
NQVFSRGIKTLQEKLANVLFELENSRPANTTAYGGATAYGGQTVYGRETSYGGNTNYGDYNAPY
;
C
4 'polypeptide(L)'
;MNVSTSTVGARRRRAKQQVDDEENATLLRLGPEFALKQYDHDGNEHDLIALSLSESRLLIREALKARSRARNGGVDIESS
NGEIDDDELAKVTSGAVANGVVKKTLDYLNTFARFKDEETCTAVDQLLHNSSDCSVLHPFEIAQLSSLGCEDVDEAITLI
PSLAAKKEVNLQRILDELNRLEDPYK
;
D
5 'polypeptide(L)'
;MEDNNRIISRLWRSFRTVKEMAADRGYFISQEEMDQSLEEFRSKICDSMGNPQRKLMSFLANPTPEALEKYSDLGTLWVE
FCDEPSVGIKTMRNFCLRIQEKNFSTGIFIYQNNITPSANKMIPTVSPAIIETFQESDLVVNITHHELVPKHIRLSDGEK
SQLLQRYKLKESQLPRIQREDPVARYLGLKRGQVVKIIRRSETSGRYASYRICL
;
E
6 'polypeptide(L)'
;MSEDEAFNEQTENFENFEDEHFSDDNFEDRSTQPEDYAVGVTADGRQIINGDGIQEVNGTIKAHRKRSNKELAILKEERT
TTPYLTKYERARILGTRALQISMNAPVLVDIEGETDPLQIAMKELSQRKIPLVIRRYLPDGSYEDWGCDELIVDN
;
F
7 'polypeptide(L)'
;MFFLKDLSLILTLHPSYFGPQMNQYLREKLLTDVEGTCTGQFGYIVTVLDGMNIDVGKGRIIPGSGSAEFEVKYRAVVWK
PFKGEVVDAIVSNVSPIGFFADVGPLNVFVSTRLIPDNLVYNPSNSPPAYMSNDELITKGSKVRLKVVGTRTDVNEIYAI
GSIKEDFLGAI
;
G
8 'polypeptide(L)'
;MSSALFDDIFTVQTVDNGRYNKVSRIIGISTTNSAIKLTLDINNEMFPVSQDDSLTVTLANSLSLDGEDESANFSKSWRP
PKPTDKSLADDYDYVMFGTVYKFEEGDEDKIKVYVSFGGLLMCLEGGYKSLASLKQDNLYILIRR
;
H
9 'polypeptide(L)'
;MASFRFCLECNNMLYPKEDKENQRLLYSCRNCDYTELAEDPKVYRHELITNIGETAGIVDDIGQDPTLPRSDKECPECHS
RDCVFFQSQQRRKDTNMTLFYVCLNCKKTFRDESE
;
I
10 'polypeptide(L)' MIIPVRCFSCGKVVGDKWDAYLRLLEEGKQEGDALDELKLKRYCCRRMVLTHVDLIEKFLRYNPLEKKDFDS J
11 'polypeptide(L)'
;MNAPDRFELFILPDDVPKLKITPDSRVPNCIIIKFEREDHTLANLLREELALYPDVTFVAYKVEHPLFANFVMRLQTEEG
TRPKQALERACASIINKLKTLDHKFNEEWNIKNFSLND
;
K
12 'polypeptide(L)' MSREGFVAPSGTDLAAAASGVAPNKHYGVKYTCGACAHNFSLNKSDPVRCKECGHRVIYKARTKRMIQFDAR L
13 'polyribonucleotide' GGUGUCUUGGG P
14 'polydeoxyribonucleotide'
;(DA)(DT)(DC)(DA)(DG)(DA)(DA)(DT)(DC)(DC)(DC)(DG)(DG)(DT)(DG)(DC)(DC)(DG)(DA)(DG)
(DG)(DC)(DC)(DG)(DC)(DT)(DC)(DA)(DA)(DT)(DT)(DG)(DG)(DT)(DC)(DG)(DT)(DA)(DG)(DA)
(DC)(DA)(DG)(DC)(DT)(DC)(DT)(DA)(DG)(DC)(DA)(DC)(DC)(DG)(DC)(DT)(DT)(DA)(DA)(DA)
(DC)(DG)(DC)(DA)(DC)(DG)(DT)(DA)(DC)(DG)(DC)(DG)(DC)(DT)(DG)(DT)(DC)(DC)(DC)(DC)
(DC)(DG)(DC)(DG)(DT)(DT)(DT)(DT)(DA)(DA)(DC)(DC)(DG)(DC)(DC)(DA)(DA)(DG)(DG)(DG)
(DG)(DA)(DT)(DT)(DA)(DC)(DA)(DC)(DC)(DC)(DA)(DA)(DG)(DA)(DC)(DA)(DC)(DC)(DA)(DG)
(DG)(DC)(DA)(DC)(DG)(DA)(DG)(DA)(DC)(DA)(DG)(DA)(DA)(DA)(DA)(DA)(DA)(DA)(DC)(DA)
(DA)(DC)(DG)(DA)(DA)(DA)(DA)(DC)(DG)(DG)(DC)(DC)(DA)(DC)(DC)(DA)(DC)(DC)(DC)(DA)
(DA)(DA)(DC)(DA)(DC)(DA)(DC)(DC)(DA)(DA)(DA)(DC)(DA)(DC)(DA)(DA)(DG)(DA)(DG)(DC)
(DT)(DA)(DA)(DT)(DT)(DG)(DA)(DC)(DT)(DG)(DA)(DC)(DG)(DT)(DA)(DA)(DG)(DC)
;
T
15 'polydeoxyribonucleotide'
;(DG)(DC)(DT)(DT)(DA)(DC)(DG)(DT)(DC)(DA)(DG)(DT)(DC)(DT)(DG)(DG)(DC)(DC)(DA)(DT)
(DC)(DT)(DT)(DT)(DG)(DT)(DG)(DT)(DT)(DT)(DG)(DG)(DT)(DG)(DT)(DG)(DT)(DT)(DT)(DG)
(DG)(DG)(DT)(DG)(DG)(DT)(DG)(DG)(DC)(DC)(DG)(DT)(DT)(DT)(DT)(DC)(DG)(DT)(DT)(DG)
(DT)(DT)(DT)(DT)(DT)(DT)(DT)(DC)(DT)(DG)(DT)(DC)(DT)(DC)(DG)(DT)(DG)(DC)(DC)(DT)
(DG)(DG)(DT)(DG)(DT)(DC)(DT)(DT)(DG)(DG)(DG)(DT)(DG)(DT)(DA)(DA)(DT)(DC)(DC)(DC)
(DC)(DT)(DT)(DG)(DG)(DC)(DG)(DG)(DT)(DT)(DA)(DA)(DA)(DA)(DC)(DG)(DC)(DG)(DG)(DG)
(DG)(DG)(DA)(DC)(DA)(DG)(DC)(DG)(DC)(DG)(DT)(DA)(DC)(DG)(DT)(DG)(DC)(DG)(DT)(DT)
(DT)(DA)(DA)(DG)(DC)(DG)(DG)(DT)(DG)(DC)(DT)(DA)(DG)(DA)(DG)(DC)(DT)(DG)(DT)(DC)
(DT)(DA)(DC)(DG)(DA)(DC)(DC)(DA)(DA)(DT)(DT)(DG)(DA)(DG)(DC)(DG)(DG)(DC)(DC)(DT)
(DC)(DG)(DG)(DC)(DA)(DC)(DC)(DG)(DG)(DG)(DA)(DT)(DT)(DC)(DT)(DG)(DA)(DT)
;
N
16 'polypeptide(L)'
;GSHMARTKQTARKSTGGKAPRKQLATKAARKSAPSTGGVKKPHRYRPGTVALREIRRYQKSTELLIRKLPFQRLVREIAQ
DFKTDLRFQSAAIGALQEASEAYLVGLFEDTNLCAIHAKRVTIMPKDIQLARRIRGERA
;
a,e
17 'polypeptide(L)'
;GSHMSGRGKGGKGLGKGGAKRHRKVLRDNIQGITKPAIRRLARRGGVKRISGLIYEETRGVLKVFLENVIRDAVTYTEHA
KRKTVTAMDVVYALKRQGRTLYGFGG
;
b,f
18 'polypeptide(L)'
;GSHMSGRGKQGGKARAKAKTRSSRAGLQFPVGRVHRLLRKGNYSERVGAGAPVYLAAVLEYLTAEILELAGNAARDNKKT
RIIPRHLQLAIRNDEELNKLLGRVTIAQGGVLPNIQAVLLPKKTESHHKAKGK
;
c,g
19 'polypeptide(L)'
;GSHMPEPAKSAPAPKKGSKKAVTKAQKKDGKKRKRSRKESYSIYVYKVLKQVHPDTGISSKAMGIMNSFVNDIFERIAGE
ASRLAHYNKRSTITSREIQTAVRLLLPGELAKHAVSEGTKAVTKYTSAK
;
d,h
#
# COMPACT_ATOMS: atom_id res chain seq x y z
N SER A 2 -4.31 43.27 1.66
CA SER A 2 -3.53 44.35 1.09
C SER A 2 -2.36 44.69 1.99
N GLN A 3 -1.96 43.72 2.80
CA GLN A 3 -0.89 43.90 3.76
C GLN A 3 0.49 43.85 3.12
N PHE A 4 0.58 43.94 1.80
CA PHE A 4 1.88 43.87 1.15
C PHE A 4 2.39 45.25 0.84
N PRO A 5 3.58 45.60 1.32
CA PRO A 5 4.10 46.94 1.09
C PRO A 5 4.26 47.22 -0.38
N TYR A 6 3.95 48.45 -0.74
CA TYR A 6 3.75 48.82 -2.12
C TYR A 6 5.02 48.63 -2.95
N SER A 7 4.83 48.44 -4.25
CA SER A 7 5.89 48.40 -5.24
C SER A 7 5.29 48.76 -6.58
N SER A 8 6.10 48.69 -7.63
CA SER A 8 5.60 48.99 -8.96
C SER A 8 5.61 47.80 -9.89
N ALA A 9 6.08 46.65 -9.44
CA ALA A 9 5.94 45.45 -10.24
C ALA A 9 4.45 45.17 -10.42
N PRO A 10 3.91 45.30 -11.62
CA PRO A 10 2.47 45.15 -11.79
C PRO A 10 2.03 43.77 -11.36
N LEU A 11 0.75 43.65 -11.04
CA LEU A 11 0.25 42.39 -10.54
C LEU A 11 -0.15 41.49 -11.69
N ARG A 12 0.35 40.26 -11.66
CA ARG A 12 -0.04 39.22 -12.61
C ARG A 12 0.19 37.87 -11.97
N SER A 13 -0.64 36.90 -12.32
CA SER A 13 -0.53 35.58 -11.73
C SER A 13 0.04 34.59 -12.73
N VAL A 14 0.37 33.40 -12.23
CA VAL A 14 1.08 32.40 -13.02
C VAL A 14 0.19 31.84 -14.11
N LYS A 15 0.80 31.38 -15.21
CA LYS A 15 0.10 30.72 -16.29
C LYS A 15 0.80 29.48 -16.83
N GLU A 16 2.12 29.38 -16.77
CA GLU A 16 2.82 28.30 -17.44
C GLU A 16 4.04 27.87 -16.65
N VAL A 17 4.06 26.61 -16.23
CA VAL A 17 5.25 26.04 -15.62
C VAL A 17 6.09 25.39 -16.72
N GLN A 18 7.39 25.61 -16.69
CA GLN A 18 8.31 25.12 -17.72
C GLN A 18 9.49 24.46 -17.03
N PHE A 19 9.44 23.15 -16.86
CA PHE A 19 10.53 22.54 -16.15
C PHE A 19 11.73 22.34 -17.06
N GLY A 20 12.90 22.48 -16.48
CA GLY A 20 14.14 22.29 -17.19
C GLY A 20 15.25 22.18 -16.18
N LEU A 21 16.35 21.62 -16.61
CA LEU A 21 17.46 21.47 -15.70
C LEU A 21 18.20 22.80 -15.63
N LEU A 22 19.36 22.80 -14.98
CA LEU A 22 20.05 24.03 -14.66
C LEU A 22 21.44 24.04 -15.26
N SER A 23 21.74 25.04 -16.08
CA SER A 23 23.07 25.11 -16.63
C SER A 23 24.03 25.59 -15.55
N PRO A 24 25.18 24.94 -15.43
CA PRO A 24 26.22 25.52 -14.60
C PRO A 24 26.38 27.02 -14.80
N GLU A 25 26.25 27.53 -16.02
CA GLU A 25 26.23 28.98 -16.15
C GLU A 25 25.03 29.59 -15.42
N GLU A 26 23.87 28.96 -15.54
CA GLU A 26 22.68 29.50 -14.90
C GLU A 26 22.90 29.67 -13.41
N ILE A 27 23.48 28.66 -12.78
CA ILE A 27 23.95 28.79 -11.41
C ILE A 27 24.82 30.02 -11.27
N ARG A 28 25.99 30.00 -11.91
CA ARG A 28 26.96 31.05 -11.69
C ARG A 28 26.36 32.43 -11.91
N ALA A 29 25.26 32.51 -12.61
CA ALA A 29 24.64 33.77 -12.88
C ALA A 29 23.62 34.18 -11.83
N ILE A 30 22.91 33.24 -11.21
CA ILE A 30 21.94 33.63 -10.20
C ILE A 30 22.56 33.89 -8.84
N SER A 31 23.61 33.18 -8.48
CA SER A 31 24.08 33.19 -7.11
C SER A 31 24.81 34.51 -6.84
N VAL A 32 25.20 34.72 -5.58
CA VAL A 32 25.94 35.91 -5.20
C VAL A 32 27.12 35.61 -4.31
N VAL A 33 27.51 34.36 -4.15
CA VAL A 33 28.69 34.08 -3.35
C VAL A 33 29.22 32.71 -3.72
N LYS A 34 30.53 32.62 -3.90
CA LYS A 34 31.19 31.34 -3.88
C LYS A 34 31.51 30.98 -2.45
N ILE A 35 31.23 29.74 -2.08
CA ILE A 35 31.30 29.31 -0.70
C ILE A 35 32.59 28.54 -0.48
N GLU A 36 33.18 28.69 0.69
CA GLU A 36 34.56 28.21 0.79
C GLU A 36 34.85 27.30 1.98
N TYR A 37 34.29 27.57 3.15
CA TYR A 37 34.92 27.00 4.35
C TYR A 37 33.98 26.09 5.09
N PRO A 38 34.37 24.83 5.34
CA PRO A 38 33.52 23.96 6.14
C PRO A 38 33.27 24.52 7.52
N GLU A 39 34.14 25.38 8.00
CA GLU A 39 33.94 26.02 9.29
C GLU A 39 32.80 27.02 9.21
N ILE A 40 31.75 26.76 9.97
CA ILE A 40 30.60 27.65 10.02
C ILE A 40 30.95 28.90 10.80
N MET A 41 31.11 28.74 12.11
CA MET A 41 31.54 29.83 12.97
C MET A 41 32.85 30.40 12.47
N ASP A 42 33.09 31.66 12.81
CA ASP A 42 34.44 32.17 12.63
C ASP A 42 35.34 31.30 13.48
N GLU A 43 35.27 31.50 14.79
CA GLU A 43 35.76 30.56 15.79
C GLU A 43 34.84 30.64 17.01
N SER A 44 33.53 30.68 16.74
CA SER A 44 32.51 31.17 17.68
C SER A 44 32.74 32.66 18.00
N ARG A 45 32.52 33.50 16.99
CA ARG A 45 32.88 34.92 17.07
C ARG A 45 31.79 35.83 16.50
N GLN A 46 30.53 35.62 16.92
CA GLN A 46 29.58 36.73 16.85
C GLN A 46 29.32 37.29 15.44
N ARG A 47 28.39 36.67 14.68
CA ARG A 47 28.21 36.77 13.23
C ARG A 47 29.29 35.98 12.51
N PRO A 48 29.12 34.67 12.44
CA PRO A 48 30.15 33.79 11.85
C PRO A 48 30.60 34.19 10.47
N ARG A 49 31.65 33.51 10.06
CA ARG A 49 32.48 33.86 8.92
C ARG A 49 31.66 34.19 7.69
N GLU A 50 32.15 35.11 6.87
CA GLU A 50 31.67 35.24 5.52
C GLU A 50 32.36 34.21 4.64
N GLY A 51 31.64 33.69 3.66
CA GLY A 51 32.16 32.64 2.81
C GLY A 51 31.92 31.25 3.35
N GLY A 52 31.35 31.14 4.55
CA GLY A 52 30.88 29.90 5.08
C GLY A 52 29.45 29.65 4.67
N LEU A 53 28.75 28.88 5.49
CA LEU A 53 27.41 28.46 5.12
C LEU A 53 26.34 29.40 5.64
N ASN A 54 26.70 30.57 6.14
CA ASN A 54 25.73 31.50 6.70
C ASN A 54 26.09 32.94 6.37
N ASP A 55 26.80 33.12 5.28
CA ASP A 55 27.23 34.44 4.85
C ASP A 55 26.02 35.39 4.78
N PRO A 56 26.04 36.49 5.51
CA PRO A 56 24.87 37.38 5.56
C PRO A 56 24.56 38.05 4.25
N LYS A 57 25.26 37.73 3.18
CA LYS A 57 24.70 38.06 1.88
C LYS A 57 23.48 37.23 1.56
N LEU A 58 23.39 36.03 2.11
CA LEU A 58 22.34 35.11 1.71
C LEU A 58 20.97 35.56 2.17
N GLY A 59 20.89 36.50 3.09
CA GLY A 59 19.63 36.84 3.70
C GLY A 59 19.69 36.42 5.14
N SER A 60 19.52 37.36 6.06
CA SER A 60 19.64 37.07 7.47
C SER A 60 18.28 36.75 8.06
N ILE A 61 18.28 35.95 9.12
CA ILE A 61 17.05 35.54 9.77
C ILE A 61 16.88 36.20 11.13
N ASP A 62 17.52 37.34 11.34
CA ASP A 62 17.47 38.05 12.61
C ASP A 62 16.72 39.37 12.42
N ARG A 63 15.81 39.65 13.35
CA ARG A 63 14.85 40.73 13.14
C ARG A 63 15.54 42.08 13.07
N ASN A 64 16.64 42.24 13.77
CA ASN A 64 17.28 43.55 13.86
C ASN A 64 18.16 43.87 12.66
N PHE A 65 18.65 42.88 11.94
CA PHE A 65 19.67 43.08 10.91
C PHE A 65 19.04 42.90 9.54
N LYS A 66 18.73 44.01 8.88
CA LYS A 66 18.37 43.94 7.48
C LYS A 66 19.41 43.12 6.72
N CYS A 67 18.97 42.46 5.67
CA CYS A 67 19.90 41.75 4.81
C CYS A 67 20.65 42.73 3.92
N GLN A 68 21.97 42.57 3.85
CA GLN A 68 22.80 43.41 3.00
C GLN A 68 22.31 43.40 1.56
N THR A 69 21.88 42.25 1.07
CA THR A 69 21.66 42.07 -0.35
C THR A 69 20.35 42.73 -0.77
N CYS A 70 19.21 42.28 -0.25
CA CYS A 70 17.95 42.88 -0.64
C CYS A 70 17.76 44.25 -0.03
N GLY A 71 18.08 44.42 1.25
CA GLY A 71 17.74 45.65 1.92
C GLY A 71 16.35 45.70 2.49
N GLU A 72 15.80 44.55 2.88
CA GLU A 72 14.47 44.47 3.46
C GLU A 72 14.53 43.78 4.82
N GLY A 73 13.35 43.51 5.39
CA GLY A 73 13.25 42.75 6.61
C GLY A 73 13.09 41.26 6.31
N MET A 74 12.99 40.48 7.38
CA MET A 74 12.80 39.04 7.22
C MET A 74 11.42 38.68 6.71
N ALA A 75 10.65 39.65 6.25
CA ALA A 75 9.34 39.34 5.70
C ALA A 75 9.32 39.52 4.19
N GLU A 76 10.33 40.15 3.62
CA GLU A 76 10.34 40.35 2.18
C GLU A 76 11.44 39.60 1.47
N CYS A 77 12.54 39.30 2.14
CA CYS A 77 13.67 38.72 1.44
C CYS A 77 13.43 37.24 1.22
N PRO A 78 13.08 36.81 0.01
CA PRO A 78 12.81 35.39 -0.21
C PRO A 78 13.99 34.50 0.10
N GLY A 79 15.19 35.03 0.13
CA GLY A 79 16.40 34.24 0.07
C GLY A 79 17.27 34.66 -1.10
N HIS A 80 18.44 34.06 -1.17
CA HIS A 80 19.37 34.28 -2.26
C HIS A 80 20.28 33.07 -2.30
N PHE A 81 20.48 32.45 -3.46
CA PHE A 81 21.21 31.20 -3.45
C PHE A 81 22.71 31.38 -3.46
N GLY A 82 23.40 30.37 -2.95
CA GLY A 82 24.82 30.25 -3.12
C GLY A 82 25.10 29.10 -4.06
N HIS A 83 26.39 28.80 -4.21
CA HIS A 83 26.79 27.67 -5.02
C HIS A 83 28.16 27.19 -4.58
N MET A 84 28.21 25.97 -4.09
CA MET A 84 29.45 25.39 -3.63
C MET A 84 30.13 24.83 -4.86
N GLU A 85 31.45 24.79 -4.85
CA GLU A 85 32.20 24.31 -6.01
C GLU A 85 32.66 22.88 -5.80
N LEU A 86 32.24 22.00 -6.69
CA LEU A 86 32.78 20.65 -6.70
C LEU A 86 34.13 20.66 -7.39
N ALA A 87 34.99 19.73 -6.97
CA ALA A 87 36.24 19.54 -7.68
C ALA A 87 36.07 18.56 -8.82
N LYS A 88 35.50 17.50 -8.53
CA LYS A 88 35.18 16.45 -9.47
C LYS A 88 33.68 16.45 -9.74
N PRO A 89 33.19 17.05 -10.84
CA PRO A 89 31.75 17.17 -11.02
C PRO A 89 31.06 15.83 -11.03
N VAL A 90 29.87 15.79 -10.43
CA VAL A 90 29.29 14.56 -9.93
C VAL A 90 27.96 14.28 -10.58
N PHE A 91 27.56 13.02 -10.45
CA PHE A 91 26.23 12.58 -10.82
C PHE A 91 25.17 13.40 -10.12
N HIS A 92 23.99 13.38 -10.69
CA HIS A 92 22.77 13.73 -9.98
C HIS A 92 22.20 12.42 -9.50
N ILE A 93 21.41 12.41 -8.43
CA ILE A 93 20.98 11.08 -7.99
C ILE A 93 19.70 10.61 -8.64
N GLY A 94 18.85 11.51 -9.09
CA GLY A 94 17.63 11.11 -9.75
C GLY A 94 17.79 10.74 -11.20
N PHE A 95 19.01 10.46 -11.65
CA PHE A 95 19.25 10.35 -13.07
C PHE A 95 20.25 9.27 -13.42
N ILE A 96 20.68 8.47 -12.46
CA ILE A 96 21.50 7.33 -12.82
C ILE A 96 20.76 6.46 -13.83
N PRO A 97 19.52 6.04 -13.60
CA PRO A 97 18.88 5.20 -14.61
C PRO A 97 18.66 5.89 -15.94
N LYS A 98 18.22 7.15 -15.94
CA LYS A 98 18.03 7.79 -17.23
C LYS A 98 19.35 8.03 -17.95
N ILE A 99 20.40 8.38 -17.24
CA ILE A 99 21.66 8.54 -17.94
C ILE A 99 22.19 7.20 -18.40
N LYS A 100 21.88 6.13 -17.68
CA LYS A 100 22.12 4.80 -18.22
C LYS A 100 21.45 4.65 -19.57
N LYS A 101 20.19 5.04 -19.66
CA LYS A 101 19.51 4.94 -20.95
C LYS A 101 20.28 5.68 -22.03
N VAL A 102 20.55 6.95 -21.79
CA VAL A 102 21.15 7.75 -22.84
C VAL A 102 22.52 7.20 -23.21
N CYS A 103 23.31 6.78 -22.24
CA CYS A 103 24.58 6.18 -22.58
C CYS A 103 24.44 4.85 -23.30
N GLU A 104 23.34 4.15 -23.15
CA GLU A 104 23.12 3.02 -24.04
C GLU A 104 22.87 3.48 -25.45
N CYS A 105 22.22 4.64 -25.62
CA CYS A 105 21.80 5.03 -26.96
C CYS A 105 22.97 5.34 -27.89
N ILE A 106 23.93 6.14 -27.44
CA ILE A 106 24.82 6.79 -28.37
C ILE A 106 26.23 6.23 -28.27
N CYS A 107 27.14 6.75 -29.09
CA CYS A 107 28.49 6.21 -29.14
C CYS A 107 29.26 6.51 -27.88
N MET A 108 30.46 5.94 -27.80
CA MET A 108 31.41 6.20 -26.73
C MET A 108 32.49 7.18 -27.13
N ASN A 109 32.80 7.29 -28.41
CA ASN A 109 33.89 8.15 -28.84
C ASN A 109 33.36 9.48 -29.35
N CYS A 110 32.29 9.47 -30.12
CA CYS A 110 31.74 10.69 -30.67
C CYS A 110 30.52 11.17 -29.92
N GLY A 111 29.70 10.25 -29.46
CA GLY A 111 28.47 10.66 -28.85
C GLY A 111 27.48 11.04 -29.92
N LYS A 112 27.18 10.10 -30.79
CA LYS A 112 26.02 10.22 -31.66
C LYS A 112 25.25 8.91 -31.67
N LEU A 113 23.97 9.01 -32.01
CA LEU A 113 23.06 7.88 -31.85
C LEU A 113 23.39 6.77 -32.82
N LEU A 114 23.46 5.54 -32.31
CA LEU A 114 23.85 4.39 -33.10
C LEU A 114 23.11 4.26 -34.43
N LEU A 115 22.06 5.05 -34.68
CA LEU A 115 21.24 4.88 -35.86
C LEU A 115 20.77 6.21 -36.39
N ASP A 116 20.52 6.26 -37.70
CA ASP A 116 19.87 7.39 -38.33
C ASP A 116 18.67 6.92 -39.14
N GLU A 117 18.05 7.84 -39.87
CA GLU A 117 16.81 7.60 -40.59
C GLU A 117 16.96 6.64 -41.76
N THR A 118 18.07 5.88 -41.78
CA THR A 118 18.21 4.77 -42.72
C THR A 118 17.13 3.72 -42.50
N ASN A 119 17.13 3.10 -41.33
CA ASN A 119 15.99 2.29 -40.97
C ASN A 119 14.76 3.16 -40.98
N PRO A 120 13.79 2.93 -41.87
CA PRO A 120 12.60 3.79 -41.90
C PRO A 120 11.82 3.75 -40.60
N THR A 121 11.92 2.67 -39.83
CA THR A 121 11.26 2.66 -38.53
C THR A 121 11.79 3.79 -37.66
N MET A 122 13.09 4.05 -37.75
CA MET A 122 13.68 5.23 -37.11
C MET A 122 13.04 6.51 -37.62
N ALA A 123 12.93 6.63 -38.94
CA ALA A 123 12.39 7.85 -39.54
C ALA A 123 10.90 7.98 -39.28
N GLN A 124 10.27 6.96 -38.72
CA GLN A 124 8.88 7.12 -38.30
C GLN A 124 8.78 7.36 -36.80
N ALA A 125 9.60 6.66 -36.01
CA ALA A 125 9.68 6.96 -34.58
C ALA A 125 9.98 8.41 -34.33
N ILE A 126 10.93 8.97 -35.08
CA ILE A 126 11.18 10.39 -35.03
C ILE A 126 9.95 11.19 -35.42
N ARG A 127 9.03 10.60 -36.17
CA ARG A 127 7.83 11.37 -36.48
C ARG A 127 6.80 11.34 -35.38
N ILE A 128 7.15 10.92 -34.16
CA ILE A 128 6.23 11.03 -33.03
C ILE A 128 6.49 12.33 -32.30
N ARG A 129 5.53 12.80 -31.53
CA ARG A 129 5.69 14.08 -30.87
C ARG A 129 5.86 13.98 -29.36
N ASP A 130 5.73 12.81 -28.77
CA ASP A 130 5.87 12.71 -27.32
C ASP A 130 7.30 12.50 -26.89
N PRO A 131 7.83 13.32 -25.98
CA PRO A 131 9.20 13.11 -25.52
C PRO A 131 9.43 11.73 -24.97
N LYS A 132 8.63 11.27 -23.99
CA LYS A 132 8.84 9.93 -23.46
C LYS A 132 8.78 8.90 -24.56
N LYS A 133 7.73 8.96 -25.38
CA LYS A 133 7.54 7.96 -26.42
C LYS A 133 8.63 8.03 -27.48
N ARG A 134 9.03 9.25 -27.86
CA ARG A 134 10.18 9.41 -28.73
C ARG A 134 11.38 8.68 -28.17
N PHE A 135 11.72 8.96 -26.91
CA PHE A 135 12.88 8.33 -26.33
C PHE A 135 12.73 6.82 -26.26
N ASN A 136 11.52 6.35 -26.01
CA ASN A 136 11.32 4.92 -25.85
C ASN A 136 11.50 4.20 -27.17
N ALA A 137 10.92 4.76 -28.24
CA ALA A 137 11.14 4.20 -29.56
C ALA A 137 12.61 4.22 -29.94
N VAL A 138 13.27 5.34 -29.74
CA VAL A 138 14.68 5.41 -30.09
C VAL A 138 15.46 4.36 -29.33
N TRP A 139 15.21 4.23 -28.03
CA TRP A 139 15.97 3.28 -27.24
C TRP A 139 15.62 1.85 -27.58
N GLN A 140 14.38 1.61 -28.02
CA GLN A 140 14.03 0.25 -28.39
C GLN A 140 14.74 -0.15 -29.66
N LEU A 141 14.95 0.81 -30.57
CA LEU A 141 15.82 0.53 -31.70
C LEU A 141 17.27 0.36 -31.28
N CYS A 142 17.82 1.29 -30.51
CA CYS A 142 19.27 1.39 -30.36
C CYS A 142 19.83 0.55 -29.23
N LYS A 143 18.98 -0.03 -28.39
CA LYS A 143 19.45 -1.04 -27.45
C LYS A 143 19.79 -2.34 -28.16
N THR A 144 19.39 -2.46 -29.42
CA THR A 144 19.66 -3.63 -30.23
C THR A 144 21.07 -3.62 -30.82
N LYS A 145 21.51 -2.46 -31.30
CA LYS A 145 22.84 -2.29 -31.85
C LYS A 145 23.86 -2.65 -30.78
N MET A 146 24.95 -3.31 -31.17
CA MET A 146 25.99 -3.66 -30.20
C MET A 146 27.36 -3.12 -30.57
N VAL A 147 27.62 -2.90 -31.85
CA VAL A 147 28.87 -2.34 -32.31
C VAL A 147 28.57 -0.99 -32.98
N CYS A 148 29.35 0.03 -32.62
CA CYS A 148 29.01 1.38 -33.03
C CYS A 148 28.99 1.54 -34.54
N GLU A 149 28.58 2.71 -34.99
CA GLU A 149 28.89 3.10 -36.35
C GLU A 149 29.85 4.28 -36.34
N ALA A 150 31.05 4.05 -36.87
CA ALA A 150 31.82 5.16 -37.40
C ALA A 150 31.07 5.83 -38.54
N ASP A 151 30.73 5.05 -39.56
CA ASP A 151 29.97 5.51 -40.71
C ASP A 151 28.58 5.96 -40.29
N ALA A 152 27.89 6.69 -41.18
CA ALA A 152 26.47 6.90 -40.99
C ALA A 152 25.75 5.56 -41.13
N PRO A 153 25.11 5.05 -40.07
CA PRO A 153 24.66 3.66 -39.89
C PRO A 153 23.85 3.09 -41.06
N LYS A 161 36.58 6.62 -50.45
CA LYS A 161 35.67 7.49 -49.71
C LYS A 161 34.97 6.75 -48.58
N VAL A 162 35.18 7.21 -47.36
CA VAL A 162 34.48 6.69 -46.18
C VAL A 162 33.86 7.85 -45.43
N VAL A 163 32.55 7.80 -45.24
CA VAL A 163 31.81 8.90 -44.57
C VAL A 163 31.41 8.37 -43.20
N SER A 164 32.09 8.88 -42.18
CA SER A 164 31.87 8.44 -40.80
C SER A 164 30.90 9.39 -40.10
N ARG A 165 29.81 8.84 -39.56
CA ARG A 165 28.82 9.63 -38.84
C ARG A 165 29.39 10.32 -37.61
N GLY A 166 30.55 9.90 -37.14
CA GLY A 166 31.12 10.47 -35.93
C GLY A 166 31.76 9.42 -35.04
N GLY A 167 31.09 8.28 -34.88
CA GLY A 167 31.68 7.20 -34.13
C GLY A 167 33.02 6.79 -34.72
N CYS A 168 33.77 6.02 -33.94
CA CYS A 168 35.09 5.60 -34.40
C CYS A 168 35.09 4.26 -35.09
N GLY A 169 33.99 3.52 -35.00
CA GLY A 169 33.91 2.16 -35.50
C GLY A 169 34.02 1.13 -34.41
N ASN A 170 34.68 1.45 -33.30
CA ASN A 170 34.74 0.51 -32.20
C ASN A 170 33.35 0.21 -31.69
N THR A 171 33.23 -0.90 -30.97
CA THR A 171 31.94 -1.36 -30.51
C THR A 171 31.34 -0.36 -29.52
N GLN A 172 30.12 -0.65 -29.09
CA GLN A 172 29.55 0.07 -27.97
C GLN A 172 29.35 -0.88 -26.81
N PRO A 173 29.68 -0.45 -25.60
CA PRO A 173 29.73 -1.38 -24.47
C PRO A 173 28.35 -1.78 -24.03
N VAL A 174 28.32 -2.68 -23.06
CA VAL A 174 27.11 -2.98 -22.31
C VAL A 174 27.17 -2.16 -21.03
N VAL A 175 26.20 -1.27 -20.85
CA VAL A 175 26.17 -0.33 -19.73
C VAL A 175 25.19 -0.85 -18.69
N ARG A 176 25.66 -1.05 -17.47
CA ARG A 176 24.82 -1.48 -16.37
C ARG A 176 24.80 -0.42 -15.28
N LYS A 177 23.79 -0.51 -14.43
CA LYS A 177 23.74 0.27 -13.20
C LYS A 177 24.22 -0.62 -12.08
N ASP A 178 24.96 -0.04 -11.13
CA ASP A 178 25.37 -0.80 -9.95
C ASP A 178 25.82 0.20 -8.90
N GLY A 179 24.98 0.44 -7.90
CA GLY A 179 25.25 1.47 -6.92
C GLY A 179 25.28 2.82 -7.61
N MET A 180 26.20 3.67 -7.20
CA MET A 180 26.42 4.92 -7.90
C MET A 180 27.36 4.71 -9.08
N LYS A 181 27.64 3.46 -9.41
CA LYS A 181 28.74 3.12 -10.30
C LYS A 181 28.18 2.54 -11.59
N LEU A 182 28.79 2.92 -12.70
CA LEU A 182 28.38 2.44 -14.00
C LEU A 182 29.42 1.49 -14.57
N TRP A 183 29.04 0.23 -14.68
CA TRP A 183 29.93 -0.79 -15.21
C TRP A 183 29.68 -0.91 -16.71
N GLY A 184 30.77 -0.77 -17.47
CA GLY A 184 30.73 -1.00 -18.89
C GLY A 184 31.53 -2.23 -19.25
N THR A 185 30.89 -3.16 -19.96
CA THR A 185 31.52 -4.40 -20.39
C THR A 185 31.52 -4.42 -21.91
N TRP A 186 32.66 -4.15 -22.50
CA TRP A 186 32.83 -4.39 -23.92
C TRP A 186 33.10 -5.87 -24.16
N LYS A 187 33.18 -6.23 -25.44
CA LYS A 187 33.85 -7.46 -25.85
C LYS A 187 35.21 -7.14 -26.45
N LYS A 188 36.02 -6.39 -25.69
CA LYS A 188 37.19 -5.72 -26.28
C LYS A 188 38.14 -6.72 -26.91
N SER A 189 38.12 -6.80 -28.23
CA SER A 189 39.08 -7.55 -28.99
C SER A 189 40.44 -6.90 -28.88
N ARG A 194 36.88 -11.51 -32.26
CA ARG A 194 35.73 -10.70 -31.91
C ARG A 194 35.59 -10.58 -30.39
N ASP A 195 35.48 -11.69 -29.70
CA ASP A 195 35.41 -11.66 -28.24
C ASP A 195 36.79 -11.81 -27.62
N ALA A 196 37.11 -10.91 -26.69
CA ALA A 196 38.32 -11.01 -25.89
C ALA A 196 38.05 -10.34 -24.55
N GLN A 197 39.14 -10.05 -23.81
CA GLN A 197 39.06 -9.53 -22.44
C GLN A 197 38.17 -8.31 -22.32
N PRO A 198 37.03 -8.43 -21.64
CA PRO A 198 36.13 -7.28 -21.45
C PRO A 198 36.68 -6.33 -20.39
N GLU A 199 37.00 -5.10 -20.79
CA GLU A 199 37.44 -4.07 -19.84
C GLU A 199 36.22 -3.58 -19.06
N ARG A 200 35.63 -4.47 -18.29
CA ARG A 200 34.50 -4.06 -17.45
C ARG A 200 35.01 -3.01 -16.47
N LYS A 201 34.59 -1.78 -16.70
CA LYS A 201 35.26 -0.65 -16.10
C LYS A 201 34.26 0.42 -15.72
N LEU A 202 34.77 1.39 -14.96
CA LEU A 202 33.92 2.43 -14.41
C LEU A 202 33.79 3.58 -15.39
N LEU A 203 32.59 3.80 -15.89
CA LEU A 203 32.34 4.92 -16.78
C LEU A 203 32.34 6.19 -15.95
N THR A 204 33.39 6.97 -16.08
CA THR A 204 33.64 8.02 -15.11
C THR A 204 32.71 9.21 -15.34
N PRO A 205 32.41 9.96 -14.28
CA PRO A 205 31.61 11.17 -14.46
C PRO A 205 32.19 12.14 -15.45
N GLY A 206 33.46 12.53 -15.30
CA GLY A 206 34.02 13.53 -16.19
C GLY A 206 34.03 13.10 -17.64
N GLU A 207 34.36 11.83 -17.89
CA GLU A 207 34.45 11.37 -19.28
C GLU A 207 33.09 11.42 -19.95
N ILE A 208 32.07 10.87 -19.28
CA ILE A 208 30.73 10.97 -19.82
C ILE A 208 30.30 12.41 -19.93
N LEU A 209 30.84 13.31 -19.09
CA LEU A 209 30.44 14.70 -19.20
C LEU A 209 30.96 15.31 -20.49
N ASN A 210 32.25 15.17 -20.74
CA ASN A 210 32.76 15.64 -22.02
C ASN A 210 32.06 14.97 -23.18
N VAL A 211 31.63 13.72 -23.00
CA VAL A 211 30.95 13.02 -24.09
C VAL A 211 29.63 13.69 -24.40
N PHE A 212 28.81 13.91 -23.40
CA PHE A 212 27.54 14.57 -23.66
C PHE A 212 27.75 15.97 -24.20
N LYS A 213 28.81 16.65 -23.79
CA LYS A 213 29.00 18.02 -24.27
C LYS A 213 29.25 18.12 -25.76
N HIS A 214 29.20 17.03 -26.51
CA HIS A 214 29.57 17.07 -27.92
C HIS A 214 28.39 16.91 -28.85
N ILE A 215 27.15 16.95 -28.38
CA ILE A 215 26.01 16.50 -29.18
C ILE A 215 25.28 17.71 -29.73
N SER A 216 25.18 17.77 -31.05
CA SER A 216 24.49 18.87 -31.71
C SER A 216 23.00 18.73 -31.46
N PRO A 217 22.22 19.78 -31.75
CA PRO A 217 20.77 19.67 -31.59
C PRO A 217 20.14 18.53 -32.38
N GLU A 218 20.93 17.80 -33.18
CA GLU A 218 20.32 16.80 -34.04
C GLU A 218 19.97 15.54 -33.26
N ASP A 219 20.98 14.77 -32.84
CA ASP A 219 20.70 13.65 -31.95
C ASP A 219 20.18 14.12 -30.60
N CYS A 220 20.47 15.37 -30.22
CA CYS A 220 19.82 15.94 -29.05
C CYS A 220 18.32 15.91 -29.20
N PHE A 221 17.79 16.60 -30.19
CA PHE A 221 16.35 16.64 -30.34
C PHE A 221 15.78 15.27 -30.59
N ARG A 222 16.53 14.39 -31.25
CA ARG A 222 16.00 13.05 -31.44
C ARG A 222 15.80 12.33 -30.11
N LEU A 223 16.69 12.51 -29.15
CA LEU A 223 16.50 11.79 -27.90
C LEU A 223 15.30 12.28 -27.13
N GLY A 224 14.62 13.30 -27.62
CA GLY A 224 13.48 13.81 -26.91
C GLY A 224 13.81 14.71 -25.75
N PHE A 225 15.08 15.07 -25.57
CA PHE A 225 15.48 16.09 -24.66
C PHE A 225 15.07 17.43 -25.25
N ASN A 226 15.60 18.52 -24.73
CA ASN A 226 15.33 19.77 -25.41
C ASN A 226 16.40 20.77 -25.06
N GLU A 227 17.18 21.16 -26.07
CA GLU A 227 18.37 21.94 -25.82
C GLU A 227 18.12 23.10 -24.88
N ASP A 228 17.30 24.04 -25.28
CA ASP A 228 17.23 25.32 -24.59
C ASP A 228 16.57 25.23 -23.23
N TYR A 229 16.08 24.10 -22.84
CA TYR A 229 15.70 24.01 -21.44
C TYR A 229 16.20 22.75 -20.78
N ALA A 230 16.40 21.67 -21.53
CA ALA A 230 16.74 20.37 -20.94
C ALA A 230 17.88 19.76 -21.74
N ARG A 231 19.08 19.89 -21.21
CA ARG A 231 20.28 19.57 -21.95
C ARG A 231 20.84 18.25 -21.48
N PRO A 232 21.27 17.39 -22.35
CA PRO A 232 21.68 16.06 -21.89
C PRO A 232 23.01 16.01 -21.18
N GLU A 233 23.76 17.10 -21.12
CA GLU A 233 24.97 17.10 -20.31
C GLU A 233 24.81 17.88 -19.03
N TRP A 234 23.63 18.35 -18.71
CA TRP A 234 23.41 18.98 -17.41
C TRP A 234 22.89 17.99 -16.40
N MET A 235 22.69 16.74 -16.79
CA MET A 235 22.31 15.72 -15.85
C MET A 235 23.45 15.23 -15.05
N ILE A 236 24.54 15.96 -15.00
CA ILE A 236 25.64 15.64 -14.11
C ILE A 236 26.06 16.92 -13.41
N ILE A 237 25.92 16.93 -12.09
CA ILE A 237 26.06 18.14 -11.29
C ILE A 237 27.48 18.61 -11.43
N THR A 238 27.66 19.88 -11.76
CA THR A 238 29.00 20.44 -11.70
C THR A 238 29.19 21.31 -10.48
N VAL A 239 28.36 22.32 -10.31
CA VAL A 239 28.50 23.25 -9.21
C VAL A 239 27.18 23.26 -8.44
N LEU A 240 27.16 22.54 -7.32
CA LEU A 240 25.95 22.32 -6.53
C LEU A 240 25.46 23.61 -5.91
N PRO A 241 24.24 24.03 -6.18
CA PRO A 241 23.73 25.24 -5.55
C PRO A 241 23.47 25.00 -4.07
N VAL A 242 23.36 26.09 -3.33
CA VAL A 242 23.21 26.05 -1.88
C VAL A 242 22.00 26.88 -1.50
N PRO A 243 21.09 26.38 -0.70
CA PRO A 243 19.85 27.08 -0.39
C PRO A 243 20.05 28.10 0.71
N PRO A 244 19.46 29.29 0.58
CA PRO A 244 19.56 30.30 1.63
C PRO A 244 19.01 29.76 2.93
N PRO A 245 19.32 30.40 4.06
CA PRO A 245 18.99 29.80 5.35
C PRO A 245 17.51 29.64 5.63
N GLN A 246 16.61 30.33 4.92
CA GLN A 246 15.19 30.08 5.16
C GLN A 246 14.84 28.63 4.99
N VAL A 247 15.38 27.97 3.98
CA VAL A 247 15.12 26.56 3.80
C VAL A 247 15.73 25.74 4.91
N ARG A 248 16.73 26.24 5.58
CA ARG A 248 17.27 25.35 6.59
C ARG A 248 17.50 26.11 7.88
N PRO A 249 16.52 26.87 8.36
CA PRO A 249 16.76 27.71 9.51
C PRO A 249 17.11 26.85 10.71
N SER A 250 18.25 27.14 11.31
CA SER A 250 18.71 26.33 12.41
C SER A 250 17.80 26.54 13.61
N ILE A 251 17.26 25.46 14.13
CA ILE A 251 16.44 25.48 15.33
C ILE A 251 17.38 25.63 16.52
N ALA A 252 16.94 26.39 17.53
CA ALA A 252 17.72 26.56 18.75
C ALA A 252 17.59 25.31 19.61
N MET A 253 18.70 24.60 19.81
CA MET A 253 18.73 23.36 20.58
C MET A 253 18.04 23.58 21.92
N ASP A 254 18.57 24.48 22.74
CA ASP A 254 17.88 24.99 23.92
C ASP A 254 17.96 26.52 23.92
N GLU A 255 17.20 27.14 23.03
CA GLU A 255 16.98 28.58 22.94
C GLU A 255 18.25 29.43 22.96
N THR A 256 19.43 28.80 23.04
CA THR A 256 20.70 29.50 22.97
C THR A 256 21.69 28.75 22.08
N THR A 257 21.59 27.42 22.08
CA THR A 257 22.44 26.55 21.27
C THR A 257 21.71 26.23 19.97
N GLN A 258 22.35 26.51 18.84
CA GLN A 258 21.69 26.38 17.56
C GLN A 258 21.87 24.96 17.03
N GLY A 259 20.90 24.10 17.36
CA GLY A 259 20.91 22.76 16.81
C GLY A 259 20.64 22.79 15.32
N GLN A 260 21.69 22.61 14.53
CA GLN A 260 21.64 22.95 13.12
C GLN A 260 20.66 22.08 12.35
N ASP A 261 19.99 22.74 11.40
CA ASP A 261 19.12 22.09 10.45
C ASP A 261 19.94 21.10 9.64
N ASP A 262 19.37 19.91 9.41
CA ASP A 262 20.16 18.83 8.82
C ASP A 262 20.72 19.15 7.45
N LEU A 263 20.12 20.09 6.72
CA LEU A 263 20.75 20.55 5.49
C LEU A 263 22.09 21.21 5.77
N THR A 264 22.17 21.99 6.84
CA THR A 264 23.43 22.61 7.17
C THR A 264 24.50 21.55 7.44
N HIS A 265 24.16 20.48 8.16
CA HIS A 265 25.16 19.45 8.38
C HIS A 265 25.53 18.72 7.10
N LYS A 266 24.55 18.39 6.27
CA LYS A 266 24.94 17.68 5.06
C LYS A 266 25.79 18.57 4.18
N LEU A 267 25.53 19.87 4.16
CA LEU A 267 26.40 20.75 3.39
C LEU A 267 27.78 20.83 3.99
N SER A 268 27.89 20.80 5.31
CA SER A 268 29.21 20.81 5.91
C SER A 268 30.00 19.57 5.50
N ASP A 269 29.36 18.40 5.52
CA ASP A 269 30.10 17.20 5.14
C ASP A 269 30.47 17.23 3.66
N ILE A 270 29.59 17.76 2.82
CA ILE A 270 29.97 17.96 1.42
C ILE A 270 31.14 18.91 1.30
N LEU A 271 31.13 20.02 2.02
CA LEU A 271 32.21 20.98 1.83
C LEU A 271 33.53 20.42 2.34
N LYS A 272 33.50 19.70 3.45
CA LYS A 272 34.71 19.01 3.90
C LYS A 272 35.23 18.06 2.84
N ALA A 273 34.40 17.11 2.39
CA ALA A 273 34.91 16.17 1.41
C ALA A 273 35.31 16.86 0.12
N ASN A 274 34.68 17.99 -0.20
CA ASN A 274 35.12 18.77 -1.35
C ASN A 274 36.57 19.19 -1.20
N ILE A 275 36.87 19.91 -0.12
CA ILE A 275 38.25 20.37 0.02
C ILE A 275 39.19 19.19 0.12
N ASN A 276 38.79 18.12 0.79
CA ASN A 276 39.69 16.98 0.92
C ASN A 276 39.77 16.13 -0.34
N VAL A 277 38.96 16.42 -1.36
CA VAL A 277 39.26 15.94 -2.71
C VAL A 277 40.26 16.86 -3.37
N GLN A 278 40.03 18.17 -3.32
CA GLN A 278 40.97 19.08 -3.97
C GLN A 278 42.40 18.84 -3.52
N LYS A 279 42.66 18.84 -2.23
CA LYS A 279 44.04 18.84 -1.77
C LYS A 279 44.82 17.64 -2.29
N LEU A 280 44.17 16.56 -2.67
CA LEU A 280 44.95 15.44 -3.14
C LEU A 280 45.57 15.68 -4.50
N GLU A 281 44.85 16.26 -5.45
CA GLU A 281 45.52 16.46 -6.73
C GLU A 281 46.50 17.63 -6.70
N MET A 282 46.90 18.08 -5.51
CA MET A 282 48.06 18.94 -5.37
C MET A 282 49.10 18.34 -4.42
N ASP A 283 49.13 17.02 -4.28
CA ASP A 283 50.17 16.35 -3.50
C ASP A 283 50.10 14.85 -3.76
N GLY A 284 50.85 14.09 -2.96
CA GLY A 284 51.02 12.65 -3.13
C GLY A 284 49.90 11.80 -2.59
N SER A 285 49.60 10.70 -3.28
CA SER A 285 48.41 9.91 -3.02
C SER A 285 48.47 8.59 -3.81
N PRO A 286 48.20 7.44 -3.19
CA PRO A 286 48.38 6.16 -3.89
C PRO A 286 47.23 5.77 -4.82
N GLN A 287 46.61 6.77 -5.43
CA GLN A 287 45.70 6.59 -6.56
C GLN A 287 44.50 5.72 -6.23
N HIS A 288 44.44 5.19 -5.03
CA HIS A 288 43.21 4.57 -4.54
C HIS A 288 42.54 5.39 -3.47
N ILE A 289 43.30 6.04 -2.59
CA ILE A 289 42.73 7.02 -1.68
C ILE A 289 42.13 8.18 -2.45
N ILE A 290 42.76 8.57 -3.57
CA ILE A 290 42.15 9.58 -4.43
C ILE A 290 40.73 9.16 -4.79
N ASN A 291 40.60 7.98 -5.38
CA ASN A 291 39.30 7.50 -5.79
C ASN A 291 38.37 7.38 -4.61
N GLU A 292 38.90 7.05 -3.43
CA GLU A 292 38.01 6.93 -2.29
C GLU A 292 37.47 8.28 -1.88
N VAL A 293 38.30 9.31 -1.87
CA VAL A 293 37.78 10.60 -1.45
C VAL A 293 36.83 11.12 -2.51
N GLU A 294 37.10 10.83 -3.77
CA GLU A 294 36.15 11.18 -4.83
C GLU A 294 34.81 10.52 -4.59
N GLN A 295 34.81 9.19 -4.48
CA GLN A 295 33.59 8.44 -4.27
C GLN A 295 32.89 8.91 -3.00
N LEU A 296 33.65 9.39 -2.02
CA LEU A 296 33.04 9.95 -0.83
C LEU A 296 32.26 11.22 -1.15
N LEU A 297 32.90 12.16 -1.85
CA LEU A 297 32.15 13.34 -2.25
C LEU A 297 30.89 12.94 -2.98
N GLN A 298 31.01 11.94 -3.85
CA GLN A 298 29.83 11.47 -4.55
C GLN A 298 28.77 11.02 -3.58
N PHE A 299 29.18 10.25 -2.56
CA PHE A 299 28.23 9.68 -1.62
C PHE A 299 27.50 10.78 -0.85
N HIS A 300 28.21 11.84 -0.49
CA HIS A 300 27.54 12.93 0.20
C HIS A 300 26.58 13.68 -0.71
N VAL A 301 26.98 13.98 -1.94
CA VAL A 301 26.02 14.64 -2.81
C VAL A 301 24.83 13.73 -3.04
N ALA A 302 25.06 12.42 -3.04
CA ALA A 302 23.94 11.50 -3.22
C ALA A 302 22.99 11.60 -2.03
N THR A 303 23.47 11.19 -0.86
CA THR A 303 22.62 11.22 0.31
C THR A 303 22.00 12.59 0.55
N TYR A 304 22.56 13.66 0.01
CA TYR A 304 21.93 14.97 0.16
C TYR A 304 20.71 15.10 -0.72
N MET A 305 20.78 14.60 -1.95
CA MET A 305 19.60 14.65 -2.79
C MET A 305 18.71 13.44 -2.61
N ASP A 306 19.03 12.56 -1.67
CA ASP A 306 18.17 11.43 -1.32
C ASP A 306 18.77 10.66 -0.15
N ASN A 307 17.94 10.18 0.76
CA ASN A 307 18.40 9.14 1.67
C ASN A 307 17.54 7.90 1.53
N ASP A 308 17.13 7.59 0.30
CA ASP A 308 16.37 6.39 0.01
C ASP A 308 17.08 5.53 -1.02
N ILE A 309 18.37 5.74 -1.24
CA ILE A 309 19.09 4.93 -2.19
C ILE A 309 19.11 3.48 -1.74
N ALA A 310 18.75 2.58 -2.63
CA ALA A 310 18.79 1.16 -2.34
C ALA A 310 20.23 0.68 -2.20
N GLY A 311 20.38 -0.56 -1.76
CA GLY A 311 21.66 -1.19 -1.73
C GLY A 311 22.63 -0.68 -0.69
N GLN A 312 22.41 0.50 -0.17
CA GLN A 312 23.43 0.94 0.74
C GLN A 312 22.85 1.21 2.12
N PRO A 313 23.67 1.30 3.14
CA PRO A 313 23.18 1.77 4.43
C PRO A 313 22.84 3.25 4.36
N GLN A 314 21.71 3.59 4.96
CA GLN A 314 21.28 4.97 5.04
C GLN A 314 22.28 5.78 5.84
N ALA A 315 22.72 6.88 5.27
CA ALA A 315 23.68 7.75 5.94
C ALA A 315 23.04 8.35 7.17
N LEU A 316 23.74 8.28 8.30
CA LEU A 316 23.10 8.46 9.60
C LEU A 316 23.35 9.86 10.14
N GLN A 317 22.47 10.26 11.06
CA GLN A 317 22.77 11.37 11.95
C GLN A 317 23.66 10.88 13.09
N LYS A 318 24.03 11.81 13.97
CA LYS A 318 24.87 11.52 15.11
C LYS A 318 24.07 10.91 16.24
N SER A 319 23.00 10.21 15.93
CA SER A 319 22.05 9.77 16.95
C SER A 319 21.53 8.36 16.76
N GLY A 320 21.51 7.83 15.54
CA GLY A 320 20.90 6.55 15.28
C GLY A 320 19.71 6.58 14.36
N ARG A 321 19.25 7.75 13.99
CA ARG A 321 18.15 7.91 13.05
C ARG A 321 18.67 8.38 11.70
N PRO A 322 17.96 8.09 10.62
CA PRO A 322 18.41 8.51 9.30
C PRO A 322 18.30 10.01 9.12
N VAL A 323 18.98 10.48 8.11
CA VAL A 323 19.11 11.91 7.83
C VAL A 323 18.00 12.33 6.89
N LYS A 324 17.36 13.45 7.19
CA LYS A 324 16.30 13.97 6.36
C LYS A 324 16.89 14.54 5.07
N ALA A 325 16.62 13.90 3.95
CA ALA A 325 17.10 14.41 2.67
C ALA A 325 16.34 15.65 2.24
N ILE A 326 16.41 15.99 0.95
CA ILE A 326 15.36 16.80 0.35
C ILE A 326 14.27 15.92 -0.24
N ARG A 327 14.61 14.69 -0.61
CA ARG A 327 13.59 13.78 -1.11
C ARG A 327 12.57 13.45 -0.04
N ALA A 328 13.04 12.97 1.12
CA ALA A 328 12.10 12.63 2.18
C ALA A 328 11.26 13.84 2.59
N ARG A 329 11.63 15.04 2.18
CA ARG A 329 10.80 16.17 2.50
C ARG A 329 9.74 16.44 1.45
N LEU A 330 9.66 15.67 0.40
CA LEU A 330 8.58 15.93 -0.53
C LEU A 330 7.58 14.80 -0.63
N LYS A 331 7.93 13.59 -0.24
CA LYS A 331 7.06 12.46 -0.48
C LYS A 331 6.20 12.17 0.74
N GLY A 332 5.65 10.97 0.77
CA GLY A 332 5.01 10.45 1.96
C GLY A 332 3.72 11.19 2.30
N LYS A 333 3.16 10.83 3.45
CA LYS A 333 1.94 11.49 3.89
C LYS A 333 2.24 12.90 4.37
N GLU A 334 3.50 13.22 4.62
CA GLU A 334 3.87 14.44 5.33
C GLU A 334 4.92 15.26 4.60
N GLY A 335 4.90 15.25 3.28
CA GLY A 335 5.88 15.98 2.51
C GLY A 335 5.62 17.47 2.53
N ARG A 336 5.73 18.06 1.34
CA ARG A 336 5.31 19.44 1.15
C ARG A 336 4.00 19.53 0.39
N LEU A 337 3.82 18.70 -0.63
CA LEU A 337 2.55 18.72 -1.35
C LEU A 337 1.46 18.07 -0.51
N ARG A 338 1.56 16.77 -0.27
CA ARG A 338 0.65 16.18 0.69
C ARG A 338 0.83 16.78 2.08
N GLY A 339 1.87 17.60 2.26
CA GLY A 339 2.21 18.12 3.57
C GLY A 339 1.78 19.55 3.79
N ASN A 340 1.93 20.43 2.82
CA ASN A 340 1.54 21.81 3.04
C ASN A 340 1.03 22.56 1.83
N LEU A 341 1.11 22.01 0.62
CA LEU A 341 0.54 22.71 -0.53
C LEU A 341 -0.78 22.10 -0.97
N MET A 342 -0.98 20.79 -0.81
CA MET A 342 -2.32 20.26 -0.98
C MET A 342 -3.24 20.78 0.10
N GLY A 343 -3.00 20.38 1.34
CA GLY A 343 -3.81 20.81 2.45
C GLY A 343 -2.95 21.25 3.61
N LYS A 344 -3.31 22.39 4.17
CA LYS A 344 -2.47 23.04 5.14
C LYS A 344 -3.34 23.43 6.32
N ARG A 345 -2.73 23.61 7.47
CA ARG A 345 -3.42 24.20 8.59
C ARG A 345 -3.83 25.60 8.19
N VAL A 346 -4.89 26.13 8.80
CA VAL A 346 -5.34 27.48 8.49
C VAL A 346 -5.89 28.13 9.75
N ASP A 347 -6.42 29.31 9.57
CA ASP A 347 -6.81 30.19 10.65
C ASP A 347 -8.28 30.53 10.63
N PHE A 348 -8.68 31.29 11.63
CA PHE A 348 -10.08 31.56 11.88
C PHE A 348 -10.87 30.28 11.86
N SER A 349 -10.34 29.27 12.51
CA SER A 349 -11.09 28.04 12.65
C SER A 349 -11.67 27.97 14.05
N ALA A 350 -12.17 26.80 14.41
CA ALA A 350 -12.52 26.46 15.77
C ALA A 350 -13.02 25.02 15.76
N ARG A 351 -12.70 24.30 16.82
CA ARG A 351 -13.09 22.91 17.01
C ARG A 351 -13.97 22.89 18.24
N THR A 352 -14.62 21.77 18.54
CA THR A 352 -15.27 21.62 19.84
C THR A 352 -15.95 20.26 19.96
N VAL A 353 -16.77 20.13 20.99
CA VAL A 353 -17.80 19.11 21.07
C VAL A 353 -19.14 19.75 20.77
N ILE A 354 -20.01 19.02 20.07
CA ILE A 354 -21.26 19.56 19.56
C ILE A 354 -22.44 19.06 20.38
N SER A 355 -23.60 19.72 20.22
CA SER A 355 -24.79 19.32 20.95
C SER A 355 -26.07 19.70 20.21
N GLY A 356 -27.10 18.87 20.40
CA GLY A 356 -28.30 18.96 19.59
C GLY A 356 -29.42 19.71 20.29
N ASP A 357 -30.20 20.43 19.50
CA ASP A 357 -31.08 21.39 20.15
C ASP A 357 -32.25 21.76 19.26
N PRO A 358 -33.33 21.00 19.33
CA PRO A 358 -34.43 21.14 18.37
C PRO A 358 -35.10 22.49 18.32
N ASN A 359 -34.75 23.45 19.17
CA ASN A 359 -35.52 24.69 19.20
C ASN A 359 -34.92 25.76 18.29
N LEU A 360 -34.44 25.31 17.15
CA LEU A 360 -33.72 26.16 16.22
C LEU A 360 -34.44 26.08 14.90
N GLU A 361 -33.93 26.80 13.92
CA GLU A 361 -34.36 26.51 12.56
C GLU A 361 -33.57 25.32 12.06
N LEU A 362 -33.49 25.17 10.75
CA LEU A 362 -32.63 24.15 10.20
C LEU A 362 -31.27 24.67 9.80
N ASP A 363 -31.23 25.83 9.18
CA ASP A 363 -29.98 26.42 8.72
C ASP A 363 -29.40 27.35 9.78
N GLN A 364 -29.35 26.89 11.02
CA GLN A 364 -28.65 27.64 12.06
C GLN A 364 -27.75 26.73 12.87
N VAL A 365 -26.69 27.32 13.42
CA VAL A 365 -25.71 26.62 14.24
C VAL A 365 -25.41 27.47 15.45
N GLY A 366 -25.16 26.84 16.59
CA GLY A 366 -25.03 27.60 17.82
C GLY A 366 -23.60 27.68 18.31
N VAL A 367 -23.07 28.90 18.32
CA VAL A 367 -21.71 29.19 18.76
C VAL A 367 -21.75 29.64 20.21
N PRO A 368 -20.91 29.10 21.08
CA PRO A 368 -20.83 29.63 22.44
C PRO A 368 -20.30 31.06 22.43
N ILE A 369 -20.50 31.78 23.53
CA ILE A 369 -20.17 33.19 23.46
C ILE A 369 -18.68 33.40 23.35
N SER A 370 -17.87 32.57 24.01
CA SER A 370 -16.44 32.81 23.94
C SER A 370 -15.93 32.69 22.51
N ILE A 371 -16.18 31.56 21.87
CA ILE A 371 -15.71 31.40 20.50
C ILE A 371 -16.20 32.55 19.65
N ALA A 372 -17.35 33.12 19.95
CA ALA A 372 -17.78 34.27 19.17
C ALA A 372 -16.97 35.51 19.49
N LYS A 373 -16.49 35.68 20.71
CA LYS A 373 -15.69 36.86 20.98
C LYS A 373 -14.26 36.69 20.53
N THR A 374 -13.81 35.45 20.39
CA THR A 374 -12.44 35.18 19.95
C THR A 374 -12.29 35.43 18.45
N LEU A 375 -13.05 34.71 17.64
CA LEU A 375 -12.99 34.91 16.20
C LEU A 375 -13.44 36.31 15.84
N SER A 376 -13.45 36.59 14.55
CA SER A 376 -13.93 37.88 14.11
C SER A 376 -14.21 37.82 12.63
N TYR A 377 -15.04 38.73 12.19
CA TYR A 377 -15.42 38.92 10.84
C TYR A 377 -14.95 40.32 10.53
N PRO A 378 -14.27 40.52 9.45
CA PRO A 378 -13.93 41.89 9.07
C PRO A 378 -14.99 42.56 8.24
N GLU A 379 -15.68 43.51 8.84
CA GLU A 379 -16.68 44.31 8.16
C GLU A 379 -16.10 45.66 7.76
N THR A 380 -16.45 46.10 6.57
CA THR A 380 -15.99 47.39 6.10
C THR A 380 -17.08 48.44 6.37
N VAL A 381 -16.66 49.65 6.70
CA VAL A 381 -17.60 50.70 7.08
C VAL A 381 -18.20 51.27 5.81
N THR A 382 -19.45 51.70 5.87
CA THR A 382 -20.14 52.23 4.71
C THR A 382 -20.84 53.53 5.06
N GLN A 383 -21.56 54.07 4.09
CA GLN A 383 -22.44 55.20 4.36
C GLN A 383 -23.78 54.77 4.90
N TYR A 384 -23.86 53.61 5.54
CA TYR A 384 -25.09 53.23 6.21
C TYR A 384 -24.88 52.74 7.62
N ASN A 385 -23.73 52.21 7.95
CA ASN A 385 -23.66 51.43 9.18
C ASN A 385 -22.51 51.82 10.08
N ILE A 386 -22.19 53.12 10.15
CA ILE A 386 -21.21 53.53 11.14
C ILE A 386 -21.76 53.32 12.54
N HIS A 387 -23.07 53.26 12.67
CA HIS A 387 -23.68 53.33 13.98
C HIS A 387 -23.39 52.06 14.77
N ARG A 388 -23.87 50.92 14.27
CA ARG A 388 -23.61 49.67 14.96
C ARG A 388 -22.12 49.45 15.15
N LEU A 389 -21.32 49.91 14.20
CA LEU A 389 -19.90 49.67 14.33
C LEU A 389 -19.30 50.46 15.49
N THR A 390 -19.65 51.73 15.62
CA THR A 390 -19.24 52.45 16.81
C THR A 390 -19.72 51.73 18.06
N GLU A 391 -20.92 51.18 17.99
CA GLU A 391 -21.40 50.41 19.12
C GLU A 391 -20.47 49.27 19.47
N TYR A 392 -20.00 48.54 18.47
CA TYR A 392 -19.16 47.40 18.75
C TYR A 392 -17.83 47.86 19.28
N VAL A 393 -17.36 49.00 18.78
CA VAL A 393 -16.21 49.67 19.37
C VAL A 393 -16.41 49.79 20.87
N ARG A 394 -17.51 50.43 21.27
CA ARG A 394 -17.69 50.71 22.68
C ARG A 394 -17.84 49.46 23.52
N ASN A 395 -18.56 48.45 23.03
CA ASN A 395 -18.56 47.19 23.76
C ASN A 395 -17.15 46.63 23.83
N GLY A 396 -16.26 47.08 22.96
CA GLY A 396 -14.87 46.76 23.12
C GLY A 396 -14.61 45.29 22.88
N PRO A 397 -13.52 44.79 23.44
CA PRO A 397 -12.99 43.48 23.04
C PRO A 397 -13.28 42.35 24.01
N ASN A 398 -14.07 42.57 25.04
CA ASN A 398 -14.32 41.49 25.98
C ASN A 398 -15.77 41.43 26.42
N GLU A 399 -16.61 42.31 25.89
CA GLU A 399 -18.03 42.29 26.19
C GLU A 399 -18.75 42.20 24.86
N HIS A 400 -19.23 41.04 24.53
CA HIS A 400 -20.04 40.87 23.33
C HIS A 400 -21.34 41.63 23.46
N PRO A 401 -21.84 42.24 22.38
CA PRO A 401 -21.39 42.25 21.00
C PRO A 401 -20.26 43.24 20.75
N GLY A 402 -19.04 42.76 20.58
CA GLY A 402 -17.91 43.66 20.66
C GLY A 402 -16.93 43.61 19.51
N ALA A 403 -15.88 44.43 19.58
CA ALA A 403 -14.94 44.58 18.48
C ALA A 403 -13.52 44.30 18.95
N LYS A 404 -12.59 44.21 18.00
CA LYS A 404 -11.19 43.98 18.33
C LYS A 404 -10.21 44.85 17.56
N TYR A 405 -10.47 45.17 16.30
CA TYR A 405 -9.52 45.94 15.53
C TYR A 405 -10.26 46.92 14.64
N VAL A 406 -9.79 48.15 14.64
CA VAL A 406 -10.21 49.15 13.67
C VAL A 406 -8.99 49.46 12.85
N ILE A 407 -8.92 48.92 11.66
CA ILE A 407 -7.70 48.99 10.86
C ILE A 407 -7.88 50.05 9.79
N ARG A 408 -6.90 50.93 9.68
CA ARG A 408 -6.94 51.93 8.62
C ARG A 408 -6.78 51.25 7.27
N ASP A 409 -7.11 52.00 6.22
CA ASP A 409 -6.89 51.53 4.86
C ASP A 409 -5.44 51.62 4.43
N ASN A 410 -4.54 51.99 5.34
CA ASN A 410 -3.11 51.96 5.06
C ASN A 410 -2.43 50.70 5.54
N GLY A 411 -2.90 50.09 6.62
CA GLY A 411 -2.30 48.88 7.13
C GLY A 411 -1.91 49.04 8.59
N ASP A 412 -2.32 50.15 9.18
CA ASP A 412 -2.00 50.46 10.56
C ASP A 412 -3.14 49.95 11.44
N ARG A 413 -2.82 49.01 12.31
CA ARG A 413 -3.80 48.37 13.17
C ARG A 413 -3.95 49.14 14.47
N ILE A 414 -5.17 49.44 14.84
CA ILE A 414 -5.49 50.07 16.12
C ILE A 414 -6.01 48.93 16.98
N ASP A 415 -5.10 48.22 17.63
CA ASP A 415 -5.45 47.05 18.42
C ASP A 415 -6.20 47.49 19.67
N LEU A 416 -7.36 46.89 19.92
CA LEU A 416 -8.26 47.38 20.96
C LEU A 416 -8.24 46.57 22.24
N ARG A 417 -7.16 45.89 22.55
CA ARG A 417 -6.95 45.53 23.94
C ARG A 417 -6.06 46.50 24.66
N TYR A 418 -5.09 47.10 23.98
CA TYR A 418 -4.08 47.94 24.60
C TYR A 418 -4.26 49.40 24.21
N HIS A 419 -5.50 49.85 24.08
CA HIS A 419 -5.75 51.24 23.71
C HIS A 419 -6.57 51.85 24.82
N LYS A 420 -5.89 52.54 25.73
CA LYS A 420 -6.49 52.98 26.98
C LYS A 420 -7.70 53.88 26.76
N ARG A 421 -7.82 54.46 25.57
CA ARG A 421 -8.72 55.59 25.33
C ARG A 421 -9.51 55.36 24.04
N ALA A 422 -10.10 54.17 23.94
CA ALA A 422 -10.82 53.79 22.73
C ALA A 422 -11.87 54.82 22.33
N GLY A 423 -12.44 55.53 23.29
CA GLY A 423 -13.54 56.43 22.99
C GLY A 423 -13.19 57.59 22.08
N ASP A 424 -11.95 57.68 21.62
CA ASP A 424 -11.45 58.82 20.88
C ASP A 424 -11.37 58.58 19.38
N ILE A 425 -12.27 57.79 18.82
CA ILE A 425 -12.08 57.26 17.47
C ILE A 425 -13.35 57.49 16.65
N VAL A 426 -13.33 58.51 15.82
CA VAL A 426 -14.33 58.64 14.76
C VAL A 426 -13.74 58.04 13.49
N LEU A 427 -14.60 57.55 12.62
CA LEU A 427 -14.20 56.66 11.55
C LEU A 427 -14.35 57.34 10.20
N GLN A 428 -13.70 56.75 9.20
CA GLN A 428 -13.77 57.21 7.83
C GLN A 428 -14.42 56.15 6.97
N TYR A 429 -15.09 56.57 5.92
CA TYR A 429 -15.65 55.61 4.99
C TYR A 429 -14.53 54.84 4.32
N GLY A 430 -14.34 53.59 4.72
CA GLY A 430 -13.39 52.73 4.05
C GLY A 430 -12.50 51.90 4.94
N TRP A 431 -12.50 52.13 6.24
CA TRP A 431 -11.63 51.34 7.09
C TRP A 431 -12.20 49.95 7.26
N LYS A 432 -11.49 49.13 8.03
CA LYS A 432 -11.98 47.81 8.36
C LYS A 432 -12.22 47.70 9.86
N VAL A 433 -13.07 46.74 10.24
CA VAL A 433 -13.23 46.35 11.63
C VAL A 433 -13.23 44.84 11.71
N GLU A 434 -12.37 44.27 12.54
CA GLU A 434 -12.57 42.88 12.90
C GLU A 434 -13.54 42.92 14.05
N ARG A 435 -14.82 42.92 13.73
CA ARG A 435 -15.83 42.87 14.77
C ARG A 435 -16.16 41.43 15.12
N HIS A 436 -16.91 41.29 16.18
CA HIS A 436 -17.26 39.98 16.66
C HIS A 436 -18.18 39.27 15.69
N LEU A 437 -18.60 38.09 16.09
CA LEU A 437 -19.38 37.21 15.24
C LEU A 437 -20.82 37.28 15.68
N MET A 438 -21.56 38.28 15.20
CA MET A 438 -22.91 38.49 15.72
C MET A 438 -23.89 37.51 15.10
N ASP A 439 -25.17 37.81 15.25
CA ASP A 439 -26.20 36.86 14.89
C ASP A 439 -26.31 36.69 13.39
N ASP A 440 -26.26 35.42 12.96
CA ASP A 440 -26.53 35.05 11.59
C ASP A 440 -25.53 35.66 10.63
N ASP A 441 -24.27 35.40 10.83
CA ASP A 441 -23.34 35.59 9.74
C ASP A 441 -22.88 34.23 9.27
N PRO A 442 -22.99 33.93 7.99
CA PRO A 442 -22.93 32.54 7.59
C PRO A 442 -21.57 31.94 7.84
N VAL A 443 -21.49 31.07 8.82
CA VAL A 443 -20.24 30.37 9.01
C VAL A 443 -20.40 29.01 8.39
N LEU A 444 -19.27 28.35 8.24
CA LEU A 444 -19.26 27.05 7.62
C LEU A 444 -19.43 26.00 8.70
N PHE A 445 -19.16 24.75 8.37
CA PHE A 445 -19.15 23.72 9.36
C PHE A 445 -18.43 22.57 8.71
N ASN A 446 -18.16 21.52 9.45
CA ASN A 446 -17.44 20.42 8.82
C ASN A 446 -17.38 19.25 9.75
N ARG A 447 -16.79 18.17 9.29
CA ARG A 447 -16.50 17.04 10.15
C ARG A 447 -15.53 16.15 9.43
N GLN A 448 -14.34 16.01 9.94
CA GLN A 448 -13.52 14.92 9.46
C GLN A 448 -14.17 13.61 9.85
N PRO A 449 -14.14 12.62 8.99
CA PRO A 449 -13.62 12.78 7.64
C PRO A 449 -14.72 13.31 6.74
N SER A 450 -14.43 14.17 5.77
CA SER A 450 -15.49 14.65 4.88
C SER A 450 -15.67 13.73 3.70
N LEU A 451 -16.59 12.79 3.82
CA LEU A 451 -16.71 11.75 2.81
C LEU A 451 -17.78 11.97 1.77
N HIS A 452 -18.38 13.15 1.67
CA HIS A 452 -19.24 13.48 0.54
C HIS A 452 -19.80 14.86 0.74
N LYS A 453 -20.06 15.54 -0.37
CA LYS A 453 -20.19 16.99 -0.36
C LYS A 453 -21.25 17.51 0.60
N MET A 454 -21.85 16.66 1.43
CA MET A 454 -22.63 17.16 2.55
C MET A 454 -21.81 17.38 3.81
N SER A 455 -20.69 16.70 3.99
CA SER A 455 -19.96 17.02 5.20
C SER A 455 -19.55 18.47 5.29
N MET A 456 -19.98 19.32 4.36
CA MET A 456 -19.73 20.74 4.47
C MET A 456 -20.94 21.50 3.97
N MET A 457 -21.64 22.12 4.87
CA MET A 457 -22.70 23.01 4.48
C MET A 457 -22.49 24.27 5.25
N ALA A 458 -23.03 25.38 4.76
CA ALA A 458 -23.07 26.56 5.57
C ALA A 458 -23.93 26.33 6.80
N HIS A 459 -24.15 27.41 7.53
CA HIS A 459 -25.28 27.49 8.44
C HIS A 459 -25.60 28.97 8.62
N ARG A 460 -26.22 29.28 9.73
CA ARG A 460 -26.25 30.64 10.27
C ARG A 460 -25.99 30.54 11.76
N VAL A 461 -25.62 31.66 12.37
CA VAL A 461 -25.15 31.68 13.74
C VAL A 461 -26.22 32.23 14.66
N LYS A 462 -26.45 31.53 15.76
CA LYS A 462 -27.19 32.08 16.88
C LYS A 462 -26.40 31.79 18.14
N VAL A 463 -26.27 32.80 18.99
CA VAL A 463 -25.23 32.85 20.01
C VAL A 463 -25.79 32.38 21.34
N MET A 464 -25.33 31.22 21.80
CA MET A 464 -25.95 30.57 22.95
C MET A 464 -24.89 30.15 23.94
N PRO A 465 -25.13 30.30 25.22
CA PRO A 465 -24.06 30.12 26.21
C PRO A 465 -23.73 28.68 26.50
N TYR A 466 -22.91 28.41 27.52
CA TYR A 466 -22.57 27.04 27.86
C TYR A 466 -21.83 26.36 26.74
N SER A 467 -20.52 26.55 26.65
CA SER A 467 -19.79 26.35 25.41
C SER A 467 -19.75 24.90 24.90
N THR A 468 -20.68 24.61 23.98
CA THR A 468 -20.59 23.53 23.01
C THR A 468 -21.22 24.03 21.72
N PHE A 469 -21.28 23.16 20.70
CA PHE A 469 -21.92 23.55 19.45
C PHE A 469 -23.37 23.14 19.41
N ARG A 470 -24.21 24.07 19.02
CA ARG A 470 -25.60 23.76 18.81
C ARG A 470 -25.88 23.47 17.34
N LEU A 471 -26.47 22.32 17.10
CA LEU A 471 -27.08 21.94 15.84
C LEU A 471 -28.57 21.89 16.00
N ASN A 472 -29.25 21.78 14.88
CA ASN A 472 -30.61 21.28 14.81
C ASN A 472 -30.56 19.79 14.58
N LEU A 473 -31.62 19.08 14.89
CA LEU A 473 -31.53 17.64 14.71
C LEU A 473 -32.02 17.11 13.40
N SER A 474 -32.28 17.92 12.41
CA SER A 474 -32.44 17.28 11.13
C SER A 474 -31.10 16.91 10.51
N VAL A 475 -30.01 17.51 10.97
CA VAL A 475 -28.73 17.40 10.26
C VAL A 475 -27.73 16.60 11.05
N THR A 476 -28.14 15.47 11.57
CA THR A 476 -27.14 14.55 12.07
C THR A 476 -26.76 13.56 11.00
N SER A 477 -27.63 13.38 10.00
CA SER A 477 -27.40 12.32 9.04
C SER A 477 -26.35 12.68 8.00
N PRO A 478 -26.41 13.81 7.31
CA PRO A 478 -25.30 14.10 6.40
C PRO A 478 -24.01 14.19 7.16
N TYR A 479 -23.94 15.01 8.20
CA TYR A 479 -22.76 15.00 9.05
C TYR A 479 -22.46 13.63 9.61
N ASN A 480 -23.40 12.70 9.48
CA ASN A 480 -23.25 11.34 9.98
C ASN A 480 -22.60 11.34 11.36
N ALA A 481 -22.98 12.35 12.12
CA ALA A 481 -22.36 12.62 13.39
C ALA A 481 -23.40 12.53 14.49
N ASP A 482 -23.16 11.61 15.41
CA ASP A 482 -23.98 11.38 16.58
C ASP A 482 -23.57 12.37 17.66
N PHE A 483 -23.85 12.04 18.90
CA PHE A 483 -23.47 12.92 20.00
C PHE A 483 -22.66 12.17 21.03
N ASP A 484 -22.05 11.06 20.64
CA ASP A 484 -21.19 10.32 21.54
C ASP A 484 -19.86 11.02 21.75
N GLY A 485 -19.79 12.30 21.41
CA GLY A 485 -18.61 13.11 21.57
C GLY A 485 -17.99 13.50 20.24
N ASP A 486 -18.76 13.49 19.18
CA ASP A 486 -18.18 13.92 17.93
C ASP A 486 -17.68 15.34 18.08
N GLU A 487 -16.73 15.69 17.23
CA GLU A 487 -16.01 16.94 17.31
C GLU A 487 -15.95 17.51 15.91
N MET A 488 -16.34 18.77 15.74
CA MET A 488 -16.48 19.28 14.40
C MET A 488 -15.85 20.65 14.24
N ASN A 489 -15.07 20.81 13.19
CA ASN A 489 -14.38 22.05 12.87
C ASN A 489 -15.36 23.04 12.29
N LEU A 490 -15.12 24.33 12.55
CA LEU A 490 -16.05 25.40 12.19
C LEU A 490 -15.25 26.55 11.60
N HIS A 491 -15.11 26.55 10.28
CA HIS A 491 -14.39 27.64 9.66
C HIS A 491 -15.26 28.88 9.63
N VAL A 492 -14.73 29.95 9.06
CA VAL A 492 -15.40 31.23 9.00
C VAL A 492 -15.05 31.85 7.67
N PRO A 493 -15.96 32.56 7.03
CA PRO A 493 -15.55 33.37 5.89
C PRO A 493 -14.80 34.57 6.42
N GLN A 494 -14.09 35.25 5.55
CA GLN A 494 -13.33 36.41 5.98
C GLN A 494 -13.58 37.63 5.12
N SER A 495 -14.33 37.52 4.05
CA SER A 495 -14.56 38.71 3.25
C SER A 495 -15.73 38.45 2.32
N GLU A 496 -16.13 39.50 1.64
CA GLU A 496 -17.48 39.53 1.12
C GLU A 496 -17.74 38.43 0.12
N GLU A 497 -16.87 38.29 -0.88
CA GLU A 497 -17.11 37.29 -1.91
C GLU A 497 -17.49 35.95 -1.31
N THR A 498 -16.69 35.48 -0.36
CA THR A 498 -16.96 34.13 0.09
C THR A 498 -18.15 34.06 1.03
N ARG A 499 -18.48 35.15 1.71
CA ARG A 499 -19.83 35.23 2.26
C ARG A 499 -20.84 34.86 1.19
N ALA A 500 -20.97 35.71 0.18
CA ALA A 500 -22.01 35.46 -0.80
C ALA A 500 -21.91 34.06 -1.37
N GLU A 501 -20.71 33.52 -1.51
CA GLU A 501 -20.61 32.16 -2.03
C GLU A 501 -21.25 31.16 -1.09
N LEU A 502 -21.00 31.27 0.21
CA LEU A 502 -21.70 30.33 1.07
C LEU A 502 -23.18 30.65 1.13
N SER A 503 -23.55 31.91 1.04
CA SER A 503 -24.95 32.24 1.17
C SER A 503 -25.77 31.74 0.01
N GLN A 504 -25.19 31.65 -1.18
CA GLN A 504 -25.96 31.26 -2.33
C GLN A 504 -25.62 29.88 -2.86
N LEU A 505 -24.64 29.19 -2.28
CA LEU A 505 -24.31 27.86 -2.75
C LEU A 505 -24.51 26.75 -1.73
N CYS A 506 -23.98 26.88 -0.52
CA CYS A 506 -23.96 25.73 0.36
C CYS A 506 -24.71 25.96 1.66
N ALA A 507 -25.81 26.71 1.64
CA ALA A 507 -26.68 26.75 2.79
C ALA A 507 -27.68 25.60 2.69
N VAL A 508 -27.89 24.91 3.81
CA VAL A 508 -28.44 23.57 3.79
C VAL A 508 -29.67 23.40 2.89
N PRO A 509 -30.61 24.33 2.85
CA PRO A 509 -31.75 24.15 1.95
C PRO A 509 -31.38 23.71 0.55
N LEU A 510 -30.29 24.20 -0.02
CA LEU A 510 -29.86 23.75 -1.34
C LEU A 510 -29.12 22.42 -1.28
N GLN A 511 -29.28 21.67 -0.21
CA GLN A 511 -28.52 20.45 -0.03
C GLN A 511 -29.39 19.28 0.31
N ILE A 512 -30.70 19.47 0.24
CA ILE A 512 -31.59 18.43 0.71
C ILE A 512 -31.56 17.24 -0.22
N VAL A 513 -31.45 17.49 -1.51
CA VAL A 513 -31.54 16.44 -2.52
C VAL A 513 -30.14 16.13 -2.98
N SER A 514 -29.69 14.92 -2.74
CA SER A 514 -28.32 14.56 -3.07
C SER A 514 -28.21 14.08 -4.49
N PRO A 515 -27.26 14.59 -5.26
CA PRO A 515 -26.89 13.92 -6.51
C PRO A 515 -26.37 12.52 -6.29
N GLN A 516 -26.43 11.98 -5.08
CA GLN A 516 -26.06 10.58 -4.96
C GLN A 516 -27.15 9.68 -5.48
N SER A 517 -28.33 9.77 -4.89
CA SER A 517 -29.43 8.91 -5.31
C SER A 517 -30.69 9.72 -5.49
N ASN A 518 -30.54 10.91 -6.05
CA ASN A 518 -31.63 11.86 -6.33
C ASN A 518 -32.77 11.78 -5.33
N LYS A 519 -32.41 11.64 -4.06
CA LYS A 519 -33.33 11.48 -2.95
C LYS A 519 -32.94 12.44 -1.85
N PRO A 520 -33.85 12.76 -0.95
CA PRO A 520 -33.45 13.53 0.23
C PRO A 520 -32.45 12.74 1.03
N VAL A 521 -31.76 13.43 1.92
CA VAL A 521 -30.76 12.81 2.77
C VAL A 521 -30.98 13.15 4.22
N MET A 522 -31.72 14.21 4.51
CA MET A 522 -31.90 14.71 5.86
C MET A 522 -33.33 14.40 6.25
N GLY A 523 -33.57 13.20 6.74
CA GLY A 523 -34.93 12.75 6.95
C GLY A 523 -35.53 13.38 8.20
N ILE A 524 -36.15 12.58 9.04
CA ILE A 524 -36.46 12.98 10.39
C ILE A 524 -35.93 11.88 11.30
N VAL A 525 -35.39 12.27 12.43
CA VAL A 525 -34.52 11.38 13.21
C VAL A 525 -35.18 11.01 14.52
N GLN A 526 -34.46 10.30 15.37
CA GLN A 526 -35.01 9.32 16.30
C GLN A 526 -36.39 9.63 16.88
N ASP A 527 -36.45 10.59 17.82
CA ASP A 527 -37.72 10.79 18.50
C ASP A 527 -38.76 11.37 17.60
N THR A 528 -38.50 12.58 17.12
CA THR A 528 -39.50 13.26 16.32
C THR A 528 -40.16 12.32 15.35
N LEU A 529 -39.43 11.32 14.87
CA LEU A 529 -40.07 10.27 14.08
C LEU A 529 -40.99 9.41 14.92
N CYS A 530 -40.44 8.72 15.94
CA CYS A 530 -41.32 7.82 16.67
C CYS A 530 -42.56 8.54 17.17
N GLY A 531 -42.37 9.75 17.65
CA GLY A 531 -43.50 10.61 17.94
C GLY A 531 -44.44 10.73 16.78
N VAL A 532 -44.04 11.43 15.72
CA VAL A 532 -45.03 11.77 14.71
C VAL A 532 -45.65 10.51 14.15
N ARG A 533 -45.20 9.35 14.56
CA ARG A 533 -46.08 8.22 14.32
C ARG A 533 -47.10 8.10 15.42
N LYS A 534 -46.67 7.90 16.67
CA LYS A 534 -47.65 7.75 17.76
C LYS A 534 -48.70 8.84 17.73
N MET A 535 -48.34 10.04 17.28
CA MET A 535 -49.29 11.11 17.36
C MET A 535 -50.38 10.94 16.33
N THR A 536 -50.05 10.45 15.15
CA THR A 536 -51.08 10.29 14.13
C THR A 536 -51.42 8.84 13.90
N LEU A 537 -51.66 8.08 14.96
CA LEU A 537 -52.47 6.91 14.74
C LEU A 537 -53.84 7.33 14.28
N ARG A 538 -54.79 6.44 14.50
CA ARG A 538 -56.15 6.90 14.32
C ARG A 538 -56.73 7.36 15.64
N ASP A 539 -56.34 6.73 16.74
CA ASP A 539 -57.00 6.95 18.01
C ASP A 539 -56.29 7.98 18.87
N THR A 540 -55.82 9.06 18.29
CA THR A 540 -55.28 10.19 19.03
C THR A 540 -56.34 11.26 19.13
N PHE A 541 -56.60 11.72 20.33
CA PHE A 541 -57.52 12.82 20.48
C PHE A 541 -56.92 13.85 21.42
N ILE A 542 -57.02 15.10 21.02
CA ILE A 542 -56.30 16.18 21.65
C ILE A 542 -57.26 17.28 22.03
N GLU A 543 -57.27 17.62 23.31
CA GLU A 543 -58.26 18.49 23.89
C GLU A 543 -58.10 19.89 23.32
N TYR A 544 -58.92 20.81 23.78
CA TYR A 544 -58.82 22.17 23.24
C TYR A 544 -57.63 22.92 23.83
N GLU A 545 -57.46 22.84 25.15
CA GLU A 545 -56.37 23.55 25.79
C GLU A 545 -55.07 23.26 25.07
N GLN A 546 -54.63 22.02 25.14
CA GLN A 546 -53.36 21.64 24.55
C GLN A 546 -53.22 22.11 23.11
N VAL A 547 -54.32 22.20 22.38
CA VAL A 547 -54.16 22.52 20.97
C VAL A 547 -53.97 24.01 20.78
N MET A 548 -54.54 24.83 21.63
CA MET A 548 -54.18 26.24 21.53
C MET A 548 -52.68 26.40 21.52
N ASN A 549 -52.00 25.77 22.48
CA ASN A 549 -50.55 25.79 22.45
C ASN A 549 -50.04 25.24 21.13
N MET A 550 -50.30 23.96 20.87
CA MET A 550 -49.68 23.29 19.72
C MET A 550 -49.97 24.01 18.43
N LEU A 551 -50.82 25.01 18.47
CA LEU A 551 -50.89 25.91 17.34
C LEU A 551 -50.16 27.20 17.57
N PHE A 552 -49.67 27.48 18.78
CA PHE A 552 -48.79 28.63 18.80
C PHE A 552 -47.42 28.25 18.29
N TRP A 553 -46.90 27.09 18.68
CA TRP A 553 -45.53 26.73 18.36
C TRP A 553 -45.19 26.84 16.88
N VAL A 554 -46.12 26.56 15.99
CA VAL A 554 -45.77 26.60 14.58
C VAL A 554 -45.40 28.03 14.20
N PRO A 555 -44.20 28.24 13.68
CA PRO A 555 -43.81 29.58 13.28
C PRO A 555 -44.56 30.06 12.07
N SER A 556 -44.80 29.19 11.10
CA SER A 556 -45.38 29.59 9.85
C SER A 556 -46.86 29.82 9.95
N TRP A 557 -47.44 29.55 11.11
CA TRP A 557 -48.88 29.40 11.23
C TRP A 557 -49.61 30.68 10.92
N ASP A 558 -50.81 30.53 10.39
CA ASP A 558 -51.56 31.69 9.92
C ASP A 558 -52.12 32.47 11.08
N GLY A 559 -52.64 31.77 12.08
CA GLY A 559 -53.41 32.41 13.11
C GLY A 559 -54.90 32.10 12.99
N VAL A 560 -55.23 30.89 12.55
CA VAL A 560 -56.61 30.47 12.36
C VAL A 560 -56.74 29.03 12.81
N VAL A 561 -57.46 28.81 13.90
CA VAL A 561 -57.64 27.46 14.39
C VAL A 561 -58.33 26.63 13.33
N PRO A 562 -58.13 25.32 13.29
CA PRO A 562 -58.89 24.49 12.37
C PRO A 562 -60.29 24.27 12.93
N GLN A 563 -61.15 23.67 12.13
CA GLN A 563 -62.41 23.25 12.69
C GLN A 563 -62.30 21.85 13.25
N PRO A 564 -62.68 21.65 14.48
CA PRO A 564 -62.28 20.44 15.19
C PRO A 564 -63.07 19.26 14.71
N ALA A 565 -62.38 18.18 14.39
CA ALA A 565 -63.05 17.05 13.77
C ALA A 565 -64.25 16.54 14.55
N ILE A 566 -64.44 16.95 15.79
CA ILE A 566 -65.67 16.66 16.51
C ILE A 566 -66.18 17.96 17.12
N LEU A 567 -67.50 18.11 17.18
CA LEU A 567 -68.07 19.30 17.79
C LEU A 567 -68.89 19.03 19.04
N LYS A 568 -69.22 17.79 19.30
CA LYS A 568 -70.16 17.53 20.37
C LYS A 568 -70.13 16.04 20.60
N PRO A 569 -70.04 15.55 21.82
CA PRO A 569 -70.10 16.11 23.16
C PRO A 569 -69.03 17.11 23.57
N LYS A 570 -67.75 16.81 23.45
CA LYS A 570 -66.87 17.90 23.83
C LYS A 570 -65.71 18.03 22.87
N PRO A 571 -65.54 19.19 22.25
CA PRO A 571 -64.66 19.32 21.09
C PRO A 571 -63.35 18.60 21.28
N LEU A 572 -62.90 17.93 20.24
CA LEU A 572 -61.56 17.37 20.23
C LEU A 572 -60.85 17.88 18.99
N TRP A 573 -59.75 17.26 18.68
CA TRP A 573 -59.05 17.41 17.43
C TRP A 573 -58.32 16.12 17.16
N THR A 574 -57.78 15.99 15.97
CA THR A 574 -57.11 14.76 15.60
C THR A 574 -55.78 15.03 14.96
N GLY A 575 -54.78 14.29 15.43
CA GLY A 575 -53.40 14.62 15.12
C GLY A 575 -53.20 14.96 13.67
N LYS A 576 -53.77 14.17 12.79
CA LYS A 576 -53.55 14.40 11.38
C LYS A 576 -53.84 15.84 11.01
N GLN A 577 -54.86 16.46 11.60
CA GLN A 577 -55.08 17.86 11.28
C GLN A 577 -53.87 18.70 11.64
N LEU A 578 -53.33 18.52 12.82
CA LEU A 578 -52.21 19.35 13.21
C LEU A 578 -51.02 19.12 12.31
N LEU A 579 -50.60 17.87 12.22
CA LEU A 579 -49.57 17.49 11.26
C LEU A 579 -49.91 18.02 9.88
N SER A 580 -51.15 18.39 9.65
CA SER A 580 -51.48 19.15 8.45
C SER A 580 -51.34 20.64 8.63
N ILE A 581 -51.27 21.14 9.85
CA ILE A 581 -51.07 22.58 9.91
C ILE A 581 -49.69 22.93 9.38
N ALA A 582 -48.71 22.08 9.60
CA ALA A 582 -47.35 22.35 9.15
C ALA A 582 -47.28 22.32 7.64
N ILE A 583 -47.59 21.16 7.06
CA ILE A 583 -47.41 20.85 5.65
C ILE A 583 -48.01 21.94 4.77
N PRO A 584 -47.20 22.83 4.23
CA PRO A 584 -47.73 24.07 3.64
C PRO A 584 -48.75 23.82 2.56
N SER A 585 -49.68 24.75 2.40
CA SER A 585 -50.82 24.57 1.51
C SER A 585 -50.34 24.36 0.09
N GLY A 586 -50.82 23.30 -0.55
CA GLY A 586 -50.55 23.12 -1.96
C GLY A 586 -49.74 21.91 -2.32
N ILE A 587 -49.95 20.80 -1.66
CA ILE A 587 -49.21 19.59 -1.96
C ILE A 587 -50.18 18.58 -2.55
N HIS A 588 -49.64 17.50 -3.06
CA HIS A 588 -50.43 16.30 -3.26
C HIS A 588 -49.54 15.13 -2.99
N LEU A 589 -50.16 14.01 -2.64
CA LEU A 589 -49.37 12.81 -2.44
C LEU A 589 -50.32 11.63 -2.39
N GLN A 590 -49.95 10.54 -3.05
CA GLN A 590 -50.69 9.30 -2.98
C GLN A 590 -49.66 8.18 -2.90
N ARG A 591 -49.79 7.32 -1.93
CA ARG A 591 -48.92 6.15 -1.86
C ARG A 591 -49.72 4.97 -1.34
N THR A 592 -49.47 3.79 -1.89
CA THR A 592 -50.27 2.62 -1.59
C THR A 592 -49.43 1.38 -1.32
N ASP A 593 -49.39 0.97 -0.06
CA ASP A 593 -48.89 -0.33 0.32
C ASP A 593 -50.00 -1.34 0.16
N GLY A 594 -49.66 -2.62 0.22
CA GLY A 594 -50.63 -3.70 0.37
C GLY A 594 -51.81 -3.64 -0.57
N GLY A 595 -51.81 -2.72 -1.52
CA GLY A 595 -52.94 -2.55 -2.41
C GLY A 595 -54.18 -2.13 -1.66
N ASN A 596 -54.03 -1.25 -0.67
CA ASN A 596 -55.16 -0.88 0.15
C ASN A 596 -56.25 -0.20 -0.69
N SER A 597 -57.40 -0.04 -0.09
CA SER A 597 -58.54 0.57 -0.77
C SER A 597 -58.42 2.07 -0.69
N LEU A 598 -59.51 2.78 -0.96
CA LEU A 598 -59.66 4.13 -0.44
C LEU A 598 -60.39 4.12 0.89
N LEU A 599 -60.66 2.95 1.45
CA LEU A 599 -61.29 2.81 2.75
C LEU A 599 -60.30 2.53 3.87
N SER A 600 -59.31 1.70 3.62
CA SER A 600 -58.14 1.60 4.48
C SER A 600 -58.42 1.05 5.87
N PRO A 601 -58.65 -0.22 6.01
CA PRO A 601 -58.96 -0.76 7.33
C PRO A 601 -57.80 -0.67 8.31
N LYS A 602 -56.65 -1.19 7.92
CA LYS A 602 -55.48 -1.17 8.79
C LYS A 602 -54.85 0.21 8.85
N ASP A 603 -55.40 1.17 8.13
CA ASP A 603 -54.95 2.55 8.12
C ASP A 603 -53.48 2.69 7.77
N ASN A 604 -53.03 2.06 6.69
CA ASN A 604 -51.73 2.35 6.11
C ASN A 604 -51.91 3.03 4.76
N GLY A 605 -50.82 3.30 4.07
CA GLY A 605 -50.90 4.08 2.85
C GLY A 605 -50.82 5.54 3.17
N MET A 606 -51.20 6.37 2.20
CA MET A 606 -51.26 7.80 2.43
C MET A 606 -51.93 8.48 1.26
N LEU A 607 -52.88 9.34 1.54
CA LEU A 607 -53.41 10.27 0.57
C LEU A 607 -53.48 11.64 1.21
N ILE A 608 -52.74 12.57 0.66
CA ILE A 608 -52.73 13.93 1.16
C ILE A 608 -53.15 14.83 0.03
N VAL A 609 -54.12 15.68 0.31
CA VAL A 609 -54.76 16.52 -0.68
C VAL A 609 -54.65 17.95 -0.20
N ASP A 610 -54.23 18.82 -1.12
CA ASP A 610 -54.24 20.26 -0.92
C ASP A 610 -53.39 20.68 0.27
N GLY A 611 -52.92 19.72 1.05
CA GLY A 611 -52.14 20.05 2.20
C GLY A 611 -52.75 19.69 3.53
N LYS A 612 -53.77 18.86 3.55
CA LYS A 612 -54.34 18.39 4.79
C LYS A 612 -54.37 16.89 4.76
N VAL A 613 -53.55 16.24 5.58
CA VAL A 613 -53.57 14.80 5.62
C VAL A 613 -55.01 14.32 5.64
N MET A 614 -55.30 13.30 4.86
CA MET A 614 -56.64 12.76 4.76
C MET A 614 -56.75 11.39 5.41
N PHE A 615 -55.72 10.57 5.34
CA PHE A 615 -55.73 9.36 6.13
C PHE A 615 -54.33 8.76 6.10
N GLY A 616 -53.95 8.09 7.18
CA GLY A 616 -52.79 7.24 7.12
C GLY A 616 -51.63 7.42 8.09
N VAL A 617 -51.27 6.33 8.76
CA VAL A 617 -50.13 6.26 9.65
C VAL A 617 -48.88 6.76 8.93
N VAL A 618 -48.27 7.81 9.45
CA VAL A 618 -47.12 8.44 8.81
C VAL A 618 -45.83 7.93 9.46
N ASP A 619 -44.92 7.37 8.68
CA ASP A 619 -43.67 6.93 9.26
C ASP A 619 -42.52 7.03 8.28
N LYS A 620 -41.46 6.27 8.51
CA LYS A 620 -40.25 6.42 7.72
C LYS A 620 -40.57 6.45 6.24
N LYS A 621 -41.46 5.59 5.80
CA LYS A 621 -41.70 5.49 4.37
C LYS A 621 -42.26 6.76 3.76
N THR A 622 -42.71 7.74 4.55
CA THR A 622 -43.35 8.90 3.96
C THR A 622 -42.62 10.21 4.24
N VAL A 623 -42.39 10.56 5.50
CA VAL A 623 -41.62 11.75 5.83
C VAL A 623 -40.17 11.41 6.04
N GLY A 624 -39.82 10.14 6.07
CA GLY A 624 -38.44 9.80 6.32
C GLY A 624 -37.51 10.13 5.18
N SER A 625 -36.35 9.51 5.18
CA SER A 625 -35.37 9.71 4.13
C SER A 625 -35.77 9.05 2.82
N GLY A 626 -36.98 8.53 2.72
CA GLY A 626 -37.37 7.76 1.55
C GLY A 626 -37.49 8.64 0.32
N GLY A 627 -37.00 8.14 -0.81
CA GLY A 627 -37.13 8.88 -2.06
C GLY A 627 -38.58 9.03 -2.45
N GLY A 628 -38.90 10.19 -3.01
CA GLY A 628 -40.30 10.45 -3.29
C GLY A 628 -41.16 10.46 -2.07
N GLY A 629 -40.58 10.55 -0.88
CA GLY A 629 -41.32 10.76 0.34
C GLY A 629 -41.86 12.17 0.38
N LEU A 630 -42.42 12.54 1.53
CA LEU A 630 -43.03 13.86 1.58
C LEU A 630 -42.00 14.95 1.34
N ILE A 631 -40.94 14.96 2.14
CA ILE A 631 -39.99 16.07 2.12
C ILE A 631 -39.51 16.34 0.72
N HIS A 632 -39.15 15.28 0.00
CA HIS A 632 -38.80 15.43 -1.40
C HIS A 632 -39.86 16.18 -2.15
N THR A 633 -41.11 15.80 -1.96
CA THR A 633 -42.14 16.34 -2.82
C THR A 633 -42.30 17.81 -2.56
N VAL A 634 -42.35 18.18 -1.29
CA VAL A 634 -42.51 19.59 -0.97
C VAL A 634 -41.32 20.37 -1.47
N MET A 635 -40.12 19.79 -1.40
CA MET A 635 -38.96 20.48 -1.94
C MET A 635 -39.17 20.79 -3.41
N ARG A 636 -39.38 19.76 -4.21
CA ARG A 636 -39.61 19.98 -5.64
C ARG A 636 -40.69 21.02 -5.87
N GLU A 637 -41.70 21.04 -5.02
CA GLU A 637 -42.86 21.88 -5.25
C GLU A 637 -42.73 23.29 -4.70
N LYS A 638 -41.72 23.58 -3.92
CA LYS A 638 -41.66 24.92 -3.36
C LYS A 638 -40.27 25.52 -3.32
N GLY A 639 -39.25 24.83 -3.79
CA GLY A 639 -37.91 25.34 -3.64
C GLY A 639 -37.43 25.05 -2.24
N PRO A 640 -36.31 25.58 -1.89
CA PRO A 640 -35.67 25.19 -0.64
C PRO A 640 -36.28 25.85 0.59
N LYS A 641 -36.31 27.18 0.60
CA LYS A 641 -36.64 27.92 1.81
C LYS A 641 -37.87 27.38 2.52
N ILE A 642 -38.91 27.05 1.76
CA ILE A 642 -40.05 26.40 2.35
C ILE A 642 -39.67 25.03 2.87
N CYS A 643 -38.87 24.28 2.13
CA CYS A 643 -38.54 22.96 2.66
C CYS A 643 -37.74 23.09 3.93
N ALA A 644 -37.07 24.22 4.10
CA ALA A 644 -36.42 24.49 5.37
C ALA A 644 -37.46 24.61 6.46
N GLU A 645 -38.33 25.61 6.36
CA GLU A 645 -39.29 25.76 7.44
C GLU A 645 -40.17 24.54 7.65
N LEU A 646 -40.25 23.62 6.68
CA LEU A 646 -40.94 22.37 6.96
C LEU A 646 -40.38 21.73 8.22
N PHE A 647 -39.08 21.44 8.20
CA PHE A 647 -38.44 20.79 9.34
C PHE A 647 -38.71 21.52 10.63
N GLY A 648 -38.63 22.84 10.62
CA GLY A 648 -38.97 23.59 11.80
C GLY A 648 -40.37 23.26 12.30
N ASN A 649 -41.35 23.30 11.41
CA ASN A 649 -42.70 23.10 11.85
C ASN A 649 -42.90 21.71 12.43
N ILE A 650 -42.50 20.70 11.69
CA ILE A 650 -42.73 19.33 12.17
C ILE A 650 -42.00 19.10 13.48
N GLN A 651 -40.77 19.55 13.60
CA GLN A 651 -40.06 19.25 14.84
C GLN A 651 -40.64 19.97 16.03
N LYS A 652 -40.85 21.29 15.97
CA LYS A 652 -41.46 21.91 17.13
C LYS A 652 -42.77 21.24 17.49
N VAL A 653 -43.67 21.04 16.53
CA VAL A 653 -44.96 20.45 16.87
C VAL A 653 -44.76 19.13 17.59
N VAL A 654 -44.24 18.16 16.87
CA VAL A 654 -44.27 16.83 17.40
C VAL A 654 -43.43 16.71 18.65
N ASN A 655 -42.42 17.56 18.83
CA ASN A 655 -41.75 17.52 20.12
C ASN A 655 -42.68 17.98 21.23
N TYR A 656 -43.34 19.11 21.06
CA TYR A 656 -44.15 19.59 22.17
C TYR A 656 -45.28 18.63 22.48
N TRP A 657 -45.84 18.01 21.46
CA TRP A 657 -46.82 17.01 21.76
C TRP A 657 -46.21 15.77 22.36
N LEU A 658 -45.03 15.37 21.91
CA LEU A 658 -44.38 14.22 22.52
C LEU A 658 -44.15 14.45 23.99
N LEU A 659 -43.74 15.66 24.33
CA LEU A 659 -43.59 16.08 25.71
C LEU A 659 -44.88 15.79 26.44
N HIS A 660 -45.96 16.50 26.12
CA HIS A 660 -47.13 16.34 26.96
C HIS A 660 -47.73 14.96 26.92
N ASN A 661 -47.44 14.18 25.89
CA ASN A 661 -47.73 12.76 25.98
C ASN A 661 -46.68 12.08 26.84
N GLY A 662 -45.44 12.19 26.42
CA GLY A 662 -44.43 11.31 26.96
C GLY A 662 -44.40 9.99 26.22
N PHE A 663 -43.35 9.24 26.48
CA PHE A 663 -43.06 8.00 25.78
C PHE A 663 -41.86 7.38 26.44
N SER A 664 -41.86 6.08 26.60
CA SER A 664 -40.65 5.45 27.06
C SER A 664 -40.65 3.98 26.75
N ILE A 665 -39.63 3.31 27.23
CA ILE A 665 -39.47 1.87 27.11
C ILE A 665 -39.34 1.29 28.50
N GLY A 666 -39.74 0.04 28.67
CA GLY A 666 -39.47 -0.68 29.89
C GLY A 666 -39.02 -2.11 29.59
N ILE A 667 -38.48 -2.76 30.62
CA ILE A 667 -38.01 -4.13 30.46
C ILE A 667 -39.09 -5.02 29.93
N GLY A 668 -40.34 -4.80 30.33
CA GLY A 668 -41.38 -5.72 29.95
C GLY A 668 -41.51 -5.83 28.45
N ASP A 669 -41.30 -4.72 27.74
CA ASP A 669 -41.53 -4.69 26.31
C ASP A 669 -40.78 -5.79 25.60
N ALA A 670 -39.61 -6.16 26.09
CA ALA A 670 -38.85 -7.20 25.45
C ALA A 670 -39.16 -8.57 25.99
N ILE A 671 -40.18 -8.72 26.83
CA ILE A 671 -40.55 -10.01 27.38
C ILE A 671 -41.72 -10.56 26.58
N ALA A 672 -41.90 -11.87 26.60
CA ALA A 672 -43.10 -12.50 26.08
C ALA A 672 -43.81 -13.28 27.17
N ASP A 673 -45.08 -13.60 26.94
CA ASP A 673 -45.83 -14.35 27.94
C ASP A 673 -45.29 -15.77 28.08
N ALA A 674 -46.12 -16.65 28.63
CA ALA A 674 -45.76 -18.05 28.60
C ALA A 674 -46.03 -18.66 27.23
N SER A 675 -47.17 -18.34 26.63
CA SER A 675 -47.60 -19.08 25.44
C SER A 675 -46.62 -18.87 24.29
N THR A 676 -46.24 -17.62 24.07
CA THR A 676 -45.26 -17.39 23.02
C THR A 676 -43.98 -18.14 23.31
N MET A 677 -43.61 -18.25 24.57
CA MET A 677 -42.43 -19.03 24.90
C MET A 677 -42.62 -20.49 24.53
N LYS A 678 -43.81 -21.02 24.74
CA LYS A 678 -44.04 -22.39 24.34
C LYS A 678 -43.83 -22.54 22.85
N GLU A 679 -44.40 -21.63 22.06
CA GLU A 679 -44.22 -21.74 20.61
C GLU A 679 -42.76 -21.65 20.21
N ILE A 680 -42.03 -20.69 20.79
CA ILE A 680 -40.67 -20.45 20.32
C ILE A 680 -39.77 -21.59 20.73
N THR A 681 -39.95 -22.09 21.94
CA THR A 681 -39.19 -23.26 22.33
C THR A 681 -39.51 -24.44 21.43
N HIS A 682 -40.77 -24.62 21.05
CA HIS A 682 -41.06 -25.73 20.17
C HIS A 682 -40.40 -25.55 18.81
N ALA A 683 -40.42 -24.32 18.28
CA ALA A 683 -39.79 -24.08 16.98
C ALA A 683 -38.34 -24.49 17.03
N ILE A 684 -37.57 -23.89 17.93
CA ILE A 684 -36.16 -24.24 17.98
C ILE A 684 -35.96 -25.72 18.31
N SER A 685 -36.88 -26.30 19.05
CA SER A 685 -36.81 -27.72 19.25
C SER A 685 -36.75 -28.43 17.91
N SER A 686 -37.76 -28.19 17.07
CA SER A 686 -37.80 -28.85 15.79
C SER A 686 -36.56 -28.54 14.98
N ALA A 687 -35.99 -27.35 15.18
CA ALA A 687 -34.76 -27.04 14.48
C ALA A 687 -33.68 -28.05 14.83
N LYS A 688 -33.35 -28.20 16.10
CA LYS A 688 -32.29 -29.14 16.43
C LYS A 688 -32.65 -30.56 16.04
N GLU A 689 -33.93 -30.90 16.07
CA GLU A 689 -34.34 -32.22 15.59
C GLU A 689 -33.94 -32.39 14.13
N GLN A 690 -34.27 -31.41 13.30
CA GLN A 690 -33.89 -31.48 11.90
C GLN A 690 -32.38 -31.59 11.74
N VAL A 691 -31.62 -30.91 12.59
CA VAL A 691 -30.19 -30.99 12.37
C VAL A 691 -29.69 -32.38 12.69
N GLN A 692 -30.19 -32.98 13.76
CA GLN A 692 -29.84 -34.37 14.02
C GLN A 692 -30.22 -35.27 12.85
N GLU A 693 -31.37 -35.01 12.22
CA GLU A 693 -31.75 -35.83 11.09
C GLU A 693 -30.82 -35.59 9.91
N ILE A 694 -30.45 -34.34 9.67
CA ILE A 694 -29.59 -33.99 8.56
C ILE A 694 -28.25 -34.68 8.68
N ILE A 695 -27.71 -34.74 9.89
CA ILE A 695 -26.47 -35.47 10.06
C ILE A 695 -26.69 -36.97 9.94
N TYR A 696 -27.73 -37.50 10.59
CA TYR A 696 -27.98 -38.93 10.46
C TYR A 696 -28.04 -39.34 9.00
N LYS A 697 -28.42 -38.39 8.14
CA LYS A 697 -28.24 -38.60 6.71
C LYS A 697 -26.78 -38.55 6.33
N ALA A 698 -26.17 -37.37 6.45
CA ALA A 698 -24.90 -37.13 5.79
C ALA A 698 -23.81 -38.06 6.32
N GLN A 699 -23.67 -38.14 7.63
CA GLN A 699 -22.76 -39.10 8.24
C GLN A 699 -23.27 -40.53 8.18
N HIS A 700 -24.37 -40.81 7.48
CA HIS A 700 -24.68 -42.14 6.97
C HIS A 700 -24.48 -42.26 5.48
N ASN A 701 -23.88 -41.25 4.86
CA ASN A 701 -23.60 -41.21 3.43
C ASN A 701 -24.89 -41.20 2.62
N GLU A 702 -25.80 -40.31 2.99
CA GLU A 702 -27.09 -40.24 2.30
C GLU A 702 -27.40 -38.86 1.77
N LEU A 703 -26.57 -37.87 2.06
CA LEU A 703 -26.90 -36.50 1.69
C LEU A 703 -26.67 -36.30 0.21
N GLU A 704 -27.55 -35.53 -0.42
CA GLU A 704 -27.45 -35.20 -1.83
C GLU A 704 -26.64 -33.93 -2.00
N LEU A 705 -25.62 -34.00 -2.84
CA LEU A 705 -24.64 -32.93 -2.95
C LEU A 705 -25.10 -31.88 -3.97
N LYS A 706 -25.27 -30.65 -3.50
CA LYS A 706 -25.47 -29.52 -4.39
C LYS A 706 -24.34 -29.47 -5.41
N PRO A 707 -24.54 -28.77 -6.53
CA PRO A 707 -23.48 -28.66 -7.53
C PRO A 707 -22.33 -27.81 -7.01
N GLY A 708 -21.11 -28.26 -7.29
CA GLY A 708 -19.92 -27.48 -7.02
C GLY A 708 -19.45 -27.50 -5.59
N MET A 709 -20.32 -27.78 -4.63
CA MET A 709 -19.92 -27.88 -3.24
C MET A 709 -19.63 -29.33 -2.91
N THR A 710 -18.51 -29.58 -2.27
CA THR A 710 -18.20 -30.96 -1.89
C THR A 710 -19.11 -31.34 -0.74
N LEU A 711 -18.89 -32.54 -0.19
CA LEU A 711 -19.80 -33.02 0.83
C LEU A 711 -19.89 -32.05 1.99
N ARG A 712 -18.75 -31.51 2.43
CA ARG A 712 -18.80 -30.67 3.62
C ARG A 712 -19.34 -29.27 3.32
N GLU A 713 -18.95 -28.66 2.22
CA GLU A 713 -19.53 -27.37 1.94
C GLU A 713 -21.05 -27.46 1.85
N SER A 714 -21.56 -28.52 1.22
CA SER A 714 -23.01 -28.68 1.18
C SER A 714 -23.58 -28.91 2.57
N PHE A 715 -22.93 -29.76 3.35
CA PHE A 715 -23.37 -30.07 4.70
C PHE A 715 -23.55 -28.79 5.53
N GLU A 716 -22.54 -27.94 5.50
CA GLU A 716 -22.63 -26.67 6.21
C GLU A 716 -23.66 -25.74 5.59
N GLY A 717 -23.70 -25.62 4.26
CA GLY A 717 -24.66 -24.74 3.65
C GLY A 717 -26.08 -25.09 4.04
N GLU A 718 -26.39 -26.38 4.00
CA GLU A 718 -27.66 -26.84 4.53
C GLU A 718 -27.86 -26.40 5.96
N VAL A 719 -27.01 -26.90 6.87
CA VAL A 719 -27.25 -26.66 8.29
C VAL A 719 -27.49 -25.18 8.53
N SER A 720 -26.80 -24.33 7.78
CA SER A 720 -27.02 -22.91 7.96
C SER A 720 -28.41 -22.50 7.49
N ARG A 721 -28.86 -23.02 6.34
CA ARG A 721 -30.23 -22.71 5.93
C ARG A 721 -31.20 -23.13 7.01
N THR A 722 -31.04 -24.34 7.53
CA THR A 722 -31.97 -24.85 8.52
C THR A 722 -32.04 -23.92 9.74
N LEU A 723 -30.90 -23.65 10.37
CA LEU A 723 -30.96 -22.89 11.62
C LEU A 723 -31.42 -21.47 11.40
N ASN A 724 -31.00 -20.83 10.32
CA ASN A 724 -31.43 -19.46 10.14
C ASN A 724 -32.90 -19.39 9.81
N ASP A 725 -33.42 -20.35 9.06
CA ASP A 725 -34.86 -20.42 8.88
C ASP A 725 -35.57 -20.58 10.21
N ALA A 726 -35.02 -21.42 11.09
CA ALA A 726 -35.67 -21.63 12.38
C ALA A 726 -35.72 -20.34 13.19
N ARG A 727 -34.59 -19.66 13.31
CA ARG A 727 -34.58 -18.38 14.00
C ARG A 727 -35.57 -17.44 13.37
N ASP A 728 -35.64 -17.42 12.04
CA ASP A 728 -36.60 -16.57 11.37
C ASP A 728 -38.01 -16.88 11.84
N SER A 729 -38.33 -18.18 11.92
CA SER A 729 -39.65 -18.59 12.40
C SER A 729 -39.91 -18.04 13.79
N ALA A 730 -38.95 -18.21 14.68
CA ALA A 730 -39.16 -17.77 16.05
C ALA A 730 -39.36 -16.28 16.11
N GLY A 731 -38.49 -15.53 15.43
CA GLY A 731 -38.60 -14.10 15.46
C GLY A 731 -39.93 -13.65 14.91
N ARG A 732 -40.39 -14.32 13.86
CA ARG A 732 -41.66 -13.96 13.25
C ARG A 732 -42.79 -14.19 14.23
N SER A 733 -42.74 -15.31 14.96
CA SER A 733 -43.73 -15.54 15.99
C SER A 733 -43.75 -14.42 17.00
N ALA A 734 -42.58 -14.14 17.59
CA ALA A 734 -42.55 -13.11 18.63
C ALA A 734 -42.94 -11.74 18.10
N GLU A 735 -42.61 -11.44 16.86
CA GLU A 735 -42.92 -10.12 16.34
C GLU A 735 -44.42 -9.99 16.08
N MET A 736 -45.04 -11.04 15.55
CA MET A 736 -46.47 -10.98 15.30
C MET A 736 -47.25 -11.04 16.61
N ASN A 737 -46.62 -11.54 17.67
CA ASN A 737 -47.36 -11.80 18.89
C ASN A 737 -47.52 -10.57 19.77
N LEU A 738 -46.46 -9.80 19.95
CA LEU A 738 -46.49 -8.70 20.92
C LEU A 738 -47.61 -7.73 20.62
N LYS A 739 -48.12 -7.10 21.66
CA LYS A 739 -49.30 -6.27 21.59
C LYS A 739 -49.02 -5.01 20.80
N ASP A 740 -49.97 -4.08 20.81
CA ASP A 740 -49.83 -2.87 20.03
C ASP A 740 -49.17 -1.73 20.78
N LEU A 741 -49.69 -1.30 21.91
CA LEU A 741 -49.03 -0.18 22.58
C LEU A 741 -47.64 -0.54 23.08
N ASN A 742 -47.32 -1.83 23.14
CA ASN A 742 -45.95 -2.24 23.43
C ASN A 742 -44.98 -1.41 22.62
N ASN A 743 -43.82 -1.11 23.21
CA ASN A 743 -43.00 -0.04 22.65
C ASN A 743 -42.10 -0.52 21.53
N VAL A 744 -41.26 -1.54 21.79
CA VAL A 744 -40.37 -2.04 20.77
C VAL A 744 -41.10 -2.12 19.45
N LYS A 745 -42.30 -2.73 19.47
CA LYS A 745 -43.11 -2.74 18.28
C LYS A 745 -43.53 -1.35 17.85
N GLN A 746 -43.65 -0.41 18.78
CA GLN A 746 -44.02 0.91 18.31
C GLN A 746 -42.90 1.51 17.47
N MET A 747 -41.66 1.44 17.94
CA MET A 747 -40.62 2.07 17.15
C MET A 747 -40.33 1.32 15.87
N VAL A 748 -40.18 0.00 15.95
CA VAL A 748 -39.87 -0.72 14.73
C VAL A 748 -40.83 -0.35 13.64
N SER A 749 -42.13 -0.46 13.91
CA SER A 749 -43.14 -0.03 12.97
C SER A 749 -43.04 1.43 12.61
N ALA A 750 -42.52 2.26 13.49
CA ALA A 750 -42.19 3.61 13.08
C ALA A 750 -40.86 3.69 12.39
N GLY A 751 -40.04 2.66 12.54
CA GLY A 751 -38.80 2.64 11.81
C GLY A 751 -37.76 3.65 12.24
N SER A 752 -37.94 4.30 13.39
CA SER A 752 -36.90 5.21 13.86
C SER A 752 -35.58 4.50 14.05
N LYS A 753 -35.59 3.39 14.76
CA LYS A 753 -34.37 2.67 15.06
C LYS A 753 -34.75 1.19 15.04
N GLY A 754 -33.79 0.32 15.25
CA GLY A 754 -34.13 -1.07 15.46
C GLY A 754 -34.55 -1.74 14.17
N SER A 755 -34.99 -2.97 14.32
CA SER A 755 -35.36 -3.77 13.17
C SER A 755 -36.26 -4.91 13.61
N PHE A 756 -36.43 -5.87 12.72
CA PHE A 756 -36.96 -7.14 13.12
C PHE A 756 -35.92 -7.95 13.89
N ILE A 757 -34.76 -8.20 13.26
CA ILE A 757 -33.79 -9.10 13.86
C ILE A 757 -33.45 -8.66 15.27
N ASN A 758 -33.57 -7.36 15.55
CA ASN A 758 -33.52 -6.90 16.92
C ASN A 758 -34.47 -7.70 17.79
N ILE A 759 -35.76 -7.67 17.46
CA ILE A 759 -36.70 -8.32 18.35
C ILE A 759 -36.44 -9.80 18.39
N ALA A 760 -36.07 -10.39 17.26
CA ALA A 760 -35.81 -11.82 17.26
C ALA A 760 -34.71 -12.19 18.24
N GLN A 761 -33.78 -11.27 18.46
CA GLN A 761 -32.75 -11.58 19.44
C GLN A 761 -33.09 -11.11 20.85
N MET A 762 -33.62 -9.91 21.03
CA MET A 762 -33.90 -9.49 22.39
C MET A 762 -34.91 -10.43 23.03
N SER A 763 -35.79 -11.01 22.26
CA SER A 763 -36.81 -11.86 22.86
C SER A 763 -36.65 -13.33 22.55
N ALA A 764 -36.43 -13.70 21.29
CA ALA A 764 -36.63 -15.06 20.86
C ALA A 764 -35.36 -15.90 20.85
N CYS A 765 -34.38 -15.54 20.03
CA CYS A 765 -33.17 -16.34 19.95
C CYS A 765 -32.10 -15.59 19.19
N VAL A 766 -30.91 -16.19 19.12
CA VAL A 766 -29.80 -15.57 18.41
C VAL A 766 -29.31 -16.40 17.23
N GLY A 767 -29.35 -17.73 17.34
CA GLY A 767 -29.03 -18.58 16.22
C GLY A 767 -27.58 -19.02 16.21
N GLN A 768 -27.01 -19.04 15.00
CA GLN A 768 -25.64 -19.45 14.81
C GLN A 768 -24.75 -18.23 14.82
N GLN A 769 -23.46 -18.42 15.11
CA GLN A 769 -22.52 -17.32 15.04
C GLN A 769 -21.49 -17.53 13.94
N MET A 770 -21.08 -16.44 13.30
CA MET A 770 -20.34 -16.53 12.05
C MET A 770 -19.02 -15.78 12.11
N VAL A 771 -17.94 -16.53 11.85
CA VAL A 771 -16.58 -16.01 11.83
C VAL A 771 -16.03 -16.23 10.44
N GLU A 772 -16.07 -15.20 9.60
CA GLU A 772 -15.65 -15.31 8.20
C GLU A 772 -16.47 -16.36 7.46
N GLY A 773 -17.76 -16.10 7.33
CA GLY A 773 -18.62 -16.95 6.53
C GLY A 773 -18.89 -18.32 7.11
N LYS A 774 -17.88 -19.18 7.19
CA LYS A 774 -18.11 -20.55 7.64
C LYS A 774 -18.53 -20.54 9.10
N ARG A 775 -18.92 -21.70 9.59
CA ARG A 775 -19.24 -21.75 10.99
C ARG A 775 -17.96 -21.71 11.81
N ILE A 776 -18.15 -21.70 13.12
CA ILE A 776 -17.05 -21.61 14.05
C ILE A 776 -16.06 -22.74 13.83
N ALA A 777 -14.80 -22.36 13.61
CA ALA A 777 -13.79 -23.33 13.31
C ALA A 777 -13.54 -24.23 14.49
N PHE A 778 -12.60 -25.14 14.32
CA PHE A 778 -12.05 -25.85 15.46
C PHE A 778 -10.70 -25.26 15.82
N GLY A 779 -10.68 -24.30 16.75
CA GLY A 779 -9.41 -23.86 17.27
C GLY A 779 -8.59 -25.01 17.79
N PHE A 780 -9.07 -25.68 18.82
CA PHE A 780 -8.48 -26.90 19.31
C PHE A 780 -8.62 -27.97 18.24
N ALA A 781 -8.25 -29.20 18.57
CA ALA A 781 -8.36 -30.30 17.63
C ALA A 781 -9.72 -30.97 17.74
N ASP A 782 -10.54 -30.85 16.69
CA ASP A 782 -11.79 -31.56 16.50
C ASP A 782 -12.90 -31.08 17.42
N ARG A 783 -12.95 -29.79 17.74
CA ARG A 783 -13.97 -29.23 18.60
C ARG A 783 -13.65 -27.76 18.76
N SER A 784 -14.62 -27.00 19.23
CA SER A 784 -14.36 -25.59 19.44
C SER A 784 -13.82 -25.31 20.82
N LEU A 785 -14.07 -26.19 21.78
CA LEU A 785 -13.68 -25.89 23.16
C LEU A 785 -13.19 -27.12 23.89
N PRO A 786 -12.67 -26.99 25.06
CA PRO A 786 -12.36 -28.20 25.81
C PRO A 786 -13.56 -28.70 26.55
N HIS A 787 -14.72 -28.17 26.22
CA HIS A 787 -15.95 -28.54 26.90
C HIS A 787 -16.74 -29.61 26.18
N PHE A 788 -16.67 -29.70 24.86
CA PHE A 788 -17.41 -30.72 24.15
C PHE A 788 -16.43 -31.79 23.71
N THR A 789 -16.92 -32.92 23.25
CA THR A 789 -15.99 -33.92 22.78
C THR A 789 -15.67 -33.66 21.32
N LYS A 790 -15.10 -34.66 20.65
CA LYS A 790 -14.69 -34.50 19.27
C LYS A 790 -15.79 -34.93 18.30
N ASP A 791 -15.86 -34.24 17.17
CA ASP A 791 -16.81 -34.58 16.10
C ASP A 791 -18.26 -34.46 16.57
N ASP A 792 -18.61 -33.30 17.10
CA ASP A 792 -19.96 -33.02 17.56
C ASP A 792 -20.47 -31.81 16.79
N PHE A 793 -21.06 -32.06 15.62
CA PHE A 793 -21.49 -31.01 14.72
C PHE A 793 -22.83 -30.40 15.10
N SER A 794 -23.55 -31.02 16.02
CA SER A 794 -24.88 -30.53 16.36
C SER A 794 -24.76 -29.12 16.92
N PRO A 795 -25.73 -28.28 16.65
CA PRO A 795 -25.48 -26.85 16.64
C PRO A 795 -25.07 -26.29 17.98
N GLU A 796 -25.33 -26.98 19.08
CA GLU A 796 -24.94 -26.39 20.35
C GLU A 796 -23.43 -26.23 20.45
N SER A 797 -22.66 -27.11 19.81
CA SER A 797 -21.21 -27.08 19.93
C SER A 797 -20.61 -25.97 19.09
N LYS A 798 -20.79 -26.05 17.78
CA LYS A 798 -20.22 -25.07 16.89
C LYS A 798 -21.06 -23.82 16.83
N GLY A 799 -21.81 -23.58 17.90
CA GLY A 799 -22.22 -22.23 18.15
C GLY A 799 -23.61 -21.89 17.71
N PHE A 800 -24.60 -22.61 18.21
CA PHE A 800 -25.99 -22.23 18.02
C PHE A 800 -26.44 -21.48 19.25
N VAL A 801 -26.32 -20.16 19.21
CA VAL A 801 -26.62 -19.36 20.40
C VAL A 801 -28.11 -19.46 20.63
N GLU A 802 -28.47 -20.37 21.54
CA GLU A 802 -29.84 -20.85 21.65
C GLU A 802 -30.75 -19.87 22.35
N ASN A 803 -30.30 -19.33 23.47
CA ASN A 803 -31.10 -18.51 24.34
C ASN A 803 -31.42 -17.20 23.67
N SER A 804 -32.22 -16.39 24.33
CA SER A 804 -32.24 -15.01 23.91
C SER A 804 -31.72 -14.18 25.07
N TYR A 805 -31.23 -12.98 24.76
CA TYR A 805 -30.52 -12.26 25.80
C TYR A 805 -31.35 -12.18 27.06
N LEU A 806 -32.62 -11.86 26.92
CA LEU A 806 -33.42 -11.60 28.10
C LEU A 806 -33.33 -12.75 29.09
N ARG A 807 -32.91 -13.93 28.64
CA ARG A 807 -32.52 -14.98 29.59
C ARG A 807 -31.06 -14.92 29.94
N GLY A 808 -30.23 -14.42 29.06
CA GLY A 808 -28.83 -14.45 29.40
C GLY A 808 -28.16 -15.72 28.97
N LEU A 809 -27.07 -15.58 28.25
CA LEU A 809 -26.40 -16.68 27.60
C LEU A 809 -25.77 -17.62 28.60
N THR A 810 -25.39 -18.80 28.14
CA THR A 810 -24.59 -19.68 28.96
C THR A 810 -23.16 -19.16 28.99
N PRO A 811 -22.20 -19.94 29.50
CA PRO A 811 -20.80 -19.63 29.18
C PRO A 811 -20.43 -19.78 27.72
N GLN A 812 -20.40 -21.01 27.20
CA GLN A 812 -19.86 -21.20 25.86
C GLN A 812 -20.50 -20.25 24.88
N GLU A 813 -21.80 -20.09 24.97
CA GLU A 813 -22.42 -19.20 24.03
C GLU A 813 -21.89 -17.79 24.23
N PHE A 814 -21.64 -17.37 25.46
CA PHE A 814 -21.10 -16.04 25.61
C PHE A 814 -19.76 -15.91 24.92
N PHE A 815 -18.90 -16.91 25.08
CA PHE A 815 -17.59 -16.76 24.47
C PHE A 815 -17.70 -16.71 22.94
N PHE A 816 -18.52 -17.58 22.37
CA PHE A 816 -18.70 -17.54 20.91
C PHE A 816 -19.21 -16.20 20.47
N HIS A 817 -20.25 -15.71 21.10
CA HIS A 817 -20.79 -14.44 20.68
C HIS A 817 -19.75 -13.35 20.80
N ALA A 818 -18.85 -13.47 21.77
CA ALA A 818 -17.76 -12.52 21.85
C ALA A 818 -16.85 -12.64 20.65
N MET A 819 -16.58 -13.86 20.21
CA MET A 819 -15.78 -13.98 19.00
C MET A 819 -16.43 -13.28 17.83
N ALA A 820 -17.72 -13.45 17.68
CA ALA A 820 -18.40 -12.83 16.55
C ALA A 820 -18.29 -11.33 16.61
N GLY A 821 -18.61 -10.75 17.77
CA GLY A 821 -18.41 -9.32 17.90
C GLY A 821 -16.99 -8.91 17.63
N ARG A 822 -16.03 -9.75 17.98
CA ARG A 822 -14.64 -9.40 17.72
C ARG A 822 -14.41 -9.28 16.22
N GLU A 823 -14.95 -10.22 15.46
CA GLU A 823 -14.85 -10.08 14.01
C GLU A 823 -15.48 -8.78 13.58
N GLY A 824 -16.61 -8.44 14.16
CA GLY A 824 -17.25 -7.18 13.80
C GLY A 824 -16.34 -5.99 13.99
N LEU A 825 -15.65 -5.96 15.13
CA LEU A 825 -14.75 -4.84 15.41
C LEU A 825 -13.54 -4.83 14.49
N ILE A 826 -12.83 -5.96 14.39
CA ILE A 826 -11.72 -6.04 13.46
C ILE A 826 -12.13 -5.49 12.12
N ASP A 827 -13.29 -5.91 11.66
CA ASP A 827 -13.82 -5.47 10.37
C ASP A 827 -13.97 -3.96 10.34
N THR A 828 -14.64 -3.43 11.34
CA THR A 828 -14.89 -2.00 11.35
C THR A 828 -13.62 -1.18 11.43
N ALA A 829 -12.58 -1.70 12.04
CA ALA A 829 -11.34 -0.95 12.22
C ALA A 829 -10.35 -1.17 11.08
N VAL A 830 -10.58 -2.15 10.22
CA VAL A 830 -9.68 -2.45 9.11
C VAL A 830 -10.25 -1.99 7.77
N LYS A 831 -11.44 -2.46 7.40
CA LYS A 831 -11.93 -2.13 6.06
C LYS A 831 -11.95 -0.64 5.79
N THR A 832 -12.17 0.16 6.82
CA THR A 832 -12.12 1.59 6.65
C THR A 832 -10.83 2.07 6.00
N ALA A 833 -9.72 1.40 6.25
CA ALA A 833 -8.46 1.79 5.63
C ALA A 833 -8.56 1.74 4.12
N GLU A 834 -8.96 0.59 3.61
CA GLU A 834 -9.08 0.43 2.18
C GLU A 834 -10.11 1.40 1.63
N THR A 835 -11.17 1.69 2.38
CA THR A 835 -12.15 2.63 1.85
C THR A 835 -11.57 4.03 1.71
N GLY A 836 -10.82 4.48 2.71
CA GLY A 836 -10.17 5.77 2.58
C GLY A 836 -9.24 5.81 1.38
N TYR A 837 -8.43 4.78 1.21
CA TYR A 837 -7.54 4.75 0.07
C TYR A 837 -8.30 4.87 -1.22
N ILE A 838 -9.35 4.08 -1.35
CA ILE A 838 -10.09 4.04 -2.61
C ILE A 838 -10.70 5.39 -2.89
N GLN A 839 -11.31 6.01 -1.89
CA GLN A 839 -11.88 7.31 -2.19
C GLN A 839 -10.81 8.29 -2.60
N ARG A 840 -9.64 8.22 -1.98
CA ARG A 840 -8.59 9.15 -2.38
C ARG A 840 -8.25 8.97 -3.86
N ARG A 841 -8.01 7.73 -4.27
CA ARG A 841 -7.71 7.52 -5.68
C ARG A 841 -8.80 8.03 -6.57
N LEU A 842 -10.04 7.61 -6.29
CA LEU A 842 -11.12 7.94 -7.20
C LEU A 842 -11.21 9.44 -7.37
N VAL A 843 -11.01 10.19 -6.30
CA VAL A 843 -11.11 11.63 -6.47
C VAL A 843 -9.96 12.15 -7.28
N LYS A 844 -8.73 11.74 -6.95
CA LYS A 844 -7.61 12.33 -7.67
C LYS A 844 -7.64 12.04 -9.16
N ALA A 845 -8.02 10.84 -9.57
CA ALA A 845 -8.05 10.55 -10.99
C ALA A 845 -9.09 11.41 -11.70
N LEU A 846 -10.12 11.81 -10.98
CA LEU A 846 -11.19 12.60 -11.55
C LEU A 846 -11.10 14.06 -11.18
N GLU A 847 -10.11 14.44 -10.43
CA GLU A 847 -10.41 15.64 -9.67
C GLU A 847 -10.62 16.86 -10.51
N ASP A 848 -10.72 16.86 -11.83
CA ASP A 848 -10.88 18.09 -12.59
C ASP A 848 -12.02 18.10 -13.59
N ILE A 849 -12.59 16.95 -13.94
CA ILE A 849 -13.51 16.85 -15.07
C ILE A 849 -14.66 17.81 -14.92
N MET A 850 -14.91 18.60 -15.96
CA MET A 850 -15.74 19.77 -15.86
C MET A 850 -16.63 19.93 -17.08
N VAL A 851 -17.90 20.18 -16.84
CA VAL A 851 -18.89 20.39 -17.89
C VAL A 851 -18.72 21.78 -18.49
N HIS A 852 -18.06 21.88 -19.63
CA HIS A 852 -17.90 23.18 -20.25
C HIS A 852 -19.21 23.62 -20.85
N TYR A 853 -19.24 24.82 -21.41
CA TYR A 853 -20.50 25.39 -21.88
C TYR A 853 -21.00 24.76 -23.12
N ASP A 854 -20.36 23.68 -23.58
CA ASP A 854 -20.86 22.92 -24.71
C ASP A 854 -21.56 21.67 -24.23
N GLY A 855 -21.87 21.62 -22.95
CA GLY A 855 -22.49 20.45 -22.42
C GLY A 855 -21.73 19.18 -22.65
N THR A 856 -20.41 19.25 -22.83
CA THR A 856 -19.65 18.02 -22.93
C THR A 856 -18.80 17.83 -21.69
N THR A 857 -17.98 16.80 -21.70
CA THR A 857 -17.27 16.40 -20.50
C THR A 857 -15.79 16.36 -20.82
N ARG A 858 -15.13 17.51 -20.75
CA ARG A 858 -13.74 17.55 -21.15
C ARG A 858 -12.86 17.64 -19.93
N ASN A 859 -11.90 16.74 -19.83
CA ASN A 859 -11.04 16.76 -18.67
C ASN A 859 -10.02 17.89 -18.83
N SER A 860 -8.91 17.80 -18.11
CA SER A 860 -7.91 18.88 -18.09
C SER A 860 -7.68 19.49 -19.46
N LEU A 861 -7.28 18.66 -20.43
CA LEU A 861 -7.04 19.16 -21.77
C LEU A 861 -8.32 19.37 -22.54
N GLY A 862 -9.11 18.32 -22.64
CA GLY A 862 -10.10 18.21 -23.67
C GLY A 862 -10.26 16.83 -24.26
N ASP A 863 -9.57 15.82 -23.73
CA ASP A 863 -9.88 14.46 -24.19
C ASP A 863 -11.29 14.16 -23.72
N ILE A 864 -12.26 14.46 -24.57
CA ILE A 864 -13.65 14.46 -24.16
C ILE A 864 -14.04 13.08 -23.68
N ILE A 865 -14.94 13.01 -22.71
CA ILE A 865 -15.28 11.75 -22.08
C ILE A 865 -16.76 11.39 -22.24
N GLN A 866 -17.61 12.39 -22.40
CA GLN A 866 -19.01 12.15 -22.75
C GLN A 866 -19.50 13.33 -23.55
N PHE A 867 -19.98 13.07 -24.78
CA PHE A 867 -20.36 14.17 -25.64
C PHE A 867 -21.57 14.91 -25.12
N LEU A 868 -22.33 14.31 -24.23
CA LEU A 868 -23.39 15.06 -23.58
C LEU A 868 -23.61 14.52 -22.18
N TYR A 869 -23.44 15.38 -21.19
CA TYR A 869 -23.17 14.94 -19.83
C TYR A 869 -24.07 13.81 -19.42
N GLY A 870 -23.52 12.61 -19.32
CA GLY A 870 -24.37 11.50 -18.98
C GLY A 870 -25.49 11.28 -19.97
N GLU A 871 -25.25 11.57 -21.22
CA GLU A 871 -26.14 11.18 -22.30
C GLU A 871 -27.45 11.94 -22.26
N ASP A 872 -27.58 12.93 -21.37
CA ASP A 872 -28.86 13.63 -21.30
C ASP A 872 -28.78 15.14 -21.33
N GLY A 873 -27.96 15.77 -20.51
CA GLY A 873 -28.11 17.18 -20.21
C GLY A 873 -28.93 17.44 -18.99
N LEU A 874 -29.48 16.41 -18.37
CA LEU A 874 -30.29 16.53 -17.17
C LEU A 874 -29.40 16.43 -15.95
N ASP A 875 -29.43 17.46 -15.13
CA ASP A 875 -28.76 17.40 -13.84
C ASP A 875 -29.27 16.22 -13.04
N GLY A 876 -28.39 15.64 -12.22
CA GLY A 876 -28.76 14.49 -11.42
C GLY A 876 -29.64 14.81 -10.22
N THR A 877 -29.94 16.07 -9.99
CA THR A 877 -30.77 16.34 -8.83
C THR A 877 -32.10 16.96 -9.17
N GLN A 878 -32.63 16.69 -10.36
CA GLN A 878 -33.94 17.21 -10.71
C GLN A 878 -34.83 16.16 -11.30
N VAL A 879 -34.74 14.92 -10.85
CA VAL A 879 -35.40 13.82 -11.52
C VAL A 879 -36.22 13.03 -10.52
N GLU A 880 -37.06 12.12 -11.03
CA GLU A 880 -37.88 11.24 -10.22
C GLU A 880 -38.00 9.91 -10.92
N ARG A 881 -38.34 8.85 -10.17
CA ARG A 881 -38.67 7.60 -10.84
C ARG A 881 -40.11 7.61 -11.30
N GLN A 882 -40.31 7.60 -12.61
CA GLN A 882 -41.65 7.64 -13.14
C GLN A 882 -41.91 6.43 -14.00
N THR A 883 -43.18 6.22 -14.27
CA THR A 883 -43.65 5.05 -15.00
C THR A 883 -43.86 5.46 -16.43
N ILE A 884 -43.03 4.96 -17.33
CA ILE A 884 -43.28 5.15 -18.75
C ILE A 884 -44.47 4.28 -19.08
N ASP A 885 -45.48 4.84 -19.74
CA ASP A 885 -46.75 4.15 -19.92
C ASP A 885 -46.73 3.12 -21.02
N THR A 886 -46.29 3.48 -22.20
CA THR A 886 -46.55 2.67 -23.37
C THR A 886 -45.67 1.45 -23.44
N ILE A 887 -44.94 1.13 -22.39
CA ILE A 887 -44.08 -0.04 -22.44
C ILE A 887 -44.83 -1.34 -22.16
N PRO A 888 -45.56 -1.47 -21.06
CA PRO A 888 -46.21 -2.75 -20.78
C PRO A 888 -47.59 -2.80 -21.42
N GLY A 889 -48.36 -3.80 -21.01
CA GLY A 889 -49.75 -3.92 -21.41
C GLY A 889 -49.91 -4.59 -22.75
N SER A 890 -50.95 -5.42 -22.83
CA SER A 890 -51.20 -6.15 -24.06
C SER A 890 -51.72 -5.20 -25.13
N ASP A 891 -51.60 -5.64 -26.37
CA ASP A 891 -51.93 -4.79 -27.49
C ASP A 891 -53.38 -4.34 -27.43
N LYS A 892 -54.24 -5.17 -26.87
CA LYS A 892 -55.63 -4.75 -26.70
C LYS A 892 -55.71 -3.51 -25.83
N ALA A 893 -55.34 -3.65 -24.55
CA ALA A 893 -55.43 -2.52 -23.64
C ALA A 893 -54.74 -1.30 -24.23
N PHE A 894 -53.65 -1.52 -24.95
CA PHE A 894 -53.01 -0.44 -25.66
C PHE A 894 -53.99 0.25 -26.57
N HIS A 895 -54.45 -0.45 -27.59
CA HIS A 895 -55.39 0.10 -28.54
C HIS A 895 -56.63 0.65 -27.89
N LYS A 896 -56.89 0.26 -26.65
CA LYS A 896 -58.10 0.68 -25.99
C LYS A 896 -57.93 2.02 -25.31
N ARG A 897 -56.83 2.21 -24.61
CA ARG A 897 -56.67 3.49 -23.94
C ARG A 897 -56.33 4.56 -24.95
N TYR A 898 -55.63 4.21 -26.01
CA TYR A 898 -54.99 5.22 -26.84
C TYR A 898 -55.74 5.54 -28.13
N TYR A 899 -56.42 4.57 -28.73
CA TYR A 899 -56.88 4.72 -30.10
C TYR A 899 -58.15 5.55 -30.16
N VAL A 900 -58.07 6.71 -30.73
CA VAL A 900 -59.25 7.52 -30.91
C VAL A 900 -60.04 6.94 -32.07
N ASP A 901 -61.29 7.38 -32.23
CA ASP A 901 -61.96 7.24 -33.52
C ASP A 901 -62.89 8.42 -33.68
N LEU A 902 -63.11 8.80 -34.92
CA LEU A 902 -64.07 9.84 -35.27
C LEU A 902 -65.21 9.29 -36.10
N MET A 903 -65.17 8.01 -36.43
CA MET A 903 -66.17 7.43 -37.32
C MET A 903 -67.19 6.60 -36.57
N ASP A 904 -66.79 5.44 -36.06
CA ASP A 904 -67.70 4.68 -35.22
C ASP A 904 -68.07 5.56 -34.03
N GLU A 905 -69.37 5.68 -33.75
CA GLU A 905 -69.80 6.66 -32.75
C GLU A 905 -69.30 6.29 -31.37
N LYS A 906 -69.10 5.00 -31.09
CA LYS A 906 -68.73 4.61 -29.75
C LYS A 906 -67.30 4.98 -29.41
N ASN A 907 -66.37 4.76 -30.34
CA ASN A 907 -64.95 4.96 -30.07
C ASN A 907 -64.55 6.42 -30.15
N SER A 908 -65.39 7.33 -29.67
CA SER A 908 -65.17 8.74 -29.88
C SER A 908 -64.89 9.46 -28.57
N ILE A 909 -64.85 10.78 -28.64
CA ILE A 909 -65.11 11.61 -27.47
C ILE A 909 -66.55 11.43 -27.06
N LYS A 910 -66.77 11.06 -25.82
CA LYS A 910 -68.10 10.98 -25.26
C LYS A 910 -68.70 12.38 -25.11
N PRO A 911 -70.02 12.53 -25.08
CA PRO A 911 -70.61 13.86 -25.21
C PRO A 911 -70.44 14.76 -24.01
N ASP A 912 -70.58 14.25 -22.79
CA ASP A 912 -70.71 15.12 -21.63
C ASP A 912 -69.39 15.74 -21.22
N VAL A 913 -68.30 15.42 -21.91
CA VAL A 913 -66.98 15.92 -21.51
C VAL A 913 -66.53 17.10 -22.35
N ILE A 914 -67.07 17.29 -23.54
CA ILE A 914 -66.71 18.45 -24.35
C ILE A 914 -67.97 19.22 -24.71
N GLU A 915 -67.76 20.46 -25.15
CA GLU A 915 -68.86 21.33 -25.56
C GLU A 915 -69.35 20.99 -26.95
N TYR A 916 -68.44 20.87 -27.90
CA TYR A 916 -68.73 20.80 -29.33
C TYR A 916 -68.93 19.39 -29.84
N ALA A 917 -69.30 18.44 -28.97
CA ALA A 917 -69.42 17.03 -29.35
C ALA A 917 -70.26 16.81 -30.60
N ALA A 918 -70.92 17.85 -31.11
CA ALA A 918 -71.69 17.72 -32.34
C ALA A 918 -70.79 17.81 -33.58
N ASP A 919 -69.82 18.71 -33.57
CA ASP A 919 -69.07 19.05 -34.78
C ASP A 919 -68.01 18.01 -35.11
N ILE A 920 -68.13 16.79 -34.62
CA ILE A 920 -66.97 15.91 -34.68
C ILE A 920 -67.22 14.64 -35.48
N LEU A 921 -68.10 13.78 -34.99
CA LEU A 921 -68.05 12.38 -35.37
C LEU A 921 -68.24 12.26 -36.88
N GLY A 922 -67.12 12.18 -37.60
CA GLY A 922 -67.13 12.03 -39.03
C GLY A 922 -66.07 12.79 -39.81
N ASP A 923 -65.38 13.76 -39.20
CA ASP A 923 -64.37 14.50 -39.97
C ASP A 923 -63.27 13.55 -40.41
N VAL A 924 -62.60 13.89 -41.51
CA VAL A 924 -61.40 13.15 -41.89
C VAL A 924 -60.12 13.93 -41.60
N GLU A 925 -60.12 15.24 -41.79
CA GLU A 925 -58.92 16.03 -41.49
C GLU A 925 -58.49 15.84 -40.05
N LEU A 926 -59.42 15.54 -39.19
CA LEU A 926 -59.15 15.23 -37.79
C LEU A 926 -58.69 13.79 -37.62
N GLN A 927 -59.31 12.88 -38.36
CA GLN A 927 -58.90 11.49 -38.34
C GLN A 927 -57.47 11.31 -38.80
N LYS A 928 -56.98 12.16 -39.68
CA LYS A 928 -55.60 12.01 -40.15
C LYS A 928 -54.59 12.48 -39.12
N GLU A 929 -54.86 13.61 -38.47
CA GLU A 929 -54.15 13.92 -37.25
C GLU A 929 -54.01 12.68 -36.40
N LEU A 930 -55.14 12.04 -36.12
CA LEU A 930 -55.11 10.94 -35.18
C LEU A 930 -54.40 9.72 -35.73
N ASN A 931 -54.48 9.46 -37.02
CA ASN A 931 -53.75 8.32 -37.56
C ASN A 931 -52.25 8.56 -37.43
N SER A 932 -51.82 9.79 -37.70
CA SER A 932 -50.42 10.15 -37.48
C SER A 932 -50.02 9.91 -36.03
N GLU A 933 -50.80 10.45 -35.10
CA GLU A 933 -50.38 10.40 -33.71
C GLU A 933 -50.42 8.98 -33.17
N TYR A 934 -51.34 8.16 -33.66
CA TYR A 934 -51.35 6.78 -33.24
C TYR A 934 -50.14 6.04 -33.78
N GLU A 935 -49.78 6.24 -35.05
CA GLU A 935 -48.55 5.56 -35.45
C GLU A 935 -47.36 6.09 -34.69
N GLN A 936 -47.41 7.36 -34.29
CA GLN A 936 -46.33 7.90 -33.48
C GLN A 936 -46.16 7.05 -32.23
N LEU A 937 -47.27 6.83 -31.54
CA LEU A 937 -47.18 5.91 -30.42
C LEU A 937 -46.74 4.53 -30.84
N VAL A 938 -47.12 4.10 -32.04
CA VAL A 938 -46.70 2.78 -32.46
C VAL A 938 -45.19 2.68 -32.47
N SER A 939 -44.56 3.64 -33.11
CA SER A 939 -43.10 3.64 -33.20
C SER A 939 -42.48 3.70 -31.82
N ASP A 940 -42.99 4.59 -30.96
CA ASP A 940 -42.41 4.64 -29.62
C ASP A 940 -42.52 3.30 -28.93
N ARG A 941 -43.62 2.59 -29.11
CA ARG A 941 -43.72 1.31 -28.42
C ARG A 941 -42.72 0.33 -28.98
N LYS A 942 -42.63 0.24 -30.30
CA LYS A 942 -41.68 -0.66 -30.90
C LYS A 942 -40.25 -0.31 -30.47
N PHE A 943 -39.96 0.98 -30.43
CA PHE A 943 -38.68 1.49 -29.98
C PHE A 943 -38.37 1.03 -28.57
N LEU A 944 -39.13 1.51 -27.59
CA LEU A 944 -38.87 1.09 -26.22
C LEU A 944 -39.04 -0.38 -26.03
N ARG A 945 -39.53 -1.09 -27.02
CA ARG A 945 -39.77 -2.48 -26.73
C ARG A 945 -38.71 -3.39 -27.34
N GLU A 946 -38.02 -2.94 -28.39
CA GLU A 946 -37.02 -3.76 -29.04
C GLU A 946 -35.59 -3.27 -28.83
N ILE A 947 -35.35 -1.97 -28.94
CA ILE A 947 -34.02 -1.42 -28.79
C ILE A 947 -33.61 -1.36 -27.33
N VAL A 948 -34.36 -0.63 -26.52
CA VAL A 948 -33.81 -0.09 -25.29
C VAL A 948 -34.12 -0.97 -24.08
N PHE A 949 -35.34 -0.89 -23.56
CA PHE A 949 -35.65 -1.57 -22.31
C PHE A 949 -36.06 -2.98 -22.70
N VAL A 950 -35.06 -3.84 -22.89
CA VAL A 950 -35.30 -5.10 -23.57
C VAL A 950 -36.31 -5.95 -22.83
N ASN A 951 -36.15 -6.09 -21.52
CA ASN A 951 -37.09 -6.94 -20.79
C ASN A 951 -38.21 -6.16 -20.13
N GLY A 952 -38.40 -4.89 -20.49
CA GLY A 952 -39.66 -4.23 -20.26
C GLY A 952 -39.85 -3.55 -18.92
N ASP A 953 -38.84 -3.54 -18.06
CA ASP A 953 -38.97 -2.88 -16.76
C ASP A 953 -39.33 -1.43 -16.99
N HIS A 954 -40.55 -1.06 -16.65
CA HIS A 954 -41.15 0.12 -17.23
C HIS A 954 -41.07 1.35 -16.35
N ASN A 955 -40.23 1.36 -15.33
CA ASN A 955 -40.10 2.50 -14.44
C ASN A 955 -38.66 3.01 -14.47
N TRP A 956 -38.47 4.29 -14.74
CA TRP A 956 -37.09 4.78 -14.81
C TRP A 956 -37.00 6.21 -14.32
N PRO A 957 -35.83 6.66 -13.91
CA PRO A 957 -35.65 8.05 -13.50
C PRO A 957 -35.70 8.94 -14.72
N LEU A 958 -36.27 10.14 -14.54
CA LEU A 958 -36.60 11.04 -15.62
C LEU A 958 -36.80 12.45 -15.08
N PRO A 959 -36.78 13.43 -15.94
CA PRO A 959 -37.03 14.82 -15.53
C PRO A 959 -38.48 15.09 -15.23
N VAL A 960 -38.82 16.37 -15.31
CA VAL A 960 -39.97 17.01 -14.69
C VAL A 960 -41.19 16.11 -14.64
N ASN A 961 -41.83 16.02 -13.48
CA ASN A 961 -42.81 14.99 -13.25
C ASN A 961 -44.14 15.43 -13.83
N LEU A 962 -44.68 14.63 -14.75
CA LEU A 962 -45.93 15.04 -15.34
C LEU A 962 -47.07 14.91 -14.35
N ARG A 963 -47.42 13.67 -14.02
CA ARG A 963 -48.58 13.39 -13.15
C ARG A 963 -48.75 14.44 -12.07
N ARG A 964 -47.66 14.84 -11.41
CA ARG A 964 -47.82 15.80 -10.34
C ARG A 964 -48.22 17.16 -10.88
N ILE A 965 -47.54 17.62 -11.93
CA ILE A 965 -47.94 18.88 -12.53
C ILE A 965 -49.38 18.80 -12.99
N ILE A 966 -49.77 17.67 -13.59
CA ILE A 966 -51.14 17.56 -14.07
C ILE A 966 -52.12 17.65 -12.94
N GLN A 967 -51.83 17.00 -11.82
CA GLN A 967 -52.83 17.04 -10.76
C GLN A 967 -52.87 18.39 -10.05
N ASN A 968 -51.75 19.10 -9.97
CA ASN A 968 -51.86 20.52 -9.62
C ASN A 968 -52.73 21.27 -10.60
N ALA A 969 -52.57 21.00 -11.89
CA ALA A 969 -53.46 21.61 -12.87
C ALA A 969 -54.91 21.32 -12.53
N GLN A 970 -55.23 20.05 -12.30
CA GLN A 970 -56.59 19.67 -11.93
C GLN A 970 -57.08 20.55 -10.80
N GLN A 971 -56.29 20.63 -9.74
CA GLN A 971 -56.77 21.29 -8.54
C GLN A 971 -56.94 22.78 -8.71
N ILE A 972 -55.98 23.48 -9.33
CA ILE A 972 -56.14 24.93 -9.38
C ILE A 972 -57.44 25.30 -10.07
N PHE A 973 -57.63 24.84 -11.29
CA PHE A 973 -58.80 25.24 -12.05
C PHE A 973 -60.00 24.34 -11.81
N HIS A 974 -59.97 23.56 -10.74
CA HIS A 974 -61.15 22.87 -10.22
C HIS A 974 -61.74 21.91 -11.23
N LEU A 975 -60.92 21.43 -12.16
CA LEU A 975 -61.47 20.71 -13.31
C LEU A 975 -61.88 19.30 -12.92
N ASP A 976 -62.62 19.24 -11.82
CA ASP A 976 -63.53 18.16 -11.50
C ASP A 976 -64.93 18.55 -11.94
N ARG A 977 -65.94 17.87 -11.42
CA ARG A 977 -67.37 18.10 -11.64
C ARG A 977 -67.77 17.88 -13.09
N ALA A 978 -66.96 17.10 -13.82
CA ALA A 978 -67.31 16.55 -15.14
C ALA A 978 -67.99 17.60 -16.02
N LYS A 979 -67.32 18.72 -16.19
CA LYS A 979 -67.95 19.81 -16.92
C LYS A 979 -67.48 19.72 -18.37
N ALA A 980 -68.39 19.98 -19.30
CA ALA A 980 -68.06 19.86 -20.71
C ALA A 980 -66.93 20.81 -21.08
N SER A 981 -65.92 20.27 -21.75
CA SER A 981 -64.69 21.01 -22.02
C SER A 981 -64.69 21.56 -23.44
N ASP A 982 -64.12 22.76 -23.60
CA ASP A 982 -64.03 23.40 -24.89
C ASP A 982 -62.73 23.07 -25.62
N LEU A 983 -62.25 21.84 -25.48
CA LEU A 983 -60.91 21.47 -25.91
C LEU A 983 -60.98 20.85 -27.29
N THR A 984 -60.47 21.57 -28.29
CA THR A 984 -60.56 21.08 -29.66
C THR A 984 -59.32 20.27 -30.01
N ILE A 985 -59.55 19.07 -30.54
CA ILE A 985 -58.45 18.12 -30.71
C ILE A 985 -57.24 18.69 -31.44
N PRO A 986 -57.39 19.49 -32.49
CA PRO A 986 -56.18 20.08 -33.08
C PRO A 986 -55.42 20.95 -32.12
N GLU A 987 -56.08 21.63 -31.17
CA GLU A 987 -55.32 22.31 -30.12
C GLU A 987 -54.36 21.37 -29.43
N ILE A 988 -54.86 20.23 -28.94
CA ILE A 988 -54.01 19.24 -28.30
C ILE A 988 -52.85 18.88 -29.21
N ILE A 989 -53.14 18.41 -30.41
CA ILE A 989 -52.07 17.78 -31.16
C ILE A 989 -51.06 18.81 -31.64
N HIS A 990 -51.54 19.98 -32.03
CA HIS A 990 -50.60 21.02 -32.38
C HIS A 990 -49.79 21.50 -31.18
N GLY A 991 -50.41 21.61 -30.01
CA GLY A 991 -49.63 22.01 -28.85
C GLY A 991 -48.53 21.02 -28.56
N VAL A 992 -48.87 19.74 -28.54
CA VAL A 992 -47.86 18.75 -28.22
C VAL A 992 -46.78 18.74 -29.28
N ARG A 993 -47.15 18.98 -30.53
CA ARG A 993 -46.12 18.94 -31.56
C ARG A 993 -45.25 20.18 -31.52
N ASP A 994 -45.79 21.31 -31.14
CA ASP A 994 -44.96 22.48 -30.92
C ASP A 994 -44.19 22.41 -29.63
N LEU A 995 -44.49 21.45 -28.77
CA LEU A 995 -43.73 21.41 -27.53
C LEU A 995 -42.32 20.90 -27.79
N CYS A 996 -42.20 19.71 -28.40
CA CYS A 996 -40.88 19.13 -28.65
C CYS A 996 -40.05 19.95 -29.63
N LYS A 997 -40.49 21.16 -29.96
CA LYS A 997 -39.62 22.20 -30.52
C LYS A 997 -39.10 23.14 -29.44
N LYS A 998 -39.23 22.79 -28.17
CA LYS A 998 -38.82 23.69 -27.09
C LYS A 998 -38.21 22.96 -25.91
N LEU A 999 -37.68 21.76 -26.10
CA LEU A 999 -36.90 21.08 -25.07
C LEU A 999 -35.42 21.14 -25.42
N PHE A 1000 -34.89 22.36 -25.36
CA PHE A 1000 -33.55 22.63 -25.83
C PHE A 1000 -32.51 22.13 -24.86
N VAL A 1001 -31.74 21.13 -25.26
CA VAL A 1001 -30.58 20.76 -24.47
C VAL A 1001 -29.35 21.39 -25.10
N LEU A 1002 -29.24 21.32 -26.42
CA LEU A 1002 -28.07 21.79 -27.15
C LEU A 1002 -28.53 22.73 -28.26
N ARG A 1003 -28.29 24.03 -28.10
CA ARG A 1003 -28.83 24.99 -29.05
C ARG A 1003 -27.94 25.08 -30.28
N GLY A 1004 -28.38 25.89 -31.23
CA GLY A 1004 -27.69 26.06 -32.50
C GLY A 1004 -28.46 25.39 -33.63
N GLU A 1005 -27.98 25.64 -34.85
CA GLU A 1005 -28.69 25.07 -35.99
C GLU A 1005 -27.77 24.30 -36.93
N ASN A 1006 -26.50 24.22 -36.61
CA ASN A 1006 -25.63 23.33 -37.35
C ASN A 1006 -26.19 21.92 -37.32
N GLU A 1007 -26.08 21.23 -38.44
CA GLU A 1007 -26.93 20.05 -38.65
C GLU A 1007 -26.66 18.98 -37.61
N LEU A 1008 -25.40 18.80 -37.22
CA LEU A 1008 -25.14 17.88 -36.13
C LEU A 1008 -25.76 18.33 -34.82
N ILE A 1009 -25.88 19.62 -34.56
CA ILE A 1009 -26.57 20.06 -33.36
C ILE A 1009 -27.97 19.46 -33.31
N LYS A 1010 -28.71 19.57 -34.41
CA LYS A 1010 -30.10 19.10 -34.36
C LYS A 1010 -30.16 17.60 -34.25
N GLU A 1011 -29.28 16.90 -34.96
CA GLU A 1011 -29.29 15.45 -34.79
C GLU A 1011 -29.02 15.08 -33.34
N ALA A 1012 -28.16 15.83 -32.66
CA ALA A 1012 -27.91 15.52 -31.27
C ALA A 1012 -29.09 15.85 -30.36
N GLN A 1013 -29.64 17.06 -30.49
CA GLN A 1013 -30.86 17.42 -29.78
C GLN A 1013 -31.82 16.26 -29.79
N GLN A 1014 -32.19 15.82 -31.00
CA GLN A 1014 -33.23 14.82 -31.13
C GLN A 1014 -32.74 13.44 -30.72
N ASN A 1015 -31.43 13.20 -30.76
CA ASN A 1015 -30.94 11.94 -30.22
C ASN A 1015 -31.10 11.89 -28.72
N ALA A 1016 -31.06 13.05 -28.08
CA ALA A 1016 -31.00 13.07 -26.62
C ALA A 1016 -32.34 12.74 -25.99
N THR A 1017 -33.34 13.58 -26.26
CA THR A 1017 -34.59 13.55 -25.51
C THR A 1017 -35.61 12.62 -26.13
N SER A 1018 -35.19 11.50 -26.73
CA SER A 1018 -36.20 10.56 -27.21
C SER A 1018 -36.96 9.94 -26.05
N LEU A 1019 -36.27 9.49 -25.02
CA LEU A 1019 -36.98 8.83 -23.94
C LEU A 1019 -37.93 9.78 -23.23
N PHE A 1020 -37.50 11.01 -22.99
CA PHE A 1020 -38.40 11.99 -22.37
C PHE A 1020 -39.53 12.42 -23.30
N GLN A 1021 -39.25 12.54 -24.60
CA GLN A 1021 -40.39 12.77 -25.48
C GLN A 1021 -41.36 11.62 -25.42
N CYS A 1022 -40.85 10.40 -25.27
CA CYS A 1022 -41.73 9.25 -25.15
C CYS A 1022 -42.60 9.37 -23.93
N LEU A 1023 -42.04 9.84 -22.83
CA LEU A 1023 -42.87 10.00 -21.65
C LEU A 1023 -43.95 11.05 -21.88
N VAL A 1024 -43.56 12.23 -22.35
CA VAL A 1024 -44.55 13.29 -22.53
C VAL A 1024 -45.68 12.84 -23.43
N ARG A 1025 -45.36 12.27 -24.59
CA ARG A 1025 -46.43 11.80 -25.45
C ARG A 1025 -47.13 10.57 -24.89
N ALA A 1026 -46.50 9.85 -23.97
CA ALA A 1026 -47.20 8.72 -23.38
C ALA A 1026 -48.28 9.19 -22.42
N ARG A 1027 -48.14 10.39 -21.86
CA ARG A 1027 -49.22 10.92 -21.02
C ARG A 1027 -50.20 11.78 -21.82
N LEU A 1028 -49.75 12.90 -22.37
CA LEU A 1028 -50.71 13.85 -22.94
C LEU A 1028 -51.16 13.41 -24.33
N ALA A 1029 -51.46 12.12 -24.44
CA ALA A 1029 -52.17 11.64 -25.62
C ALA A 1029 -53.59 12.19 -25.59
N THR A 1030 -54.27 12.10 -26.72
CA THR A 1030 -55.50 12.87 -26.86
C THR A 1030 -56.67 12.21 -26.15
N ARG A 1031 -56.82 10.89 -26.30
CA ARG A 1031 -57.84 10.23 -25.49
C ARG A 1031 -57.63 10.47 -24.01
N ARG A 1032 -56.40 10.38 -23.53
CA ARG A 1032 -56.23 10.39 -22.08
C ARG A 1032 -56.67 11.73 -21.53
N ILE A 1033 -56.31 12.83 -22.20
CA ILE A 1033 -56.82 14.12 -21.80
C ILE A 1033 -58.33 14.16 -21.86
N LEU A 1034 -58.90 13.89 -23.01
CA LEU A 1034 -60.32 14.15 -23.13
C LEU A 1034 -61.18 13.12 -22.44
N GLU A 1035 -60.58 12.10 -21.86
CA GLU A 1035 -61.36 11.04 -21.23
C GLU A 1035 -61.14 11.01 -19.73
N GLU A 1036 -59.97 11.41 -19.24
CA GLU A 1036 -59.72 11.21 -17.83
C GLU A 1036 -59.25 12.46 -17.09
N PHE A 1037 -58.37 13.25 -17.66
CA PHE A 1037 -57.87 14.41 -16.94
C PHE A 1037 -58.66 15.65 -17.16
N ARG A 1038 -59.55 15.67 -18.15
CA ARG A 1038 -60.61 16.66 -18.27
C ARG A 1038 -60.08 18.09 -18.16
N LEU A 1039 -58.92 18.31 -18.77
CA LEU A 1039 -58.37 19.64 -18.69
C LEU A 1039 -59.27 20.60 -19.46
N ASN A 1040 -58.87 21.85 -19.56
CA ASN A 1040 -59.59 22.78 -20.41
C ASN A 1040 -58.62 23.41 -21.39
N ARG A 1041 -58.94 24.60 -21.85
CA ARG A 1041 -57.96 25.36 -22.62
C ARG A 1041 -57.02 26.12 -21.70
N ASP A 1042 -57.55 26.83 -20.72
CA ASP A 1042 -56.68 27.55 -19.80
C ASP A 1042 -55.70 26.60 -19.13
N ALA A 1043 -56.22 25.65 -18.34
CA ALA A 1043 -55.36 24.75 -17.59
C ALA A 1043 -54.38 24.06 -18.52
N PHE A 1044 -54.78 23.82 -19.74
CA PHE A 1044 -53.86 23.17 -20.66
C PHE A 1044 -52.71 24.08 -21.03
N GLU A 1045 -53.01 25.31 -21.40
CA GLU A 1045 -51.90 26.20 -21.70
C GLU A 1045 -51.00 26.36 -20.50
N TRP A 1046 -51.59 26.31 -19.31
CA TRP A 1046 -50.76 26.41 -18.12
C TRP A 1046 -49.82 25.22 -18.01
N VAL A 1047 -50.33 24.01 -18.24
CA VAL A 1047 -49.47 22.84 -18.14
C VAL A 1047 -48.35 22.93 -19.16
N LEU A 1048 -48.65 23.41 -20.35
CA LEU A 1048 -47.57 23.54 -21.33
C LEU A 1048 -46.51 24.52 -20.85
N GLY A 1049 -46.94 25.71 -20.43
CA GLY A 1049 -45.98 26.66 -19.93
C GLY A 1049 -45.09 26.06 -18.86
N THR A 1050 -45.69 25.34 -17.93
CA THR A 1050 -44.89 24.83 -16.84
C THR A 1050 -43.95 23.72 -17.28
N ILE A 1051 -44.38 22.78 -18.12
CA ILE A 1051 -43.45 21.71 -18.45
C ILE A 1051 -42.29 22.27 -19.26
N GLU A 1052 -42.56 23.27 -20.08
CA GLU A 1052 -41.48 24.02 -20.68
C GLU A 1052 -40.51 24.51 -19.62
N ALA A 1053 -40.99 25.36 -18.71
CA ALA A 1053 -40.07 26.04 -17.81
C ALA A 1053 -39.27 25.04 -16.99
N GLN A 1054 -39.88 23.96 -16.53
CA GLN A 1054 -39.10 23.08 -15.69
C GLN A 1054 -38.21 22.14 -16.47
N PHE A 1055 -38.54 21.76 -17.70
CA PHE A 1055 -37.46 21.10 -18.39
C PHE A 1055 -36.31 22.05 -18.64
N GLN A 1056 -36.56 23.34 -18.67
CA GLN A 1056 -35.41 24.21 -18.61
C GLN A 1056 -34.65 24.07 -17.32
N ARG A 1057 -35.31 24.23 -16.19
CA ARG A 1057 -34.53 24.34 -14.97
C ARG A 1057 -33.81 23.07 -14.59
N SER A 1058 -33.97 21.98 -15.32
CA SER A 1058 -33.25 20.77 -14.97
C SER A 1058 -32.10 20.48 -15.94
N LEU A 1059 -31.49 21.52 -16.49
CA LEU A 1059 -30.28 21.34 -17.24
C LEU A 1059 -29.07 21.54 -16.34
N VAL A 1060 -28.17 20.57 -16.34
CA VAL A 1060 -27.01 20.63 -15.46
C VAL A 1060 -26.14 21.83 -15.79
N HIS A 1061 -25.84 22.59 -14.79
CA HIS A 1061 -25.31 23.92 -15.01
C HIS A 1061 -23.86 23.87 -15.41
N PRO A 1062 -23.49 24.60 -16.43
CA PRO A 1062 -22.11 24.56 -16.88
C PRO A 1062 -21.14 25.05 -15.85
N GLY A 1063 -20.17 24.19 -15.54
CA GLY A 1063 -19.19 24.40 -14.52
C GLY A 1063 -19.17 23.31 -13.48
N GLU A 1064 -20.33 22.84 -13.06
CA GLU A 1064 -20.48 21.89 -11.97
C GLU A 1064 -19.42 20.79 -12.04
N MET A 1065 -18.41 20.84 -11.18
CA MET A 1065 -17.31 19.91 -11.32
C MET A 1065 -17.73 18.47 -11.08
N VAL A 1066 -18.73 18.02 -11.84
CA VAL A 1066 -19.39 16.76 -11.57
C VAL A 1066 -18.46 15.61 -11.23
N GLY A 1067 -17.28 15.55 -11.83
CA GLY A 1067 -16.47 14.36 -11.68
C GLY A 1067 -16.18 14.04 -10.24
N VAL A 1068 -15.90 15.05 -9.45
CA VAL A 1068 -15.71 14.85 -8.04
C VAL A 1068 -16.95 14.26 -7.41
N ILE A 1069 -18.12 14.76 -7.79
CA ILE A 1069 -19.36 14.23 -7.24
C ILE A 1069 -19.42 12.76 -7.53
N ALA A 1070 -18.97 12.38 -8.72
CA ALA A 1070 -18.96 10.98 -9.07
C ALA A 1070 -18.08 10.19 -8.13
N ALA A 1071 -16.86 10.66 -7.93
CA ALA A 1071 -15.98 9.92 -7.04
C ALA A 1071 -16.61 9.76 -5.68
N GLN A 1072 -17.11 10.85 -5.12
CA GLN A 1072 -17.59 10.78 -3.76
C GLN A 1072 -18.78 9.87 -3.64
N SER A 1073 -19.76 10.01 -4.50
CA SER A 1073 -20.93 9.17 -4.36
C SER A 1073 -20.77 7.84 -5.03
N ILE A 1074 -19.56 7.46 -5.39
CA ILE A 1074 -19.35 6.03 -5.59
C ILE A 1074 -18.67 5.47 -4.35
N GLY A 1075 -17.67 6.20 -3.85
CA GLY A 1075 -16.94 5.69 -2.70
C GLY A 1075 -17.73 5.69 -1.41
N GLU A 1076 -18.68 6.59 -1.30
CA GLU A 1076 -19.44 6.71 -0.06
C GLU A 1076 -20.21 5.44 0.20
N PRO A 1077 -21.06 4.96 -0.72
CA PRO A 1077 -21.71 3.68 -0.47
C PRO A 1077 -20.73 2.53 -0.45
N ALA A 1078 -19.52 2.75 -0.93
CA ALA A 1078 -18.48 1.77 -0.67
C ALA A 1078 -18.08 1.79 0.79
N THR A 1079 -18.26 2.92 1.48
CA THR A 1079 -17.98 2.95 2.90
C THR A 1079 -18.97 2.11 3.67
N GLN A 1080 -20.25 2.40 3.51
CA GLN A 1080 -21.21 1.83 4.44
C GLN A 1080 -21.57 0.41 4.05
N MET A 1081 -20.76 -0.22 3.21
CA MET A 1081 -21.10 -1.55 2.75
C MET A 1081 -20.14 -2.58 3.32
N ASN A 1095 -22.02 -17.83 -4.87
CA ASN A 1095 -20.64 -18.07 -4.48
C ASN A 1095 -19.72 -17.16 -5.28
N VAL A 1096 -19.76 -15.87 -4.97
CA VAL A 1096 -18.99 -14.87 -5.72
C VAL A 1096 -18.35 -13.89 -4.76
N THR A 1097 -17.78 -12.83 -5.34
CA THR A 1097 -17.14 -11.76 -4.58
C THR A 1097 -18.00 -10.52 -4.60
N LEU A 1098 -18.16 -9.88 -3.44
CA LEU A 1098 -18.90 -8.65 -3.34
C LEU A 1098 -18.24 -7.73 -2.34
N GLY A 1099 -18.72 -6.49 -2.32
CA GLY A 1099 -18.20 -5.49 -1.41
C GLY A 1099 -16.84 -4.94 -1.81
N VAL A 1100 -16.10 -4.55 -0.79
CA VAL A 1100 -14.82 -3.90 -1.02
C VAL A 1100 -13.86 -4.78 -1.82
N PRO A 1101 -13.77 -6.09 -1.60
CA PRO A 1101 -12.81 -6.85 -2.41
C PRO A 1101 -13.10 -6.74 -3.89
N ARG A 1102 -14.36 -6.82 -4.28
CA ARG A 1102 -14.67 -6.73 -5.70
C ARG A 1102 -14.40 -5.34 -6.22
N LEU A 1103 -14.83 -4.32 -5.50
CA LEU A 1103 -14.63 -2.98 -6.00
C LEU A 1103 -13.15 -2.67 -6.10
N LYS A 1104 -12.35 -3.34 -5.28
CA LYS A 1104 -10.91 -3.22 -5.33
C LYS A 1104 -10.34 -3.90 -6.57
N GLU A 1105 -10.79 -5.12 -6.85
CA GLU A 1105 -10.28 -5.83 -8.02
C GLU A 1105 -10.86 -5.26 -9.30
N ILE A 1106 -11.78 -4.31 -9.21
CA ILE A 1106 -12.21 -3.66 -10.43
C ILE A 1106 -11.54 -2.30 -10.62
N LEU A 1107 -11.32 -1.55 -9.55
CA LEU A 1107 -10.64 -0.30 -9.82
C LEU A 1107 -9.18 -0.53 -10.17
N ASN A 1108 -8.54 -1.48 -9.51
CA ASN A 1108 -7.19 -1.91 -9.90
C ASN A 1108 -7.24 -2.86 -11.06
N VAL A 1109 -7.61 -2.43 -12.27
CA VAL A 1109 -8.12 -3.38 -13.25
C VAL A 1109 -7.18 -4.56 -13.38
N ALA A 1110 -7.59 -5.67 -12.82
CA ALA A 1110 -6.65 -6.75 -12.55
C ALA A 1110 -7.04 -7.96 -13.35
N LYS A 1111 -6.03 -8.64 -13.86
CA LYS A 1111 -6.27 -9.74 -14.78
C LYS A 1111 -6.45 -11.06 -14.06
N ASN A 1112 -6.45 -11.03 -12.73
CA ASN A 1112 -6.62 -12.24 -11.95
C ASN A 1112 -7.56 -11.96 -10.77
N ILE A 1113 -8.86 -12.02 -11.03
CA ILE A 1113 -9.84 -11.85 -9.96
C ILE A 1113 -9.99 -13.17 -9.23
N LYS A 1114 -10.63 -13.13 -8.06
CA LYS A 1114 -10.56 -14.25 -7.13
C LYS A 1114 -11.19 -15.50 -7.73
N THR A 1115 -12.36 -15.36 -8.33
CA THR A 1115 -13.00 -16.44 -9.09
C THR A 1115 -13.86 -15.83 -10.18
N PRO A 1116 -13.39 -15.89 -11.42
CA PRO A 1116 -14.11 -15.23 -12.51
C PRO A 1116 -15.33 -16.04 -12.91
N ALA A 1117 -16.06 -15.53 -13.89
CA ALA A 1117 -17.29 -16.22 -14.27
C ALA A 1117 -17.64 -15.93 -15.70
N LEU A 1118 -18.35 -16.88 -16.31
CA LEU A 1118 -18.99 -16.69 -17.59
C LEU A 1118 -20.49 -16.90 -17.46
N THR A 1119 -21.22 -16.31 -18.40
CA THR A 1119 -22.61 -16.64 -18.64
C THR A 1119 -22.68 -17.10 -20.09
N VAL A 1120 -23.32 -18.23 -20.32
CA VAL A 1120 -23.44 -18.83 -21.64
C VAL A 1120 -24.92 -19.06 -21.90
N TYR A 1121 -25.47 -18.33 -22.87
CA TYR A 1121 -26.85 -18.51 -23.23
C TYR A 1121 -26.98 -19.54 -24.34
N LEU A 1122 -28.14 -20.17 -24.39
CA LEU A 1122 -28.40 -21.13 -25.44
C LEU A 1122 -29.59 -20.68 -26.29
N ASP A 1123 -29.63 -21.18 -27.52
CA ASP A 1123 -30.76 -20.91 -28.39
C ASP A 1123 -32.05 -21.41 -27.76
N ARG A 1124 -33.17 -20.85 -28.22
CA ARG A 1124 -34.44 -21.23 -27.60
C ARG A 1124 -34.72 -22.71 -27.71
N GLU A 1125 -34.38 -23.32 -28.85
CA GLU A 1125 -34.67 -24.74 -29.09
C GLU A 1125 -34.04 -25.65 -28.06
N ILE A 1126 -33.27 -25.09 -27.14
CA ILE A 1126 -32.79 -25.81 -25.99
C ILE A 1126 -33.13 -25.06 -24.70
N ALA A 1127 -33.42 -23.76 -24.81
CA ALA A 1127 -33.65 -22.94 -23.62
C ALA A 1127 -34.79 -23.46 -22.78
N LEU A 1128 -35.68 -24.25 -23.38
CA LEU A 1128 -36.77 -24.89 -22.67
C LEU A 1128 -36.57 -26.41 -22.62
N ASP A 1129 -35.64 -26.91 -23.42
CA ASP A 1129 -35.29 -28.31 -23.39
C ASP A 1129 -34.30 -28.49 -22.25
N ILE A 1130 -34.16 -29.70 -21.77
CA ILE A 1130 -33.13 -29.93 -20.77
C ILE A 1130 -32.09 -30.91 -21.26
N GLU A 1131 -32.49 -31.92 -22.02
CA GLU A 1131 -31.55 -32.99 -22.35
C GLU A 1131 -30.53 -32.51 -23.37
N LYS A 1132 -30.99 -31.75 -24.36
CA LYS A 1132 -30.08 -31.04 -25.24
C LYS A 1132 -29.14 -30.16 -24.43
N ALA A 1133 -29.66 -29.49 -23.41
CA ALA A 1133 -28.78 -28.69 -22.57
C ALA A 1133 -27.75 -29.58 -21.87
N LYS A 1134 -28.16 -30.74 -21.38
CA LYS A 1134 -27.18 -31.61 -20.75
C LYS A 1134 -26.07 -31.98 -21.70
N VAL A 1135 -26.42 -32.31 -22.95
CA VAL A 1135 -25.37 -32.66 -23.90
C VAL A 1135 -24.46 -31.46 -24.16
N ILE A 1136 -25.05 -30.28 -24.33
CA ILE A 1136 -24.23 -29.10 -24.57
C ILE A 1136 -23.24 -28.90 -23.44
N GLN A 1137 -23.73 -28.87 -22.21
CA GLN A 1137 -22.81 -28.68 -21.10
C GLN A 1137 -21.70 -29.70 -21.17
N SER A 1138 -22.06 -30.98 -21.17
CA SER A 1138 -21.04 -32.01 -21.20
C SER A 1138 -20.01 -31.79 -22.29
N SER A 1139 -20.43 -31.23 -23.43
CA SER A 1139 -19.42 -30.91 -24.43
C SER A 1139 -18.57 -29.73 -24.02
N ILE A 1140 -19.08 -28.81 -23.22
CA ILE A 1140 -18.27 -27.65 -22.83
C ILE A 1140 -17.33 -27.97 -21.67
N GLU A 1141 -17.76 -28.81 -20.73
CA GLU A 1141 -16.91 -29.20 -19.62
C GLU A 1141 -15.53 -29.59 -20.09
N TYR A 1142 -14.56 -28.73 -19.87
CA TYR A 1142 -13.19 -29.14 -20.14
C TYR A 1142 -12.83 -30.31 -19.26
N THR A 1143 -12.01 -31.21 -19.79
CA THR A 1143 -11.79 -32.48 -19.11
C THR A 1143 -10.49 -33.09 -19.58
N THR A 1144 -9.53 -33.19 -18.68
CA THR A 1144 -8.34 -33.97 -18.91
C THR A 1144 -8.59 -35.42 -18.56
N LEU A 1145 -7.75 -36.31 -19.10
CA LEU A 1145 -7.80 -37.70 -18.69
C LEU A 1145 -7.68 -37.83 -17.19
N LYS A 1146 -6.87 -36.96 -16.59
CA LYS A 1146 -6.75 -36.88 -15.14
C LYS A 1146 -8.11 -36.77 -14.45
N ASN A 1147 -9.11 -36.21 -15.14
CA ASN A 1147 -10.43 -36.07 -14.56
C ASN A 1147 -11.20 -37.38 -14.47
N VAL A 1148 -10.76 -38.42 -15.17
CA VAL A 1148 -11.47 -39.69 -15.12
C VAL A 1148 -10.50 -40.78 -14.69
N THR A 1149 -9.23 -40.42 -14.58
CA THR A 1149 -8.20 -41.41 -14.30
C THR A 1149 -8.36 -41.94 -12.89
N SER A 1150 -8.20 -43.26 -12.74
CA SER A 1150 -8.30 -43.90 -11.44
C SER A 1150 -6.95 -44.18 -10.79
N ALA A 1151 -5.91 -44.45 -11.58
CA ALA A 1151 -4.59 -44.72 -11.04
C ALA A 1151 -3.58 -44.66 -12.17
N THR A 1152 -2.31 -44.90 -11.85
CA THR A 1152 -1.23 -44.96 -12.82
C THR A 1152 -0.48 -46.27 -12.63
N GLU A 1153 0.10 -46.81 -13.70
CA GLU A 1153 0.71 -48.13 -13.61
C GLU A 1153 1.85 -48.24 -14.61
N ILE A 1154 2.99 -48.76 -14.17
CA ILE A 1154 4.10 -49.16 -15.05
C ILE A 1154 4.37 -50.63 -14.85
N TYR A 1155 4.06 -51.44 -15.86
CA TYR A 1155 4.36 -52.86 -15.78
C TYR A 1155 5.46 -53.19 -16.77
N TYR A 1156 6.13 -54.32 -16.59
CA TYR A 1156 7.20 -54.71 -17.50
C TYR A 1156 6.77 -55.97 -18.24
N ASP A 1157 6.34 -55.79 -19.50
CA ASP A 1157 5.92 -56.90 -20.36
C ASP A 1157 6.97 -57.08 -21.46
N PRO A 1158 7.89 -58.02 -21.29
CA PRO A 1158 8.81 -58.34 -22.38
C PRO A 1158 8.31 -59.44 -23.28
N ASP A 1159 7.12 -59.96 -23.00
CA ASP A 1159 6.61 -61.12 -23.74
C ASP A 1159 5.46 -60.70 -24.63
N PRO A 1160 5.66 -60.59 -25.94
CA PRO A 1160 4.56 -60.25 -26.86
C PRO A 1160 3.60 -61.39 -27.16
N THR A 1161 3.57 -62.43 -26.35
CA THR A 1161 2.57 -63.49 -26.49
C THR A 1161 1.62 -63.54 -25.32
N SER A 1162 2.12 -63.48 -24.09
CA SER A 1162 1.30 -63.40 -22.90
C SER A 1162 2.01 -62.50 -21.89
N THR A 1163 1.53 -62.53 -20.65
CA THR A 1163 2.03 -61.61 -19.63
C THR A 1163 2.11 -62.31 -18.30
N VAL A 1164 2.43 -61.53 -17.27
CA VAL A 1164 2.47 -62.01 -15.90
C VAL A 1164 1.19 -61.55 -15.21
N ILE A 1165 0.62 -60.44 -15.67
CA ILE A 1165 -0.69 -60.03 -15.20
C ILE A 1165 -1.67 -61.15 -15.52
N GLU A 1166 -2.41 -61.59 -14.51
CA GLU A 1166 -3.46 -62.56 -14.75
C GLU A 1166 -4.69 -61.94 -15.41
N GLU A 1167 -5.13 -60.78 -14.90
CA GLU A 1167 -6.42 -60.20 -15.27
C GLU A 1167 -6.52 -59.93 -16.76
N ASP A 1168 -5.38 -59.90 -17.44
CA ASP A 1168 -5.33 -59.52 -18.84
C ASP A 1168 -5.44 -60.71 -19.77
N PHE A 1169 -5.14 -61.91 -19.29
CA PHE A 1169 -4.80 -63.03 -20.17
C PHE A 1169 -5.88 -63.28 -21.20
N ASP A 1170 -7.14 -63.37 -20.77
CA ASP A 1170 -8.23 -63.64 -21.68
C ASP A 1170 -8.38 -62.54 -22.72
N THR A 1171 -8.49 -61.29 -22.28
CA THR A 1171 -8.74 -60.19 -23.19
C THR A 1171 -7.54 -59.89 -24.07
N VAL A 1172 -6.32 -60.11 -23.54
CA VAL A 1172 -5.15 -59.91 -24.39
C VAL A 1172 -4.98 -61.03 -25.41
N GLU A 1173 -5.18 -62.29 -25.03
CA GLU A 1173 -5.21 -63.35 -26.05
C GLU A 1173 -6.33 -63.11 -27.05
N ALA A 1174 -7.40 -62.44 -26.62
CA ALA A 1174 -8.36 -61.93 -27.58
C ALA A 1174 -7.75 -60.84 -28.45
N TYR A 1175 -6.76 -60.11 -27.94
CA TYR A 1175 -6.19 -59.02 -28.70
C TYR A 1175 -4.86 -59.36 -29.37
N PHE A 1176 -4.01 -60.19 -28.74
CA PHE A 1176 -2.78 -60.61 -29.40
C PHE A 1176 -3.01 -61.06 -30.83
N SER A 1177 -4.10 -61.78 -31.07
CA SER A 1177 -4.47 -62.17 -32.41
C SER A 1177 -5.99 -62.14 -32.48
N GLN A 1190 10.43 -51.75 -30.78
CA GLN A 1190 9.32 -51.94 -29.86
C GLN A 1190 9.82 -51.96 -28.42
N SER A 1191 9.04 -51.38 -27.50
CA SER A 1191 9.52 -51.15 -26.14
C SER A 1191 8.80 -52.05 -25.15
N PRO A 1192 9.51 -52.74 -24.26
CA PRO A 1192 8.84 -53.75 -23.42
C PRO A 1192 8.12 -53.16 -22.24
N TRP A 1193 8.55 -52.01 -21.74
CA TRP A 1193 7.98 -51.44 -20.52
C TRP A 1193 6.54 -51.02 -20.82
N LEU A 1194 5.58 -51.89 -20.52
CA LEU A 1194 4.21 -51.58 -20.84
C LEU A 1194 3.66 -50.58 -19.84
N LEU A 1195 3.23 -49.43 -20.33
CA LEU A 1195 2.58 -48.43 -19.50
C LEU A 1195 1.11 -48.80 -19.44
N ARG A 1196 0.44 -48.42 -18.37
CA ARG A 1196 -0.92 -48.89 -18.17
C ARG A 1196 -1.66 -47.92 -17.27
N LEU A 1197 -2.95 -47.75 -17.53
CA LEU A 1197 -3.75 -46.92 -16.66
C LEU A 1197 -5.20 -47.38 -16.69
N GLU A 1198 -5.90 -47.06 -15.61
CA GLU A 1198 -7.20 -47.61 -15.31
C GLU A 1198 -8.22 -46.50 -15.18
N LEU A 1199 -9.39 -46.69 -15.76
CA LEU A 1199 -10.40 -45.64 -15.79
C LEU A 1199 -11.59 -46.02 -14.94
N ASP A 1200 -12.33 -45.00 -14.51
CA ASP A 1200 -13.50 -45.18 -13.64
C ASP A 1200 -14.80 -45.23 -14.42
N ARG A 1201 -15.41 -46.43 -14.48
CA ARG A 1201 -16.67 -46.60 -15.21
C ARG A 1201 -17.73 -45.64 -14.72
N ALA A 1202 -17.77 -45.38 -13.41
CA ALA A 1202 -18.69 -44.36 -12.91
C ALA A 1202 -18.40 -43.01 -13.56
N ARG A 1203 -17.13 -42.61 -13.61
CA ARG A 1203 -16.82 -41.39 -14.33
C ARG A 1203 -16.93 -41.59 -15.83
N MET A 1204 -16.76 -42.82 -16.32
CA MET A 1204 -16.88 -43.04 -17.77
C MET A 1204 -18.31 -42.78 -18.24
N LEU A 1205 -19.29 -43.10 -17.41
CA LEU A 1205 -20.64 -42.61 -17.64
C LEU A 1205 -20.73 -41.12 -17.40
N ASP A 1206 -20.36 -40.68 -16.19
CA ASP A 1206 -20.58 -39.30 -15.79
C ASP A 1206 -19.93 -38.31 -16.76
N LYS A 1207 -19.08 -38.82 -17.66
CA LYS A 1207 -18.50 -37.99 -18.70
C LYS A 1207 -18.81 -38.54 -20.08
N GLN A 1208 -19.57 -39.63 -20.16
CA GLN A 1208 -20.17 -40.10 -21.41
C GLN A 1208 -19.10 -40.48 -22.43
N LEU A 1209 -18.37 -41.55 -22.14
CA LEU A 1209 -17.16 -41.87 -22.85
C LEU A 1209 -16.96 -43.38 -22.94
N THR A 1210 -15.99 -43.80 -23.75
CA THR A 1210 -15.71 -45.20 -24.01
C THR A 1210 -14.23 -45.47 -23.79
N MET A 1211 -13.84 -46.74 -23.94
CA MET A 1211 -12.44 -47.03 -24.18
C MET A 1211 -12.03 -46.54 -25.56
N ASN A 1212 -12.89 -46.78 -26.55
CA ASN A 1212 -12.57 -46.44 -27.93
C ASN A 1212 -12.29 -44.96 -28.09
N GLN A 1213 -13.23 -44.12 -27.68
CA GLN A 1213 -13.10 -42.69 -27.89
C GLN A 1213 -11.81 -42.16 -27.29
N VAL A 1214 -11.48 -42.59 -26.07
CA VAL A 1214 -10.34 -42.00 -25.40
C VAL A 1214 -9.03 -42.54 -25.96
N ALA A 1215 -9.01 -43.82 -26.33
CA ALA A 1215 -7.83 -44.32 -27.05
C ALA A 1215 -7.64 -43.53 -28.34
N ASP A 1216 -8.75 -43.15 -28.98
CA ASP A 1216 -8.68 -42.29 -30.15
C ASP A 1216 -8.05 -40.95 -29.79
N LYS A 1217 -8.48 -40.36 -28.69
CA LYS A 1217 -7.96 -39.05 -28.33
C LYS A 1217 -6.49 -39.14 -27.95
N ILE A 1218 -6.06 -40.29 -27.44
CA ILE A 1218 -4.63 -40.51 -27.21
C ILE A 1218 -3.89 -40.51 -28.52
N SER A 1219 -4.35 -41.31 -29.47
CA SER A 1219 -3.69 -41.35 -30.76
C SER A 1219 -3.83 -40.05 -31.53
N GLU A 1220 -4.69 -39.13 -31.07
CA GLU A 1220 -4.75 -37.82 -31.69
C GLU A 1220 -3.38 -37.16 -31.73
N VAL A 1221 -2.62 -37.23 -30.65
CA VAL A 1221 -1.28 -36.65 -30.60
C VAL A 1221 -0.22 -37.68 -30.25
N PHE A 1222 -0.58 -38.93 -30.03
CA PHE A 1222 0.36 -40.02 -29.84
C PHE A 1222 0.28 -40.98 -31.01
N SER A 1223 0.35 -40.42 -32.21
CA SER A 1223 0.16 -41.17 -33.44
C SER A 1223 1.10 -42.36 -33.54
N ASP A 1224 2.39 -42.11 -33.72
CA ASP A 1224 3.38 -43.17 -33.83
C ASP A 1224 4.55 -42.98 -32.87
N ASP A 1225 4.28 -42.44 -31.68
CA ASP A 1225 5.22 -42.54 -30.58
C ASP A 1225 4.82 -43.58 -29.56
N LEU A 1226 3.61 -44.11 -29.66
CA LEU A 1226 3.09 -44.91 -28.57
C LEU A 1226 2.06 -45.86 -29.13
N PHE A 1227 2.40 -47.13 -29.22
CA PHE A 1227 1.41 -48.15 -29.55
C PHE A 1227 0.33 -48.18 -28.48
N VAL A 1228 -0.90 -47.94 -28.93
CA VAL A 1228 -2.06 -47.92 -28.07
C VAL A 1228 -2.69 -49.29 -28.12
N MET A 1229 -3.20 -49.75 -26.98
CA MET A 1229 -3.87 -51.03 -26.82
C MET A 1229 -4.96 -50.85 -25.78
N TRP A 1230 -6.19 -51.15 -26.14
CA TRP A 1230 -7.24 -50.96 -25.15
C TRP A 1230 -8.04 -52.23 -25.00
N SER A 1231 -8.13 -52.71 -23.76
CA SER A 1231 -8.92 -53.88 -23.46
C SER A 1231 -10.40 -53.54 -23.57
N GLU A 1232 -11.21 -54.57 -23.76
CA GLU A 1232 -12.58 -54.37 -24.22
C GLU A 1232 -13.43 -53.65 -23.17
N ASP A 1233 -14.64 -53.30 -23.60
CA ASP A 1233 -15.59 -52.56 -22.78
C ASP A 1233 -16.04 -53.35 -21.57
N ASN A 1234 -16.28 -54.65 -21.74
CA ASN A 1234 -16.73 -55.52 -20.67
C ASN A 1234 -15.58 -56.02 -19.81
N ALA A 1235 -14.35 -55.58 -20.08
CA ALA A 1235 -13.24 -55.95 -19.24
C ALA A 1235 -13.54 -55.55 -17.80
N ASP A 1236 -13.02 -56.36 -16.86
CA ASP A 1236 -13.31 -56.14 -15.45
C ASP A 1236 -12.92 -54.75 -15.01
N LYS A 1237 -11.83 -54.21 -15.56
CA LYS A 1237 -11.35 -52.89 -15.21
C LYS A 1237 -10.98 -52.17 -16.49
N LEU A 1238 -11.26 -50.87 -16.54
CA LEU A 1238 -11.08 -50.08 -17.76
C LEU A 1238 -9.59 -49.82 -17.93
N ILE A 1239 -8.95 -50.71 -18.66
CA ILE A 1239 -7.49 -50.78 -18.75
C ILE A 1239 -7.06 -50.23 -20.10
N ILE A 1240 -5.94 -49.51 -20.10
CA ILE A 1240 -5.31 -49.02 -21.31
C ILE A 1240 -3.83 -49.35 -21.20
N ARG A 1241 -3.24 -49.86 -22.28
CA ARG A 1241 -1.93 -50.48 -22.29
C ARG A 1241 -1.14 -49.95 -23.47
N CYS A 1242 0.05 -49.42 -23.20
CA CYS A 1242 0.77 -48.62 -24.19
C CYS A 1242 2.23 -49.01 -24.25
N ARG A 1243 2.80 -48.95 -25.45
CA ARG A 1243 4.20 -49.29 -25.66
C ARG A 1243 4.92 -48.14 -26.32
N VAL A 1244 6.15 -47.89 -25.92
CA VAL A 1244 6.91 -46.82 -26.55
C VAL A 1244 7.37 -47.29 -27.94
N ILE A 1245 7.29 -46.38 -28.90
CA ILE A 1245 7.69 -46.70 -30.26
C ILE A 1245 8.92 -45.89 -30.68
N GLU A 1258 17.62 -45.79 -21.19
CA GLU A 1258 16.72 -45.32 -20.16
C GLU A 1258 15.27 -45.36 -20.65
N GLU A 1259 14.41 -46.18 -20.03
CA GLU A 1259 12.99 -46.15 -20.37
C GLU A 1259 12.09 -45.98 -19.16
N ASP A 1260 12.67 -45.82 -17.97
CA ASP A 1260 11.79 -45.52 -16.85
C ASP A 1260 11.37 -44.06 -16.91
N GLN A 1261 12.33 -43.14 -16.81
CA GLN A 1261 11.98 -41.72 -16.84
C GLN A 1261 11.46 -41.29 -18.20
N MET A 1262 11.90 -41.94 -19.27
CA MET A 1262 11.25 -41.71 -20.55
C MET A 1262 9.76 -41.95 -20.43
N LEU A 1263 9.38 -43.16 -20.01
CA LEU A 1263 7.97 -43.50 -19.92
C LEU A 1263 7.28 -42.65 -18.86
N LYS A 1264 8.01 -42.15 -17.88
CA LYS A 1264 7.37 -41.39 -16.80
C LYS A 1264 7.10 -39.95 -17.23
N ARG A 1265 8.04 -39.32 -17.90
CA ARG A 1265 7.71 -38.06 -18.56
C ARG A 1265 6.54 -38.27 -19.49
N ILE A 1266 6.51 -39.40 -20.19
CA ILE A 1266 5.33 -39.70 -20.99
C ILE A 1266 4.09 -39.72 -20.12
N GLU A 1267 4.16 -40.37 -18.97
CA GLU A 1267 2.97 -40.59 -18.18
C GLU A 1267 2.46 -39.28 -17.58
N ALA A 1268 3.36 -38.46 -17.07
CA ALA A 1268 2.97 -37.17 -16.53
C ALA A 1268 2.46 -36.26 -17.63
N HIS A 1269 3.15 -36.25 -18.78
CA HIS A 1269 2.71 -35.43 -19.90
C HIS A 1269 1.32 -35.87 -20.35
N MET A 1270 1.05 -37.17 -20.32
CA MET A 1270 -0.28 -37.70 -20.63
C MET A 1270 -1.29 -37.09 -19.68
N LEU A 1271 -1.16 -37.43 -18.40
CA LEU A 1271 -2.13 -36.96 -17.42
C LEU A 1271 -2.24 -35.45 -17.37
N ASP A 1272 -1.29 -34.73 -17.96
CA ASP A 1272 -1.43 -33.29 -18.06
C ASP A 1272 -2.22 -32.90 -19.29
N LEU A 1273 -1.92 -33.50 -20.43
CA LEU A 1273 -2.33 -32.97 -21.72
C LEU A 1273 -3.43 -33.75 -22.41
N ILE A 1274 -3.71 -34.98 -22.01
CA ILE A 1274 -4.77 -35.72 -22.66
C ILE A 1274 -6.08 -35.00 -22.41
N ALA A 1275 -6.50 -34.19 -23.39
CA ALA A 1275 -7.74 -33.47 -23.30
C ALA A 1275 -8.84 -34.26 -23.99
N LEU A 1276 -9.80 -34.72 -23.21
CA LEU A 1276 -10.81 -35.63 -23.71
C LEU A 1276 -11.84 -34.89 -24.55
N ARG A 1277 -12.46 -33.87 -23.98
CA ARG A 1277 -13.28 -32.94 -24.74
C ARG A 1277 -13.40 -31.68 -23.90
N GLY A 1278 -14.19 -30.74 -24.37
CA GLY A 1278 -14.35 -29.50 -23.66
C GLY A 1278 -13.38 -28.43 -24.14
N ILE A 1279 -13.20 -27.43 -23.30
CA ILE A 1279 -12.45 -26.23 -23.65
C ILE A 1279 -11.46 -25.94 -22.52
N PRO A 1280 -10.18 -26.11 -22.72
CA PRO A 1280 -9.23 -25.82 -21.64
C PRO A 1280 -9.30 -24.37 -21.18
N GLY A 1281 -9.70 -24.20 -19.93
CA GLY A 1281 -9.85 -22.89 -19.34
C GLY A 1281 -11.17 -22.78 -18.61
N ILE A 1282 -12.01 -23.81 -18.77
CA ILE A 1282 -13.36 -23.79 -18.24
C ILE A 1282 -13.55 -25.08 -17.46
N SER A 1283 -13.31 -25.03 -16.17
CA SER A 1283 -13.10 -26.25 -15.40
C SER A 1283 -14.37 -26.90 -14.91
N LYS A 1284 -15.45 -26.15 -14.73
CA LYS A 1284 -16.65 -26.74 -14.15
C LYS A 1284 -17.83 -25.85 -14.47
N VAL A 1285 -18.91 -26.46 -14.94
CA VAL A 1285 -20.02 -25.73 -15.52
C VAL A 1285 -21.29 -26.06 -14.77
N TYR A 1286 -22.12 -25.06 -14.51
CA TYR A 1286 -23.34 -25.26 -13.76
C TYR A 1286 -24.55 -25.07 -14.66
N MET A 1287 -25.46 -26.02 -14.56
CA MET A 1287 -26.76 -25.97 -15.23
C MET A 1287 -27.67 -25.10 -14.38
N VAL A 1288 -28.09 -23.95 -14.92
CA VAL A 1288 -28.76 -22.92 -14.13
C VAL A 1288 -30.04 -22.51 -14.85
N LYS A 1289 -30.94 -21.83 -14.12
CA LYS A 1289 -32.23 -21.33 -14.62
C LYS A 1289 -32.28 -19.81 -14.54
N HIS A 1290 -32.69 -19.16 -15.62
CA HIS A 1290 -32.86 -17.70 -15.59
C HIS A 1290 -34.25 -17.28 -16.01
N LYS A 1291 -35.05 -16.82 -15.06
CA LYS A 1291 -36.38 -16.33 -15.38
C LYS A 1291 -36.27 -15.06 -16.18
N VAL A 1292 -37.23 -14.83 -17.08
CA VAL A 1292 -37.15 -13.65 -17.93
C VAL A 1292 -38.54 -13.26 -18.37
N SER A 1293 -38.73 -11.96 -18.58
CA SER A 1293 -39.90 -11.45 -19.25
C SER A 1293 -39.76 -11.67 -20.76
N VAL A 1294 -40.83 -12.16 -21.38
CA VAL A 1294 -40.86 -12.38 -22.81
C VAL A 1294 -42.10 -11.68 -23.32
N PRO A 1295 -42.01 -10.87 -24.35
CA PRO A 1295 -43.22 -10.22 -24.86
C PRO A 1295 -44.14 -11.22 -25.53
N ASP A 1296 -45.31 -11.40 -24.93
CA ASP A 1296 -46.31 -12.34 -25.38
C ASP A 1296 -47.06 -11.74 -26.57
N GLU A 1297 -47.75 -12.60 -27.33
CA GLU A 1297 -48.36 -12.21 -28.60
C GLU A 1297 -49.55 -11.27 -28.44
N SER A 1298 -50.03 -11.07 -27.22
CA SER A 1298 -50.99 -10.00 -27.00
C SER A 1298 -50.31 -8.69 -26.68
N GLY A 1299 -49.00 -8.72 -26.44
CA GLY A 1299 -48.25 -7.53 -26.12
C GLY A 1299 -47.85 -7.41 -24.67
N GLU A 1300 -48.44 -8.19 -23.78
CA GLU A 1300 -48.19 -8.03 -22.37
C GLU A 1300 -47.17 -9.06 -21.90
N TYR A 1301 -46.19 -8.58 -21.13
CA TYR A 1301 -45.00 -9.35 -20.88
C TYR A 1301 -45.30 -10.51 -19.95
N LYS A 1302 -44.85 -11.70 -20.35
CA LYS A 1302 -45.10 -12.89 -19.56
C LYS A 1302 -43.79 -13.49 -19.13
N ASN A 1303 -43.70 -13.78 -17.84
CA ASN A 1303 -42.47 -14.31 -17.33
C ASN A 1303 -42.37 -15.78 -17.68
N GLU A 1304 -41.13 -16.29 -17.64
CA GLU A 1304 -40.95 -17.67 -18.10
C GLU A 1304 -39.61 -18.19 -17.58
N GLU A 1305 -39.54 -19.50 -17.41
CA GLU A 1305 -38.31 -20.17 -17.04
C GLU A 1305 -37.57 -20.60 -18.29
N LEU A 1306 -36.25 -20.48 -18.24
CA LEU A 1306 -35.41 -20.97 -19.31
C LEU A 1306 -34.35 -21.88 -18.73
N TRP A 1307 -33.30 -22.09 -19.50
CA TRP A 1307 -32.10 -22.68 -19.00
C TRP A 1307 -30.92 -21.89 -19.52
N ALA A 1308 -29.86 -21.83 -18.73
CA ALA A 1308 -28.64 -21.19 -19.17
C ALA A 1308 -27.49 -21.87 -18.47
N LEU A 1309 -26.28 -21.51 -18.87
CA LEU A 1309 -25.09 -22.13 -18.34
C LEU A 1309 -24.19 -21.06 -17.77
N GLU A 1310 -23.45 -21.39 -16.73
CA GLU A 1310 -22.44 -20.50 -16.18
C GLU A 1310 -21.25 -21.37 -15.85
N THR A 1311 -20.07 -20.77 -15.77
CA THR A 1311 -18.86 -21.55 -15.83
C THR A 1311 -17.87 -21.11 -14.78
N ASP A 1312 -16.81 -21.89 -14.64
CA ASP A 1312 -15.73 -21.54 -13.74
C ASP A 1312 -14.45 -21.30 -14.53
N GLY A 1313 -13.96 -20.07 -14.48
CA GLY A 1313 -12.88 -19.67 -15.37
C GLY A 1313 -13.45 -19.09 -16.65
N ILE A 1314 -12.59 -18.44 -17.41
CA ILE A 1314 -13.04 -17.65 -18.55
C ILE A 1314 -12.21 -18.02 -19.77
N ASN A 1315 -12.88 -18.11 -20.91
CA ASN A 1315 -12.21 -18.47 -22.16
C ASN A 1315 -13.18 -18.12 -23.27
N LEU A 1316 -13.07 -16.92 -23.81
CA LEU A 1316 -14.28 -16.39 -24.42
C LEU A 1316 -14.44 -16.86 -25.85
N ALA A 1317 -13.38 -16.75 -26.64
CA ALA A 1317 -13.53 -17.03 -28.07
C ALA A 1317 -13.81 -18.49 -28.32
N GLU A 1318 -13.20 -19.37 -27.55
CA GLU A 1318 -13.45 -20.79 -27.77
C GLU A 1318 -14.86 -21.17 -27.38
N VAL A 1319 -15.56 -20.33 -26.62
CA VAL A 1319 -16.91 -20.70 -26.23
C VAL A 1319 -17.95 -20.09 -27.14
N MET A 1320 -17.77 -18.84 -27.56
CA MET A 1320 -18.82 -18.26 -28.39
C MET A 1320 -19.11 -19.02 -29.67
N ALA A 1321 -18.53 -20.18 -29.88
CA ALA A 1321 -18.65 -20.84 -31.16
C ALA A 1321 -19.11 -22.29 -31.11
N VAL A 1322 -18.93 -22.98 -29.99
CA VAL A 1322 -19.26 -24.40 -29.91
C VAL A 1322 -20.70 -24.60 -30.36
N PRO A 1323 -20.98 -25.56 -31.24
CA PRO A 1323 -22.23 -25.54 -32.01
C PRO A 1323 -23.44 -25.49 -31.10
N GLY A 1324 -24.30 -24.50 -31.33
CA GLY A 1324 -25.53 -24.40 -30.59
C GLY A 1324 -25.49 -23.45 -29.44
N VAL A 1325 -24.65 -22.43 -29.45
CA VAL A 1325 -24.55 -21.49 -28.34
C VAL A 1325 -24.75 -20.09 -28.88
N ASP A 1326 -25.57 -19.32 -28.21
CA ASP A 1326 -26.05 -18.08 -28.80
C ASP A 1326 -24.89 -17.09 -28.78
N SER A 1327 -24.22 -16.97 -29.91
CA SER A 1327 -23.06 -16.13 -30.03
C SER A 1327 -23.40 -14.67 -30.04
N SER A 1328 -24.64 -14.30 -29.85
CA SER A 1328 -24.95 -12.90 -29.79
C SER A 1328 -24.92 -12.36 -28.38
N ARG A 1329 -24.72 -13.23 -27.40
CA ARG A 1329 -25.05 -12.88 -26.03
C ARG A 1329 -23.98 -13.19 -25.01
N THR A 1330 -23.09 -14.15 -25.25
CA THR A 1330 -22.22 -14.68 -24.21
C THR A 1330 -21.61 -13.55 -23.41
N TYR A 1331 -21.53 -13.74 -22.09
CA TYR A 1331 -21.08 -12.68 -21.20
C TYR A 1331 -20.08 -13.20 -20.19
N SER A 1332 -19.08 -12.37 -19.91
CA SER A 1332 -18.07 -12.68 -18.92
C SER A 1332 -17.99 -11.56 -17.91
N ASN A 1333 -17.47 -11.90 -16.73
CA ASN A 1333 -17.24 -10.83 -15.77
C ASN A 1333 -15.83 -10.27 -15.89
N SER A 1334 -14.82 -11.12 -15.89
CA SER A 1334 -13.43 -10.64 -15.98
C SER A 1334 -13.24 -10.02 -17.34
N PHE A 1335 -13.44 -8.71 -17.40
CA PHE A 1335 -13.83 -8.08 -18.62
C PHE A 1335 -12.66 -7.63 -19.48
N VAL A 1336 -11.43 -7.66 -18.97
CA VAL A 1336 -10.33 -7.36 -19.87
C VAL A 1336 -10.28 -8.39 -20.99
N GLU A 1337 -10.68 -9.62 -20.71
CA GLU A 1337 -10.83 -10.57 -21.79
C GLU A 1337 -11.82 -10.07 -22.82
N ILE A 1338 -12.86 -9.38 -22.37
CA ILE A 1338 -13.78 -8.73 -23.31
C ILE A 1338 -13.04 -7.68 -24.12
N LEU A 1339 -12.14 -6.95 -23.48
CA LEU A 1339 -11.37 -6.02 -24.28
C LEU A 1339 -10.65 -6.75 -25.40
N SER A 1340 -9.99 -7.85 -25.07
CA SER A 1340 -9.25 -8.57 -26.10
C SER A 1340 -10.17 -9.03 -27.21
N VAL A 1341 -11.34 -9.54 -26.87
CA VAL A 1341 -12.20 -10.20 -27.84
C VAL A 1341 -13.22 -9.24 -28.43
N LEU A 1342 -14.13 -8.74 -27.61
CA LEU A 1342 -15.30 -8.05 -28.13
C LEU A 1342 -15.10 -6.56 -28.17
N GLY A 1343 -13.89 -6.13 -28.47
CA GLY A 1343 -13.69 -4.73 -28.78
C GLY A 1343 -13.75 -3.83 -27.56
N ILE A 1344 -14.12 -2.58 -27.81
CA ILE A 1344 -14.08 -1.59 -26.72
C ILE A 1344 -15.45 -1.39 -26.09
N GLU A 1345 -16.52 -1.32 -26.87
CA GLU A 1345 -17.75 -0.87 -26.26
C GLU A 1345 -18.34 -1.92 -25.36
N ALA A 1346 -18.18 -3.19 -25.71
CA ALA A 1346 -18.58 -4.23 -24.79
C ALA A 1346 -17.72 -4.22 -23.54
N THR A 1347 -16.43 -3.92 -23.67
CA THR A 1347 -15.66 -3.76 -22.46
C THR A 1347 -16.31 -2.72 -21.57
N ARG A 1348 -16.71 -1.60 -22.18
CA ARG A 1348 -17.29 -0.52 -21.39
C ARG A 1348 -18.55 -0.99 -20.69
N SER A 1349 -19.48 -1.59 -21.42
CA SER A 1349 -20.73 -1.95 -20.78
C SER A 1349 -20.57 -3.13 -19.83
N SER A 1350 -19.60 -4.00 -20.04
CA SER A 1350 -19.34 -5.02 -19.03
C SER A 1350 -18.83 -4.38 -17.76
N LEU A 1351 -17.96 -3.39 -17.91
CA LEU A 1351 -17.55 -2.61 -16.75
C LEU A 1351 -18.77 -2.08 -16.02
N TYR A 1352 -19.70 -1.52 -16.78
CA TYR A 1352 -20.87 -0.93 -16.15
C TYR A 1352 -21.69 -1.98 -15.44
N LYS A 1353 -21.84 -3.14 -16.05
CA LYS A 1353 -22.62 -4.17 -15.43
C LYS A 1353 -22.00 -4.61 -14.13
N GLU A 1354 -20.68 -4.74 -14.09
CA GLU A 1354 -20.05 -5.19 -12.85
C GLU A 1354 -20.19 -4.14 -11.76
N ILE A 1355 -19.91 -2.89 -12.08
CA ILE A 1355 -20.03 -1.87 -11.06
C ILE A 1355 -21.46 -1.75 -10.57
N LEU A 1356 -22.43 -1.74 -11.48
CA LEU A 1356 -23.80 -1.68 -11.02
C LEU A 1356 -24.14 -2.87 -10.16
N ASN A 1357 -23.70 -4.07 -10.54
CA ASN A 1357 -23.95 -5.23 -9.71
C ASN A 1357 -23.50 -4.97 -8.29
N VAL A 1358 -22.24 -4.58 -8.12
CA VAL A 1358 -21.75 -4.50 -6.75
C VAL A 1358 -22.31 -3.32 -5.96
N ILE A 1359 -22.38 -2.13 -6.53
CA ILE A 1359 -22.95 -1.02 -5.78
C ILE A 1359 -24.42 -1.28 -5.47
N ALA A 1360 -25.17 -1.68 -6.48
CA ALA A 1360 -26.58 -1.93 -6.24
C ALA A 1360 -26.80 -3.40 -5.92
N PHE A 1361 -25.85 -4.00 -5.22
CA PHE A 1361 -26.12 -5.33 -4.68
C PHE A 1361 -27.03 -5.28 -3.47
N ASP A 1362 -26.64 -4.52 -2.46
CA ASP A 1362 -27.35 -4.58 -1.18
C ASP A 1362 -28.47 -3.56 -1.11
N GLY A 1363 -29.24 -3.45 -2.17
CA GLY A 1363 -30.31 -2.47 -2.20
C GLY A 1363 -29.88 -1.01 -2.24
N SER A 1364 -28.59 -0.72 -2.32
CA SER A 1364 -28.20 0.66 -2.52
C SER A 1364 -28.49 1.04 -3.96
N TYR A 1365 -28.62 2.33 -4.19
CA TYR A 1365 -28.97 2.83 -5.50
C TYR A 1365 -28.11 4.03 -5.84
N VAL A 1366 -27.69 4.11 -7.10
CA VAL A 1366 -26.90 5.24 -7.59
C VAL A 1366 -27.41 5.65 -8.95
N ASN A 1367 -27.67 6.94 -9.11
CA ASN A 1367 -28.06 7.45 -10.41
C ASN A 1367 -27.14 6.91 -11.48
N TYR A 1368 -27.65 6.81 -12.70
CA TYR A 1368 -26.82 6.29 -13.79
C TYR A 1368 -25.62 7.16 -14.00
N ARG A 1369 -25.83 8.46 -14.03
CA ARG A 1369 -24.85 9.33 -14.61
C ARG A 1369 -23.51 9.24 -13.92
N HIS A 1370 -23.47 8.81 -12.66
CA HIS A 1370 -22.19 8.74 -11.97
C HIS A 1370 -21.39 7.52 -12.39
N MET A 1371 -21.97 6.33 -12.28
CA MET A 1371 -21.27 5.19 -12.84
C MET A 1371 -20.96 5.40 -14.31
N ALA A 1372 -21.78 6.17 -15.01
CA ALA A 1372 -21.44 6.49 -16.38
C ALA A 1372 -20.15 7.28 -16.45
N LEU A 1373 -20.06 8.37 -15.70
CA LEU A 1373 -18.86 9.19 -15.75
C LEU A 1373 -17.63 8.37 -15.41
N LEU A 1374 -17.75 7.52 -14.41
CA LEU A 1374 -16.61 6.69 -14.05
C LEU A 1374 -16.26 5.71 -15.16
N VAL A 1375 -17.23 4.93 -15.64
CA VAL A 1375 -16.86 3.97 -16.66
C VAL A 1375 -16.40 4.63 -17.93
N ASP A 1376 -16.66 5.93 -18.10
CA ASP A 1376 -16.17 6.58 -19.31
C ASP A 1376 -14.79 7.17 -19.15
N VAL A 1377 -14.36 7.49 -17.94
CA VAL A 1377 -12.94 7.75 -17.87
C VAL A 1377 -12.15 6.48 -18.11
N MET A 1378 -12.61 5.35 -17.61
CA MET A 1378 -11.80 4.15 -17.71
C MET A 1378 -11.68 3.59 -19.14
N THR A 1379 -12.39 4.14 -20.11
CA THR A 1379 -12.17 3.81 -21.51
C THR A 1379 -12.22 5.06 -22.36
N SER A 1380 -11.42 6.04 -21.99
CA SER A 1380 -11.13 7.11 -22.93
C SER A 1380 -10.14 6.65 -23.97
N ARG A 1381 -9.08 6.01 -23.53
CA ARG A 1381 -7.94 5.75 -24.38
C ARG A 1381 -7.92 4.31 -24.87
N GLY A 1382 -9.09 3.70 -25.00
CA GLY A 1382 -9.18 2.39 -25.54
C GLY A 1382 -8.53 1.31 -24.71
N TYR A 1383 -7.44 1.60 -24.04
CA TYR A 1383 -6.90 0.61 -23.13
C TYR A 1383 -7.45 0.92 -21.76
N LEU A 1384 -7.63 -0.12 -20.95
CA LEU A 1384 -8.25 0.08 -19.65
C LEU A 1384 -7.39 0.92 -18.74
N MET A 1385 -7.65 2.24 -18.70
CA MET A 1385 -6.82 3.14 -17.93
C MET A 1385 -7.14 2.93 -16.47
N ALA A 1386 -6.66 1.81 -15.93
CA ALA A 1386 -6.97 1.42 -14.57
C ALA A 1386 -6.76 2.59 -13.62
N ILE A 1387 -7.53 2.61 -12.54
CA ILE A 1387 -7.43 3.70 -11.56
C ILE A 1387 -6.43 3.22 -10.51
N THR A 1388 -5.16 3.44 -10.82
CA THR A 1388 -4.09 3.32 -9.84
C THR A 1388 -3.21 4.54 -10.02
N ARG A 1389 -2.02 4.50 -9.46
CA ARG A 1389 -1.04 5.52 -9.78
C ARG A 1389 -0.60 5.41 -11.23
N HIS A 1390 -0.78 4.25 -11.85
CA HIS A 1390 -0.35 4.06 -13.23
C HIS A 1390 -1.36 4.60 -14.22
N GLY A 1391 -2.58 4.86 -13.77
CA GLY A 1391 -3.58 5.43 -14.63
C GLY A 1391 -3.43 6.93 -14.68
N ILE A 1392 -3.31 7.54 -13.50
CA ILE A 1392 -3.07 8.97 -13.48
C ILE A 1392 -1.71 9.31 -14.09
N ASN A 1393 -0.65 8.64 -13.64
CA ASN A 1393 0.68 9.15 -13.93
C ASN A 1393 0.98 9.17 -15.41
N ARG A 1394 0.67 8.10 -16.12
CA ARG A 1394 0.98 7.98 -17.52
C ARG A 1394 -0.03 8.70 -18.40
N ALA A 1395 -0.78 9.62 -17.83
CA ALA A 1395 -1.66 10.46 -18.62
C ALA A 1395 -0.91 11.69 -19.11
N ASP A 1396 -1.29 12.16 -20.29
CA ASP A 1396 -0.63 13.32 -20.88
C ASP A 1396 -1.06 14.61 -20.21
N THR A 1397 -1.64 14.53 -19.02
CA THR A 1397 -1.95 15.72 -18.24
C THR A 1397 -0.66 16.44 -17.89
N GLY A 1398 -0.76 17.60 -17.25
CA GLY A 1398 0.44 18.35 -16.91
C GLY A 1398 1.32 17.57 -15.94
N ALA A 1399 2.41 18.21 -15.53
CA ALA A 1399 3.29 17.58 -14.56
C ALA A 1399 2.77 17.71 -13.14
N LEU A 1400 2.30 18.89 -12.77
CA LEU A 1400 1.96 19.10 -11.37
C LEU A 1400 0.75 18.27 -10.94
N MET A 1401 -0.40 18.47 -11.59
CA MET A 1401 -1.60 17.74 -11.19
C MET A 1401 -1.31 16.28 -10.97
N ARG A 1402 -0.33 15.75 -11.70
CA ARG A 1402 0.11 14.39 -11.44
C ARG A 1402 1.04 14.34 -10.25
N CYS A 1403 1.79 15.40 -10.00
CA CYS A 1403 2.86 15.28 -9.02
C CYS A 1403 2.32 15.15 -7.62
N SER A 1404 1.03 15.31 -7.41
CA SER A 1404 0.47 15.32 -6.07
C SER A 1404 -0.14 14.01 -5.66
N PHE A 1405 -0.05 12.97 -6.49
CA PHE A 1405 -0.77 11.75 -6.18
C PHE A 1405 0.08 10.75 -5.42
N GLU A 1406 1.08 10.19 -6.10
CA GLU A 1406 2.00 9.24 -5.51
C GLU A 1406 3.26 9.27 -6.36
N GLU A 1407 4.38 8.91 -5.74
CA GLU A 1407 5.67 8.99 -6.42
C GLU A 1407 5.91 10.42 -6.90
N THR A 1408 5.89 11.38 -5.98
CA THR A 1408 6.16 12.75 -6.37
C THR A 1408 7.61 12.96 -6.81
N VAL A 1409 8.54 12.27 -6.18
CA VAL A 1409 9.94 12.47 -6.48
C VAL A 1409 10.20 12.16 -7.95
N GLU A 1410 9.96 10.92 -8.34
CA GLU A 1410 10.38 10.45 -9.65
C GLU A 1410 9.64 11.17 -10.76
N ILE A 1411 8.37 11.49 -10.53
CA ILE A 1411 7.72 12.34 -11.51
C ILE A 1411 8.44 13.65 -11.68
N LEU A 1412 8.77 14.34 -10.59
CA LEU A 1412 9.43 15.62 -10.77
C LEU A 1412 10.77 15.47 -11.49
N PHE A 1413 11.52 14.43 -11.18
CA PHE A 1413 12.83 14.32 -11.81
C PHE A 1413 12.74 13.90 -13.27
N GLU A 1414 11.80 13.04 -13.63
CA GLU A 1414 11.59 12.84 -15.06
C GLU A 1414 11.19 14.14 -15.74
N ALA A 1415 10.22 14.86 -15.20
CA ALA A 1415 9.76 16.08 -15.83
C ALA A 1415 10.89 17.08 -15.97
N GLY A 1416 11.81 17.09 -15.02
CA GLY A 1416 12.95 17.94 -15.19
C GLY A 1416 13.83 17.52 -16.33
N ALA A 1417 13.79 16.24 -16.70
CA ALA A 1417 14.65 15.70 -17.73
C ALA A 1417 14.03 15.71 -19.09
N ALA A 1418 12.83 16.25 -19.22
CA ALA A 1418 12.19 16.23 -20.52
C ALA A 1418 11.58 17.57 -20.88
N ALA A 1419 11.72 18.57 -20.04
CA ALA A 1419 11.33 19.92 -20.42
C ALA A 1419 9.85 19.98 -20.75
N GLU A 1420 9.03 19.58 -19.79
CA GLU A 1420 7.59 19.56 -19.98
C GLU A 1420 7.02 20.96 -19.90
N LEU A 1421 5.77 21.10 -20.26
CA LEU A 1421 5.08 22.38 -20.20
C LEU A 1421 3.73 22.16 -19.56
N ASP A 1422 3.66 22.37 -18.25
CA ASP A 1422 2.45 22.10 -17.49
C ASP A 1422 1.56 23.34 -17.57
N ASP A 1423 0.61 23.31 -18.48
CA ASP A 1423 -0.09 24.51 -18.91
C ASP A 1423 -1.07 25.06 -17.90
N CYS A 1424 -0.96 24.69 -16.63
CA CYS A 1424 -1.74 25.31 -15.58
C CYS A 1424 -3.24 25.31 -15.87
N ARG A 1425 -3.84 24.15 -16.14
CA ARG A 1425 -5.30 24.12 -16.23
C ARG A 1425 -5.94 23.19 -15.22
N GLY A 1426 -5.25 22.20 -14.72
CA GLY A 1426 -5.82 21.38 -13.67
C GLY A 1426 -6.23 22.24 -12.49
N VAL A 1427 -6.97 21.65 -11.56
CA VAL A 1427 -7.27 22.39 -10.36
C VAL A 1427 -6.25 22.09 -9.29
N SER A 1428 -5.65 20.90 -9.31
CA SER A 1428 -4.51 20.65 -8.44
C SER A 1428 -3.53 21.82 -8.48
N GLU A 1429 -3.07 22.17 -9.68
CA GLU A 1429 -2.15 23.28 -9.82
C GLU A 1429 -2.70 24.54 -9.19
N ASN A 1430 -3.76 25.08 -9.76
CA ASN A 1430 -4.19 26.39 -9.31
C ASN A 1430 -4.63 26.42 -7.86
N VAL A 1431 -4.72 25.28 -7.20
CA VAL A 1431 -4.67 25.29 -5.75
C VAL A 1431 -3.24 25.52 -5.26
N MET A 1432 -2.30 24.65 -5.67
CA MET A 1432 -0.95 24.77 -5.14
C MET A 1432 -0.23 26.00 -5.65
N LEU A 1433 -0.83 26.77 -6.53
CA LEU A 1433 -0.39 28.12 -6.81
C LEU A 1433 -1.47 29.12 -6.52
N GLY A 1434 -2.37 28.81 -5.60
CA GLY A 1434 -3.26 29.77 -5.01
C GLY A 1434 -3.74 30.82 -5.98
N GLN A 1435 -4.47 30.38 -6.99
CA GLN A 1435 -5.10 31.29 -7.91
C GLN A 1435 -6.59 31.00 -7.95
N LEU A 1436 -7.34 31.99 -8.41
CA LEU A 1436 -8.78 31.83 -8.48
C LEU A 1436 -9.05 30.71 -9.44
N ALA A 1437 -9.38 29.53 -8.91
CA ALA A 1437 -9.32 28.31 -9.69
C ALA A 1437 -10.19 28.38 -10.93
N PRO A 1438 -9.92 27.56 -11.93
CA PRO A 1438 -10.82 27.48 -13.09
C PRO A 1438 -11.86 26.37 -12.97
N MET A 1439 -12.78 26.55 -12.04
CA MET A 1439 -13.96 25.71 -11.91
C MET A 1439 -15.01 26.57 -11.24
N GLY A 1440 -16.15 25.97 -10.95
CA GLY A 1440 -17.19 26.66 -10.23
C GLY A 1440 -17.28 28.12 -10.60
N THR A 1441 -17.24 28.98 -9.60
CA THR A 1441 -17.31 30.41 -9.83
C THR A 1441 -16.04 30.98 -10.39
N GLY A 1442 -15.09 30.14 -10.74
CA GLY A 1442 -13.91 30.59 -11.43
C GLY A 1442 -13.95 30.16 -12.88
N ALA A 1443 -15.12 29.75 -13.33
CA ALA A 1443 -15.28 29.39 -14.72
C ALA A 1443 -15.52 30.59 -15.62
N PHE A 1444 -15.42 31.82 -15.13
CA PHE A 1444 -15.65 32.95 -16.01
C PHE A 1444 -15.27 34.28 -15.42
N ASP A 1445 -14.72 35.18 -16.23
CA ASP A 1445 -14.33 36.47 -15.72
C ASP A 1445 -15.54 37.31 -15.42
N VAL A 1446 -15.30 38.54 -14.99
CA VAL A 1446 -16.38 39.49 -14.74
C VAL A 1446 -15.94 40.83 -15.27
N MET A 1447 -16.62 41.31 -16.29
CA MET A 1447 -16.28 42.56 -16.93
C MET A 1447 -16.80 43.73 -16.11
N ILE A 1448 -16.48 44.92 -16.56
CA ILE A 1448 -17.29 46.08 -16.27
C ILE A 1448 -17.91 46.55 -17.57
N ASP A 1449 -19.22 46.82 -17.55
CA ASP A 1449 -19.92 47.16 -18.78
C ASP A 1449 -19.81 48.64 -19.03
N GLU A 1450 -19.16 48.98 -20.14
CA GLU A 1450 -19.18 50.35 -20.60
C GLU A 1450 -20.57 50.78 -21.04
N LYS A 1451 -21.24 49.99 -21.87
CA LYS A 1451 -22.52 50.39 -22.41
C LYS A 1451 -23.50 50.72 -21.29
N LEU A 1452 -23.41 49.99 -20.19
CA LEU A 1452 -24.47 50.06 -19.20
C LEU A 1452 -24.31 51.26 -18.30
N LEU A 1453 -23.09 51.55 -17.85
CA LEU A 1453 -22.86 52.85 -17.23
C LEU A 1453 -23.04 54.02 -18.18
N THR A 1454 -22.94 53.79 -19.49
CA THR A 1454 -23.26 54.90 -20.39
C THR A 1454 -24.76 55.19 -20.37
N SER A 1455 -25.58 54.14 -20.37
CA SER A 1455 -27.02 54.38 -20.27
C SER A 1455 -27.39 54.99 -18.93
N LEU A 1456 -26.58 54.76 -17.90
CA LEU A 1456 -26.86 55.11 -16.51
C LEU A 1456 -26.43 56.54 -16.20
N PRO A 1457 -26.80 57.04 -15.01
CA PRO A 1457 -26.21 58.27 -14.47
C PRO A 1457 -24.77 58.03 -14.05
N ASP B 9 -20.08 -34.86 53.32
CA ASP B 9 -20.14 -33.75 52.38
C ASP B 9 -21.51 -33.24 52.09
N ASP B 10 -21.54 -32.33 51.13
CA ASP B 10 -22.72 -31.95 50.40
C ASP B 10 -22.24 -31.54 49.02
N THR B 11 -23.06 -30.84 48.26
CA THR B 11 -22.59 -30.29 47.00
C THR B 11 -21.78 -29.05 47.28
N ILE B 12 -20.64 -28.92 46.62
CA ILE B 12 -19.90 -27.68 46.75
C ILE B 12 -20.82 -26.57 46.28
N THR B 13 -21.24 -25.73 47.21
CA THR B 13 -22.17 -24.67 46.87
C THR B 13 -21.47 -23.67 45.97
N THR B 14 -22.19 -22.65 45.53
CA THR B 14 -21.49 -21.55 44.88
C THR B 14 -20.48 -20.93 45.83
N GLU B 15 -20.92 -20.60 47.04
CA GLU B 15 -20.02 -19.74 47.78
C GLU B 15 -18.75 -20.48 48.18
N ASP B 16 -18.71 -21.80 48.11
CA ASP B 16 -17.46 -22.46 48.40
C ASP B 16 -16.48 -22.26 47.26
N CYS B 17 -16.97 -22.26 46.03
CA CYS B 17 -16.14 -21.73 44.97
C CYS B 17 -15.68 -20.32 45.30
N TRP B 18 -16.50 -19.57 46.02
CA TRP B 18 -16.04 -18.23 46.32
C TRP B 18 -15.06 -18.16 47.47
N THR B 19 -15.05 -19.11 48.38
CA THR B 19 -13.96 -19.13 49.34
C THR B 19 -12.66 -19.54 48.66
N VAL B 20 -12.74 -20.42 47.66
CA VAL B 20 -11.51 -20.78 46.99
C VAL B 20 -10.94 -19.59 46.23
N ILE B 21 -11.76 -18.86 45.49
CA ILE B 21 -11.20 -17.63 44.93
C ILE B 21 -10.73 -16.67 46.03
N SER B 22 -11.36 -16.68 47.20
CA SER B 22 -10.82 -15.80 48.23
C SER B 22 -9.40 -16.18 48.58
N ALA B 23 -9.15 -17.45 48.90
CA ALA B 23 -7.80 -17.86 49.25
C ALA B 23 -6.84 -17.57 48.13
N PHE B 24 -7.30 -17.70 46.89
CA PHE B 24 -6.41 -17.42 45.78
C PHE B 24 -5.98 -15.96 45.79
N PHE B 25 -6.93 -15.05 45.73
CA PHE B 25 -6.48 -13.67 45.82
C PHE B 25 -5.87 -13.33 47.15
N GLU B 26 -5.92 -14.24 48.11
CA GLU B 26 -5.31 -14.00 49.40
C GLU B 26 -3.87 -14.38 49.41
N GLU B 27 -3.44 -15.26 48.51
CA GLU B 27 -2.03 -15.55 48.45
C GLU B 27 -1.34 -14.76 47.36
N LYS B 28 -1.81 -14.87 46.13
CA LYS B 28 -1.05 -14.27 45.06
C LYS B 28 -1.24 -12.78 44.93
N GLY B 29 -2.40 -12.26 45.27
CA GLY B 29 -2.65 -10.90 44.91
C GLY B 29 -2.81 -10.81 43.40
N LEU B 30 -3.28 -9.67 42.94
CA LEU B 30 -3.57 -9.53 41.53
C LEU B 30 -2.34 -9.78 40.67
N VAL B 31 -1.21 -9.13 40.98
CA VAL B 31 -0.16 -8.98 39.99
C VAL B 31 1.05 -9.83 40.27
N SER B 32 0.86 -10.94 40.95
CA SER B 32 1.95 -11.75 41.49
C SER B 32 3.10 -12.01 40.55
N GLN B 33 2.80 -12.24 39.28
CA GLN B 33 3.81 -12.78 38.38
C GLN B 33 4.95 -11.80 38.18
N GLN B 34 4.65 -10.50 38.07
CA GLN B 34 5.71 -9.51 37.98
C GLN B 34 6.72 -9.72 39.09
N LEU B 35 6.25 -9.91 40.31
CA LEU B 35 7.18 -10.00 41.41
C LEU B 35 7.86 -11.35 41.42
N ASP B 36 7.14 -12.41 41.12
CA ASP B 36 7.86 -13.69 41.08
C ASP B 36 8.86 -13.72 39.95
N SER B 37 8.52 -13.18 38.78
CA SER B 37 9.49 -13.19 37.71
C SER B 37 10.68 -12.27 38.01
N PHE B 38 10.42 -11.02 38.38
CA PHE B 38 11.47 -10.10 38.72
C PHE B 38 12.37 -10.67 39.78
N ASP B 39 11.80 -11.33 40.78
CA ASP B 39 12.63 -11.89 41.82
C ASP B 39 13.50 -13.01 41.30
N GLU B 40 12.90 -13.92 40.53
CA GLU B 40 13.71 -14.96 39.91
C GLU B 40 14.88 -14.35 39.17
N PHE B 41 14.62 -13.26 38.46
CA PHE B 41 15.68 -12.52 37.79
C PHE B 41 16.77 -12.14 38.76
N MET B 42 16.46 -11.22 39.68
CA MET B 42 17.49 -10.68 40.55
C MET B 42 18.24 -11.74 41.29
N GLU B 43 17.66 -12.91 41.49
CA GLU B 43 18.33 -13.86 42.34
C GLU B 43 19.17 -14.85 41.58
N THR B 44 18.79 -15.24 40.38
CA THR B 44 19.59 -16.25 39.72
C THR B 44 19.99 -15.84 38.31
N SER B 45 19.15 -15.04 37.66
CA SER B 45 19.42 -14.69 36.28
C SER B 45 20.72 -13.91 36.15
N ILE B 46 21.00 -12.97 37.04
CA ILE B 46 22.22 -12.21 36.84
C ILE B 46 23.43 -13.02 37.22
N GLN B 47 23.34 -13.74 38.33
CA GLN B 47 24.43 -14.64 38.69
C GLN B 47 24.82 -15.53 37.53
N ASP B 48 23.85 -16.01 36.77
CA ASP B 48 24.19 -16.90 35.68
C ASP B 48 24.22 -16.23 34.32
N LEU B 49 24.04 -14.91 34.27
CA LEU B 49 24.58 -14.18 33.14
C LEU B 49 26.08 -14.00 33.28
N VAL B 50 26.54 -13.78 34.50
CA VAL B 50 27.97 -13.65 34.70
C VAL B 50 28.68 -14.87 34.13
N TRP B 51 28.35 -16.02 34.66
CA TRP B 51 29.11 -17.21 34.33
C TRP B 51 28.89 -17.68 32.93
N GLU B 52 28.43 -16.78 32.06
CA GLU B 52 28.40 -17.09 30.64
C GLU B 52 29.81 -17.05 30.09
N GLU B 53 30.45 -15.87 30.14
CA GLU B 53 31.82 -15.67 29.71
C GLU B 53 32.64 -15.54 30.98
N PRO B 54 32.99 -16.66 31.62
CA PRO B 54 33.59 -16.57 32.96
C PRO B 54 34.96 -15.93 32.97
N ARG B 55 35.65 -15.81 31.83
CA ARG B 55 37.02 -15.32 31.80
C ARG B 55 37.35 -14.59 30.52
N LEU B 56 38.07 -13.49 30.67
CA LEU B 56 38.83 -12.90 29.59
C LEU B 56 40.26 -13.43 29.61
N ILE B 57 40.95 -13.23 28.48
CA ILE B 57 42.34 -13.65 28.37
C ILE B 57 43.09 -12.63 27.52
N LEU B 58 44.22 -12.16 28.02
CA LEU B 58 45.32 -11.71 27.18
C LEU B 58 46.50 -12.65 27.36
N ASP B 59 47.12 -12.99 26.24
CA ASP B 59 48.26 -13.91 26.30
C ASP B 59 49.40 -13.41 25.44
N GLN B 60 50.43 -12.88 26.06
CA GLN B 60 51.60 -12.36 25.37
C GLN B 60 52.69 -13.38 25.59
N PRO B 61 52.89 -14.28 24.65
CA PRO B 61 53.82 -15.39 24.87
C PRO B 61 55.27 -14.97 24.87
N ALA B 62 55.70 -14.22 23.86
CA ALA B 62 57.13 -14.10 23.67
C ALA B 62 57.45 -12.86 22.86
N GLN B 63 58.67 -12.38 23.04
CA GLN B 63 59.31 -11.39 22.18
C GLN B 63 58.46 -10.12 22.05
N HIS B 64 58.34 -9.41 23.16
CA HIS B 64 57.92 -8.01 23.16
C HIS B 64 59.15 -7.10 23.20
N THR B 65 59.92 -7.13 22.11
CA THR B 65 61.29 -6.58 22.10
C THR B 65 62.09 -7.16 23.27
N ASN B 66 61.69 -8.37 23.67
CA ASN B 66 62.29 -9.10 24.78
C ASN B 66 63.51 -9.86 24.28
N GLU B 67 64.20 -10.51 25.21
CA GLU B 67 65.24 -11.46 24.85
C GLU B 67 64.63 -12.85 24.68
N LYS B 68 63.53 -12.88 23.92
CA LYS B 68 62.69 -14.07 23.77
C LYS B 68 62.39 -14.69 25.13
N ASP B 69 62.21 -13.86 26.15
CA ASP B 69 61.78 -14.39 27.43
C ASP B 69 60.35 -14.88 27.25
N ASN B 70 60.21 -16.08 26.68
CA ASN B 70 58.92 -16.51 26.14
C ASN B 70 57.96 -16.77 27.30
N ILE B 71 57.66 -15.71 28.04
CA ILE B 71 56.78 -15.76 29.20
C ILE B 71 55.36 -15.51 28.72
N ASN B 72 54.48 -16.48 28.94
CA ASN B 72 53.07 -16.25 28.66
C ASN B 72 52.54 -15.23 29.64
N LYS B 73 52.49 -13.98 29.17
CA LYS B 73 51.79 -12.93 29.91
C LYS B 73 50.29 -13.14 29.70
N ARG B 74 49.80 -14.26 30.20
CA ARG B 74 48.38 -14.53 30.19
C ARG B 74 47.78 -13.81 31.39
N TYR B 75 47.33 -12.59 31.15
CA TYR B 75 46.46 -11.86 32.04
C TYR B 75 45.07 -12.45 31.92
N GLU B 76 44.65 -13.17 32.95
CA GLU B 76 43.39 -13.89 32.95
C GLU B 76 42.51 -13.19 33.97
N ILE B 77 41.44 -12.57 33.48
CA ILE B 77 40.48 -11.88 34.32
C ILE B 77 39.26 -12.78 34.47
N ARG B 78 39.07 -13.32 35.66
CA ARG B 78 38.05 -14.31 35.94
C ARG B 78 36.96 -13.64 36.77
N PHE B 79 35.72 -13.69 36.30
CA PHE B 79 34.63 -13.02 36.99
C PHE B 79 34.18 -13.81 38.20
N GLY B 80 33.68 -13.10 39.20
CA GLY B 80 33.26 -13.75 40.40
C GLY B 80 31.90 -13.36 40.93
N LYS B 81 31.80 -13.25 42.25
CA LYS B 81 30.52 -13.20 42.92
C LYS B 81 29.73 -11.95 42.54
N ILE B 82 28.44 -11.98 42.79
CA ILE B 82 27.63 -10.79 42.74
C ILE B 82 27.09 -10.51 44.13
N TYR B 83 27.08 -9.23 44.51
CA TYR B 83 26.48 -8.81 45.77
C TYR B 83 25.55 -7.64 45.51
N LEU B 84 24.45 -7.59 46.26
CA LEU B 84 23.46 -6.54 46.11
C LEU B 84 23.03 -6.02 47.47
N SER B 85 22.86 -4.71 47.57
CA SER B 85 22.33 -4.12 48.80
C SER B 85 21.16 -3.22 48.43
N ARG B 86 20.40 -2.81 49.44
CA ARG B 86 19.19 -2.04 49.24
C ARG B 86 19.47 -0.82 48.38
N PRO B 87 18.45 -0.22 47.79
CA PRO B 87 18.69 1.01 47.03
C PRO B 87 19.35 2.02 47.92
N THR B 88 20.10 2.93 47.32
CA THR B 88 20.92 3.80 48.15
C THR B 88 21.01 5.18 47.51
N MET B 89 20.81 6.21 48.33
CA MET B 89 20.86 7.60 47.88
C MET B 89 22.24 8.14 48.20
N THR B 90 23.09 8.21 47.19
CA THR B 90 24.37 8.89 47.33
C THR B 90 24.25 10.33 46.87
N GLU B 91 24.36 11.25 47.81
CA GLU B 91 24.15 12.66 47.52
C GLU B 91 25.26 13.22 46.64
N ALA B 92 25.20 14.53 46.42
CA ALA B 92 26.38 15.26 45.96
C ALA B 92 27.29 15.59 47.12
N ASP B 93 26.73 15.80 48.31
CA ASP B 93 27.52 16.08 49.49
C ASP B 93 28.52 14.98 49.77
N GLY B 94 28.11 13.72 49.58
CA GLY B 94 28.92 12.57 49.93
C GLY B 94 28.25 11.63 50.88
N THR B 95 27.12 12.04 51.47
CA THR B 95 26.39 11.18 52.38
C THR B 95 25.62 10.12 51.61
N THR B 96 25.32 9.03 52.30
CA THR B 96 24.47 7.97 51.76
C THR B 96 23.40 7.64 52.77
N HIS B 97 22.23 7.22 52.28
CA HIS B 97 21.16 6.82 53.15
C HIS B 97 20.14 6.04 52.33
N ALA B 98 19.31 5.27 53.04
CA ALA B 98 18.29 4.49 52.36
C ALA B 98 17.29 5.42 51.71
N MET B 99 17.22 5.40 50.39
CA MET B 99 16.16 6.16 49.75
C MET B 99 14.83 5.48 50.04
N PHE B 100 13.75 6.18 49.73
CA PHE B 100 12.45 5.55 49.77
C PHE B 100 11.59 6.04 48.63
N PRO B 101 10.72 5.17 48.12
CA PRO B 101 9.93 5.52 46.94
C PRO B 101 9.35 6.89 47.03
N GLN B 102 8.95 7.32 48.20
CA GLN B 102 8.36 8.65 48.27
C GLN B 102 9.40 9.70 47.92
N GLU B 103 10.53 9.69 48.62
CA GLU B 103 11.56 10.64 48.30
C GLU B 103 11.98 10.50 46.86
N ALA B 104 11.93 9.28 46.34
CA ALA B 104 12.23 9.08 44.93
C ALA B 104 11.33 9.93 44.07
N ARG B 105 10.03 9.70 44.15
CA ARG B 105 9.14 10.42 43.26
C ARG B 105 9.24 11.91 43.47
N LEU B 106 9.52 12.34 44.69
CA LEU B 106 9.44 13.76 44.94
C LEU B 106 10.61 14.51 44.33
N ARG B 107 11.65 13.81 43.89
CA ARG B 107 12.92 14.45 43.61
C ARG B 107 13.47 14.17 42.21
N ASN B 108 12.68 13.56 41.32
CA ASN B 108 13.22 13.09 40.05
C ASN B 108 14.47 12.29 40.25
N LEU B 109 14.41 11.26 41.07
CA LEU B 109 15.55 10.35 41.18
C LEU B 109 15.30 9.10 40.35
N THR B 110 16.02 8.04 40.66
CA THR B 110 15.78 6.75 40.03
C THR B 110 16.08 5.65 41.01
N TYR B 111 15.03 5.05 41.54
CA TYR B 111 15.14 4.02 42.54
C TYR B 111 15.99 2.92 41.96
N SER B 112 17.22 2.80 42.40
CA SER B 112 18.17 1.90 41.78
C SER B 112 18.99 1.22 42.85
N SER B 113 19.60 0.12 42.51
CA SER B 113 20.45 -0.57 43.42
C SER B 113 21.83 -0.81 42.83
N PRO B 114 22.87 -0.45 43.55
CA PRO B 114 24.22 -0.71 43.06
C PRO B 114 24.49 -2.21 43.05
N VAL B 115 25.26 -2.65 42.07
CA VAL B 115 25.52 -4.07 41.86
C VAL B 115 27.00 -4.30 42.07
N TYR B 116 27.40 -4.85 43.21
CA TYR B 116 28.83 -4.98 43.43
C TYR B 116 29.37 -6.30 42.91
N LEU B 117 30.55 -6.20 42.30
CA LEU B 117 31.06 -7.19 41.36
C LEU B 117 32.52 -7.52 41.64
N ASP B 118 32.87 -8.80 41.54
CA ASP B 118 34.24 -9.27 41.71
C ASP B 118 34.92 -9.49 40.37
N MET B 119 36.16 -9.04 40.27
CA MET B 119 36.89 -9.12 39.01
C MET B 119 38.28 -9.63 39.34
N GLU B 120 38.40 -10.94 39.48
CA GLU B 120 39.58 -11.60 40.03
C GLU B 120 40.65 -11.70 38.95
N LYS B 121 41.73 -10.96 39.13
CA LYS B 121 42.77 -10.83 38.11
C LYS B 121 43.93 -11.75 38.44
N SER B 122 44.52 -12.38 37.41
CA SER B 122 45.65 -13.26 37.66
C SER B 122 46.53 -13.42 36.43
N MET B 123 47.59 -14.21 36.61
CA MET B 123 48.60 -14.45 35.59
C MET B 123 48.84 -15.94 35.46
N PHE B 124 48.70 -16.45 34.25
CA PHE B 124 49.32 -17.74 33.96
C PHE B 124 50.83 -17.56 33.91
N THR B 125 51.56 -18.44 34.59
CA THR B 125 52.99 -18.61 34.34
C THR B 125 53.12 -20.01 33.76
N SER B 126 52.81 -20.13 32.48
CA SER B 126 52.94 -21.37 31.70
C SER B 126 53.33 -20.83 30.34
N ILE B 127 54.64 -20.73 30.12
CA ILE B 127 55.19 -19.70 29.24
C ILE B 127 55.70 -20.32 27.95
N ASP B 128 55.40 -19.68 26.83
CA ASP B 128 55.82 -20.22 25.54
C ASP B 128 56.10 -19.10 24.54
N GLY B 153 40.82 -5.53 41.98
CA GLY B 153 40.80 -6.92 42.40
C GLY B 153 39.85 -7.14 43.56
N ASN B 154 38.68 -6.54 43.47
CA ASN B 154 37.79 -6.60 44.61
C ASN B 154 36.39 -6.24 44.14
N LYS B 155 35.50 -5.95 45.08
CA LYS B 155 34.17 -5.50 44.72
C LYS B 155 34.25 -4.25 43.86
N VAL B 156 33.72 -4.31 42.67
CA VAL B 156 33.52 -3.11 41.88
C VAL B 156 32.04 -2.76 41.81
N HIS B 157 31.75 -1.51 42.11
CA HIS B 157 30.51 -0.86 41.71
C HIS B 157 30.51 -0.78 40.21
N ILE B 158 29.49 -1.36 39.57
CA ILE B 158 29.50 -1.42 38.11
C ILE B 158 28.24 -0.89 37.47
N GLY B 159 27.18 -0.66 38.23
CA GLY B 159 25.94 -0.22 37.62
C GLY B 159 24.77 -0.48 38.55
N LYS B 160 23.61 -0.06 38.07
CA LYS B 160 22.44 0.08 38.91
C LYS B 160 21.21 -0.62 38.33
N VAL B 161 20.99 -1.86 38.76
CA VAL B 161 19.73 -2.54 38.46
C VAL B 161 18.64 -1.86 39.25
N PRO B 162 17.53 -1.45 38.65
CA PRO B 162 16.50 -0.78 39.43
C PRO B 162 15.47 -1.75 39.97
N ILE B 163 15.27 -1.72 41.28
CA ILE B 163 14.40 -2.66 41.96
C ILE B 163 12.96 -2.37 41.61
N MET B 164 12.18 -3.44 41.40
CA MET B 164 10.75 -3.36 41.15
C MET B 164 9.98 -3.30 42.46
N LEU B 165 9.20 -2.24 42.63
CA LEU B 165 8.61 -2.01 43.94
C LEU B 165 7.95 -3.26 44.45
N ARG B 166 7.99 -3.44 45.75
CA ARG B 166 7.42 -4.62 46.38
C ARG B 166 8.09 -5.89 45.90
N SER B 167 9.34 -5.82 45.46
CA SER B 167 10.05 -7.08 45.31
C SER B 167 10.41 -7.61 46.67
N LYS B 168 11.31 -8.59 46.69
CA LYS B 168 11.95 -8.89 47.95
C LYS B 168 13.06 -7.90 48.23
N PHE B 169 13.49 -7.19 47.20
CA PHE B 169 14.67 -6.35 47.28
C PHE B 169 14.33 -4.88 47.26
N CYS B 170 13.07 -4.55 47.48
CA CYS B 170 12.77 -3.17 47.76
C CYS B 170 12.65 -2.97 49.26
N SER B 171 12.46 -1.72 49.66
CA SER B 171 12.43 -1.40 51.08
C SER B 171 11.06 -1.61 51.67
N LEU B 172 10.02 -1.75 50.85
CA LEU B 172 8.66 -1.72 51.35
C LEU B 172 8.06 -3.11 51.41
N ARG B 173 8.87 -4.14 51.20
CA ARG B 173 8.33 -5.49 51.31
C ARG B 173 7.77 -5.75 52.70
N THR B 174 8.59 -5.59 53.71
CA THR B 174 8.23 -5.89 55.09
C THR B 174 7.64 -4.62 55.71
N LEU B 175 7.70 -4.54 57.04
CA LEU B 175 7.58 -3.28 57.77
C LEU B 175 6.18 -2.70 58.00
N ASP B 176 5.32 -3.45 58.70
CA ASP B 176 4.48 -2.82 59.73
C ASP B 176 3.48 -1.80 59.21
N GLU B 177 2.39 -2.27 58.61
CA GLU B 177 1.53 -1.48 57.75
C GLU B 177 1.37 -0.02 58.18
N VAL B 178 1.29 0.22 59.47
CA VAL B 178 1.26 1.61 59.96
C VAL B 178 2.53 2.34 59.53
N ASP B 179 3.67 1.68 59.71
CA ASP B 179 4.89 2.30 59.22
C ASP B 179 4.92 2.41 57.71
N LEU B 180 4.24 1.52 56.99
CA LEU B 180 4.06 1.79 55.57
C LEU B 180 3.37 3.12 55.39
N TYR B 181 2.38 3.41 56.22
CA TYR B 181 1.85 4.77 56.20
C TYR B 181 2.95 5.77 56.47
N LYS B 182 3.85 5.48 57.40
CA LYS B 182 4.89 6.47 57.65
C LYS B 182 5.72 6.74 56.43
N MET B 183 5.66 5.88 55.41
CA MET B 183 6.46 6.11 54.22
C MET B 183 5.65 6.72 53.09
N LYS B 184 4.36 6.94 53.31
CA LYS B 184 3.43 7.50 52.33
C LYS B 184 3.06 6.49 51.24
N GLU B 185 3.27 5.21 51.51
CA GLU B 185 2.95 4.15 50.56
C GLU B 185 1.51 3.71 50.78
N CYS B 186 0.59 4.31 50.04
CA CYS B 186 -0.82 3.95 50.10
C CYS B 186 -1.03 2.45 49.97
N PRO B 187 -1.37 1.75 51.05
CA PRO B 187 -1.21 0.30 51.05
C PRO B 187 -2.04 -0.43 50.02
N TYR B 188 -3.00 0.23 49.39
CA TYR B 188 -3.71 -0.48 48.33
C TYR B 188 -2.87 -0.64 47.11
N ASP B 189 -1.73 0.01 47.04
CA ASP B 189 -0.85 -0.15 45.90
C ASP B 189 -0.16 -1.50 45.97
N MET B 190 0.16 -2.03 44.81
CA MET B 190 0.99 -3.22 44.74
C MET B 190 2.20 -3.06 43.84
N GLY B 191 2.61 -1.84 43.52
CA GLY B 191 3.87 -1.66 42.84
C GLY B 191 3.86 -2.33 41.49
N GLY B 192 4.67 -3.36 41.35
CA GLY B 192 4.81 -4.02 40.08
C GLY B 192 5.60 -3.25 39.06
N TYR B 193 5.87 -1.98 39.30
CA TYR B 193 6.55 -1.16 38.33
C TYR B 193 7.80 -0.55 38.95
N PHE B 194 8.66 0.00 38.10
CA PHE B 194 9.93 0.59 38.49
C PHE B 194 9.73 2.09 38.55
N VAL B 195 10.73 2.78 39.06
CA VAL B 195 10.75 4.23 39.04
C VAL B 195 12.00 4.64 38.28
N ILE B 196 11.92 5.68 37.46
CA ILE B 196 13.05 6.12 36.64
C ILE B 196 12.97 7.62 36.43
N ASN B 197 14.10 8.31 36.64
CA ASN B 197 14.15 9.77 36.56
C ASN B 197 13.01 10.42 37.31
N GLY B 198 12.46 9.71 38.28
CA GLY B 198 11.28 10.19 38.95
C GLY B 198 10.01 9.53 38.51
N SER B 199 9.71 9.54 37.22
CA SER B 199 8.43 9.03 36.80
C SER B 199 8.33 7.54 37.05
N GLU B 200 7.19 6.98 36.66
CA GLU B 200 6.85 5.59 36.92
C GLU B 200 6.91 4.82 35.62
N LYS B 201 7.45 3.61 35.64
CA LYS B 201 7.49 2.87 34.40
C LYS B 201 7.12 1.42 34.64
N VAL B 202 6.50 0.82 33.63
CA VAL B 202 5.99 -0.54 33.75
C VAL B 202 6.56 -1.41 32.64
N LEU B 203 6.36 -2.71 32.76
CA LEU B 203 6.78 -3.63 31.72
C LEU B 203 5.57 -4.31 31.09
N ILE B 204 5.30 -3.95 29.84
CA ILE B 204 4.27 -4.60 29.07
C ILE B 204 4.79 -5.91 28.54
N ALA B 205 4.59 -6.98 29.28
CA ALA B 205 5.23 -8.25 28.94
C ALA B 205 4.99 -8.53 27.46
N GLN B 206 6.03 -8.92 26.74
CA GLN B 206 5.89 -9.18 25.31
C GLN B 206 5.50 -10.63 25.06
N GLU B 207 5.18 -10.91 23.80
CA GLU B 207 4.75 -12.24 23.39
C GLU B 207 5.52 -12.70 22.17
N ARG B 208 6.33 -13.73 22.36
CA ARG B 208 7.15 -14.31 21.32
C ARG B 208 6.64 -15.69 20.94
N SER B 209 6.76 -16.00 19.66
CA SER B 209 6.39 -17.31 19.16
C SER B 209 7.34 -18.37 19.66
N ALA B 210 6.82 -19.55 19.91
CA ALA B 210 7.50 -20.47 20.80
C ALA B 210 8.84 -20.89 20.23
N ALA B 211 9.78 -21.11 21.12
CA ALA B 211 11.01 -21.75 20.72
C ALA B 211 10.92 -23.24 21.02
N ASN B 212 11.57 -24.04 20.17
CA ASN B 212 11.80 -25.46 20.41
C ASN B 212 10.57 -26.33 20.14
N ILE B 213 9.83 -26.05 19.09
CA ILE B 213 8.78 -26.94 18.59
C ILE B 213 8.85 -26.95 17.08
N VAL B 214 8.06 -27.82 16.45
CA VAL B 214 8.22 -28.16 15.04
C VAL B 214 7.00 -27.67 14.28
N GLN B 215 7.02 -26.42 13.88
CA GLN B 215 5.82 -25.83 13.30
C GLN B 215 5.78 -26.13 11.81
N VAL B 216 4.57 -26.33 11.26
CA VAL B 216 4.44 -26.81 9.90
C VAL B 216 3.46 -25.92 9.15
N PHE B 217 3.96 -24.93 8.46
CA PHE B 217 3.13 -23.97 7.75
C PHE B 217 3.01 -24.40 6.30
N LYS B 218 2.06 -23.80 5.58
CA LYS B 218 2.07 -23.82 4.14
C LYS B 218 2.41 -22.43 3.63
N LYS B 219 3.16 -22.38 2.54
CA LYS B 219 3.40 -21.12 1.86
C LYS B 219 2.24 -20.89 0.89
N ALA B 220 2.05 -19.64 0.51
CA ALA B 220 1.06 -19.26 -0.48
C ALA B 220 1.36 -19.93 -1.82
N ALA B 221 0.46 -19.74 -2.77
CA ALA B 221 0.54 -20.43 -4.05
C ALA B 221 1.77 -20.07 -4.88
N PRO B 222 2.11 -18.76 -5.08
CA PRO B 222 3.20 -18.44 -6.01
C PRO B 222 4.58 -18.81 -5.49
N SER B 223 4.81 -20.09 -5.30
CA SER B 223 6.11 -20.54 -4.82
C SER B 223 6.27 -22.02 -5.13
N PRO B 224 7.50 -22.50 -5.31
CA PRO B 224 7.72 -23.93 -5.50
C PRO B 224 7.52 -24.78 -4.26
N ILE B 225 7.04 -24.20 -3.17
CA ILE B 225 7.03 -24.83 -1.86
C ILE B 225 5.59 -24.98 -1.40
N SER B 226 5.23 -26.17 -0.96
CA SER B 226 3.90 -26.38 -0.42
C SER B 226 3.90 -26.32 1.10
N HIS B 227 4.97 -26.79 1.71
CA HIS B 227 4.99 -26.98 3.14
C HIS B 227 6.37 -26.64 3.72
N VAL B 228 6.37 -25.87 4.80
CA VAL B 228 7.60 -25.42 5.44
C VAL B 228 7.62 -25.93 6.87
N ALA B 229 8.67 -26.66 7.24
CA ALA B 229 8.84 -27.19 8.59
C ALA B 229 9.88 -26.33 9.30
N GLU B 230 9.41 -25.41 10.14
CA GLU B 230 10.25 -24.39 10.74
C GLU B 230 10.41 -24.62 12.24
N ILE B 231 11.57 -24.23 12.75
CA ILE B 231 11.82 -24.20 14.18
C ILE B 231 12.64 -22.96 14.47
N ARG B 232 12.44 -22.37 15.65
CA ARG B 232 13.23 -21.22 16.08
C ARG B 232 14.06 -21.64 17.27
N SER B 233 15.24 -22.21 17.03
CA SER B 233 16.00 -22.77 18.13
C SER B 233 16.55 -21.66 19.00
N ALA B 234 16.74 -21.97 20.28
CA ALA B 234 17.21 -21.01 21.26
C ALA B 234 17.53 -21.75 22.54
N LEU B 235 18.71 -21.47 23.11
CA LEU B 235 19.17 -22.23 24.26
C LEU B 235 18.20 -22.14 25.42
N GLU B 236 18.00 -23.28 26.08
CA GLU B 236 17.06 -23.37 27.19
C GLU B 236 17.30 -22.26 28.20
N LYS B 237 18.51 -22.21 28.75
CA LYS B 237 18.83 -21.16 29.69
C LYS B 237 19.03 -19.85 28.94
N GLY B 238 18.61 -18.76 29.56
CA GLY B 238 18.66 -17.44 28.96
C GLY B 238 17.50 -17.10 28.07
N SER B 239 17.02 -18.08 27.31
CA SER B 239 15.89 -17.90 26.38
C SER B 239 16.18 -16.79 25.37
N ARG B 240 17.21 -17.03 24.56
CA ARG B 240 17.65 -16.08 23.55
C ARG B 240 17.85 -16.80 22.22
N LEU B 241 17.52 -16.12 21.12
CA LEU B 241 17.58 -16.72 19.80
C LEU B 241 18.98 -17.16 19.43
N ILE B 242 19.09 -18.38 18.92
CA ILE B 242 20.36 -18.90 18.44
C ILE B 242 20.30 -18.93 16.92
N SER B 243 19.39 -19.72 16.37
CA SER B 243 19.31 -19.99 14.95
C SER B 243 17.88 -20.22 14.52
N THR B 244 17.68 -20.33 13.21
CA THR B 244 16.35 -20.54 12.63
C THR B 244 16.49 -21.46 11.42
N MET B 245 16.50 -22.76 11.68
CA MET B 245 16.69 -23.71 10.60
C MET B 245 15.39 -23.93 9.85
N GLN B 246 15.36 -23.59 8.58
CA GLN B 246 14.14 -23.80 7.81
C GLN B 246 14.28 -25.06 6.97
N ILE B 247 13.14 -25.68 6.67
CA ILE B 247 13.09 -26.73 5.68
C ILE B 247 11.98 -26.40 4.69
N LYS B 248 12.23 -26.65 3.42
CA LYS B 248 11.31 -26.29 2.36
C LYS B 248 11.04 -27.54 1.54
N LEU B 249 9.84 -27.66 1.00
CA LEU B 249 9.53 -28.74 0.08
C LEU B 249 9.28 -28.19 -1.31
N TYR B 250 10.31 -28.20 -2.16
CA TYR B 250 10.16 -27.64 -3.48
C TYR B 250 9.34 -28.54 -4.38
N GLY B 251 8.51 -27.92 -5.21
CA GLY B 251 7.66 -28.63 -6.16
C GLY B 251 6.19 -28.49 -5.85
N ARG B 252 5.56 -27.51 -6.47
CA ARG B 252 4.13 -27.28 -6.31
C ARG B 252 3.39 -28.39 -7.04
N GLU B 253 2.07 -28.23 -7.19
CA GLU B 253 1.25 -29.20 -7.90
C GLU B 253 1.64 -29.23 -9.37
N ASP B 254 2.33 -30.30 -9.78
CA ASP B 254 2.61 -30.59 -11.19
C ASP B 254 3.59 -29.58 -11.81
N LYS B 255 4.83 -29.62 -11.36
CA LYS B 255 5.88 -28.75 -11.90
C LYS B 255 7.23 -29.24 -11.44
N GLY B 256 8.12 -29.53 -12.39
CA GLY B 256 9.46 -29.93 -12.02
C GLY B 256 9.45 -31.29 -11.33
N THR B 257 9.19 -32.35 -12.09
CA THR B 257 8.77 -33.67 -11.60
C THR B 257 9.35 -34.06 -10.23
N GLY B 258 10.58 -33.65 -9.95
CA GLY B 258 11.20 -33.92 -8.67
C GLY B 258 10.57 -33.19 -7.49
N ARG B 259 10.00 -33.95 -6.56
CA ARG B 259 9.41 -33.40 -5.35
C ARG B 259 10.38 -33.59 -4.18
N THR B 260 11.36 -32.71 -4.11
CA THR B 260 12.46 -32.87 -3.17
C THR B 260 12.47 -31.78 -2.12
N ILE B 261 13.39 -31.95 -1.19
CA ILE B 261 13.41 -31.18 0.04
C ILE B 261 14.76 -30.49 0.12
N LYS B 262 14.75 -29.23 0.49
CA LYS B 262 16.01 -28.55 0.67
C LYS B 262 16.07 -27.94 2.06
N ALA B 263 17.22 -28.12 2.70
CA ALA B 263 17.44 -27.54 4.01
C ALA B 263 17.92 -26.12 3.84
N THR B 264 17.77 -25.33 4.89
CA THR B 264 18.27 -23.97 4.93
C THR B 264 18.79 -23.68 6.32
N LEU B 265 20.01 -23.22 6.40
CA LEU B 265 20.75 -23.16 7.64
C LEU B 265 21.13 -21.71 7.93
N PRO B 266 21.87 -21.42 8.99
CA PRO B 266 22.41 -20.08 9.15
C PRO B 266 23.83 -19.98 8.65
N TYR B 267 24.25 -18.74 8.40
CA TYR B 267 25.58 -18.47 7.86
C TYR B 267 25.80 -19.25 6.57
N VAL B 268 24.78 -19.27 5.72
CA VAL B 268 24.94 -19.64 4.33
C VAL B 268 24.17 -18.63 3.49
N LYS B 269 24.48 -18.62 2.20
CA LYS B 269 23.81 -17.79 1.22
C LYS B 269 23.02 -18.63 0.24
N GLN B 270 22.85 -19.90 0.53
CA GLN B 270 22.51 -20.86 -0.50
C GLN B 270 22.03 -22.14 0.16
N ASP B 271 21.13 -22.83 -0.51
CA ASP B 271 20.32 -23.84 0.12
C ASP B 271 20.87 -25.23 -0.15
N ILE B 272 20.59 -26.16 0.75
CA ILE B 272 21.13 -27.51 0.62
C ILE B 272 20.01 -28.54 0.52
N PRO B 273 20.05 -29.45 -0.44
CA PRO B 273 19.14 -30.60 -0.38
C PRO B 273 19.57 -31.57 0.69
N ILE B 274 18.63 -32.43 1.07
CA ILE B 274 18.64 -32.94 2.43
C ILE B 274 19.62 -34.10 2.58
N VAL B 275 19.46 -35.14 1.75
CA VAL B 275 20.22 -36.34 2.04
C VAL B 275 21.71 -36.02 1.98
N ILE B 276 22.06 -34.92 1.29
CA ILE B 276 23.36 -34.30 1.50
C ILE B 276 23.64 -34.15 2.98
N VAL B 277 22.78 -33.42 3.69
CA VAL B 277 23.10 -33.10 5.07
C VAL B 277 22.97 -34.32 5.97
N PHE B 278 22.10 -35.26 5.63
CA PHE B 278 22.04 -36.46 6.45
C PHE B 278 23.34 -37.24 6.31
N ARG B 279 23.72 -37.60 5.09
CA ARG B 279 25.00 -38.26 4.94
C ARG B 279 26.12 -37.45 5.56
N ALA B 280 25.99 -36.13 5.56
CA ALA B 280 27.03 -35.27 6.11
C ALA B 280 27.15 -35.44 7.61
N LEU B 281 26.02 -35.58 8.28
CA LEU B 281 26.13 -35.69 9.72
C LEU B 281 26.35 -37.12 10.18
N GLY B 282 26.61 -38.05 9.28
CA GLY B 282 27.04 -39.36 9.73
C GLY B 282 26.10 -40.51 9.48
N VAL B 283 25.21 -40.37 8.51
CA VAL B 283 24.46 -41.50 7.99
C VAL B 283 24.70 -41.56 6.49
N VAL B 284 25.77 -42.24 6.09
CA VAL B 284 26.12 -42.25 4.68
C VAL B 284 25.36 -43.35 3.93
N PRO B 285 25.15 -44.56 4.45
CA PRO B 285 24.35 -45.52 3.70
C PRO B 285 22.87 -45.22 3.84
N ASP B 286 22.20 -45.15 2.70
CA ASP B 286 20.87 -44.55 2.72
C ASP B 286 19.86 -45.44 3.44
N GLY B 287 20.04 -46.76 3.35
CA GLY B 287 19.14 -47.67 4.04
C GLY B 287 18.92 -47.26 5.48
N GLU B 288 20.00 -46.97 6.19
CA GLU B 288 19.84 -46.47 7.55
C GLU B 288 19.11 -45.15 7.56
N ILE B 289 19.23 -44.34 6.51
CA ILE B 289 18.54 -43.07 6.52
C ILE B 289 17.04 -43.26 6.47
N LEU B 290 16.56 -43.97 5.46
CA LEU B 290 15.13 -44.25 5.44
C LEU B 290 14.69 -45.00 6.68
N GLN B 291 15.58 -45.73 7.32
CA GLN B 291 15.22 -46.31 8.60
C GLN B 291 14.96 -45.21 9.62
N HIS B 292 15.87 -44.27 9.72
CA HIS B 292 15.70 -43.13 10.62
C HIS B 292 14.39 -42.40 10.36
N ILE B 293 14.01 -42.23 9.10
CA ILE B 293 12.82 -41.43 8.83
C ILE B 293 11.55 -42.26 8.80
N CYS B 294 11.45 -43.17 7.84
CA CYS B 294 10.21 -43.90 7.64
C CYS B 294 9.85 -44.70 8.88
N TYR B 295 8.60 -44.59 9.32
CA TYR B 295 8.12 -45.34 10.47
C TYR B 295 6.99 -46.29 10.12
N ASP B 296 6.43 -46.18 8.92
CA ASP B 296 5.46 -47.14 8.39
C ASP B 296 6.01 -47.67 7.08
N GLU B 297 6.36 -48.95 7.07
CA GLU B 297 7.05 -49.50 5.90
C GLU B 297 6.15 -49.65 4.69
N ASN B 298 4.86 -49.87 4.87
CA ASN B 298 3.95 -49.93 3.74
C ASN B 298 3.63 -48.57 3.15
N ASP B 299 3.91 -47.50 3.90
CA ASP B 299 3.57 -46.15 3.48
C ASP B 299 4.37 -45.83 2.23
N TRP B 300 4.01 -46.52 1.16
CA TRP B 300 4.74 -46.46 -0.08
C TRP B 300 4.78 -45.07 -0.67
N GLN B 301 3.80 -44.22 -0.35
CA GLN B 301 3.85 -42.84 -0.85
C GLN B 301 4.97 -42.05 -0.21
N MET B 302 5.19 -42.28 1.07
CA MET B 302 6.35 -41.70 1.74
C MET B 302 7.62 -42.02 0.97
N LEU B 303 7.88 -43.31 0.74
CA LEU B 303 9.00 -43.70 -0.09
C LEU B 303 8.91 -43.07 -1.45
N GLU B 304 7.70 -42.88 -1.95
CA GLU B 304 7.52 -42.54 -3.35
C GLU B 304 7.84 -41.08 -3.59
N MET B 305 7.75 -40.27 -2.54
CA MET B 305 8.24 -38.91 -2.66
C MET B 305 9.65 -38.78 -2.10
N LEU B 306 10.11 -39.80 -1.36
CA LEU B 306 11.51 -39.84 -0.93
C LEU B 306 12.46 -40.04 -2.10
N LYS B 307 12.25 -41.11 -2.86
CA LYS B 307 13.20 -41.55 -3.87
C LYS B 307 13.74 -40.41 -4.73
N PRO B 308 12.96 -39.37 -5.05
CA PRO B 308 13.58 -38.16 -5.57
C PRO B 308 14.78 -37.70 -4.76
N CYS B 309 14.61 -37.51 -3.46
CA CYS B 309 15.70 -36.96 -2.66
C CYS B 309 16.89 -37.91 -2.60
N ILE B 310 16.63 -39.19 -2.33
CA ILE B 310 17.73 -40.14 -2.26
C ILE B 310 18.52 -40.12 -3.54
N GLU B 311 17.84 -40.28 -4.67
CA GLU B 311 18.58 -40.47 -5.91
C GLU B 311 19.17 -39.17 -6.42
N GLU B 312 18.74 -38.02 -5.89
CA GLU B 312 19.42 -36.81 -6.32
C GLU B 312 20.61 -36.49 -5.42
N GLY B 313 20.56 -36.90 -4.17
CA GLY B 313 21.72 -36.74 -3.33
C GLY B 313 22.71 -37.90 -3.48
N PHE B 314 22.33 -38.91 -4.26
CA PHE B 314 23.20 -40.07 -4.45
C PHE B 314 24.57 -39.70 -5.02
N VAL B 315 24.70 -38.55 -5.65
CA VAL B 315 25.98 -38.14 -6.22
C VAL B 315 27.07 -37.92 -5.18
N ILE B 316 26.74 -38.01 -3.89
CA ILE B 316 27.70 -37.82 -2.81
C ILE B 316 27.61 -39.04 -1.91
N GLN B 317 28.57 -39.94 -2.01
CA GLN B 317 28.42 -41.23 -1.38
C GLN B 317 29.28 -41.43 -0.14
N ASP B 318 29.85 -40.36 0.40
CA ASP B 318 30.66 -40.47 1.61
C ASP B 318 30.71 -39.12 2.29
N LYS B 319 31.53 -39.03 3.33
CA LYS B 319 31.40 -37.94 4.29
C LYS B 319 32.00 -36.64 3.80
N GLU B 320 33.29 -36.64 3.55
CA GLU B 320 33.98 -35.36 3.48
C GLU B 320 33.72 -34.59 2.20
N VAL B 321 33.36 -35.25 1.10
CA VAL B 321 32.93 -34.45 -0.05
C VAL B 321 31.57 -33.87 0.23
N ALA B 322 30.81 -34.46 1.13
CA ALA B 322 29.56 -33.82 1.54
C ALA B 322 29.84 -32.56 2.35
N LEU B 323 30.69 -32.69 3.37
CA LEU B 323 31.10 -31.51 4.13
C LEU B 323 31.65 -30.44 3.20
N ASP B 324 32.39 -30.86 2.17
CA ASP B 324 32.91 -29.92 1.21
C ASP B 324 31.79 -29.30 0.38
N PHE B 325 30.81 -30.09 -0.03
CA PHE B 325 29.74 -29.49 -0.81
C PHE B 325 28.99 -28.47 0.03
N ILE B 326 29.03 -28.65 1.34
CA ILE B 326 28.50 -27.62 2.21
C ILE B 326 29.39 -26.38 2.22
N GLY B 327 30.67 -26.54 2.54
CA GLY B 327 31.59 -25.42 2.54
C GLY B 327 31.64 -24.67 1.24
N ARG B 328 31.39 -25.35 0.12
CA ARG B 328 31.29 -24.70 -1.17
C ARG B 328 30.18 -23.68 -1.19
N ARG B 329 29.31 -23.70 -0.18
CA ARG B 329 28.42 -22.60 0.10
C ARG B 329 28.72 -21.97 1.44
N GLY B 330 29.02 -22.79 2.44
CA GLY B 330 28.97 -22.39 3.82
C GLY B 330 30.02 -21.41 4.25
N SER B 331 29.93 -20.18 3.75
CA SER B 331 30.78 -19.06 4.15
C SER B 331 32.25 -19.41 4.16
N ALA B 332 32.65 -20.52 3.53
CA ALA B 332 34.04 -20.88 3.45
C ALA B 332 34.72 -19.99 2.42
N ALA B 333 35.54 -19.07 2.90
CA ALA B 333 36.28 -18.21 1.99
C ALA B 333 37.15 -19.07 1.07
N LEU B 334 37.06 -18.78 -0.22
CA LEU B 334 37.77 -19.57 -1.20
C LEU B 334 39.25 -19.59 -0.87
N GLY B 335 39.92 -20.68 -1.25
CA GLY B 335 41.30 -20.90 -0.90
C GLY B 335 41.50 -21.65 0.39
N ILE B 336 40.61 -21.49 1.35
CA ILE B 336 40.59 -22.36 2.53
C ILE B 336 40.72 -23.79 2.02
N ARG B 337 41.78 -24.48 2.44
CA ARG B 337 42.06 -25.77 1.83
C ARG B 337 40.94 -26.74 2.16
N ARG B 338 40.95 -27.86 1.43
CA ARG B 338 39.83 -28.79 1.52
C ARG B 338 39.65 -29.31 2.93
N GLU B 339 40.73 -29.74 3.59
CA GLU B 339 40.55 -30.19 4.96
C GLU B 339 40.19 -29.05 5.89
N LYS B 340 40.68 -27.83 5.65
CA LYS B 340 40.22 -26.69 6.41
C LYS B 340 38.77 -26.33 6.13
N ARG B 341 38.35 -26.34 4.87
CA ARG B 341 36.95 -26.11 4.55
C ARG B 341 36.06 -27.12 5.27
N ILE B 342 36.51 -28.37 5.31
CA ILE B 342 35.77 -29.41 6.00
C ILE B 342 35.75 -29.18 7.50
N GLN B 343 36.85 -28.69 8.06
CA GLN B 343 36.81 -28.29 9.46
C GLN B 343 35.75 -27.22 9.69
N TYR B 344 35.65 -26.28 8.76
CA TYR B 344 34.67 -25.21 8.91
C TYR B 344 33.24 -25.76 8.82
N ALA B 345 32.99 -26.63 7.86
CA ALA B 345 31.68 -27.27 7.81
C ALA B 345 31.38 -27.95 9.13
N LYS B 346 32.31 -28.77 9.63
CA LYS B 346 32.14 -29.32 10.96
C LYS B 346 31.80 -28.26 11.98
N ASP B 347 32.33 -27.06 11.83
CA ASP B 347 31.97 -26.00 12.75
C ASP B 347 30.50 -25.58 12.64
N ILE B 348 30.05 -25.13 11.47
CA ILE B 348 28.65 -24.71 11.38
C ILE B 348 27.69 -25.82 11.76
N LEU B 349 28.00 -27.07 11.44
CA LEU B 349 27.17 -28.18 11.87
C LEU B 349 27.60 -28.74 13.20
N GLN B 350 28.44 -28.02 13.93
CA GLN B 350 28.65 -28.28 15.34
C GLN B 350 27.79 -27.34 16.18
N LYS B 351 28.05 -26.05 16.08
CA LYS B 351 27.16 -25.05 16.65
C LYS B 351 26.05 -24.83 15.65
N GLU B 352 25.34 -23.72 15.80
CA GLU B 352 24.66 -23.01 14.73
C GLU B 352 23.80 -23.90 13.84
N LEU B 353 23.44 -25.08 14.30
CA LEU B 353 22.49 -25.92 13.61
C LEU B 353 22.03 -27.00 14.56
N LEU B 354 20.77 -26.99 14.88
CA LEU B 354 20.26 -27.79 15.99
C LEU B 354 21.07 -27.50 17.23
N PRO B 355 21.20 -26.24 17.63
CA PRO B 355 22.00 -25.98 18.82
C PRO B 355 21.46 -26.63 20.05
N HIS B 356 20.22 -26.32 20.43
CA HIS B 356 19.82 -26.52 21.81
C HIS B 356 19.80 -27.98 22.21
N ILE B 357 19.77 -28.90 21.26
CA ILE B 357 19.76 -30.30 21.63
C ILE B 357 21.00 -30.65 22.42
N THR B 358 22.16 -30.43 21.83
CA THR B 358 23.43 -30.74 22.46
C THR B 358 24.54 -30.12 21.63
N GLN B 359 25.54 -29.56 22.32
CA GLN B 359 26.64 -28.89 21.66
C GLN B 359 27.99 -29.55 21.88
N GLU B 360 28.09 -30.50 22.79
CA GLU B 360 29.22 -31.41 22.77
C GLU B 360 29.13 -32.27 21.53
N GLU B 361 30.22 -32.96 21.20
CA GLU B 361 30.19 -33.90 20.10
C GLU B 361 30.35 -35.33 20.61
N GLY B 362 30.27 -36.29 19.70
CA GLY B 362 29.76 -37.60 20.03
C GLY B 362 28.26 -37.64 20.10
N PHE B 363 27.61 -36.55 19.70
CA PHE B 363 26.18 -36.40 19.78
C PHE B 363 25.61 -35.86 18.48
N GLU B 364 26.10 -36.38 17.35
CA GLU B 364 25.40 -36.15 16.10
C GLU B 364 24.19 -37.07 15.97
N THR B 365 24.20 -38.20 16.67
CA THR B 365 23.07 -39.10 16.65
C THR B 365 21.77 -38.38 17.00
N ARG B 366 21.83 -37.53 18.02
CA ARG B 366 20.62 -36.91 18.51
C ARG B 366 20.15 -35.85 17.53
N LYS B 367 21.08 -35.06 17.01
CA LYS B 367 20.75 -34.13 15.93
C LYS B 367 20.10 -34.86 14.77
N THR B 368 20.60 -36.05 14.44
CA THR B 368 20.01 -36.77 13.33
C THR B 368 18.59 -37.17 13.62
N PHE B 369 18.35 -37.94 14.67
CA PHE B 369 16.98 -38.37 14.91
C PHE B 369 16.04 -37.19 15.01
N PHE B 370 16.51 -36.04 15.47
CA PHE B 370 15.58 -34.93 15.54
C PHE B 370 15.30 -34.37 14.15
N LEU B 371 16.29 -34.34 13.28
CA LEU B 371 15.92 -34.10 11.90
C LEU B 371 14.85 -35.07 11.49
N GLY B 372 15.09 -36.34 11.75
CA GLY B 372 14.18 -37.36 11.29
C GLY B 372 12.77 -37.03 11.68
N TYR B 373 12.59 -36.55 12.89
CA TYR B 373 11.27 -36.08 13.24
C TYR B 373 10.85 -34.96 12.30
N MET B 374 11.72 -33.98 12.05
CA MET B 374 11.24 -32.85 11.25
C MET B 374 10.78 -33.31 9.89
N VAL B 375 11.54 -34.19 9.28
CA VAL B 375 11.14 -34.70 7.98
C VAL B 375 9.82 -35.46 8.06
N ASN B 376 9.71 -36.38 9.02
CA ASN B 376 8.50 -37.16 9.13
C ASN B 376 7.31 -36.24 9.23
N ARG B 377 7.48 -35.13 9.92
CA ARG B 377 6.34 -34.22 10.05
C ARG B 377 6.09 -33.50 8.75
N LEU B 378 7.14 -33.05 8.08
CA LEU B 378 6.88 -32.33 6.85
C LEU B 378 6.18 -33.22 5.84
N LEU B 379 6.45 -34.52 5.88
CA LEU B 379 5.75 -35.44 5.00
C LEU B 379 4.33 -35.71 5.46
N LEU B 380 4.10 -35.83 6.75
CA LEU B 380 2.73 -36.03 7.19
C LEU B 380 1.90 -34.79 6.93
N CYS B 381 2.52 -33.66 6.61
CA CYS B 381 1.67 -32.51 6.30
C CYS B 381 1.65 -32.15 4.81
N ALA B 382 2.62 -32.61 4.04
CA ALA B 382 2.45 -32.41 2.61
C ALA B 382 1.40 -33.32 2.01
N LEU B 383 1.28 -34.53 2.52
CA LEU B 383 0.28 -35.49 2.06
C LEU B 383 -1.10 -35.20 2.64
N GLU B 384 -1.24 -34.16 3.44
CA GLU B 384 -2.51 -33.76 4.03
C GLU B 384 -3.10 -34.87 4.89
N ARG B 385 -2.24 -35.78 5.34
CA ARG B 385 -2.61 -36.82 6.29
C ARG B 385 -2.61 -36.29 7.71
N LYS B 386 -2.38 -35.00 7.88
CA LYS B 386 -2.40 -34.29 9.14
C LYS B 386 -2.43 -32.81 8.82
N ASP B 387 -3.33 -32.10 9.49
CA ASP B 387 -3.54 -30.72 9.17
C ASP B 387 -2.29 -29.91 9.44
N GLN B 388 -2.19 -28.79 8.72
CA GLN B 388 -1.14 -27.82 9.03
C GLN B 388 -1.36 -27.29 10.43
N ASP B 389 -0.27 -26.87 11.06
CA ASP B 389 -0.43 -26.22 12.35
C ASP B 389 -0.62 -24.72 12.18
N ASP B 390 -1.45 -24.17 13.05
CA ASP B 390 -1.98 -22.85 12.83
C ASP B 390 -1.41 -21.90 13.87
N ARG B 391 -1.24 -20.66 13.45
CA ARG B 391 -0.40 -19.74 14.19
C ARG B 391 -0.99 -19.31 15.51
N ASP B 392 -2.27 -19.02 15.58
CA ASP B 392 -2.81 -18.33 16.75
C ASP B 392 -2.95 -19.23 17.96
N HIS B 393 -2.59 -20.49 17.85
CA HIS B 393 -2.81 -21.42 18.95
C HIS B 393 -2.06 -20.88 20.16
N PHE B 394 -2.79 -20.53 21.20
CA PHE B 394 -2.13 -19.84 22.30
C PHE B 394 -1.30 -20.77 23.15
N GLY B 395 -1.52 -22.08 23.08
CA GLY B 395 -0.67 -22.98 23.81
C GLY B 395 0.73 -23.07 23.25
N LYS B 396 0.89 -22.77 21.97
CA LYS B 396 2.21 -22.72 21.36
C LYS B 396 2.75 -21.32 21.27
N LYS B 397 2.48 -20.49 22.27
CA LYS B 397 3.25 -19.27 22.42
C LYS B 397 3.83 -19.25 23.80
N ARG B 398 4.46 -18.12 24.11
CA ARG B 398 5.07 -17.92 25.40
C ARG B 398 4.85 -16.45 25.73
N LEU B 399 4.95 -16.11 27.00
CA LEU B 399 5.04 -14.71 27.35
C LEU B 399 6.36 -14.45 28.05
N ASP B 400 6.87 -13.24 27.85
CA ASP B 400 8.13 -12.80 28.43
C ASP B 400 7.84 -11.61 29.33
N LEU B 401 8.10 -11.75 30.61
CA LEU B 401 7.72 -10.80 31.62
C LEU B 401 8.83 -9.76 31.79
N ALA B 402 8.85 -9.09 32.93
CA ALA B 402 10.04 -8.34 33.32
C ALA B 402 11.26 -9.23 33.41
N GLY B 403 11.09 -10.48 33.83
CA GLY B 403 12.21 -11.35 34.08
C GLY B 403 13.13 -11.53 32.89
N PRO B 404 12.75 -12.39 31.96
CA PRO B 404 13.60 -12.58 30.78
C PRO B 404 13.91 -11.31 30.02
N LEU B 405 13.08 -10.28 30.12
CA LEU B 405 13.41 -9.04 29.43
C LEU B 405 14.65 -8.37 30.02
N LEU B 406 14.67 -8.17 31.33
CA LEU B 406 15.92 -7.69 31.88
C LEU B 406 17.03 -8.70 31.65
N ALA B 407 16.72 -10.00 31.66
CA ALA B 407 17.79 -10.96 31.44
C ALA B 407 18.51 -10.67 30.13
N ASN B 408 17.76 -10.42 29.06
CA ASN B 408 18.42 -10.18 27.78
C ASN B 408 19.10 -8.82 27.73
N LEU B 409 18.39 -7.76 28.13
CA LEU B 409 19.07 -6.48 27.99
C LEU B 409 20.30 -6.41 28.88
N PHE B 410 20.33 -7.25 29.91
CA PHE B 410 21.48 -7.21 30.79
C PHE B 410 22.61 -8.06 30.26
N ARG B 411 22.31 -9.21 29.67
CA ARG B 411 23.35 -9.93 28.96
C ARG B 411 24.04 -9.02 27.95
N ILE B 412 23.26 -8.29 27.17
CA ILE B 412 23.86 -7.48 26.12
C ILE B 412 24.72 -6.38 26.70
N LEU B 413 24.16 -5.54 27.57
CA LEU B 413 25.05 -4.49 28.03
C LEU B 413 26.21 -5.02 28.86
N PHE B 414 26.08 -6.20 29.41
CA PHE B 414 27.20 -6.75 30.13
C PHE B 414 28.33 -7.09 29.18
N ARG B 415 28.00 -7.61 28.00
CA ARG B 415 29.06 -7.80 27.01
C ARG B 415 29.68 -6.47 26.61
N LYS B 416 28.87 -5.42 26.49
CA LYS B 416 29.48 -4.17 26.03
C LYS B 416 30.45 -3.64 27.06
N LEU B 417 30.09 -3.75 28.33
CA LEU B 417 31.05 -3.45 29.37
C LEU B 417 32.30 -4.28 29.22
N THR B 418 32.15 -5.58 28.96
CA THR B 418 33.33 -6.43 28.94
C THR B 418 34.22 -6.10 27.76
N ARG B 419 33.65 -5.62 26.66
CA ARG B 419 34.51 -5.12 25.60
C ARG B 419 35.26 -3.87 26.01
N GLU B 420 34.66 -2.94 26.75
CA GLU B 420 35.50 -1.82 27.20
C GLU B 420 36.58 -2.30 28.14
N ILE B 421 36.27 -3.23 29.04
CA ILE B 421 37.30 -3.66 29.97
C ILE B 421 38.38 -4.46 29.27
N TYR B 422 38.03 -5.15 28.21
CA TYR B 422 39.05 -5.80 27.43
C TYR B 422 39.95 -4.76 26.77
N ARG B 423 39.35 -3.68 26.27
CA ARG B 423 40.16 -2.56 25.80
C ARG B 423 41.13 -2.09 26.87
N TYR B 424 40.61 -1.75 28.04
CA TYR B 424 41.44 -1.19 29.08
C TYR B 424 42.47 -2.18 29.58
N MET B 425 42.28 -3.46 29.33
CA MET B 425 43.38 -4.40 29.50
C MET B 425 44.53 -4.05 28.56
N GLN B 426 44.23 -3.94 27.27
CA GLN B 426 45.25 -3.76 26.26
C GLN B 426 45.81 -2.35 26.21
N ARG B 427 45.84 -1.64 27.33
CA ARG B 427 46.80 -0.55 27.47
C ARG B 427 47.66 -0.68 28.71
N CYS B 428 47.07 -1.00 29.86
CA CYS B 428 47.82 -1.06 31.10
C CYS B 428 48.55 -2.37 31.28
N ILE B 429 48.72 -3.13 30.20
CA ILE B 429 49.55 -4.33 30.24
C ILE B 429 50.76 -4.10 29.36
N GLU B 430 50.59 -3.33 28.28
CA GLU B 430 51.74 -2.96 27.47
C GLU B 430 52.59 -1.92 28.19
N THR B 431 51.97 -0.80 28.59
CA THR B 431 52.63 0.10 29.51
C THR B 431 52.82 -0.53 30.88
N ASP B 432 52.36 -1.78 31.04
CA ASP B 432 52.67 -2.63 32.18
C ASP B 432 52.30 -1.96 33.49
N ARG B 433 51.05 -1.52 33.55
CA ARG B 433 50.51 -0.77 34.68
C ARG B 433 49.57 -1.65 35.48
N ASP B 434 49.92 -1.89 36.74
CA ASP B 434 49.10 -2.72 37.62
C ASP B 434 47.77 -2.02 37.88
N PHE B 435 46.88 -2.06 36.88
CA PHE B 435 45.65 -1.29 36.92
C PHE B 435 44.79 -1.63 38.13
N ASN B 436 43.95 -0.69 38.52
CA ASN B 436 43.34 -0.70 39.84
C ASN B 436 41.99 -1.40 39.88
N LEU B 437 41.32 -1.51 38.73
CA LEU B 437 40.00 -2.14 38.65
C LEU B 437 38.95 -1.36 39.39
N ASN B 438 39.35 -0.29 40.05
CA ASN B 438 38.39 0.61 40.65
C ASN B 438 38.07 1.78 39.74
N LEU B 439 38.97 2.10 38.83
CA LEU B 439 38.75 3.13 37.84
C LEU B 439 38.51 2.52 36.47
N ALA B 440 38.54 1.20 36.39
CA ALA B 440 38.56 0.48 35.13
C ALA B 440 37.17 0.11 34.64
N VAL B 441 36.13 0.40 35.40
CA VAL B 441 34.78 -0.02 35.09
C VAL B 441 33.94 1.23 34.94
N LYS B 442 33.76 1.68 33.71
CA LYS B 442 32.97 2.89 33.50
C LYS B 442 31.53 2.53 33.80
N SER B 443 31.18 2.60 35.09
CA SER B 443 29.85 2.20 35.52
C SER B 443 28.78 3.10 35.00
N THR B 444 29.11 4.03 34.11
CA THR B 444 28.07 4.67 33.36
C THR B 444 27.49 3.75 32.30
N THR B 445 28.17 2.64 32.00
CA THR B 445 27.73 1.78 30.92
C THR B 445 26.34 1.25 31.20
N ILE B 446 26.24 0.36 32.19
CA ILE B 446 24.99 -0.31 32.46
C ILE B 446 23.95 0.67 32.94
N THR B 447 24.34 1.72 33.64
CA THR B 447 23.36 2.66 34.15
C THR B 447 22.70 3.45 33.04
N SER B 448 23.47 4.19 32.24
CA SER B 448 22.79 4.90 31.17
C SER B 448 22.15 3.94 30.21
N GLY B 449 22.68 2.73 30.09
CA GLY B 449 22.02 1.73 29.27
C GLY B 449 20.61 1.44 29.74
N LEU B 450 20.47 0.89 30.95
CA LEU B 450 19.15 0.56 31.46
C LEU B 450 18.25 1.77 31.55
N LYS B 451 18.76 2.89 32.05
CA LYS B 451 17.90 4.02 32.24
C LYS B 451 17.37 4.55 30.91
N TYR B 452 18.18 4.53 29.85
CA TYR B 452 17.61 4.96 28.59
C TYR B 452 16.71 3.89 28.01
N SER B 453 17.07 2.64 28.20
CA SER B 453 16.20 1.57 27.76
C SER B 453 14.81 1.67 28.35
N LEU B 454 14.65 2.27 29.51
CA LEU B 454 13.33 2.38 30.08
C LEU B 454 12.73 3.77 29.93
N ALA B 455 13.54 4.79 29.67
CA ALA B 455 13.00 6.15 29.68
C ALA B 455 12.08 6.38 28.50
N THR B 456 12.44 5.87 27.35
CA THR B 456 11.54 5.82 26.21
C THR B 456 11.28 4.41 25.74
N GLY B 457 11.99 3.43 26.29
CA GLY B 457 11.63 2.08 25.97
C GLY B 457 12.02 1.62 24.59
N ASN B 458 12.73 2.44 23.83
CA ASN B 458 13.24 1.87 22.59
C ASN B 458 14.14 0.73 23.01
N TRP B 459 13.55 -0.43 23.19
CA TRP B 459 14.15 -1.50 23.96
C TRP B 459 15.37 -2.03 23.23
N GLY B 460 16.51 -1.45 23.54
CA GLY B 460 17.74 -1.68 22.82
C GLY B 460 18.71 -0.58 23.21
N GLU B 461 19.91 -0.66 22.66
CA GLU B 461 20.93 0.31 22.99
C GLU B 461 20.62 1.66 22.37
N GLN B 462 21.20 2.72 22.93
CA GLN B 462 20.81 4.07 22.53
C GLN B 462 21.13 4.35 21.07
N LYS B 463 22.21 3.80 20.55
CA LYS B 463 22.63 4.13 19.20
C LYS B 463 21.85 3.38 18.15
N LYS B 464 20.98 2.46 18.54
CA LYS B 464 20.29 1.59 17.61
C LYS B 464 18.79 1.72 17.79
N ALA B 465 18.32 2.96 17.79
CA ALA B 465 16.89 3.23 17.93
C ALA B 465 16.08 2.36 17.00
N MET B 466 16.25 2.54 15.69
CA MET B 466 15.58 1.68 14.74
C MET B 466 16.22 0.30 14.76
N SER B 467 15.59 -0.63 14.05
CA SER B 467 15.92 -2.06 14.14
C SER B 467 15.83 -2.55 15.59
N SER B 468 14.89 -1.98 16.34
CA SER B 468 14.74 -2.32 17.74
C SER B 468 13.27 -2.32 18.11
N ARG B 469 12.88 -3.26 18.97
CA ARG B 469 11.49 -3.50 19.35
C ARG B 469 10.99 -2.34 20.18
N ALA B 470 10.19 -1.47 19.58
CA ALA B 470 9.93 -0.19 20.20
C ALA B 470 8.77 -0.29 21.18
N GLY B 471 8.70 0.67 22.09
CA GLY B 471 7.57 0.78 22.99
C GLY B 471 7.37 -0.43 23.86
N VAL B 472 8.21 -0.63 24.87
CA VAL B 472 8.10 -1.82 25.69
C VAL B 472 7.97 -1.45 27.16
N SER B 473 8.36 -0.24 27.51
CA SER B 473 7.97 0.31 28.79
C SER B 473 6.97 1.44 28.59
N GLN B 474 5.97 1.50 29.45
CA GLN B 474 4.96 2.55 29.33
C GLN B 474 4.82 3.30 30.64
N VAL B 475 4.25 4.50 30.53
CA VAL B 475 4.03 5.36 31.68
C VAL B 475 2.78 4.91 32.43
N LEU B 476 2.97 4.23 33.56
CA LEU B 476 1.86 3.56 34.23
C LEU B 476 0.78 4.56 34.58
N ASN B 477 -0.44 4.28 34.14
CA ASN B 477 -1.46 5.31 34.07
C ASN B 477 -2.33 5.29 35.32
N ARG B 478 -2.31 6.41 36.05
CA ARG B 478 -3.01 6.54 37.30
C ARG B 478 -4.20 7.46 37.10
N TYR B 479 -4.97 7.29 36.04
CA TYR B 479 -6.11 8.18 35.95
C TYR B 479 -7.32 7.61 36.69
N THR B 480 -7.17 6.41 37.23
CA THR B 480 -8.17 5.75 38.07
C THR B 480 -7.53 4.51 38.62
N TYR B 481 -8.24 3.80 39.50
CA TYR B 481 -7.64 2.56 39.97
C TYR B 481 -7.86 1.43 38.97
N SER B 482 -8.93 1.47 38.20
CA SER B 482 -9.15 0.38 37.26
C SER B 482 -8.05 0.33 36.21
N SER B 483 -7.66 1.49 35.69
CA SER B 483 -6.62 1.50 34.69
C SER B 483 -5.39 0.86 35.26
N THR B 484 -4.84 1.46 36.30
CA THR B 484 -3.65 0.92 36.94
C THR B 484 -3.75 -0.57 37.18
N LEU B 485 -4.95 -1.11 37.37
CA LEU B 485 -4.98 -2.56 37.35
C LEU B 485 -4.74 -3.12 35.97
N SER B 486 -5.58 -2.81 34.98
CA SER B 486 -5.34 -3.38 33.66
C SER B 486 -3.89 -3.23 33.26
N HIS B 487 -3.39 -2.02 33.40
CA HIS B 487 -2.21 -1.58 32.71
C HIS B 487 -0.95 -2.20 33.29
N LEU B 488 -1.09 -2.97 34.36
CA LEU B 488 -0.02 -3.82 34.85
C LEU B 488 -0.01 -5.18 34.21
N ARG B 489 -1.09 -5.54 33.55
CA ARG B 489 -1.24 -6.86 32.99
C ARG B 489 -1.21 -6.85 31.48
N ARG B 490 -1.34 -5.68 30.86
CA ARG B 490 -1.60 -5.61 29.44
C ARG B 490 -0.51 -6.31 28.68
N THR B 491 -0.87 -7.07 27.65
CA THR B 491 0.12 -7.70 26.81
C THR B 491 0.02 -7.21 25.38
N ASN B 492 1.18 -7.12 24.76
CA ASN B 492 1.29 -6.65 23.39
C ASN B 492 1.79 -7.80 22.56
N THR B 493 1.91 -7.60 21.26
CA THR B 493 2.52 -8.60 20.40
C THR B 493 3.10 -7.92 19.17
N PRO B 494 4.36 -8.08 18.92
CA PRO B 494 5.03 -7.20 17.99
C PRO B 494 4.84 -7.74 16.58
N ILE B 495 3.67 -8.31 16.31
CA ILE B 495 3.44 -8.77 14.94
C ILE B 495 3.48 -7.58 14.01
N GLY B 496 3.60 -6.38 14.56
CA GLY B 496 3.70 -5.17 13.80
C GLY B 496 2.39 -4.96 13.11
N ARG B 497 2.31 -3.92 12.31
CA ARG B 497 1.08 -3.65 11.59
C ARG B 497 1.33 -3.62 10.09
N ASP B 498 2.56 -3.99 9.67
CA ASP B 498 2.86 -4.43 8.31
C ASP B 498 2.38 -5.87 8.19
N GLY B 499 1.17 -6.04 7.70
CA GLY B 499 0.43 -7.28 7.74
C GLY B 499 -0.84 -7.09 8.55
N LYS B 500 -1.86 -6.58 7.88
CA LYS B 500 -3.20 -6.50 8.40
C LYS B 500 -3.98 -7.74 8.04
N LEU B 501 -3.28 -8.77 7.57
CA LEU B 501 -3.85 -10.09 7.52
C LEU B 501 -4.65 -10.32 8.79
N ALA B 502 -5.96 -10.40 8.63
CA ALA B 502 -6.85 -10.31 9.76
C ALA B 502 -6.91 -11.59 10.57
N LYS B 503 -5.89 -12.41 10.52
CA LYS B 503 -5.89 -13.63 11.30
C LYS B 503 -5.40 -13.44 12.73
N PRO B 504 -4.27 -12.78 12.99
CA PRO B 504 -3.80 -12.67 14.37
C PRO B 504 -4.69 -11.82 15.24
N ARG B 505 -5.74 -11.22 14.70
CA ARG B 505 -6.59 -10.38 15.50
C ARG B 505 -7.83 -11.09 16.02
N GLN B 506 -8.25 -12.20 15.41
CA GLN B 506 -9.49 -12.83 15.82
C GLN B 506 -9.29 -13.72 17.03
N LEU B 507 -10.26 -13.74 17.92
CA LEU B 507 -10.08 -14.38 19.21
C LEU B 507 -10.02 -15.88 18.99
N HIS B 508 -8.90 -16.35 18.50
CA HIS B 508 -8.76 -17.77 18.23
C HIS B 508 -9.01 -18.62 19.45
N ASN B 509 -9.61 -19.78 19.23
CA ASN B 509 -10.45 -20.44 20.22
C ASN B 509 -9.72 -21.00 21.39
N THR B 510 -8.42 -20.78 21.52
CA THR B 510 -7.87 -21.27 22.77
C THR B 510 -7.82 -20.18 23.81
N HIS B 511 -8.39 -19.04 23.53
CA HIS B 511 -8.37 -18.03 24.57
C HIS B 511 -9.47 -18.22 25.58
N TRP B 512 -9.97 -19.43 25.74
CA TRP B 512 -10.91 -19.71 26.81
C TRP B 512 -10.16 -19.77 28.12
N GLY B 513 -10.14 -18.65 28.82
CA GLY B 513 -9.63 -18.64 30.16
C GLY B 513 -8.19 -18.27 30.29
N LEU B 514 -7.52 -17.97 29.20
CA LEU B 514 -6.14 -17.54 29.28
C LEU B 514 -5.95 -16.09 28.93
N VAL B 515 -6.88 -15.49 28.20
CA VAL B 515 -6.96 -14.05 28.07
C VAL B 515 -8.42 -13.68 28.13
N CYS B 516 -8.73 -12.42 27.94
CA CYS B 516 -10.07 -11.88 28.20
C CYS B 516 -10.79 -11.52 26.93
N PRO B 517 -12.02 -11.98 26.72
CA PRO B 517 -12.75 -11.62 25.52
C PRO B 517 -13.40 -10.27 25.61
N ALA B 518 -13.54 -9.69 26.79
CA ALA B 518 -14.22 -8.41 26.86
C ALA B 518 -13.25 -7.26 26.69
N GLU B 519 -12.10 -7.36 27.33
CA GLU B 519 -11.13 -6.28 27.30
C GLU B 519 -10.34 -6.34 26.02
N THR B 520 -10.03 -5.17 25.46
CA THR B 520 -8.95 -4.93 24.51
C THR B 520 -9.12 -3.55 23.92
N PRO B 521 -8.06 -2.91 23.43
CA PRO B 521 -8.22 -1.57 22.86
C PRO B 521 -9.06 -1.60 21.60
N GLU B 522 -9.12 -0.45 20.95
CA GLU B 522 -9.96 -0.28 19.78
C GLU B 522 -9.25 0.56 18.74
N GLY B 523 -9.69 0.45 17.50
CA GLY B 523 -9.00 1.09 16.40
C GLY B 523 -7.78 0.29 15.99
N GLN B 524 -6.61 0.92 16.08
CA GLN B 524 -5.38 0.27 15.62
C GLN B 524 -5.09 -0.99 16.40
N ALA B 525 -4.69 -0.84 17.66
CA ALA B 525 -4.18 -1.98 18.41
C ALA B 525 -5.24 -3.06 18.61
N CYS B 526 -6.40 -2.90 18.00
CA CYS B 526 -7.50 -3.84 18.16
C CYS B 526 -7.02 -5.25 17.95
N GLY B 527 -7.48 -6.16 18.79
CA GLY B 527 -7.22 -7.55 18.61
C GLY B 527 -5.82 -7.98 18.99
N LEU B 528 -4.82 -7.10 18.90
CA LEU B 528 -3.49 -7.50 19.32
C LEU B 528 -3.32 -7.37 20.82
N VAL B 529 -3.60 -6.19 21.35
CA VAL B 529 -3.26 -5.90 22.73
C VAL B 529 -4.20 -6.70 23.62
N LYS B 530 -3.72 -7.80 24.14
CA LYS B 530 -4.51 -8.79 24.86
C LYS B 530 -4.30 -8.57 26.33
N ASN B 531 -5.25 -9.04 27.15
CA ASN B 531 -5.19 -8.86 28.60
C ASN B 531 -5.45 -10.17 29.29
N LEU B 532 -5.06 -10.25 30.55
CA LEU B 532 -4.97 -11.56 31.14
C LEU B 532 -6.24 -11.95 31.87
N SER B 533 -6.59 -13.22 31.77
CA SER B 533 -7.70 -13.78 32.49
C SER B 533 -7.45 -13.70 33.98
N LEU B 534 -8.49 -13.35 34.72
CA LEU B 534 -8.33 -13.10 36.14
C LEU B 534 -7.78 -14.29 36.91
N LEU B 535 -7.38 -15.35 36.22
CA LEU B 535 -6.65 -16.44 36.83
C LEU B 535 -5.46 -16.83 35.98
N SER B 536 -4.80 -15.85 35.40
CA SER B 536 -3.60 -16.10 34.64
C SER B 536 -2.47 -16.35 35.61
N GLY B 537 -1.76 -17.45 35.42
CA GLY B 537 -0.54 -17.69 36.16
C GLY B 537 0.58 -18.03 35.21
N ILE B 538 1.67 -17.28 35.31
CA ILE B 538 2.82 -17.43 34.42
C ILE B 538 3.90 -18.19 35.14
N SER B 539 4.50 -19.13 34.46
CA SER B 539 5.40 -20.04 35.13
C SER B 539 6.75 -19.40 35.37
N ILE B 540 7.30 -19.64 36.54
CA ILE B 540 8.71 -19.37 36.81
C ILE B 540 9.57 -20.13 35.83
N GLY B 541 9.36 -21.43 35.75
CA GLY B 541 10.23 -22.27 34.96
C GLY B 541 11.15 -23.08 35.83
N SER B 542 10.83 -24.34 36.02
CA SER B 542 11.63 -25.22 36.86
C SER B 542 12.69 -25.85 35.99
N PRO B 543 13.84 -26.18 36.55
CA PRO B 543 14.85 -26.85 35.74
C PRO B 543 14.42 -28.22 35.30
N SER B 544 14.91 -28.63 34.13
CA SER B 544 14.47 -29.87 33.51
C SER B 544 15.13 -31.08 34.12
N GLU B 545 16.23 -30.90 34.85
CA GLU B 545 16.95 -32.05 35.36
C GLU B 545 16.12 -32.99 36.23
N PRO B 546 15.37 -32.52 37.23
CA PRO B 546 14.57 -33.47 38.01
C PRO B 546 13.57 -34.22 37.16
N ILE B 547 12.93 -33.54 36.21
CA ILE B 547 12.01 -34.22 35.31
C ILE B 547 12.72 -35.33 34.57
N ILE B 548 13.88 -35.02 34.00
CA ILE B 548 14.67 -36.04 33.33
C ILE B 548 14.90 -37.21 34.26
N ASN B 549 15.29 -36.92 35.48
CA ASN B 549 15.58 -37.99 36.42
C ASN B 549 14.36 -38.84 36.68
N PHE B 550 13.19 -38.23 36.86
CA PHE B 550 12.01 -39.03 37.11
C PHE B 550 11.67 -39.90 35.92
N LEU B 551 11.75 -39.33 34.71
CA LEU B 551 11.46 -40.13 33.54
C LEU B 551 12.36 -41.33 33.48
N GLU B 552 13.66 -41.10 33.47
CA GLU B 552 14.57 -42.24 33.38
C GLU B 552 14.54 -43.09 34.63
N GLU B 553 13.91 -42.62 35.69
CA GLU B 553 13.64 -43.48 36.83
C GLU B 553 12.57 -44.51 36.51
N TRP B 554 11.83 -44.31 35.41
CA TRP B 554 10.78 -45.24 35.04
C TRP B 554 11.09 -45.94 33.72
N GLY B 555 12.31 -45.82 33.25
CA GLY B 555 12.82 -46.74 32.25
C GLY B 555 12.63 -46.35 30.81
N MET B 556 12.46 -45.06 30.53
CA MET B 556 12.49 -44.61 29.15
C MET B 556 13.72 -45.16 28.45
N GLU B 557 13.54 -45.63 27.24
CA GLU B 557 14.90 -46.03 26.91
C GLU B 557 15.54 -44.97 26.03
N PRO B 558 16.83 -44.68 26.26
CA PRO B 558 17.45 -43.55 25.57
C PRO B 558 17.47 -43.80 24.09
N LEU B 559 17.51 -42.71 23.32
CA LEU B 559 17.28 -42.78 21.87
C LEU B 559 17.91 -43.97 21.19
N GLU B 560 19.16 -44.27 21.47
CA GLU B 560 19.90 -45.32 20.77
C GLU B 560 19.25 -46.69 20.89
N ASP B 561 18.42 -46.91 21.91
CA ASP B 561 17.66 -48.15 21.99
C ASP B 561 16.42 -48.12 21.12
N TYR B 562 16.34 -47.16 20.21
CA TYR B 562 15.28 -47.12 19.23
C TYR B 562 15.80 -47.74 17.94
N ASP B 563 15.21 -48.86 17.55
CA ASP B 563 15.46 -49.46 16.25
C ASP B 563 14.12 -49.53 15.53
N PRO B 564 13.80 -48.54 14.68
CA PRO B 564 12.43 -48.45 14.17
C PRO B 564 11.94 -49.71 13.50
N ALA B 565 12.80 -50.42 12.76
CA ALA B 565 12.39 -51.70 12.24
C ALA B 565 12.07 -52.68 13.36
N GLN B 566 12.53 -52.40 14.58
CA GLN B 566 12.22 -53.28 15.69
C GLN B 566 11.12 -52.68 16.57
N HIS B 567 10.91 -51.38 16.50
CA HIS B 567 9.90 -50.73 17.31
C HIS B 567 9.08 -49.80 16.42
N THR B 568 7.79 -50.07 16.31
CA THR B 568 6.94 -49.27 15.44
C THR B 568 5.72 -48.68 16.14
N LYS B 569 5.58 -48.86 17.45
CA LYS B 569 4.33 -48.50 18.12
C LYS B 569 4.52 -47.71 19.41
N SER B 570 5.73 -47.52 19.89
CA SER B 570 5.92 -46.94 21.21
C SER B 570 5.73 -45.41 21.18
N THR B 571 6.12 -44.76 22.28
CA THR B 571 5.96 -43.31 22.42
C THR B 571 7.30 -42.61 22.39
N ARG B 572 7.39 -41.57 21.55
CA ARG B 572 8.60 -40.77 21.37
C ARG B 572 8.59 -39.57 22.32
N ILE B 573 9.34 -39.68 23.41
CA ILE B 573 9.20 -38.82 24.57
C ILE B 573 9.96 -37.53 24.39
N PHE B 574 9.27 -36.41 24.52
CA PHE B 574 9.85 -35.08 24.41
C PHE B 574 10.29 -34.58 25.77
N VAL B 575 11.16 -33.57 25.79
CA VAL B 575 11.28 -32.65 26.92
C VAL B 575 11.61 -31.28 26.35
N ASN B 576 10.60 -30.49 26.02
CA ASN B 576 10.70 -29.12 25.51
C ASN B 576 10.89 -29.02 24.01
N GLY B 577 11.19 -30.10 23.31
CA GLY B 577 11.70 -29.92 21.98
C GLY B 577 13.07 -30.51 21.85
N VAL B 578 13.38 -31.42 22.77
CA VAL B 578 14.53 -32.28 22.64
C VAL B 578 14.09 -33.70 22.92
N TRP B 579 13.72 -34.42 21.87
CA TRP B 579 13.36 -35.81 22.05
C TRP B 579 14.52 -36.54 22.68
N THR B 580 14.24 -37.44 23.59
CA THR B 580 15.30 -38.09 24.31
C THR B 580 15.17 -39.59 24.38
N GLY B 581 13.98 -40.14 24.27
CA GLY B 581 13.85 -41.56 24.41
C GLY B 581 12.51 -42.02 23.93
N ILE B 582 12.21 -43.26 24.24
CA ILE B 582 10.98 -43.90 23.83
C ILE B 582 10.50 -44.70 25.00
N HIS B 583 9.22 -45.03 24.98
CA HIS B 583 8.82 -46.06 25.92
C HIS B 583 7.79 -46.94 25.27
N ARG B 584 7.89 -48.23 25.56
CA ARG B 584 6.92 -49.16 25.03
C ARG B 584 5.51 -48.79 25.47
N ASP B 585 5.25 -48.81 26.78
CA ASP B 585 3.92 -48.60 27.32
C ASP B 585 3.84 -47.36 28.21
N PRO B 586 3.17 -46.29 27.77
CA PRO B 586 3.27 -45.00 28.44
C PRO B 586 2.13 -44.71 29.40
N SER B 587 1.10 -45.54 29.42
CA SER B 587 -0.06 -45.27 30.26
C SER B 587 0.32 -45.08 31.72
N MET B 588 0.84 -46.13 32.34
CA MET B 588 1.26 -46.08 33.73
C MET B 588 2.21 -44.91 33.98
N LEU B 589 3.13 -44.69 33.05
CA LEU B 589 4.03 -43.56 33.17
C LEU B 589 3.27 -42.28 33.38
N VAL B 590 2.41 -41.92 32.42
CA VAL B 590 1.79 -40.60 32.50
C VAL B 590 0.89 -40.52 33.71
N SER B 591 0.31 -41.65 34.11
CA SER B 591 -0.53 -41.63 35.30
C SER B 591 0.28 -41.20 36.51
N THR B 592 1.37 -41.92 36.78
CA THR B 592 2.16 -41.59 37.96
C THR B 592 2.73 -40.20 37.84
N MET B 593 3.07 -39.77 36.63
CA MET B 593 3.61 -38.43 36.50
C MET B 593 2.58 -37.38 36.85
N ARG B 594 1.35 -37.55 36.38
CA ARG B 594 0.37 -36.52 36.73
C ARG B 594 0.08 -36.56 38.22
N ASP B 595 0.01 -37.76 38.80
CA ASP B 595 -0.09 -37.80 40.24
C ASP B 595 0.98 -36.98 40.92
N LEU B 596 2.24 -37.18 40.55
CA LEU B 596 3.27 -36.43 41.25
C LEU B 596 3.17 -34.94 41.01
N ARG B 597 2.86 -34.51 39.79
CA ARG B 597 2.63 -33.08 39.63
C ARG B 597 1.58 -32.59 40.61
N ARG B 598 0.59 -33.41 40.92
CA ARG B 598 -0.37 -33.03 41.94
C ARG B 598 0.17 -33.19 43.34
N SER B 599 1.17 -34.05 43.54
CA SER B 599 1.65 -34.35 44.88
C SER B 599 2.65 -33.31 45.35
N GLY B 600 3.29 -32.64 44.41
CA GLY B 600 4.06 -31.47 44.73
C GLY B 600 5.56 -31.64 44.55
N ALA B 601 6.03 -32.88 44.58
CA ALA B 601 7.46 -33.12 44.45
C ALA B 601 8.00 -32.55 43.15
N ILE B 602 7.20 -32.61 42.10
CA ILE B 602 7.51 -31.94 40.87
C ILE B 602 6.99 -30.53 40.96
N SER B 603 7.61 -29.62 40.23
CA SER B 603 7.16 -28.25 40.25
C SER B 603 5.66 -28.20 39.98
N PRO B 604 4.91 -27.37 40.70
CA PRO B 604 3.46 -27.33 40.51
C PRO B 604 3.01 -26.69 39.21
N GLU B 605 3.91 -26.43 38.26
CA GLU B 605 3.53 -25.75 37.03
C GLU B 605 4.20 -26.34 35.80
N VAL B 606 4.64 -27.58 35.88
CA VAL B 606 5.04 -28.38 34.72
C VAL B 606 3.78 -28.63 33.92
N SER B 607 3.90 -28.90 32.62
CA SER B 607 2.68 -29.17 31.86
C SER B 607 2.74 -30.51 31.15
N ILE B 608 2.64 -31.60 31.89
CA ILE B 608 2.59 -32.92 31.28
C ILE B 608 1.44 -32.94 30.29
N ILE B 609 1.66 -33.56 29.13
CA ILE B 609 0.65 -33.65 28.08
C ILE B 609 0.80 -34.98 27.38
N ARG B 610 -0.31 -35.69 27.19
CA ARG B 610 -0.33 -36.88 26.36
C ARG B 610 -1.25 -36.65 25.19
N ASP B 611 -0.78 -36.98 24.00
CA ASP B 611 -1.55 -36.73 22.81
C ASP B 611 -1.51 -37.95 21.92
N ILE B 612 -2.52 -38.81 22.06
CA ILE B 612 -2.47 -40.16 21.52
C ILE B 612 -2.65 -40.19 20.00
N ARG B 613 -3.02 -39.07 19.39
CA ARG B 613 -3.07 -39.00 17.93
C ARG B 613 -1.68 -39.13 17.33
N GLU B 614 -0.64 -39.01 18.13
CA GLU B 614 0.69 -38.94 17.58
C GLU B 614 1.69 -39.88 18.22
N ARG B 615 1.31 -40.64 19.24
CA ARG B 615 2.24 -41.39 20.07
C ARG B 615 3.28 -40.45 20.66
N GLU B 616 2.91 -39.17 20.74
CA GLU B 616 3.75 -38.16 21.34
C GLU B 616 3.36 -38.02 22.80
N PHE B 617 4.32 -37.59 23.60
CA PHE B 617 4.08 -37.43 25.03
C PHE B 617 4.99 -36.36 25.55
N LYS B 618 4.49 -35.15 25.66
CA LYS B 618 5.36 -34.03 25.95
C LYS B 618 5.33 -33.73 27.44
N ILE B 619 6.42 -33.16 27.92
CA ILE B 619 6.50 -32.56 29.24
C ILE B 619 7.23 -31.26 29.03
N PHE B 620 6.51 -30.18 28.92
CA PHE B 620 7.21 -28.91 28.92
C PHE B 620 7.75 -28.62 30.30
N THR B 621 8.96 -28.05 30.36
CA THR B 621 9.44 -27.36 31.54
C THR B 621 9.96 -25.98 31.16
N ASP B 622 9.18 -25.23 30.41
CA ASP B 622 9.62 -23.92 29.97
C ASP B 622 9.23 -22.84 30.96
N VAL B 623 9.84 -21.67 30.79
CA VAL B 623 9.36 -20.44 31.40
C VAL B 623 8.66 -19.59 30.35
N GLY B 624 7.45 -19.15 30.65
CA GLY B 624 6.70 -18.28 29.76
C GLY B 624 5.41 -18.85 29.22
N ARG B 625 5.04 -20.08 29.61
CA ARG B 625 3.77 -20.67 29.24
C ARG B 625 2.66 -19.99 30.02
N VAL B 626 1.51 -19.75 29.40
CA VAL B 626 0.38 -19.12 30.08
C VAL B 626 -0.48 -20.21 30.69
N TYR B 627 -1.04 -19.97 31.88
CA TYR B 627 -1.91 -20.99 32.43
C TYR B 627 -2.93 -20.49 33.43
N ARG B 628 -3.90 -21.36 33.74
CA ARG B 628 -4.91 -21.11 34.74
C ARG B 628 -5.16 -22.42 35.49
N PRO B 629 -5.79 -22.37 36.65
CA PRO B 629 -6.02 -23.57 37.45
C PRO B 629 -7.41 -24.13 37.27
N LEU B 630 -7.64 -25.31 37.87
CA LEU B 630 -8.92 -25.98 37.77
C LEU B 630 -9.08 -27.03 38.85
N PHE B 631 -10.33 -27.43 39.10
CA PHE B 631 -10.63 -28.46 40.08
C PHE B 631 -10.33 -29.83 39.50
N ILE B 632 -10.10 -30.80 40.37
CA ILE B 632 -9.63 -32.10 39.94
C ILE B 632 -10.71 -33.14 40.04
N VAL B 633 -11.50 -33.28 38.98
CA VAL B 633 -12.49 -34.33 38.93
C VAL B 633 -11.84 -35.66 39.19
N GLU B 634 -12.36 -36.40 40.15
CA GLU B 634 -11.78 -37.71 40.39
C GLU B 634 -12.06 -38.59 39.19
N ASP B 635 -11.01 -39.09 38.57
CA ASP B 635 -11.11 -39.67 37.25
C ASP B 635 -10.81 -41.16 37.21
N ASP B 636 -11.08 -41.90 38.27
CA ASP B 636 -10.83 -43.32 38.29
C ASP B 636 -12.09 -44.06 38.70
N GLU B 637 -12.26 -45.28 38.18
CA GLU B 637 -13.28 -46.19 38.70
C GLU B 637 -12.60 -47.29 39.50
N SER B 638 -11.91 -46.87 40.56
CA SER B 638 -11.40 -47.79 41.57
C SER B 638 -11.91 -47.29 42.90
N LYS B 639 -12.49 -46.11 42.87
CA LYS B 639 -13.16 -45.52 44.01
C LYS B 639 -14.43 -44.87 43.51
N ASP B 640 -15.53 -45.12 44.21
CA ASP B 640 -16.80 -44.55 43.80
C ASP B 640 -16.84 -43.05 43.96
N ASN B 641 -15.71 -42.44 44.30
CA ASN B 641 -15.61 -41.00 44.18
C ASN B 641 -15.78 -40.54 42.75
N LYS B 642 -15.80 -41.46 41.79
CA LYS B 642 -15.81 -41.08 40.38
C LYS B 642 -16.92 -40.11 40.09
N GLY B 643 -16.67 -39.20 39.15
CA GLY B 643 -17.66 -38.20 38.83
C GLY B 643 -17.70 -37.09 39.84
N GLU B 644 -17.47 -37.40 41.11
CA GLU B 644 -17.54 -36.35 42.10
C GLU B 644 -16.26 -35.54 42.12
N LEU B 645 -16.39 -34.28 42.52
CA LEU B 645 -15.23 -33.42 42.72
C LEU B 645 -14.37 -33.98 43.83
N ARG B 646 -13.13 -33.51 43.92
CA ARG B 646 -12.30 -34.03 44.97
C ARG B 646 -12.21 -33.07 46.15
N ILE B 647 -12.49 -31.80 45.94
CA ILE B 647 -12.49 -30.86 47.06
C ILE B 647 -13.79 -31.02 47.86
N THR B 648 -13.75 -31.87 48.87
CA THR B 648 -14.85 -32.06 49.81
C THR B 648 -15.08 -30.78 50.58
N LYS B 649 -16.10 -30.77 51.43
CA LYS B 649 -16.29 -29.59 52.26
C LYS B 649 -15.24 -29.46 53.33
N GLU B 650 -14.54 -30.55 53.64
CA GLU B 650 -13.40 -30.45 54.54
C GLU B 650 -12.52 -29.27 54.16
N HIS B 651 -12.22 -29.15 52.88
CA HIS B 651 -11.25 -28.16 52.48
C HIS B 651 -11.81 -26.77 52.62
N ILE B 652 -13.06 -26.55 52.28
CA ILE B 652 -13.61 -25.22 52.48
C ILE B 652 -13.57 -24.88 53.96
N ARG B 653 -13.91 -25.82 54.83
CA ARG B 653 -13.86 -25.52 56.24
C ARG B 653 -12.47 -25.07 56.66
N LYS B 654 -11.46 -25.86 56.31
CA LYS B 654 -10.11 -25.49 56.70
C LYS B 654 -9.76 -24.10 56.18
N ILE B 655 -9.98 -23.87 54.88
CA ILE B 655 -9.65 -22.57 54.32
C ILE B 655 -10.40 -21.48 55.04
N GLN B 656 -11.53 -21.81 55.65
CA GLN B 656 -12.23 -20.84 56.47
C GLN B 656 -11.50 -20.55 57.77
N GLN B 657 -11.07 -21.58 58.48
CA GLN B 657 -10.31 -21.33 59.69
C GLN B 657 -9.03 -20.57 59.43
N GLY B 658 -8.29 -20.94 58.40
CA GLY B 658 -6.99 -20.38 58.15
C GLY B 658 -5.85 -21.18 58.70
N TYR B 659 -6.10 -22.39 59.19
CA TYR B 659 -5.05 -23.21 59.76
C TYR B 659 -5.44 -24.66 59.62
N ASP B 660 -4.44 -25.52 59.68
CA ASP B 660 -4.68 -26.94 59.46
C ASP B 660 -5.05 -27.62 60.76
N ASP B 661 -6.03 -28.51 60.68
CA ASP B 661 -6.50 -29.21 61.86
C ASP B 661 -5.82 -30.56 62.01
N ASP B 662 -4.49 -30.53 62.07
CA ASP B 662 -3.63 -31.64 62.50
C ASP B 662 -4.07 -33.01 62.01
N VAL B 675 0.15 -21.98 58.38
CA VAL B 675 -0.83 -21.30 57.56
C VAL B 675 -1.28 -22.29 56.50
N TYR B 676 -2.48 -22.13 55.95
CA TYR B 676 -3.01 -23.10 55.01
C TYR B 676 -3.84 -22.38 53.97
N GLY B 677 -3.18 -21.84 52.96
CA GLY B 677 -3.82 -21.05 51.94
C GLY B 677 -3.60 -21.62 50.56
N TRP B 678 -3.82 -20.76 49.56
CA TRP B 678 -3.92 -21.21 48.18
C TRP B 678 -2.89 -22.25 47.80
N SER B 679 -1.61 -21.87 47.85
CA SER B 679 -0.58 -22.77 47.36
C SER B 679 -0.66 -24.11 48.05
N SER B 680 -1.17 -24.13 49.28
CA SER B 680 -1.34 -25.42 49.90
C SER B 680 -2.49 -26.19 49.28
N LEU B 681 -3.53 -25.53 48.80
CA LEU B 681 -4.49 -26.25 47.99
C LEU B 681 -3.80 -26.94 46.84
N VAL B 682 -3.13 -26.16 46.00
CA VAL B 682 -2.55 -26.75 44.81
C VAL B 682 -1.66 -27.92 45.17
N THR B 683 -0.67 -27.71 46.02
CA THR B 683 0.23 -28.81 46.37
C THR B 683 -0.49 -29.92 47.12
N SER B 684 -1.70 -29.70 47.56
CA SER B 684 -2.38 -30.72 48.35
C SER B 684 -3.03 -31.78 47.51
N GLY B 685 -3.59 -31.43 46.37
CA GLY B 685 -4.14 -32.42 45.48
C GLY B 685 -5.54 -32.15 45.00
N VAL B 686 -5.99 -30.90 45.01
CA VAL B 686 -7.38 -30.64 44.68
C VAL B 686 -7.55 -29.61 43.58
N ILE B 687 -6.50 -28.89 43.23
CA ILE B 687 -6.56 -27.97 42.12
C ILE B 687 -5.25 -28.14 41.38
N GLU B 688 -5.29 -28.23 40.07
CA GLU B 688 -4.06 -28.37 39.34
C GLU B 688 -4.08 -27.37 38.20
N TYR B 689 -2.91 -27.06 37.69
CA TYR B 689 -2.82 -26.06 36.67
C TYR B 689 -2.85 -26.69 35.31
N VAL B 690 -3.53 -26.05 34.38
CA VAL B 690 -3.49 -26.43 32.99
C VAL B 690 -3.08 -25.20 32.24
N ASP B 691 -2.26 -25.39 31.22
CA ASP B 691 -1.71 -24.30 30.46
C ASP B 691 -2.44 -24.16 29.13
N GLY B 692 -1.79 -23.49 28.18
CA GLY B 692 -2.41 -23.31 26.88
C GLY B 692 -2.49 -24.58 26.04
N GLU B 693 -1.70 -25.60 26.35
CA GLU B 693 -1.78 -26.77 25.50
C GLU B 693 -2.55 -27.90 26.15
N GLU B 694 -2.11 -28.36 27.32
CA GLU B 694 -2.78 -29.49 27.94
C GLU B 694 -4.28 -29.30 27.93
N GLU B 695 -4.74 -28.07 27.91
CA GLU B 695 -6.16 -27.80 27.82
C GLU B 695 -6.73 -28.32 26.51
N GLU B 696 -5.92 -28.97 25.69
CA GLU B 696 -6.44 -29.73 24.59
C GLU B 696 -6.99 -31.07 25.02
N THR B 697 -6.23 -31.83 25.78
CA THR B 697 -6.50 -33.25 25.92
C THR B 697 -7.21 -33.56 27.23
N ILE B 698 -8.12 -32.69 27.64
CA ILE B 698 -8.86 -32.86 28.88
C ILE B 698 -10.33 -32.59 28.63
N MET B 699 -11.08 -32.48 29.71
CA MET B 699 -12.53 -32.38 29.60
C MET B 699 -13.07 -31.51 30.72
N ILE B 700 -13.87 -30.51 30.39
CA ILE B 700 -14.32 -29.54 31.38
C ILE B 700 -15.83 -29.50 31.45
N ALA B 701 -16.37 -29.71 32.65
CA ALA B 701 -17.75 -29.35 32.93
C ALA B 701 -17.81 -27.92 33.37
N MET B 702 -18.90 -27.25 33.03
CA MET B 702 -18.95 -25.84 33.32
C MET B 702 -19.03 -25.57 34.80
N THR B 703 -20.12 -25.93 35.45
CA THR B 703 -20.09 -25.73 36.88
C THR B 703 -20.26 -27.06 37.58
N PRO B 704 -19.78 -27.18 38.83
CA PRO B 704 -19.84 -28.47 39.52
C PRO B 704 -21.21 -29.07 39.60
N GLU B 705 -22.22 -28.39 39.11
CA GLU B 705 -23.56 -28.96 39.06
C GLU B 705 -23.76 -29.87 37.87
N ASP B 706 -22.85 -29.85 36.89
CA ASP B 706 -22.96 -30.74 35.76
C ASP B 706 -22.13 -31.99 35.88
N LEU B 707 -21.54 -32.26 37.03
CA LEU B 707 -20.88 -33.55 37.17
C LEU B 707 -21.87 -34.68 36.95
N GLN B 708 -22.85 -34.79 37.82
CA GLN B 708 -23.85 -35.84 37.67
C GLN B 708 -24.62 -35.60 36.39
N THR B 709 -25.04 -36.68 35.74
CA THR B 709 -25.96 -36.55 34.62
C THR B 709 -27.21 -35.86 35.12
N ARG B 710 -27.45 -34.64 34.63
CA ARG B 710 -28.49 -33.79 35.19
C ARG B 710 -29.81 -34.00 34.44
N SER B 711 -30.91 -33.80 35.15
CA SER B 711 -32.24 -33.99 34.60
C SER B 711 -32.91 -32.63 34.40
N LEU B 719 -40.05 -30.37 34.27
CA LEU B 719 -39.16 -29.76 33.27
C LEU B 719 -39.90 -28.74 32.41
N ASN B 720 -39.12 -28.00 31.63
CA ASN B 720 -39.60 -26.96 30.72
C ASN B 720 -40.36 -25.87 31.47
N ASP B 721 -39.62 -25.16 32.30
CA ASP B 721 -40.08 -23.90 32.86
C ASP B 721 -39.21 -22.76 32.32
N THR B 722 -39.84 -21.63 32.02
CA THR B 722 -39.26 -20.59 31.18
C THR B 722 -38.37 -19.63 31.95
N ALA B 723 -37.83 -20.04 33.08
CA ALA B 723 -37.10 -19.13 33.95
C ALA B 723 -35.60 -19.22 33.82
N LYS B 724 -35.05 -20.42 33.74
CA LYS B 724 -33.61 -20.60 33.73
C LYS B 724 -33.09 -20.58 32.30
N ARG B 725 -31.83 -20.99 32.15
CA ARG B 725 -31.10 -21.01 30.91
C ARG B 725 -30.83 -22.44 30.50
N ILE B 726 -30.43 -22.64 29.25
CA ILE B 726 -30.41 -23.96 28.65
C ILE B 726 -28.97 -24.45 28.63
N LYS B 727 -28.65 -25.40 29.51
CA LYS B 727 -27.40 -26.13 29.39
C LYS B 727 -27.60 -27.36 28.49
N PRO B 728 -26.55 -27.87 27.86
CA PRO B 728 -26.63 -29.18 27.22
C PRO B 728 -26.59 -30.29 28.26
N GLU B 729 -27.37 -31.35 28.02
CA GLU B 729 -27.47 -32.39 29.02
C GLU B 729 -26.30 -33.38 28.93
N MET B 730 -25.46 -33.25 27.89
CA MET B 730 -24.48 -34.28 27.52
C MET B 730 -25.17 -35.54 26.97
N SER B 731 -25.75 -35.42 25.78
CA SER B 731 -26.51 -36.47 25.14
C SER B 731 -25.67 -37.43 24.30
N THR B 732 -24.33 -37.39 24.39
CA THR B 732 -23.50 -38.30 23.61
C THR B 732 -23.28 -39.61 24.34
N SER B 733 -22.71 -39.56 25.53
CA SER B 733 -22.29 -40.78 26.23
C SER B 733 -23.24 -41.09 27.37
N SER B 734 -23.78 -42.31 27.37
CA SER B 734 -24.58 -42.75 28.51
C SER B 734 -23.74 -42.91 29.77
N HIS B 735 -22.42 -42.83 29.65
CA HIS B 735 -21.51 -42.77 30.79
C HIS B 735 -20.31 -41.91 30.42
N HIS B 736 -20.30 -40.67 30.90
CA HIS B 736 -19.26 -39.74 30.52
C HIS B 736 -18.01 -39.90 31.38
N THR B 737 -16.97 -39.18 30.98
CA THR B 737 -15.70 -39.16 31.69
C THR B 737 -15.21 -37.71 31.72
N PHE B 738 -15.60 -36.98 32.75
CA PHE B 738 -14.95 -35.72 33.03
C PHE B 738 -13.65 -35.97 33.76
N THR B 739 -12.71 -35.04 33.63
CA THR B 739 -11.53 -35.02 34.49
C THR B 739 -11.17 -33.64 34.97
N HIS B 740 -12.02 -32.65 34.74
CA HIS B 740 -11.77 -31.31 35.25
C HIS B 740 -13.08 -30.57 35.30
N CYS B 741 -13.23 -29.73 36.30
CA CYS B 741 -14.44 -28.93 36.46
C CYS B 741 -14.10 -27.52 36.87
N GLU B 742 -14.64 -26.54 36.16
CA GLU B 742 -14.29 -25.16 36.42
C GLU B 742 -14.46 -24.78 37.87
N ILE B 743 -13.78 -23.71 38.26
CA ILE B 743 -14.12 -23.04 39.51
C ILE B 743 -15.42 -22.27 39.34
N HIS B 744 -15.39 -21.24 38.52
CA HIS B 744 -16.61 -20.50 38.27
C HIS B 744 -16.34 -19.62 37.08
N PRO B 745 -17.13 -19.73 36.03
CA PRO B 745 -16.69 -19.20 34.75
C PRO B 745 -16.82 -17.72 34.65
N SER B 746 -17.46 -17.07 35.59
CA SER B 746 -17.31 -15.62 35.62
C SER B 746 -15.86 -15.20 35.71
N MET B 747 -14.96 -16.12 35.96
CA MET B 747 -13.54 -15.86 35.84
C MET B 747 -13.01 -16.10 34.45
N ILE B 748 -13.72 -15.69 33.40
CA ILE B 748 -13.00 -15.51 32.15
C ILE B 748 -12.78 -14.05 31.87
N LEU B 749 -13.37 -13.17 32.64
CA LEU B 749 -13.29 -11.79 32.20
C LEU B 749 -11.97 -11.18 32.59
N GLY B 750 -11.72 -9.97 32.10
CA GLY B 750 -10.54 -9.25 32.48
C GLY B 750 -10.76 -8.40 33.71
N VAL B 751 -9.66 -7.86 34.21
CA VAL B 751 -9.71 -7.10 35.44
C VAL B 751 -10.53 -5.85 35.25
N ALA B 752 -10.65 -5.36 34.03
CA ALA B 752 -11.51 -4.22 33.77
C ALA B 752 -12.82 -4.63 33.18
N ALA B 753 -13.24 -5.87 33.36
CA ALA B 753 -14.49 -6.33 32.79
C ALA B 753 -15.38 -7.04 33.79
N SER B 754 -14.83 -7.58 34.87
CA SER B 754 -15.73 -8.04 35.89
C SER B 754 -16.59 -6.91 36.41
N ILE B 755 -16.13 -5.67 36.21
CA ILE B 755 -16.89 -4.51 36.62
C ILE B 755 -18.23 -4.43 35.93
N ILE B 756 -18.32 -4.93 34.71
CA ILE B 756 -19.59 -4.86 34.02
C ILE B 756 -20.58 -5.73 34.79
N PRO B 757 -21.71 -5.20 35.23
CA PRO B 757 -22.62 -6.02 36.02
C PRO B 757 -23.65 -6.66 35.12
N PHE B 758 -23.87 -7.95 35.31
CA PHE B 758 -24.62 -8.72 34.34
C PHE B 758 -24.00 -8.51 32.99
N PRO B 759 -22.83 -9.07 32.72
CA PRO B 759 -22.23 -8.87 31.41
C PRO B 759 -22.91 -9.70 30.37
N ASP B 760 -23.33 -10.92 30.71
CA ASP B 760 -23.72 -11.92 29.74
C ASP B 760 -25.12 -11.71 29.21
N HIS B 761 -25.79 -10.65 29.60
CA HIS B 761 -27.03 -10.26 28.96
C HIS B 761 -26.72 -9.12 28.01
N ASN B 762 -25.62 -9.24 27.26
CA ASN B 762 -25.20 -8.17 26.36
C ASN B 762 -24.66 -8.62 25.02
N GLN B 763 -24.46 -7.62 24.16
CA GLN B 763 -23.87 -7.74 22.83
C GLN B 763 -22.41 -7.35 22.92
N SER B 764 -21.51 -8.20 22.47
CA SER B 764 -20.13 -8.03 22.88
C SER B 764 -19.57 -6.64 22.58
N PRO B 765 -19.84 -6.03 21.42
CA PRO B 765 -19.29 -4.68 21.20
C PRO B 765 -19.58 -3.74 22.35
N ARG B 766 -20.60 -4.04 23.13
CA ARG B 766 -20.76 -3.23 24.31
C ARG B 766 -19.85 -3.63 25.44
N ASN B 767 -19.65 -4.92 25.71
CA ASN B 767 -18.61 -5.24 26.69
C ASN B 767 -17.32 -4.54 26.32
N THR B 768 -17.03 -4.50 25.03
CA THR B 768 -15.77 -3.91 24.62
C THR B 768 -15.74 -2.44 24.93
N TYR B 769 -16.75 -1.67 24.52
CA TYR B 769 -16.67 -0.26 24.89
C TYR B 769 -16.66 -0.11 26.41
N GLN B 770 -17.18 -1.09 27.14
CA GLN B 770 -17.12 -0.94 28.58
C GLN B 770 -15.69 -1.00 29.05
N SER B 771 -15.05 -2.14 28.88
CA SER B 771 -13.70 -2.24 29.38
C SER B 771 -12.74 -1.38 28.59
N ALA B 772 -13.26 -0.53 27.70
CA ALA B 772 -12.43 0.57 27.22
C ALA B 772 -12.92 1.93 27.69
N MET B 773 -13.95 2.00 28.50
CA MET B 773 -14.28 3.27 29.14
C MET B 773 -14.14 3.26 30.63
N GLY B 774 -14.56 2.19 31.30
CA GLY B 774 -14.37 2.10 32.73
C GLY B 774 -12.96 2.42 33.16
N LYS B 775 -12.00 2.15 32.29
CA LYS B 775 -10.62 2.54 32.56
C LYS B 775 -10.36 4.00 32.30
N GLN B 776 -11.40 4.84 32.26
CA GLN B 776 -11.19 6.27 32.21
C GLN B 776 -12.03 6.98 33.24
N ALA B 777 -12.48 6.28 34.27
CA ALA B 777 -13.38 6.89 35.23
C ALA B 777 -12.67 7.83 36.18
N MET B 778 -13.17 9.05 36.31
CA MET B 778 -12.72 9.89 37.40
C MET B 778 -13.01 9.16 38.68
N GLY B 779 -12.13 9.31 39.66
CA GLY B 779 -12.33 8.56 40.88
C GLY B 779 -11.23 8.78 41.87
N VAL B 780 -10.87 7.72 42.58
CA VAL B 780 -9.95 7.80 43.69
C VAL B 780 -8.97 6.68 43.54
N PHE B 781 -7.79 7.00 43.03
CA PHE B 781 -6.91 5.94 42.57
C PHE B 781 -5.98 5.42 43.65
N LEU B 782 -5.31 6.30 44.39
CA LEU B 782 -4.63 5.85 45.57
C LEU B 782 -4.91 6.83 46.69
N THR B 783 -5.05 6.30 47.87
CA THR B 783 -5.52 7.09 48.99
C THR B 783 -4.50 8.07 49.50
N ASN B 784 -3.50 8.47 48.71
CA ASN B 784 -2.55 9.47 49.18
C ASN B 784 -2.30 10.56 48.17
N TYR B 785 -3.33 11.03 47.49
CA TYR B 785 -3.07 12.12 46.57
C TYR B 785 -2.41 13.30 47.25
N ASN B 786 -2.44 13.39 48.57
CA ASN B 786 -1.85 14.56 49.21
C ASN B 786 -0.35 14.63 48.97
N VAL B 787 0.33 13.51 49.05
CA VAL B 787 1.77 13.55 49.01
C VAL B 787 2.33 13.35 47.61
N ARG B 788 1.87 12.34 46.87
CA ARG B 788 2.27 12.23 45.48
C ARG B 788 2.09 13.57 44.82
N MET B 789 2.99 13.91 43.92
CA MET B 789 2.82 15.10 43.11
C MET B 789 2.97 14.72 41.65
N ASP B 790 1.83 14.54 40.98
CA ASP B 790 1.78 13.95 39.67
C ASP B 790 1.24 14.94 38.67
N THR B 791 1.45 14.63 37.40
CA THR B 791 1.13 15.59 36.37
C THR B 791 -0.38 15.76 36.18
N MET B 792 -1.12 14.68 36.24
CA MET B 792 -2.57 14.71 36.36
C MET B 792 -2.96 13.96 37.60
N ALA B 793 -4.10 14.30 38.15
CA ALA B 793 -4.80 13.40 39.03
C ALA B 793 -6.23 13.87 39.04
N ASN B 794 -7.17 13.01 39.36
CA ASN B 794 -8.52 13.54 39.45
C ASN B 794 -9.30 12.83 40.52
N ILE B 795 -9.65 13.55 41.57
CA ILE B 795 -10.49 13.00 42.61
C ILE B 795 -11.89 13.51 42.40
N LEU B 796 -12.81 12.56 42.31
CA LEU B 796 -14.22 12.85 42.31
C LEU B 796 -14.61 13.12 43.74
N TYR B 797 -15.42 14.16 43.97
CA TYR B 797 -15.76 14.49 45.34
C TYR B 797 -16.28 13.30 46.12
N TYR B 798 -17.47 12.82 45.77
CA TYR B 798 -18.25 11.93 46.63
C TYR B 798 -18.43 10.59 45.94
N PRO B 799 -17.58 9.68 46.17
CA PRO B 799 -17.64 8.41 45.47
C PRO B 799 -18.73 7.57 46.07
N GLN B 800 -19.12 6.47 45.43
CA GLN B 800 -20.13 5.57 45.98
C GLN B 800 -19.92 4.18 45.46
N LYS B 801 -19.70 3.24 46.34
CA LYS B 801 -19.73 1.85 45.92
C LYS B 801 -21.09 1.57 45.32
N PRO B 802 -21.14 0.91 44.19
CA PRO B 802 -22.40 0.78 43.48
C PRO B 802 -23.08 -0.51 43.85
N LEU B 803 -24.33 -0.66 43.39
CA LEU B 803 -25.21 -1.71 43.88
C LEU B 803 -25.09 -2.98 43.05
N ALA B 804 -24.82 -2.85 41.77
CA ALA B 804 -24.79 -4.01 40.90
C ALA B 804 -23.44 -4.71 41.00
N LYS B 805 -23.00 -4.93 42.22
CA LYS B 805 -21.69 -5.49 42.44
C LYS B 805 -21.63 -6.92 41.92
N THR B 806 -20.43 -7.43 41.79
CA THR B 806 -20.25 -8.83 41.49
C THR B 806 -19.76 -9.55 42.73
N GLN B 807 -19.29 -10.77 42.56
CA GLN B 807 -18.46 -11.39 43.57
C GLN B 807 -16.98 -11.12 43.34
N ALA B 808 -16.64 -10.30 42.35
CA ALA B 808 -15.22 -10.00 42.14
C ALA B 808 -14.82 -8.65 42.68
N MET B 809 -15.72 -7.67 42.70
CA MET B 809 -15.35 -6.45 43.41
C MET B 809 -15.11 -6.70 44.88
N GLU B 810 -15.43 -7.89 45.35
CA GLU B 810 -14.89 -8.39 46.60
C GLU B 810 -13.38 -8.61 46.53
N TYR B 811 -12.75 -8.30 45.40
CA TYR B 811 -11.33 -8.54 45.29
C TYR B 811 -10.59 -7.42 44.60
N LEU B 812 -11.27 -6.61 43.79
CA LEU B 812 -10.58 -5.48 43.17
C LEU B 812 -10.66 -4.24 44.03
N LYS B 813 -11.09 -4.36 45.27
CA LYS B 813 -11.13 -3.21 46.15
C LYS B 813 -11.95 -2.07 45.56
N PHE B 814 -12.61 -2.29 44.42
CA PHE B 814 -13.35 -1.24 43.75
C PHE B 814 -14.43 -0.65 44.65
N ARG B 815 -14.89 -1.41 45.65
CA ARG B 815 -15.90 -0.89 46.56
C ARG B 815 -15.31 -0.13 47.72
N GLU B 816 -14.05 -0.35 48.06
CA GLU B 816 -13.39 0.52 49.01
C GLU B 816 -12.79 1.71 48.32
N LEU B 817 -12.90 1.78 47.00
CA LEU B 817 -12.20 2.77 46.19
C LEU B 817 -12.96 2.94 44.89
N PRO B 818 -14.18 3.33 44.96
CA PRO B 818 -14.97 3.41 43.73
C PRO B 818 -14.54 4.55 42.87
N ALA B 819 -15.18 4.70 41.72
CA ALA B 819 -14.94 5.82 40.84
C ALA B 819 -16.22 6.22 40.15
N GLY B 820 -17.35 6.01 40.80
CA GLY B 820 -18.59 6.34 40.12
C GLY B 820 -19.72 6.55 41.10
N GLN B 821 -20.83 7.03 40.56
CA GLN B 821 -21.92 7.49 41.40
C GLN B 821 -23.20 6.80 40.99
N ASN B 822 -24.24 6.92 41.82
CA ASN B 822 -25.53 6.32 41.51
C ASN B 822 -26.59 7.38 41.35
N ALA B 823 -27.09 7.57 40.15
CA ALA B 823 -28.09 8.59 39.94
C ALA B 823 -29.38 7.98 39.43
N ILE B 824 -30.47 8.70 39.64
CA ILE B 824 -31.81 8.26 39.23
C ILE B 824 -31.95 8.44 37.73
N VAL B 825 -31.91 7.34 37.02
CA VAL B 825 -32.02 7.31 35.58
C VAL B 825 -33.46 7.06 35.19
N ALA B 826 -33.95 7.86 34.26
CA ALA B 826 -35.36 7.82 33.88
C ALA B 826 -35.47 7.70 32.37
N ILE B 827 -35.58 6.47 31.89
CA ILE B 827 -35.42 6.23 30.47
C ILE B 827 -36.66 6.63 29.72
N ALA B 828 -36.73 7.87 29.28
CA ALA B 828 -37.97 8.36 28.70
C ALA B 828 -37.73 9.65 27.95
N CYS B 829 -37.95 9.63 26.65
CA CYS B 829 -37.81 10.84 25.87
C CYS B 829 -38.64 11.91 26.53
N TYR B 830 -38.07 13.10 26.66
CA TYR B 830 -38.73 14.11 27.49
C TYR B 830 -39.09 15.35 26.70
N SER B 831 -38.13 16.10 26.19
CA SER B 831 -38.50 17.22 25.34
C SER B 831 -37.55 17.30 24.18
N GLY B 832 -37.03 16.15 23.78
CA GLY B 832 -36.20 16.09 22.62
C GLY B 832 -34.82 16.65 22.79
N TYR B 833 -34.47 17.22 23.93
CA TYR B 833 -33.08 17.55 24.10
C TYR B 833 -32.23 16.34 24.29
N ASN B 834 -32.78 15.17 24.55
CA ASN B 834 -31.86 14.06 24.74
C ASN B 834 -31.78 13.16 23.53
N GLN B 835 -31.97 13.68 22.32
CA GLN B 835 -31.94 12.86 21.12
C GLN B 835 -30.54 12.44 20.70
N GLU B 836 -30.38 11.22 20.19
CA GLU B 836 -29.10 10.73 19.70
C GLU B 836 -28.04 10.70 20.79
N ASP B 837 -28.39 10.03 21.88
CA ASP B 837 -27.51 9.76 23.01
C ASP B 837 -27.17 10.98 23.85
N SER B 838 -27.62 12.19 23.52
CA SER B 838 -27.45 13.20 24.54
C SER B 838 -28.38 12.88 25.69
N MET B 839 -27.99 13.26 26.90
CA MET B 839 -28.79 12.94 28.08
C MET B 839 -28.96 14.24 28.83
N ILE B 840 -29.71 14.20 29.92
CA ILE B 840 -30.02 15.42 30.62
C ILE B 840 -29.76 15.24 32.10
N MET B 841 -29.39 16.33 32.76
CA MET B 841 -29.03 16.30 34.16
C MET B 841 -29.75 17.43 34.86
N ASN B 842 -30.28 17.15 36.04
CA ASN B 842 -31.05 18.13 36.80
C ASN B 842 -30.10 19.08 37.52
N GLN B 843 -30.13 20.35 37.12
CA GLN B 843 -29.08 21.26 37.55
C GLN B 843 -28.94 21.30 39.06
N SER B 844 -30.02 21.57 39.76
CA SER B 844 -29.94 21.52 41.21
C SER B 844 -29.38 20.19 41.66
N SER B 845 -29.68 19.12 40.94
CA SER B 845 -29.17 17.82 41.37
C SER B 845 -27.67 17.72 41.16
N ILE B 846 -27.08 18.68 40.47
CA ILE B 846 -25.62 18.81 40.47
C ILE B 846 -25.19 19.60 41.68
N ASP B 847 -25.83 20.74 41.89
CA ASP B 847 -25.38 21.64 42.93
C ASP B 847 -25.35 20.98 44.29
N ARG B 848 -25.98 19.84 44.43
CA ARG B 848 -25.80 19.05 45.63
C ARG B 848 -24.57 18.17 45.54
N GLY B 849 -23.68 18.42 44.59
CA GLY B 849 -22.37 17.83 44.64
C GLY B 849 -22.23 16.62 43.76
N LEU B 850 -23.09 16.48 42.78
CA LEU B 850 -23.07 15.28 41.98
C LEU B 850 -21.90 15.35 41.02
N PHE B 851 -21.07 14.31 40.99
CA PHE B 851 -19.96 14.23 40.04
C PHE B 851 -19.08 15.47 40.07
N ARG B 852 -18.78 16.02 41.24
CA ARG B 852 -17.94 17.22 41.28
C ARG B 852 -16.47 16.83 41.40
N SER B 853 -15.63 17.39 40.52
CA SER B 853 -14.31 16.85 40.23
C SER B 853 -13.18 17.72 40.76
N LEU B 854 -12.27 17.14 41.54
CA LEU B 854 -11.01 17.83 41.83
C LEU B 854 -9.99 17.54 40.75
N PHE B 855 -9.06 18.47 40.58
CA PHE B 855 -8.09 18.41 39.50
C PHE B 855 -6.74 18.91 39.97
N PHE B 856 -5.73 18.06 39.79
CA PHE B 856 -4.37 18.22 40.27
C PHE B 856 -3.41 18.23 39.10
N ARG B 857 -2.53 19.22 39.08
CA ARG B 857 -1.54 19.30 38.00
C ARG B 857 -0.20 19.73 38.57
N SER B 858 0.81 18.88 38.41
CA SER B 858 2.11 19.11 39.01
C SER B 858 3.05 19.66 37.96
N TYR B 859 3.25 20.97 37.97
CA TYR B 859 4.30 21.54 37.18
C TYR B 859 5.64 21.03 37.68
N MET B 860 6.72 21.53 37.08
CA MET B 860 8.04 21.27 37.62
C MET B 860 9.03 22.06 36.79
N ASP B 861 10.09 22.54 37.44
CA ASP B 861 11.11 23.27 36.71
C ASP B 861 12.38 23.27 37.55
N GLN B 862 13.51 23.55 36.91
CA GLN B 862 14.79 23.53 37.58
C GLN B 862 15.81 24.32 36.77
N GLU B 863 16.99 24.51 37.37
CA GLU B 863 18.09 25.20 36.72
C GLU B 863 18.97 24.20 35.97
N LYS B 864 19.84 24.72 35.13
CA LYS B 864 20.88 23.90 34.52
C LYS B 864 22.24 24.55 34.71
N ARG B 865 23.26 23.72 34.91
CA ARG B 865 24.62 24.18 35.15
C ARG B 865 25.32 24.34 33.81
N PHE B 866 25.12 25.47 33.16
CA PHE B 866 25.69 25.78 31.86
C PHE B 866 27.21 25.82 31.86
N GLY B 867 27.80 26.34 32.92
CA GLY B 867 29.23 26.34 33.11
C GLY B 867 29.45 26.65 34.56
N ILE B 868 30.48 26.04 35.13
CA ILE B 868 30.61 25.97 36.59
C ILE B 868 30.51 27.36 37.21
N SER B 869 30.62 28.41 36.40
CA SER B 869 30.46 29.78 36.87
C SER B 869 29.24 30.46 36.31
N ILE B 870 28.54 29.83 35.37
CA ILE B 870 27.32 30.39 34.78
C ILE B 870 26.19 29.40 35.05
N VAL B 871 25.35 29.70 36.03
CA VAL B 871 24.16 28.91 36.29
C VAL B 871 22.98 29.87 36.29
N GLU B 872 21.78 29.31 36.36
CA GLU B 872 20.55 30.07 36.27
C GLU B 872 20.09 30.49 37.66
N GLU B 873 19.08 31.34 37.71
CA GLU B 873 18.75 32.00 38.98
C GLU B 873 17.25 32.03 39.19
N PHE B 874 16.81 31.55 40.36
CA PHE B 874 15.42 31.73 40.75
C PHE B 874 15.27 33.12 41.35
N GLU B 875 14.70 34.05 40.59
CA GLU B 875 14.43 35.37 41.12
C GLU B 875 13.22 35.96 40.43
N LYS B 876 12.57 36.84 41.13
CA LYS B 876 11.69 37.79 40.47
C LYS B 876 12.53 38.64 39.54
N PRO B 877 12.39 38.47 38.23
CA PRO B 877 13.20 39.25 37.31
C PRO B 877 12.73 40.68 37.26
N THR B 878 13.68 41.58 37.04
CA THR B 878 13.34 42.98 36.92
C THR B 878 12.77 43.24 35.53
N ARG B 879 12.77 44.52 35.17
CA ARG B 879 12.35 44.94 33.86
C ARG B 879 13.45 45.68 33.13
N ALA B 880 14.64 45.77 33.72
CA ALA B 880 15.80 46.40 33.11
C ALA B 880 16.99 45.45 33.06
N THR B 881 17.16 44.62 34.09
CA THR B 881 18.28 43.68 34.14
C THR B 881 18.04 42.40 33.36
N THR B 882 16.89 42.28 32.71
CA THR B 882 16.51 41.10 31.95
C THR B 882 15.85 41.51 30.64
N LEU B 883 15.97 40.67 29.62
CA LEU B 883 15.43 40.97 28.30
C LEU B 883 14.28 40.03 27.95
N ARG B 884 13.47 40.42 26.96
CA ARG B 884 12.39 39.59 26.45
C ARG B 884 11.48 39.07 27.57
N LEU B 885 10.80 40.02 28.19
CA LEU B 885 9.87 39.70 29.26
C LEU B 885 8.55 39.20 28.69
N LYS B 886 8.01 38.15 29.32
CA LYS B 886 6.76 37.55 28.89
C LYS B 886 5.66 38.60 28.78
N HIS B 887 4.70 38.33 27.92
CA HIS B 887 3.57 39.23 27.75
C HIS B 887 2.66 39.25 28.97
N GLY B 888 2.68 38.20 29.78
CA GLY B 888 1.90 38.20 30.99
C GLY B 888 2.49 39.11 32.05
N THR B 889 1.97 38.97 33.27
CA THR B 889 2.48 39.75 34.39
C THR B 889 3.13 38.83 35.41
N TYR B 890 3.86 39.42 36.35
CA TYR B 890 4.67 38.69 37.31
C TYR B 890 4.24 38.92 38.73
N GLU B 891 3.16 39.66 38.95
CA GLU B 891 2.86 40.23 40.26
C GLU B 891 3.06 39.22 41.37
N LYS B 892 2.65 37.98 41.13
CA LYS B 892 2.39 37.08 42.23
C LYS B 892 3.66 36.41 42.74
N LEU B 893 4.77 36.55 42.04
CA LEU B 893 5.98 35.88 42.48
C LEU B 893 6.40 36.41 43.85
N ASP B 894 7.30 35.68 44.50
CA ASP B 894 7.83 36.06 45.80
C ASP B 894 9.22 36.68 45.68
N GLU B 895 9.82 36.92 46.84
CA GLU B 895 11.22 37.34 46.87
C GLU B 895 12.10 36.39 46.10
N ASP B 896 11.83 35.10 46.19
CA ASP B 896 12.57 34.11 45.43
C ASP B 896 11.73 33.53 44.30
N GLY B 897 10.81 34.32 43.75
CA GLY B 897 10.12 34.01 42.50
C GLY B 897 9.04 32.96 42.59
N LEU B 898 9.24 31.91 43.38
CA LEU B 898 8.24 30.89 43.61
C LEU B 898 7.04 31.54 44.25
N ILE B 899 5.89 31.46 43.59
CA ILE B 899 4.67 31.96 44.19
C ILE B 899 4.35 31.14 45.43
N ALA B 900 3.78 31.79 46.44
CA ALA B 900 3.42 31.09 47.66
C ALA B 900 1.98 30.60 47.59
N PRO B 901 1.67 29.46 48.19
CA PRO B 901 0.34 28.88 48.04
C PRO B 901 -0.73 29.84 48.51
N GLY B 902 -1.90 29.70 47.92
CA GLY B 902 -3.07 30.44 48.34
C GLY B 902 -3.46 31.57 47.42
N VAL B 903 -2.55 32.08 46.61
CA VAL B 903 -2.87 33.17 45.71
C VAL B 903 -3.85 32.64 44.68
N ARG B 904 -4.82 33.47 44.32
CA ARG B 904 -5.68 33.13 43.19
C ARG B 904 -4.88 33.24 41.91
N VAL B 905 -4.79 32.16 41.14
CA VAL B 905 -4.08 32.19 39.86
C VAL B 905 -5.10 32.11 38.74
N SER B 906 -4.97 33.00 37.78
CA SER B 906 -5.67 32.93 36.51
C SER B 906 -4.74 32.30 35.50
N GLY B 907 -5.17 32.26 34.26
CA GLY B 907 -4.25 31.89 33.21
C GLY B 907 -3.16 32.93 33.05
N ASP B 908 -2.02 32.49 32.52
CA ASP B 908 -0.96 33.35 32.01
C ASP B 908 -0.17 34.10 33.09
N ASP B 909 -0.29 33.73 34.35
CA ASP B 909 0.51 34.37 35.39
C ASP B 909 1.61 33.42 35.84
N ILE B 910 2.82 33.95 35.90
CA ILE B 910 3.98 33.09 36.08
C ILE B 910 3.91 32.43 37.44
N ILE B 911 4.59 31.29 37.59
CA ILE B 911 4.76 30.68 38.90
C ILE B 911 6.23 30.53 39.27
N ILE B 912 7.07 30.10 38.34
CA ILE B 912 8.46 29.86 38.65
C ILE B 912 9.27 30.85 37.81
N GLY B 913 9.90 31.80 38.49
CA GLY B 913 10.66 32.84 37.82
C GLY B 913 12.13 32.55 37.74
N LYS B 914 12.56 32.03 36.60
CA LYS B 914 13.93 31.57 36.42
C LYS B 914 14.51 32.32 35.22
N THR B 915 15.65 32.98 35.42
CA THR B 915 16.28 33.73 34.35
C THR B 915 17.59 33.06 33.99
N THR B 916 18.01 33.25 32.78
CA THR B 916 19.31 32.69 32.46
C THR B 916 20.26 33.80 32.06
N PRO B 917 21.45 33.86 32.64
CA PRO B 917 22.35 34.98 32.33
C PRO B 917 22.84 34.89 30.90
N ILE B 918 22.87 36.04 30.22
CA ILE B 918 23.39 36.08 28.85
C ILE B 918 24.91 36.03 28.90
N PRO B 919 25.56 35.07 28.25
CA PRO B 919 27.01 35.13 28.10
C PRO B 919 27.41 36.33 27.26
N PRO B 920 28.33 37.16 27.75
CA PRO B 920 28.65 38.47 27.15
C PRO B 920 29.23 38.36 25.75
N TYR B 931 25.12 46.72 31.15
CA TYR B 931 24.28 45.90 32.02
C TYR B 931 23.45 44.95 31.20
N HIS B 932 22.28 44.58 31.72
CA HIS B 932 21.23 44.01 30.91
C HIS B 932 21.68 42.68 30.28
N THR B 933 22.01 41.73 31.16
CA THR B 933 22.62 40.47 30.72
C THR B 933 21.83 39.24 31.14
N LYS B 934 20.55 39.39 31.50
CA LYS B 934 19.71 38.24 31.78
C LYS B 934 18.62 38.09 30.73
N ARG B 935 18.33 36.84 30.41
CA ARG B 935 17.28 36.48 29.49
C ARG B 935 16.14 35.94 30.33
N ASP B 936 14.93 36.37 30.01
CA ASP B 936 13.73 35.95 30.73
C ASP B 936 13.37 34.52 30.35
N ALA B 937 13.30 33.63 31.35
CA ALA B 937 13.10 32.22 31.03
C ALA B 937 12.18 31.52 32.01
N SER B 938 11.08 32.17 32.40
CA SER B 938 10.23 31.63 33.43
C SER B 938 9.13 30.73 32.85
N THR B 939 8.53 29.91 33.71
CA THR B 939 7.50 28.95 33.33
C THR B 939 6.13 29.57 33.48
N PRO B 940 5.28 29.52 32.46
CA PRO B 940 3.95 30.10 32.58
C PRO B 940 2.95 29.08 33.11
N LEU B 941 1.83 29.60 33.58
CA LEU B 941 0.62 28.83 33.81
C LEU B 941 -0.27 28.94 32.59
N ARG B 942 -0.84 27.81 32.17
CA ARG B 942 -1.40 27.68 30.83
C ARG B 942 -2.56 28.62 30.57
N SER B 943 -3.05 28.58 29.35
CA SER B 943 -3.88 29.65 28.80
C SER B 943 -5.37 29.49 29.08
N THR B 944 -5.83 28.40 29.68
CA THR B 944 -7.25 28.25 29.90
C THR B 944 -7.64 27.85 31.31
N GLU B 945 -6.67 27.70 32.21
CA GLU B 945 -6.97 27.13 33.51
C GLU B 945 -7.01 28.22 34.57
N ASN B 946 -7.72 27.92 35.65
CA ASN B 946 -7.79 28.78 36.81
C ASN B 946 -7.38 27.97 38.02
N GLY B 947 -7.31 28.61 39.17
CA GLY B 947 -7.26 27.80 40.37
C GLY B 947 -6.45 28.43 41.48
N ILE B 948 -5.96 27.56 42.34
CA ILE B 948 -5.33 27.94 43.58
C ILE B 948 -4.10 27.10 43.80
N VAL B 949 -2.95 27.73 43.83
CA VAL B 949 -1.69 27.04 44.06
C VAL B 949 -1.79 26.33 45.39
N ASP B 950 -1.13 25.20 45.52
CA ASP B 950 -1.31 24.43 46.73
C ASP B 950 -0.05 24.14 47.54
N GLN B 951 0.89 23.37 47.01
CA GLN B 951 1.90 22.76 47.88
C GLN B 951 3.24 22.76 47.16
N VAL B 952 4.01 23.82 47.36
CA VAL B 952 5.24 24.01 46.61
C VAL B 952 6.33 23.20 47.29
N LEU B 953 6.59 22.01 46.77
CA LEU B 953 7.73 21.25 47.23
C LEU B 953 9.01 21.86 46.71
N LEU B 954 9.99 21.94 47.60
CA LEU B 954 11.30 22.47 47.28
C LEU B 954 12.36 21.57 47.87
N THR B 955 13.33 21.22 47.05
CA THR B 955 14.44 20.38 47.46
C THR B 955 15.57 20.59 46.46
N THR B 956 16.57 19.74 46.52
CA THR B 956 17.73 19.86 45.64
C THR B 956 17.80 18.64 44.73
N ASN B 957 17.92 18.92 43.44
CA ASN B 957 18.10 17.86 42.46
C ASN B 957 19.35 17.05 42.81
N GLN B 958 19.51 15.92 42.14
CA GLN B 958 20.73 15.15 42.28
C GLN B 958 21.95 15.98 41.92
N GLU B 959 21.75 16.99 41.10
CA GLU B 959 22.86 17.75 40.54
C GLU B 959 23.50 18.66 41.57
N GLY B 960 22.76 19.08 42.58
CA GLY B 960 23.19 20.13 43.47
C GLY B 960 22.54 21.47 43.19
N LEU B 961 21.54 21.51 42.32
CA LEU B 961 20.78 22.73 42.09
C LEU B 961 19.50 22.68 42.93
N LYS B 962 18.84 23.82 43.06
CA LYS B 962 17.50 23.77 43.59
C LYS B 962 16.60 22.96 42.68
N PHE B 963 15.37 22.80 43.12
CA PHE B 963 14.47 21.86 42.48
C PHE B 963 13.09 22.05 43.07
N VAL B 964 12.13 22.38 42.22
CA VAL B 964 10.81 22.73 42.69
C VAL B 964 9.78 21.86 42.00
N LYS B 965 8.79 21.43 42.77
CA LYS B 965 7.56 20.89 42.20
C LYS B 965 6.42 21.72 42.72
N VAL B 966 5.47 22.00 41.84
CA VAL B 966 4.33 22.82 42.15
C VAL B 966 3.08 22.01 41.79
N ARG B 967 2.17 21.87 42.74
CA ARG B 967 0.91 21.18 42.51
C ARG B 967 -0.23 22.18 42.55
N MET B 968 -0.64 22.65 41.38
CA MET B 968 -1.78 23.55 41.33
C MET B 968 -3.05 22.73 41.18
N ARG B 969 -4.17 23.26 41.65
CA ARG B 969 -5.37 22.45 41.57
C ARG B 969 -6.62 23.32 41.53
N THR B 970 -7.74 22.69 41.12
CA THR B 970 -9.04 23.36 40.99
C THR B 970 -10.17 22.33 40.98
N THR B 971 -11.41 22.80 40.81
CA THR B 971 -12.59 21.95 40.86
C THR B 971 -13.53 22.23 39.70
N LYS B 972 -13.70 21.23 38.85
CA LYS B 972 -14.51 21.32 37.65
C LYS B 972 -15.83 20.58 37.86
N VAL B 973 -16.89 21.09 37.27
CA VAL B 973 -18.25 20.69 37.64
C VAL B 973 -19.07 20.44 36.38
N PRO B 974 -19.75 19.31 36.30
CA PRO B 974 -20.51 18.96 35.10
C PRO B 974 -21.29 20.09 34.48
N GLN B 975 -20.98 20.39 33.24
CA GLN B 975 -21.68 21.39 32.45
C GLN B 975 -21.87 20.80 31.06
N ILE B 976 -22.39 21.61 30.15
CA ILE B 976 -22.78 21.07 28.85
C ILE B 976 -21.57 20.55 28.10
N GLY B 977 -21.57 19.26 27.84
CA GLY B 977 -20.46 18.60 27.20
C GLY B 977 -19.74 17.64 28.11
N ASP B 978 -19.64 17.96 29.40
CA ASP B 978 -18.92 17.11 30.33
C ASP B 978 -19.45 15.69 30.20
N LYS B 979 -18.59 14.78 29.80
CA LYS B 979 -19.06 13.48 29.34
C LYS B 979 -19.47 12.58 30.51
N PHE B 980 -20.07 11.44 30.19
CA PHE B 980 -20.56 10.39 31.10
C PHE B 980 -20.70 9.09 30.35
N ALA B 981 -20.89 8.01 31.09
CA ALA B 981 -21.09 6.74 30.43
C ALA B 981 -21.40 5.68 31.45
N SER B 982 -22.46 4.95 31.23
CA SER B 982 -22.90 3.95 32.18
C SER B 982 -21.96 2.78 32.09
N ARG B 983 -22.34 1.67 32.67
CA ARG B 983 -21.49 0.52 32.53
C ARG B 983 -21.97 -0.41 31.42
N HIS B 984 -22.52 0.14 30.35
CA HIS B 984 -22.81 -0.67 29.17
C HIS B 984 -22.63 0.10 27.88
N GLY B 985 -21.71 1.04 27.82
CA GLY B 985 -21.49 1.77 26.61
C GLY B 985 -22.52 2.81 26.29
N GLN B 986 -23.62 2.85 27.02
CA GLN B 986 -24.67 3.78 26.69
C GLN B 986 -24.20 5.21 26.89
N LYS B 987 -23.04 5.56 26.36
CA LYS B 987 -22.33 6.75 26.74
C LYS B 987 -23.01 7.97 26.16
N GLY B 988 -22.35 9.10 26.23
CA GLY B 988 -22.91 10.30 25.69
C GLY B 988 -22.86 11.42 26.69
N THR B 989 -23.04 12.65 26.25
CA THR B 989 -22.77 13.78 27.12
C THR B 989 -24.04 14.52 27.46
N ILE B 990 -23.90 15.46 28.39
CA ILE B 990 -24.98 16.29 28.88
C ILE B 990 -25.42 17.24 27.78
N GLY B 991 -26.71 17.30 27.52
CA GLY B 991 -27.20 18.16 26.47
C GLY B 991 -27.70 19.49 26.99
N VAL B 992 -28.23 19.51 28.21
CA VAL B 992 -28.89 20.70 28.72
C VAL B 992 -29.18 20.49 30.19
N THR B 993 -29.52 21.57 30.89
CA THR B 993 -29.73 21.55 32.33
C THR B 993 -31.09 22.10 32.69
N TYR B 994 -31.84 21.35 33.48
CA TYR B 994 -33.11 21.78 34.04
C TYR B 994 -33.00 21.93 35.54
N ARG B 995 -33.71 22.90 36.10
CA ARG B 995 -33.73 23.10 37.54
C ARG B 995 -34.56 22.00 38.17
N HIS B 996 -34.73 22.05 39.49
CA HIS B 996 -35.21 20.86 40.18
C HIS B 996 -36.67 20.59 39.90
N GLU B 997 -37.45 21.62 39.64
CA GLU B 997 -38.84 21.32 39.40
C GLU B 997 -39.10 20.86 37.98
N ASP B 998 -38.48 21.48 36.99
CA ASP B 998 -38.95 21.29 35.62
C ASP B 998 -38.81 19.86 35.13
N MET B 999 -38.17 19.01 35.89
CA MET B 999 -38.07 17.64 35.49
C MET B 999 -39.43 16.99 35.65
N PRO B 1000 -39.61 15.76 35.20
CA PRO B 1000 -40.75 15.00 35.67
C PRO B 1000 -40.54 14.69 37.14
N PHE B 1001 -41.50 13.97 37.72
CA PHE B 1001 -41.32 13.51 39.08
C PHE B 1001 -42.47 12.61 39.47
N SER B 1002 -42.14 11.46 40.03
CA SER B 1002 -43.18 10.47 40.28
C SER B 1002 -44.01 10.93 41.45
N ALA B 1003 -44.80 10.00 41.99
CA ALA B 1003 -45.81 10.38 42.96
C ALA B 1003 -45.23 10.72 44.31
N GLU B 1004 -44.29 9.92 44.80
CA GLU B 1004 -43.79 10.08 46.14
C GLU B 1004 -43.03 11.37 46.34
N GLY B 1005 -42.59 12.02 45.27
CA GLY B 1005 -41.71 13.17 45.36
C GLY B 1005 -40.34 12.96 44.74
N ILE B 1006 -39.96 11.73 44.42
CA ILE B 1006 -38.71 11.48 43.71
C ILE B 1006 -38.66 12.37 42.48
N VAL B 1007 -37.47 12.64 41.99
CA VAL B 1007 -37.34 13.29 40.69
C VAL B 1007 -36.39 12.41 39.88
N PRO B 1008 -36.11 12.69 38.66
CA PRO B 1008 -35.08 11.91 37.99
C PRO B 1008 -33.76 12.57 38.25
N ASP B 1009 -32.66 11.97 37.88
CA ASP B 1009 -31.38 12.65 37.93
C ASP B 1009 -30.79 12.90 36.56
N LEU B 1010 -30.73 11.87 35.74
CA LEU B 1010 -29.93 11.83 34.55
C LEU B 1010 -30.70 11.01 33.54
N ILE B 1011 -31.25 11.66 32.50
CA ILE B 1011 -32.32 11.08 31.68
C ILE B 1011 -31.75 10.58 30.36
N ILE B 1012 -31.43 9.29 30.27
CA ILE B 1012 -30.94 8.79 28.99
C ILE B 1012 -32.08 8.90 28.01
N ASN B 1013 -31.84 8.59 26.76
CA ASN B 1013 -32.88 8.62 25.73
C ASN B 1013 -33.17 7.22 25.20
N PRO B 1014 -34.40 6.74 25.39
CA PRO B 1014 -34.70 5.34 25.11
C PRO B 1014 -34.18 4.87 23.79
N HIS B 1015 -34.37 5.67 22.73
CA HIS B 1015 -33.88 5.33 21.40
C HIS B 1015 -32.48 4.78 21.41
N ALA B 1016 -31.74 4.95 22.49
CA ALA B 1016 -30.49 4.24 22.54
C ALA B 1016 -30.72 2.75 22.57
N ILE B 1017 -31.78 2.29 23.21
CA ILE B 1017 -31.75 0.89 23.62
C ILE B 1017 -32.08 -0.10 22.51
N PRO B 1018 -33.18 0.03 21.78
CA PRO B 1018 -33.66 -1.12 21.01
C PRO B 1018 -32.73 -1.54 19.92
N SER B 1019 -31.91 -0.64 19.38
CA SER B 1019 -30.92 -1.10 18.41
C SER B 1019 -29.63 -1.54 19.05
N ARG B 1020 -29.43 -1.27 20.32
CA ARG B 1020 -28.13 -1.63 20.85
C ARG B 1020 -28.17 -2.95 21.56
N MET B 1021 -29.34 -3.56 21.68
CA MET B 1021 -29.46 -4.88 22.28
C MET B 1021 -28.60 -5.02 23.53
N THR B 1022 -28.78 -4.09 24.48
CA THR B 1022 -28.09 -4.17 25.77
C THR B 1022 -29.12 -4.24 26.88
N VAL B 1023 -29.62 -5.46 27.10
CA VAL B 1023 -30.65 -5.66 28.09
C VAL B 1023 -30.06 -5.55 29.48
N ALA B 1024 -28.76 -5.75 29.61
CA ALA B 1024 -28.13 -5.66 30.91
C ALA B 1024 -28.41 -4.34 31.56
N HIS B 1025 -28.51 -3.26 30.79
CA HIS B 1025 -28.71 -1.99 31.44
C HIS B 1025 -30.06 -1.91 32.13
N LEU B 1026 -31.10 -2.36 31.45
CA LEU B 1026 -32.37 -2.41 32.15
C LEU B 1026 -32.27 -3.35 33.35
N ILE B 1027 -31.88 -4.61 33.12
CA ILE B 1027 -31.88 -5.56 34.22
C ILE B 1027 -31.14 -4.98 35.42
N GLU B 1028 -30.07 -4.22 35.16
CA GLU B 1028 -29.39 -3.57 36.27
C GLU B 1028 -30.30 -2.60 36.97
N CYS B 1029 -30.89 -1.67 36.23
CA CYS B 1029 -31.66 -0.63 36.91
C CYS B 1029 -32.77 -1.24 37.75
N LEU B 1030 -33.39 -2.30 37.24
CA LEU B 1030 -34.34 -3.04 38.06
C LEU B 1030 -33.70 -3.53 39.35
N LEU B 1031 -32.64 -4.33 39.21
CA LEU B 1031 -31.97 -4.86 40.39
C LEU B 1031 -31.62 -3.78 41.37
N SER B 1032 -31.19 -2.62 40.90
CA SER B 1032 -30.86 -1.56 41.84
C SER B 1032 -32.08 -1.10 42.59
N LYS B 1033 -33.20 -0.92 41.89
CA LYS B 1033 -34.39 -0.47 42.60
C LYS B 1033 -34.70 -1.42 43.73
N VAL B 1034 -34.59 -2.72 43.46
CA VAL B 1034 -34.78 -3.69 44.54
C VAL B 1034 -33.72 -3.54 45.61
N GLY B 1035 -32.47 -3.43 45.21
CA GLY B 1035 -31.40 -3.37 46.19
C GLY B 1035 -31.54 -2.20 47.15
N SER B 1036 -31.99 -1.06 46.65
CA SER B 1036 -32.20 0.05 47.55
C SER B 1036 -33.39 -0.21 48.46
N ILE B 1037 -34.49 -0.70 47.90
CA ILE B 1037 -35.67 -0.86 48.74
C ILE B 1037 -35.43 -1.86 49.86
N ARG B 1038 -35.16 -3.12 49.54
CA ARG B 1038 -34.88 -4.01 50.65
C ARG B 1038 -33.64 -3.62 51.42
N GLY B 1039 -32.71 -2.93 50.77
CA GLY B 1039 -31.51 -2.52 51.47
C GLY B 1039 -30.39 -3.53 51.49
N TYR B 1040 -29.98 -4.04 50.35
CA TYR B 1040 -28.74 -4.80 50.30
C TYR B 1040 -28.33 -4.94 48.84
N GLU B 1041 -27.04 -5.10 48.64
CA GLU B 1041 -26.42 -5.00 47.33
C GLU B 1041 -26.73 -6.27 46.55
N GLY B 1042 -27.26 -6.10 45.35
CA GLY B 1042 -27.76 -7.23 44.60
C GLY B 1042 -26.67 -7.94 43.81
N ASP B 1043 -26.69 -9.27 43.88
CA ASP B 1043 -25.60 -10.06 43.32
C ASP B 1043 -25.77 -10.19 41.82
N ALA B 1044 -24.98 -9.43 41.06
CA ALA B 1044 -25.00 -9.49 39.62
C ALA B 1044 -23.91 -10.38 39.06
N THR B 1045 -23.49 -11.39 39.79
CA THR B 1045 -22.50 -12.28 39.23
C THR B 1045 -23.06 -12.90 37.97
N PRO B 1046 -22.40 -12.73 36.84
CA PRO B 1046 -22.83 -13.42 35.62
C PRO B 1046 -22.88 -14.92 35.81
N PHE B 1047 -23.53 -15.59 34.88
CA PHE B 1047 -23.53 -17.05 34.81
C PHE B 1047 -24.07 -17.68 36.08
N THR B 1048 -24.94 -16.97 36.78
CA THR B 1048 -25.60 -17.47 37.97
C THR B 1048 -27.04 -17.78 37.67
N ASP B 1049 -27.83 -17.97 38.73
CA ASP B 1049 -29.19 -18.44 38.57
C ASP B 1049 -30.24 -17.38 38.85
N LEU B 1050 -29.88 -16.11 38.76
CA LEU B 1050 -30.83 -15.05 39.04
C LEU B 1050 -31.62 -14.75 37.78
N THR B 1051 -32.92 -14.96 37.83
CA THR B 1051 -33.78 -14.76 36.67
C THR B 1051 -34.07 -13.28 36.49
N VAL B 1052 -35.04 -12.95 35.64
CA VAL B 1052 -35.67 -11.64 35.68
C VAL B 1052 -36.97 -11.69 36.47
N ASP B 1053 -37.59 -12.86 36.60
CA ASP B 1053 -38.79 -12.94 37.40
C ASP B 1053 -38.51 -12.74 38.87
N ALA B 1054 -37.71 -13.64 39.47
CA ALA B 1054 -37.50 -13.58 40.91
C ALA B 1054 -37.22 -12.15 41.35
N VAL B 1055 -36.45 -11.41 40.56
CA VAL B 1055 -36.31 -9.99 40.81
C VAL B 1055 -37.66 -9.31 40.77
N SER B 1056 -38.46 -9.58 39.75
CA SER B 1056 -39.73 -8.89 39.62
C SER B 1056 -40.63 -9.14 40.82
N ASN B 1057 -40.70 -10.39 41.27
CA ASN B 1057 -41.53 -10.67 42.43
C ASN B 1057 -41.06 -9.91 43.64
N LEU B 1058 -39.76 -10.03 43.95
CA LEU B 1058 -39.26 -9.30 45.11
C LEU B 1058 -39.61 -7.84 44.98
N LEU B 1059 -39.65 -7.34 43.76
CA LEU B 1059 -40.01 -5.93 43.61
C LEU B 1059 -41.46 -5.69 43.96
N ARG B 1060 -42.37 -6.49 43.41
CA ARG B 1060 -43.77 -6.12 43.56
C ARG B 1060 -44.25 -6.34 44.98
N ASP B 1061 -43.62 -7.29 45.68
CA ASP B 1061 -43.93 -7.49 47.09
C ASP B 1061 -43.77 -6.23 47.91
N ASN B 1062 -42.89 -5.31 47.51
CA ASN B 1062 -42.67 -4.07 48.23
C ASN B 1062 -43.55 -2.96 47.71
N GLY B 1063 -44.55 -3.30 46.92
CA GLY B 1063 -45.47 -2.29 46.46
C GLY B 1063 -44.90 -1.44 45.34
N TYR B 1064 -44.47 -2.08 44.26
CA TYR B 1064 -44.12 -1.38 43.05
C TYR B 1064 -44.43 -2.26 41.86
N GLN B 1065 -44.63 -1.64 40.70
CA GLN B 1065 -45.01 -2.36 39.51
C GLN B 1065 -43.91 -3.30 39.07
N SER B 1066 -44.26 -4.57 38.91
CA SER B 1066 -43.24 -5.61 38.94
C SER B 1066 -42.41 -5.68 37.68
N ARG B 1067 -42.63 -4.77 36.74
CA ARG B 1067 -41.79 -4.67 35.57
C ARG B 1067 -41.19 -3.27 35.44
N GLY B 1068 -40.74 -2.71 36.56
CA GLY B 1068 -39.95 -1.51 36.58
C GLY B 1068 -40.71 -0.21 36.63
N PHE B 1069 -41.78 -0.09 35.86
CA PHE B 1069 -42.38 1.21 35.59
C PHE B 1069 -42.82 1.94 36.84
N GLU B 1070 -42.92 3.25 36.74
CA GLU B 1070 -43.76 4.00 37.66
C GLU B 1070 -44.46 5.14 36.94
N VAL B 1071 -45.66 5.43 37.43
CA VAL B 1071 -46.50 6.49 36.91
C VAL B 1071 -45.76 7.79 37.14
N MET B 1072 -45.43 8.50 36.10
CA MET B 1072 -44.75 9.75 36.32
C MET B 1072 -45.57 10.92 35.83
N TYR B 1073 -45.08 12.10 36.15
CA TYR B 1073 -45.76 13.37 36.08
C TYR B 1073 -44.92 14.35 35.28
N ASN B 1074 -45.56 15.07 34.40
CA ASN B 1074 -44.92 16.23 33.83
C ASN B 1074 -44.72 17.28 34.90
N GLY B 1075 -43.67 18.05 34.74
CA GLY B 1075 -43.35 19.10 35.68
C GLY B 1075 -43.78 20.48 35.26
N HIS B 1076 -44.13 20.67 34.01
CA HIS B 1076 -44.56 21.97 33.56
C HIS B 1076 -46.05 22.20 33.71
N THR B 1077 -46.85 21.17 33.76
CA THR B 1077 -48.28 21.38 33.89
C THR B 1077 -48.94 20.39 34.84
N GLY B 1078 -48.16 19.53 35.47
CA GLY B 1078 -48.73 18.56 36.37
C GLY B 1078 -49.57 17.52 35.69
N LYS B 1079 -50.09 17.82 34.50
CA LYS B 1079 -50.90 16.89 33.75
C LYS B 1079 -50.15 15.59 33.55
N LYS B 1080 -50.73 14.49 34.00
CA LYS B 1080 -50.02 13.22 33.95
C LYS B 1080 -49.43 13.00 32.56
N LEU B 1081 -48.26 12.41 32.52
CA LEU B 1081 -47.73 11.92 31.27
C LEU B 1081 -48.52 10.69 30.85
N MET B 1082 -49.06 10.72 29.64
CA MET B 1082 -49.97 9.68 29.18
C MET B 1082 -49.34 8.30 29.25
N ALA B 1083 -48.04 8.22 29.21
CA ALA B 1083 -47.36 6.94 29.22
C ALA B 1083 -46.67 6.73 30.55
N GLN B 1084 -46.37 5.48 30.83
CA GLN B 1084 -45.64 5.16 32.04
C GLN B 1084 -44.18 4.95 31.69
N VAL B 1085 -43.31 5.25 32.65
CA VAL B 1085 -41.89 5.46 32.41
C VAL B 1085 -41.06 4.53 33.27
N PHE B 1086 -39.94 4.07 32.73
CA PHE B 1086 -39.02 3.26 33.49
C PHE B 1086 -38.29 4.19 34.45
N PHE B 1087 -37.74 3.65 35.53
CA PHE B 1087 -37.30 4.59 36.56
C PHE B 1087 -36.48 3.96 37.67
N GLY B 1088 -35.24 4.35 37.87
CA GLY B 1088 -34.53 3.77 38.98
C GLY B 1088 -33.24 4.48 39.36
N PRO B 1089 -32.45 3.88 40.22
CA PRO B 1089 -31.07 4.31 40.38
C PRO B 1089 -30.17 3.39 39.58
N THR B 1090 -29.26 4.00 38.83
CA THR B 1090 -28.31 3.24 38.04
C THR B 1090 -26.97 3.94 38.15
N TYR B 1091 -25.92 3.19 37.87
CA TYR B 1091 -24.56 3.58 38.25
C TYR B 1091 -23.85 4.19 37.07
N TYR B 1092 -23.66 5.49 37.09
CA TYR B 1092 -22.84 6.02 36.04
C TYR B 1092 -21.46 6.28 36.58
N GLN B 1093 -20.57 6.69 35.68
CA GLN B 1093 -19.21 7.01 36.07
C GLN B 1093 -18.63 8.03 35.11
N ARG B 1094 -18.23 9.15 35.67
CA ARG B 1094 -17.70 10.30 34.94
C ARG B 1094 -16.56 9.85 34.03
N LEU B 1095 -16.39 10.52 32.90
CA LEU B 1095 -15.29 10.28 31.98
C LEU B 1095 -14.50 11.54 31.68
N ARG B 1096 -13.23 11.36 31.38
CA ARG B 1096 -12.31 12.48 31.37
C ARG B 1096 -12.71 13.56 30.39
N HIS B 1097 -13.10 13.21 29.19
CA HIS B 1097 -12.95 14.16 28.11
C HIS B 1097 -13.86 15.34 28.32
N MET B 1098 -13.36 16.32 29.06
CA MET B 1098 -14.17 17.43 29.52
C MET B 1098 -14.24 18.44 28.39
N VAL B 1099 -15.26 19.28 28.42
CA VAL B 1099 -15.42 20.20 27.31
C VAL B 1099 -14.29 21.23 27.25
N ASP B 1100 -13.54 21.42 28.32
CA ASP B 1100 -12.40 22.31 28.24
C ASP B 1100 -11.09 21.58 28.03
N ASP B 1101 -11.13 20.31 27.67
CA ASP B 1101 -9.95 19.66 27.12
C ASP B 1101 -10.05 19.43 25.63
N LYS B 1102 -11.01 20.04 24.94
CA LYS B 1102 -11.04 20.00 23.49
C LYS B 1102 -11.40 21.31 22.85
N ILE B 1103 -12.19 22.15 23.50
CA ILE B 1103 -12.58 23.41 22.89
C ILE B 1103 -11.35 24.26 22.72
N HIS B 1104 -11.47 25.30 21.91
CA HIS B 1104 -10.31 25.82 21.21
C HIS B 1104 -10.75 26.96 20.31
N ALA B 1105 -9.79 27.68 19.76
CA ALA B 1105 -10.08 28.66 18.73
C ALA B 1105 -8.77 29.11 18.15
N ARG B 1106 -8.85 29.98 17.16
CA ARG B 1106 -7.67 30.69 16.72
C ARG B 1106 -8.01 31.89 15.88
N ALA B 1107 -7.71 33.07 16.40
CA ALA B 1107 -7.81 34.26 15.57
C ALA B 1107 -6.71 34.26 14.53
N ARG B 1108 -5.47 34.38 14.98
CA ARG B 1108 -4.25 34.35 14.18
C ARG B 1108 -3.18 33.78 15.09
N GLY B 1109 -1.98 34.30 15.02
CA GLY B 1109 -1.08 34.14 16.12
C GLY B 1109 0.25 33.55 15.73
N PRO B 1110 0.71 32.59 16.53
CA PRO B 1110 2.03 32.01 16.34
C PRO B 1110 2.05 31.12 15.12
N VAL B 1111 3.14 31.21 14.36
CA VAL B 1111 3.32 30.51 13.10
C VAL B 1111 4.57 29.67 13.23
N GLN B 1112 4.71 28.66 12.40
CA GLN B 1112 6.02 28.02 12.39
C GLN B 1112 7.00 28.98 11.74
N VAL B 1113 8.28 28.65 11.84
CA VAL B 1113 9.26 29.45 11.12
C VAL B 1113 9.58 28.81 9.78
N LEU B 1114 9.58 27.47 9.71
CA LEU B 1114 9.97 26.82 8.48
C LEU B 1114 9.00 27.11 7.34
N THR B 1115 7.76 27.44 7.66
CA THR B 1115 6.78 27.64 6.61
C THR B 1115 5.88 28.85 6.78
N ARG B 1116 5.84 29.47 7.95
CA ARG B 1116 4.77 30.40 8.31
C ARG B 1116 3.41 29.74 8.25
N GLN B 1117 3.35 28.43 8.12
CA GLN B 1117 1.95 28.03 8.25
C GLN B 1117 1.58 27.87 9.72
N PRO B 1118 0.41 28.36 10.11
CA PRO B 1118 0.03 28.36 11.53
C PRO B 1118 0.24 27.04 12.24
N VAL B 1119 0.57 27.12 13.54
CA VAL B 1119 1.30 26.04 14.20
C VAL B 1119 0.40 24.91 14.63
N GLU B 1120 1.02 23.89 15.21
CA GLU B 1120 0.37 22.61 15.48
C GLU B 1120 0.02 22.48 16.96
N GLY B 1121 -1.18 21.99 17.22
CA GLY B 1121 -1.54 21.66 18.59
C GLY B 1121 -2.51 22.64 19.18
N ARG B 1122 -3.05 22.29 20.35
CA ARG B 1122 -4.06 23.12 20.97
C ARG B 1122 -3.45 24.12 21.93
N SER B 1123 -2.54 23.67 22.77
CA SER B 1123 -2.02 24.53 23.84
C SER B 1123 -1.17 25.68 23.31
N ARG B 1124 -1.19 25.92 22.00
CA ARG B 1124 -0.31 26.91 21.40
C ARG B 1124 -1.04 27.90 20.49
N ASP B 1125 -2.33 28.10 20.70
CA ASP B 1125 -3.14 28.87 19.76
C ASP B 1125 -2.98 28.33 18.36
N GLY B 1126 -2.98 27.00 18.26
CA GLY B 1126 -2.84 26.36 16.98
C GLY B 1126 -4.05 26.62 16.11
N GLY B 1127 -4.06 25.98 14.94
CA GLY B 1127 -5.13 26.14 14.00
C GLY B 1127 -5.53 24.79 13.42
N LEU B 1128 -6.50 24.82 12.53
CA LEU B 1128 -7.07 23.58 12.03
C LEU B 1128 -6.63 23.27 10.61
N ARG B 1129 -6.75 21.99 10.26
CA ARG B 1129 -6.23 21.47 9.01
C ARG B 1129 -7.34 21.46 7.99
N PHE B 1130 -7.20 22.27 6.96
CA PHE B 1130 -8.12 22.22 5.83
C PHE B 1130 -7.62 21.11 4.95
N GLY B 1131 -7.82 19.87 5.40
CA GLY B 1131 -7.17 18.73 4.80
C GLY B 1131 -7.71 18.39 3.43
N GLU B 1132 -6.93 17.57 2.71
CA GLU B 1132 -7.28 17.16 1.35
C GLU B 1132 -8.78 17.01 1.18
N MET B 1133 -9.36 16.08 1.90
CA MET B 1133 -10.73 15.73 1.63
C MET B 1133 -11.64 16.95 1.73
N GLU B 1134 -11.26 17.94 2.51
CA GLU B 1134 -11.96 19.21 2.41
C GLU B 1134 -11.70 19.89 1.09
N ARG B 1135 -10.50 19.74 0.53
CA ARG B 1135 -10.37 20.25 -0.82
C ARG B 1135 -11.34 19.53 -1.74
N ASP B 1136 -11.53 18.23 -1.55
CA ASP B 1136 -12.52 17.49 -2.33
C ASP B 1136 -13.88 18.15 -2.24
N CYS B 1137 -14.36 18.30 -1.02
CA CYS B 1137 -15.67 18.90 -0.86
C CYS B 1137 -15.75 20.26 -1.50
N MET B 1138 -14.92 21.20 -1.05
CA MET B 1138 -15.08 22.56 -1.52
C MET B 1138 -14.85 22.70 -3.00
N ILE B 1139 -14.25 21.68 -3.61
CA ILE B 1139 -14.34 21.57 -5.05
C ILE B 1139 -15.75 21.21 -5.46
N ALA B 1140 -16.29 20.12 -4.92
CA ALA B 1140 -17.57 19.64 -5.41
C ALA B 1140 -18.63 20.72 -5.29
N HIS B 1141 -18.64 21.44 -4.20
CA HIS B 1141 -19.51 22.60 -4.16
C HIS B 1141 -19.12 23.63 -5.19
N GLY B 1142 -17.95 23.50 -5.77
CA GLY B 1142 -17.56 24.38 -6.82
C GLY B 1142 -17.12 25.76 -6.36
N ALA B 1143 -17.56 26.25 -5.22
CA ALA B 1143 -17.26 27.64 -4.95
C ALA B 1143 -15.78 27.80 -4.70
N ALA B 1144 -15.02 28.20 -5.71
CA ALA B 1144 -13.58 28.28 -5.53
C ALA B 1144 -13.11 29.61 -4.98
N GLY B 1145 -13.87 30.70 -5.14
CA GLY B 1145 -13.45 31.92 -4.47
C GLY B 1145 -13.12 31.64 -3.03
N PHE B 1146 -13.89 30.76 -2.41
CA PHE B 1146 -13.57 30.34 -1.07
C PHE B 1146 -12.31 29.51 -1.02
N LEU B 1147 -12.18 28.53 -1.91
CA LEU B 1147 -11.03 27.65 -1.80
C LEU B 1147 -9.75 28.43 -1.98
N LYS B 1148 -9.81 29.56 -2.66
CA LYS B 1148 -8.69 30.47 -2.63
C LYS B 1148 -8.56 31.14 -1.29
N GLU B 1149 -9.60 31.84 -0.84
CA GLU B 1149 -9.50 32.56 0.42
C GLU B 1149 -9.36 31.60 1.60
N ARG B 1150 -9.06 30.33 1.34
CA ARG B 1150 -8.46 29.53 2.40
C ARG B 1150 -6.96 29.39 2.21
N LEU B 1151 -6.52 28.61 1.25
CA LEU B 1151 -5.15 28.16 1.21
C LEU B 1151 -4.17 29.26 0.84
N MET B 1152 -4.57 30.51 0.95
CA MET B 1152 -3.77 31.67 0.60
C MET B 1152 -3.72 32.74 1.65
N GLU B 1153 -4.75 32.83 2.49
CA GLU B 1153 -4.89 33.97 3.37
C GLU B 1153 -5.12 33.60 4.81
N ALA B 1154 -5.63 32.42 5.10
CA ALA B 1154 -5.53 31.89 6.45
C ALA B 1154 -4.21 31.19 6.64
N SER B 1155 -3.24 31.57 5.86
CA SER B 1155 -1.90 31.00 5.82
C SER B 1155 -0.94 32.08 5.38
N ASP B 1156 0.17 31.65 4.82
CA ASP B 1156 1.23 32.52 4.34
C ASP B 1156 0.90 33.31 3.10
N ALA B 1157 0.06 34.34 3.22
CA ALA B 1157 -0.07 35.26 2.11
C ALA B 1157 1.29 35.89 1.84
N PHE B 1158 1.90 35.54 0.72
CA PHE B 1158 3.30 35.83 0.55
C PHE B 1158 3.52 36.45 -0.81
N ARG B 1159 4.62 37.16 -0.97
CA ARG B 1159 4.89 37.85 -2.21
C ARG B 1159 6.31 37.55 -2.67
N VAL B 1160 6.48 37.32 -3.97
CA VAL B 1160 7.77 37.10 -4.61
C VAL B 1160 7.78 37.88 -5.92
N HIS B 1161 8.96 37.98 -6.54
CA HIS B 1161 9.11 38.69 -7.79
C HIS B 1161 9.61 37.73 -8.88
N VAL B 1162 9.45 38.12 -10.13
CA VAL B 1162 9.98 37.35 -11.26
C VAL B 1162 10.53 38.25 -12.34
N CYS B 1163 11.63 37.80 -12.95
CA CYS B 1163 12.13 38.37 -14.19
C CYS B 1163 11.36 37.77 -15.35
N GLY B 1164 10.75 38.62 -16.15
CA GLY B 1164 9.89 38.09 -17.17
C GLY B 1164 10.55 37.23 -18.20
N ILE B 1165 11.89 37.19 -18.23
CA ILE B 1165 12.57 36.52 -19.32
C ILE B 1165 13.18 35.20 -18.86
N CYS B 1166 14.09 35.26 -17.90
CA CYS B 1166 14.56 34.00 -17.35
C CYS B 1166 13.46 33.31 -16.57
N GLY B 1167 12.46 34.07 -16.12
CA GLY B 1167 11.37 33.47 -15.41
C GLY B 1167 11.72 32.83 -14.10
N LEU B 1168 12.39 33.54 -13.21
CA LEU B 1168 12.67 32.95 -11.91
C LEU B 1168 12.35 33.90 -10.77
N MET B 1169 12.54 33.35 -9.58
CA MET B 1169 12.51 34.06 -8.30
C MET B 1169 13.91 34.41 -7.86
N SER B 1170 14.61 35.20 -8.66
CA SER B 1170 15.99 35.53 -8.37
C SER B 1170 16.16 36.98 -8.04
N VAL B 1171 15.18 37.80 -8.37
CA VAL B 1171 15.38 39.24 -8.41
C VAL B 1171 15.89 39.71 -7.07
N ILE B 1172 17.07 40.28 -7.07
CA ILE B 1172 17.46 41.17 -6.00
C ILE B 1172 16.65 42.43 -6.13
N ALA B 1173 15.92 42.79 -5.08
CA ALA B 1173 14.97 43.89 -5.14
C ALA B 1173 15.01 44.70 -3.85
N ASN B 1174 15.59 45.88 -3.90
CA ASN B 1174 15.42 46.86 -2.84
C ASN B 1174 14.18 47.67 -3.11
N LEU B 1175 13.43 47.92 -2.06
CA LEU B 1175 12.24 48.72 -2.18
C LEU B 1175 12.45 50.17 -1.80
N LYS B 1176 13.07 50.44 -0.66
CA LYS B 1176 13.13 51.84 -0.23
C LYS B 1176 14.00 52.68 -1.15
N LYS B 1177 14.87 52.07 -1.96
CA LYS B 1177 15.53 52.79 -3.04
C LYS B 1177 14.95 52.46 -4.41
N ASN B 1178 14.02 51.50 -4.47
CA ASN B 1178 13.29 51.19 -5.71
C ASN B 1178 14.23 50.72 -6.81
N GLN B 1179 14.93 49.62 -6.55
CA GLN B 1179 15.81 49.05 -7.55
C GLN B 1179 15.44 47.59 -7.74
N PHE B 1180 15.90 47.03 -8.85
CA PHE B 1180 15.59 45.64 -9.20
C PHE B 1180 16.69 45.12 -10.10
N GLU B 1181 16.89 43.82 -10.10
CA GLU B 1181 17.94 43.27 -10.93
C GLU B 1181 17.77 41.77 -11.02
N CYS B 1182 17.92 41.23 -12.22
CA CYS B 1182 18.02 39.78 -12.41
C CYS B 1182 19.47 39.44 -12.66
N ARG B 1183 20.24 39.25 -11.61
CA ARG B 1183 21.68 39.19 -11.81
C ARG B 1183 22.13 37.95 -12.53
N SER B 1184 21.22 37.13 -13.03
CA SER B 1184 21.60 36.09 -13.96
C SER B 1184 21.45 36.52 -15.40
N CYS B 1185 20.74 37.61 -15.65
CA CYS B 1185 20.39 37.99 -17.01
C CYS B 1185 20.49 39.47 -17.27
N LYS B 1186 20.91 40.26 -16.31
CA LYS B 1186 21.04 41.69 -16.50
C LYS B 1186 19.73 42.29 -17.00
N ASN B 1187 18.62 41.87 -16.40
CA ASN B 1187 17.34 42.48 -16.68
C ASN B 1187 16.98 43.42 -15.54
N LYS B 1188 16.47 44.58 -15.90
CA LYS B 1188 16.09 45.59 -14.93
C LYS B 1188 14.73 46.21 -15.17
N THR B 1189 13.97 45.74 -16.14
CA THR B 1189 12.66 46.33 -16.33
C THR B 1189 11.56 45.29 -16.32
N ASN B 1190 11.78 44.20 -17.06
CA ASN B 1190 10.75 43.19 -17.24
C ASN B 1190 10.66 42.34 -15.98
N ILE B 1191 9.96 42.87 -14.98
CA ILE B 1191 9.87 42.24 -13.68
C ILE B 1191 8.46 42.42 -13.16
N TYR B 1192 7.95 41.41 -12.47
CA TYR B 1192 6.61 41.47 -11.92
C TYR B 1192 6.61 40.97 -10.50
N GLN B 1193 5.50 41.20 -9.79
CA GLN B 1193 5.31 40.53 -8.51
C GLN B 1193 4.15 39.55 -8.61
N LEU B 1194 4.32 38.41 -7.96
CA LEU B 1194 3.28 37.41 -7.86
C LEU B 1194 2.66 37.46 -6.47
N HIS B 1195 1.78 36.49 -6.22
CA HIS B 1195 1.18 36.24 -4.92
C HIS B 1195 1.06 34.73 -4.79
N ILE B 1196 1.98 34.11 -4.07
CA ILE B 1196 1.90 32.66 -4.00
C ILE B 1196 2.05 32.25 -2.55
N PRO B 1197 1.64 31.04 -2.21
CA PRO B 1197 1.71 30.59 -0.84
C PRO B 1197 3.14 30.31 -0.44
N TYR B 1198 3.62 31.03 0.58
CA TYR B 1198 5.02 30.90 1.00
C TYR B 1198 5.42 29.45 1.15
N ALA B 1199 4.47 28.55 1.33
CA ALA B 1199 4.81 27.15 1.21
C ALA B 1199 5.17 26.79 -0.21
N ALA B 1200 4.52 27.39 -1.20
CA ALA B 1200 4.92 27.13 -2.57
C ALA B 1200 6.32 27.63 -2.84
N LYS B 1201 6.65 28.82 -2.37
CA LYS B 1201 7.98 29.32 -2.64
C LYS B 1201 9.02 28.47 -1.95
N LEU B 1202 8.71 27.98 -0.75
CA LEU B 1202 9.61 27.00 -0.13
C LEU B 1202 9.81 25.80 -1.03
N LEU B 1203 8.73 25.30 -1.60
CA LEU B 1203 8.88 24.17 -2.49
C LEU B 1203 9.84 24.50 -3.62
N PHE B 1204 9.61 25.63 -4.28
CA PHE B 1204 10.45 25.97 -5.42
C PHE B 1204 11.92 25.99 -5.03
N GLN B 1205 12.23 26.54 -3.87
CA GLN B 1205 13.64 26.59 -3.48
C GLN B 1205 14.19 25.20 -3.17
N GLU B 1206 13.44 24.33 -2.51
CA GLU B 1206 13.98 23.00 -2.29
C GLU B 1206 14.29 22.35 -3.62
N LEU B 1207 13.43 22.58 -4.61
CA LEU B 1207 13.73 22.12 -5.95
C LEU B 1207 15.04 22.69 -6.47
N MET B 1208 15.14 24.01 -6.56
CA MET B 1208 16.35 24.59 -7.12
C MET B 1208 17.58 24.17 -6.35
N ALA B 1209 17.40 23.56 -5.19
CA ALA B 1209 18.53 22.89 -4.60
C ALA B 1209 18.69 21.46 -5.09
N MET B 1210 17.70 20.88 -5.74
CA MET B 1210 17.92 19.59 -6.35
C MET B 1210 18.21 19.64 -7.85
N ASN B 1211 18.49 20.83 -8.40
CA ASN B 1211 18.68 20.98 -9.86
C ASN B 1211 17.43 20.59 -10.64
N ILE B 1212 16.39 21.36 -10.45
CA ILE B 1212 15.24 21.44 -11.33
C ILE B 1212 14.85 22.90 -11.33
N ALA B 1213 14.43 23.41 -12.48
CA ALA B 1213 14.32 24.85 -12.64
C ALA B 1213 12.88 25.26 -12.88
N PRO B 1214 12.05 25.35 -11.85
CA PRO B 1214 10.65 25.67 -12.13
C PRO B 1214 10.55 27.12 -12.56
N ARG B 1215 10.50 27.32 -13.86
CA ARG B 1215 10.32 28.65 -14.40
C ARG B 1215 8.85 28.97 -14.34
N LEU B 1216 8.51 30.09 -13.74
CA LEU B 1216 7.16 30.59 -13.73
C LEU B 1216 7.08 31.65 -14.82
N TYR B 1217 6.41 31.33 -15.91
CA TYR B 1217 6.14 32.33 -16.91
C TYR B 1217 4.76 32.89 -16.66
N THR B 1218 4.59 34.17 -16.95
CA THR B 1218 3.30 34.79 -16.70
C THR B 1218 2.44 34.91 -17.94
N GLU B 1219 2.93 34.54 -19.11
CA GLU B 1219 2.16 34.71 -20.32
C GLU B 1219 2.02 33.42 -21.09
N ARG B 1220 0.88 33.26 -21.73
CA ARG B 1220 0.63 32.06 -22.51
C ARG B 1220 1.27 32.15 -23.88
N SER B 1221 2.06 31.13 -24.20
CA SER B 1221 2.60 31.01 -25.56
C SER B 1221 2.31 29.64 -26.17
N GLY B 1222 2.32 28.59 -25.36
CA GLY B 1222 2.03 27.26 -25.85
C GLY B 1222 2.99 26.78 -26.92
N GLU C 4 -64.28 29.61 47.26
CA GLU C 4 -64.52 28.28 46.74
C GLU C 4 -63.43 27.25 47.13
N PRO C 5 -62.17 27.55 46.84
CA PRO C 5 -61.12 26.56 47.12
C PRO C 5 -61.12 26.18 48.57
N LYS C 6 -60.66 24.97 48.86
CA LYS C 6 -60.73 24.49 50.23
C LYS C 6 -59.46 23.74 50.58
N VAL C 7 -59.30 23.48 51.85
CA VAL C 7 -58.07 22.87 52.33
C VAL C 7 -58.39 21.81 53.36
N ASN C 8 -57.56 20.80 53.41
CA ASN C 8 -57.78 19.77 54.39
C ASN C 8 -56.44 19.12 54.71
N ILE C 9 -55.77 19.63 55.73
CA ILE C 9 -54.67 18.90 56.36
C ILE C 9 -55.15 17.49 56.67
N ILE C 10 -54.23 16.55 56.78
CA ILE C 10 -54.55 15.23 57.25
C ILE C 10 -53.60 14.77 58.34
N ASN C 11 -52.32 14.67 58.03
CA ASN C 11 -51.31 14.45 59.06
C ASN C 11 -50.30 15.55 59.00
N ALA C 12 -49.93 16.05 60.17
CA ALA C 12 -49.16 17.28 60.22
C ALA C 12 -48.18 17.21 61.36
N GLN C 13 -47.03 17.81 61.13
CA GLN C 13 -46.05 18.08 62.17
C GLN C 13 -45.31 19.31 61.68
N ASP C 14 -44.10 19.53 62.14
CA ASP C 14 -43.42 20.73 61.66
C ASP C 14 -42.72 20.56 60.34
N ASP C 15 -42.45 19.33 59.93
CA ASP C 15 -41.72 19.13 58.69
C ASP C 15 -42.59 18.63 57.55
N GLU C 16 -43.50 17.69 57.79
CA GLU C 16 -44.30 17.18 56.69
C GLU C 16 -45.75 17.47 56.97
N VAL C 17 -46.49 17.78 55.92
CA VAL C 17 -47.85 18.29 56.06
C VAL C 17 -48.69 17.75 54.93
N GLU C 18 -49.30 16.60 55.15
CA GLU C 18 -49.97 15.86 54.11
C GLU C 18 -51.36 16.42 53.92
N LEU C 19 -51.49 17.45 53.09
CA LEU C 19 -52.74 18.16 52.95
C LEU C 19 -53.46 17.68 51.72
N MET C 20 -54.71 18.09 51.57
CA MET C 20 -55.56 17.67 50.46
C MET C 20 -56.23 18.89 49.87
N LEU C 21 -55.46 19.64 49.10
CA LEU C 21 -56.02 20.81 48.45
C LEU C 21 -57.01 20.34 47.43
N SER C 22 -58.25 20.78 47.55
CA SER C 22 -59.29 20.30 46.67
C SER C 22 -60.02 21.46 46.02
N ASP C 23 -60.63 21.16 44.88
CA ASP C 23 -61.56 22.05 44.22
C ASP C 23 -60.85 23.31 43.69
N VAL C 24 -59.65 23.07 43.19
CA VAL C 24 -58.92 24.04 42.39
C VAL C 24 -58.33 23.35 41.18
N ASN C 25 -57.87 24.16 40.25
CA ASN C 25 -57.43 23.70 38.95
C ASN C 25 -56.26 22.74 39.09
N LEU C 26 -55.74 22.32 37.94
CA LEU C 26 -54.48 21.59 37.94
C LEU C 26 -53.30 22.52 37.89
N SER C 27 -53.35 23.51 37.01
CA SER C 27 -52.23 24.42 36.93
C SER C 27 -51.99 25.13 38.23
N LEU C 28 -53.04 25.34 39.02
CA LEU C 28 -52.80 26.09 40.23
C LEU C 28 -52.02 25.27 41.23
N ALA C 29 -52.37 23.99 41.39
CA ALA C 29 -51.53 23.16 42.23
C ALA C 29 -50.13 23.07 41.68
N ASN C 30 -49.98 23.06 40.37
CA ASN C 30 -48.62 22.93 39.87
C ASN C 30 -47.79 24.17 40.11
N SER C 31 -48.36 25.34 39.84
CA SER C 31 -47.69 26.59 40.19
C SER C 31 -47.29 26.60 41.64
N LEU C 32 -48.20 26.18 42.51
CA LEU C 32 -47.86 26.15 43.91
C LEU C 32 -46.68 25.23 44.16
N ARG C 33 -46.63 24.08 43.51
CA ARG C 33 -45.53 23.18 43.75
C ARG C 33 -44.22 23.80 43.33
N ARG C 34 -44.17 24.36 42.13
CA ARG C 34 -42.94 24.99 41.69
C ARG C 34 -42.55 26.14 42.61
N THR C 35 -43.52 26.84 43.20
CA THR C 35 -43.13 27.90 44.09
C THR C 35 -42.53 27.37 45.37
N MET C 36 -43.15 26.38 45.97
CA MET C 36 -42.55 25.83 47.17
C MET C 36 -41.20 25.20 46.90
N LEU C 37 -40.87 24.88 45.65
CA LEU C 37 -39.49 24.42 45.52
C LEU C 37 -38.52 25.47 45.06
N ALA C 38 -38.95 26.47 44.32
CA ALA C 38 -37.99 27.44 43.83
C ALA C 38 -37.98 28.72 44.65
N GLU C 39 -39.05 29.50 44.62
CA GLU C 39 -38.93 30.92 44.89
C GLU C 39 -39.33 31.31 46.30
N VAL C 40 -38.99 30.52 47.31
CA VAL C 40 -39.25 30.87 48.71
C VAL C 40 -37.92 31.23 49.36
N PRO C 41 -37.63 32.51 49.61
CA PRO C 41 -36.28 32.90 49.98
C PRO C 41 -35.83 32.32 51.31
N THR C 42 -34.60 31.84 51.36
CA THR C 42 -33.96 31.54 52.62
C THR C 42 -32.59 32.19 52.71
N LEU C 43 -31.81 31.69 53.67
CA LEU C 43 -30.62 32.37 54.16
C LEU C 43 -29.53 31.34 54.34
N ALA C 44 -28.46 31.48 53.57
CA ALA C 44 -27.48 30.41 53.60
C ALA C 44 -26.10 30.99 53.34
N ILE C 45 -25.09 30.15 53.54
CA ILE C 45 -23.70 30.54 53.47
C ILE C 45 -23.31 30.82 52.03
N ASP C 46 -22.73 31.98 51.78
CA ASP C 46 -22.47 32.45 50.44
C ASP C 46 -21.03 32.85 50.17
N LEU C 47 -20.27 33.31 51.16
CA LEU C 47 -18.87 33.64 50.97
C LEU C 47 -18.04 33.10 52.11
N VAL C 48 -17.57 31.88 51.98
CA VAL C 48 -16.56 31.37 52.89
C VAL C 48 -15.34 32.25 52.70
N GLU C 49 -14.64 32.54 53.80
CA GLU C 49 -13.36 33.23 53.75
C GLU C 49 -12.41 32.53 54.70
N ILE C 50 -11.72 31.50 54.19
CA ILE C 50 -10.84 30.72 55.03
C ILE C 50 -9.70 31.59 55.54
N LYS C 51 -9.42 31.47 56.83
CA LYS C 51 -8.22 32.08 57.37
C LYS C 51 -7.16 31.02 57.67
N MET C 52 -7.57 29.82 58.05
CA MET C 52 -6.52 28.82 58.26
C MET C 52 -7.07 27.43 58.11
N ASN C 53 -6.39 26.63 57.31
CA ASN C 53 -6.71 25.23 57.14
C ASN C 53 -5.47 24.38 57.30
N THR C 54 -5.62 23.31 58.05
CA THR C 54 -4.61 22.29 58.21
C THR C 54 -5.27 20.94 58.26
N SER C 55 -6.44 20.84 57.63
CA SER C 55 -7.20 19.61 57.64
C SER C 55 -6.50 18.57 56.78
N VAL C 56 -7.27 17.57 56.33
CA VAL C 56 -6.88 16.81 55.15
C VAL C 56 -7.75 17.13 53.96
N LEU C 57 -8.83 17.87 54.15
CA LEU C 57 -9.78 18.16 53.09
C LEU C 57 -9.38 19.44 52.41
N ALA C 58 -9.75 19.55 51.14
CA ALA C 58 -9.50 20.75 50.37
C ALA C 58 -10.25 21.92 51.00
N ASP C 59 -10.08 23.10 50.43
CA ASP C 59 -10.65 24.32 50.98
C ASP C 59 -12.05 24.58 50.45
N GLU C 60 -12.15 24.85 49.15
CA GLU C 60 -13.42 24.98 48.46
C GLU C 60 -14.37 23.84 48.80
N PHE C 61 -13.84 22.70 49.22
CA PHE C 61 -14.68 21.59 49.64
C PHE C 61 -15.50 21.95 50.86
N ILE C 62 -14.82 22.36 51.94
CA ILE C 62 -15.54 22.73 53.13
C ILE C 62 -16.33 23.98 52.85
N SER C 63 -15.85 24.83 51.96
CA SER C 63 -16.70 25.89 51.47
C SER C 63 -18.01 25.32 50.94
N HIS C 64 -17.91 24.34 50.06
CA HIS C 64 -19.09 23.74 49.47
C HIS C 64 -20.05 23.24 50.52
N ARG C 65 -19.58 22.42 51.45
CA ARG C 65 -20.53 21.88 52.42
C ARG C 65 -21.16 22.97 53.25
N LEU C 66 -20.35 23.84 53.86
CA LEU C 66 -20.95 24.92 54.63
C LEU C 66 -21.93 25.71 53.79
N GLY C 67 -21.73 25.76 52.49
CA GLY C 67 -22.63 26.51 51.65
C GLY C 67 -24.02 25.92 51.61
N LEU C 68 -24.21 24.73 52.14
CA LEU C 68 -25.53 24.12 52.04
C LEU C 68 -26.30 24.17 53.32
N ILE C 69 -25.64 24.25 54.46
CA ILE C 69 -26.21 23.95 55.76
C ILE C 69 -27.57 24.60 55.96
N PRO C 70 -28.54 23.88 56.52
CA PRO C 70 -29.83 24.51 56.82
C PRO C 70 -29.67 25.55 57.93
N LEU C 71 -30.25 26.71 57.71
CA LEU C 71 -30.17 27.80 58.67
C LEU C 71 -31.55 28.27 59.10
N VAL C 72 -31.72 28.39 60.40
CA VAL C 72 -33.01 28.79 60.96
C VAL C 72 -33.34 30.14 60.38
N SER C 73 -34.29 30.17 59.46
CA SER C 73 -34.46 31.35 58.63
C SER C 73 -35.86 31.89 58.77
N GLU C 74 -36.46 31.66 59.93
CA GLU C 74 -37.85 32.00 60.16
C GLU C 74 -38.12 33.49 59.90
N ASP C 75 -37.12 34.34 60.09
CA ASP C 75 -37.30 35.78 59.99
C ASP C 75 -36.68 36.34 58.75
N VAL C 76 -36.26 35.46 57.85
CA VAL C 76 -35.39 35.86 56.75
C VAL C 76 -36.05 36.90 55.86
N GLU C 77 -37.36 36.98 55.85
CA GLU C 77 -38.06 37.85 54.92
C GLU C 77 -38.16 39.29 55.37
N GLU C 78 -37.28 39.74 56.25
CA GLU C 78 -37.17 41.14 56.62
C GLU C 78 -35.77 41.67 56.43
N MET C 79 -35.04 41.14 55.46
CA MET C 79 -33.60 41.30 55.34
C MET C 79 -33.25 41.47 53.87
N LYS C 80 -32.87 42.68 53.46
CA LYS C 80 -32.84 43.03 52.06
C LYS C 80 -31.91 42.12 51.26
N TYR C 81 -32.11 42.11 49.94
CA TYR C 81 -31.34 41.25 49.05
C TYR C 81 -29.88 41.65 48.97
N SER C 82 -29.05 40.65 48.70
CA SER C 82 -27.60 40.86 48.72
C SER C 82 -27.16 41.86 47.68
N ARG C 83 -27.81 41.86 46.53
CA ARG C 83 -27.37 42.73 45.46
C ARG C 83 -28.01 44.11 45.51
N ASP C 84 -28.84 44.38 46.50
CA ASP C 84 -29.60 45.62 46.49
C ASP C 84 -29.58 46.32 47.85
N CYS C 85 -28.60 46.02 48.69
CA CYS C 85 -28.45 46.72 49.97
C CYS C 85 -27.70 48.02 49.74
N THR C 86 -28.20 49.10 50.37
CA THR C 86 -27.68 50.44 50.08
C THR C 86 -26.26 50.63 50.55
N CYS C 87 -25.61 49.58 51.06
CA CYS C 87 -24.24 49.65 51.52
C CYS C 87 -23.34 48.97 50.51
N GLU C 88 -22.05 48.96 50.80
CA GLU C 88 -21.10 48.18 50.03
C GLU C 88 -21.10 46.73 50.51
N ASP C 89 -20.10 45.98 50.05
CA ASP C 89 -19.97 44.56 50.38
C ASP C 89 -20.06 44.35 51.89
N TYR C 90 -20.40 43.13 52.29
CA TYR C 90 -21.19 42.84 53.48
C TYR C 90 -20.99 43.79 54.65
N CYS C 91 -22.12 44.30 55.15
CA CYS C 91 -22.20 44.88 56.49
C CYS C 91 -23.16 43.98 57.25
N ASP C 92 -23.57 44.37 58.45
CA ASP C 92 -24.44 43.50 59.23
C ASP C 92 -25.92 43.79 58.99
N GLU C 93 -26.25 44.48 57.92
CA GLU C 93 -27.65 44.69 57.55
C GLU C 93 -28.19 43.56 56.69
N CYS C 94 -27.45 43.16 55.66
CA CYS C 94 -27.85 42.12 54.72
C CYS C 94 -26.92 40.92 54.79
N SER C 95 -26.52 40.54 55.99
CA SER C 95 -25.64 39.41 56.16
C SER C 95 -25.63 39.03 57.62
N VAL C 96 -25.47 37.75 57.87
CA VAL C 96 -25.20 37.28 59.21
C VAL C 96 -23.91 36.48 59.12
N VAL C 97 -22.96 36.81 59.99
CA VAL C 97 -21.60 36.29 59.90
C VAL C 97 -21.43 35.19 60.93
N LEU C 98 -20.81 34.10 60.52
CA LEU C 98 -20.67 32.93 61.38
C LEU C 98 -19.23 32.49 61.37
N GLU C 99 -18.59 32.43 62.53
CA GLU C 99 -17.20 31.97 62.59
C GLU C 99 -17.08 30.66 63.30
N LEU C 100 -16.34 29.74 62.72
CA LEU C 100 -16.05 28.47 63.35
C LEU C 100 -14.55 28.27 63.33
N SER C 101 -14.03 27.64 64.38
CA SER C 101 -12.60 27.37 64.44
C SER C 101 -12.33 26.33 65.52
N ALA C 102 -12.21 25.08 65.13
CA ALA C 102 -11.82 24.06 66.07
C ALA C 102 -10.41 23.60 65.78
N ARG C 103 -9.82 22.88 66.73
CA ARG C 103 -8.43 22.52 66.60
C ARG C 103 -8.19 21.29 67.45
N HIS C 104 -8.01 20.14 66.83
CA HIS C 104 -7.82 18.92 67.60
C HIS C 104 -6.45 19.00 68.25
N GLU C 105 -6.39 19.82 69.28
CA GLU C 105 -5.16 20.03 70.03
C GLU C 105 -4.96 18.86 70.98
N GLY C 106 -3.72 18.43 71.12
CA GLY C 106 -3.46 17.19 71.79
C GLY C 106 -3.18 16.16 70.73
N GLU C 107 -2.07 15.44 70.86
CA GLU C 107 -1.54 14.64 69.77
C GLU C 107 -2.05 13.21 69.79
N GLU C 108 -3.34 13.02 70.08
CA GLU C 108 -3.96 11.71 69.91
C GLU C 108 -5.47 11.86 69.85
N GLY C 109 -6.08 11.26 68.84
CA GLY C 109 -7.52 11.16 68.73
C GLY C 109 -8.06 11.92 67.53
N THR C 110 -9.38 11.84 67.37
CA THR C 110 -10.07 12.42 66.24
C THR C 110 -11.08 13.43 66.76
N THR C 111 -11.34 14.48 65.98
CA THR C 111 -12.32 15.50 66.35
C THR C 111 -13.31 15.65 65.20
N ASP C 112 -14.59 15.43 65.48
CA ASP C 112 -15.66 15.59 64.51
C ASP C 112 -16.11 17.04 64.53
N VAL C 113 -15.67 17.83 63.57
CA VAL C 113 -16.10 19.22 63.61
C VAL C 113 -17.52 19.28 63.09
N TYR C 114 -18.50 19.23 63.98
CA TYR C 114 -19.88 19.20 63.55
C TYR C 114 -20.35 20.54 63.08
N SER C 115 -21.66 20.68 62.93
CA SER C 115 -22.22 21.97 62.63
C SER C 115 -22.64 22.69 63.89
N SER C 116 -23.02 21.95 64.93
CA SER C 116 -23.40 22.59 66.18
C SER C 116 -22.32 23.53 66.67
N SER C 117 -21.07 23.27 66.31
CA SER C 117 -19.97 24.12 66.73
C SER C 117 -19.99 25.48 66.07
N LEU C 118 -20.77 25.68 65.01
CA LEU C 118 -20.88 27.00 64.44
C LEU C 118 -21.52 27.95 65.43
N ILE C 119 -20.80 29.00 65.76
CA ILE C 119 -21.26 30.01 66.68
C ILE C 119 -21.57 31.26 65.87
N LYS C 120 -22.81 31.71 65.93
CA LYS C 120 -23.10 33.03 65.38
C LYS C 120 -22.25 34.05 66.09
N VAL C 121 -21.49 34.83 65.32
CA VAL C 121 -20.80 35.97 65.89
C VAL C 121 -21.71 37.17 65.99
N SER C 122 -22.27 37.60 64.88
CA SER C 122 -23.09 38.79 64.86
C SER C 122 -24.20 38.57 63.85
N GLY C 123 -25.04 39.58 63.66
CA GLY C 123 -26.18 39.50 62.77
C GLY C 123 -27.26 40.48 63.17
N PRO C 124 -28.00 41.03 62.19
CA PRO C 124 -29.01 42.03 62.54
C PRO C 124 -30.12 41.39 63.36
N GLY C 125 -29.87 41.30 64.67
CA GLY C 125 -30.79 40.66 65.57
C GLY C 125 -31.89 41.57 66.05
N ASN C 126 -32.71 41.02 66.94
CA ASN C 126 -32.52 39.63 67.36
C ASN C 126 -33.45 38.71 66.59
N LEU C 127 -33.67 39.08 65.34
CA LEU C 127 -34.37 38.22 64.40
C LEU C 127 -33.74 36.84 64.47
N ASN C 128 -34.53 35.84 64.86
CA ASN C 128 -33.97 34.53 65.15
C ASN C 128 -33.48 33.89 63.85
N VAL C 129 -32.37 34.39 63.36
CA VAL C 129 -31.85 33.98 62.07
C VAL C 129 -30.48 33.35 62.26
N GLY C 130 -29.92 32.89 61.15
CA GLY C 130 -28.53 32.58 61.06
C GLY C 130 -28.05 31.36 61.81
N GLU C 131 -28.73 30.95 62.86
CA GLU C 131 -28.25 29.81 63.61
C GLU C 131 -28.24 28.59 62.70
N PRO C 132 -27.42 27.59 62.98
CA PRO C 132 -27.64 26.31 62.34
C PRO C 132 -28.91 25.70 62.89
N VAL C 133 -29.45 24.73 62.17
CA VAL C 133 -30.71 24.14 62.55
C VAL C 133 -30.49 22.84 63.29
N ARG C 134 -31.31 22.57 64.29
CA ARG C 134 -31.15 21.43 65.18
C ARG C 134 -32.39 20.55 65.13
N ARG C 135 -32.18 19.25 64.96
CA ARG C 135 -33.31 18.33 65.11
C ARG C 135 -33.79 18.45 66.54
N ASP C 136 -32.97 17.97 67.43
CA ASP C 136 -33.22 18.00 68.85
C ASP C 136 -32.32 19.08 69.42
N ASP C 137 -32.28 19.21 70.74
CA ASP C 137 -31.33 20.16 71.28
C ASP C 137 -30.02 19.49 71.69
N TYR C 138 -30.00 18.16 71.73
CA TYR C 138 -28.78 17.36 71.81
C TYR C 138 -28.39 16.86 70.43
N ASP C 139 -28.57 17.68 69.41
CA ASP C 139 -28.44 17.27 68.03
C ASP C 139 -27.15 17.86 67.48
N GLN C 140 -26.12 17.02 67.41
CA GLN C 140 -24.82 17.49 66.95
C GLN C 140 -24.91 18.09 65.56
N GLY C 141 -25.39 17.31 64.61
CA GLY C 141 -25.72 17.86 63.31
C GLY C 141 -24.84 17.41 62.17
N ILE C 142 -24.62 18.31 61.21
CA ILE C 142 -23.85 17.98 60.01
C ILE C 142 -22.44 17.59 60.41
N LEU C 143 -21.76 16.82 59.55
CA LEU C 143 -20.42 16.28 59.84
C LEU C 143 -19.39 16.93 58.92
N LEU C 144 -19.04 18.18 59.22
CA LEU C 144 -18.28 19.02 58.31
C LEU C 144 -16.87 18.55 58.03
N CYS C 145 -16.27 17.78 58.93
CA CYS C 145 -14.86 17.45 58.77
C CYS C 145 -14.42 16.56 59.91
N LYS C 146 -13.34 15.83 59.66
CA LYS C 146 -12.64 15.14 60.73
C LYS C 146 -11.24 15.71 60.84
N LEU C 147 -10.75 15.86 62.06
CA LEU C 147 -9.39 16.32 62.28
C LEU C 147 -8.62 15.33 63.14
N ARG C 148 -7.32 15.36 62.96
CA ARG C 148 -6.33 14.70 63.80
C ARG C 148 -5.31 15.72 64.29
N ASN C 149 -4.27 15.20 64.93
CA ASN C 149 -3.20 15.98 65.55
C ASN C 149 -2.82 17.23 64.77
N HIS C 150 -2.83 18.37 65.45
CA HIS C 150 -2.38 19.67 64.96
C HIS C 150 -3.17 20.18 63.76
N GLN C 151 -4.20 19.48 63.37
CA GLN C 151 -4.93 19.88 62.17
C GLN C 151 -5.91 20.97 62.54
N GLU C 152 -5.42 22.19 62.63
CA GLU C 152 -6.27 23.32 62.97
C GLU C 152 -7.17 23.67 61.79
N LEU C 153 -8.36 24.15 62.08
CA LEU C 153 -9.29 24.67 61.09
C LEU C 153 -9.93 25.94 61.65
N ASN C 154 -10.00 26.99 60.83
CA ASN C 154 -10.50 28.29 61.28
C ASN C 154 -11.04 29.04 60.06
N ILE C 155 -12.33 29.36 60.11
CA ILE C 155 -13.09 29.79 58.96
C ILE C 155 -14.13 30.81 59.38
N ARG C 156 -14.42 31.72 58.47
CA ARG C 156 -15.40 32.77 58.68
C ARG C 156 -16.38 32.68 57.54
N CYS C 157 -17.65 33.01 57.80
CA CYS C 157 -18.68 32.84 56.79
C CYS C 157 -19.61 34.04 56.74
N ILE C 158 -19.89 34.48 55.54
CA ILE C 158 -21.02 35.34 55.27
C ILE C 158 -22.22 34.45 55.02
N ALA C 159 -23.41 34.97 55.30
CA ALA C 159 -24.65 34.29 54.95
C ALA C 159 -25.61 35.31 54.38
N LYS C 160 -26.17 35.01 53.22
CA LYS C 160 -27.01 35.96 52.52
C LYS C 160 -28.34 35.33 52.18
N LYS C 161 -29.21 36.12 51.58
CA LYS C 161 -30.59 35.73 51.34
C LYS C 161 -30.86 35.58 49.86
N GLY C 162 -31.14 34.34 49.45
CA GLY C 162 -31.26 34.04 48.03
C GLY C 162 -32.43 33.10 47.77
N ILE C 163 -32.72 32.91 46.49
CA ILE C 163 -33.87 32.11 46.08
C ILE C 163 -33.32 30.79 45.60
N ALA C 164 -34.15 29.93 45.02
CA ALA C 164 -33.57 28.69 44.53
C ALA C 164 -33.04 28.78 43.10
N LYS C 165 -33.58 29.68 42.27
CA LYS C 165 -32.99 29.85 40.94
C LYS C 165 -31.51 30.15 41.02
N GLU C 166 -31.08 30.74 42.12
CA GLU C 166 -29.65 30.98 42.29
C GLU C 166 -28.92 29.66 42.41
N HIS C 167 -29.43 28.74 43.20
CA HIS C 167 -28.63 27.56 43.45
C HIS C 167 -29.52 26.59 44.19
N ALA C 168 -28.98 25.42 44.49
CA ALA C 168 -29.71 24.42 45.23
C ALA C 168 -29.52 24.56 46.73
N LYS C 169 -29.11 25.72 47.21
CA LYS C 169 -28.93 25.83 48.64
C LYS C 169 -29.98 26.70 49.28
N TRP C 170 -30.55 27.65 48.56
CA TRP C 170 -31.74 28.29 49.10
C TRP C 170 -32.96 27.47 48.76
N SER C 171 -32.82 26.16 48.71
CA SER C 171 -33.93 25.25 48.50
C SER C 171 -34.67 24.99 49.79
N PRO C 172 -35.67 25.79 50.15
CA PRO C 172 -36.24 25.65 51.48
C PRO C 172 -36.81 24.29 51.74
N CYS C 173 -37.55 23.76 50.78
CA CYS C 173 -38.29 22.54 50.98
C CYS C 173 -37.63 21.43 50.18
N SER C 174 -37.75 20.21 50.64
CA SER C 174 -36.94 19.19 50.01
C SER C 174 -37.69 18.52 48.88
N ALA C 175 -38.72 17.76 49.18
CA ALA C 175 -39.19 16.79 48.20
C ALA C 175 -40.71 16.75 48.21
N ILE C 176 -41.33 17.51 47.32
CA ILE C 176 -42.77 17.66 47.26
C ILE C 176 -43.36 16.42 46.61
N ALA C 177 -44.23 15.73 47.34
CA ALA C 177 -45.01 14.66 46.75
C ALA C 177 -46.20 15.25 45.99
N PHE C 178 -46.97 14.37 45.36
CA PHE C 178 -48.10 14.86 44.57
C PHE C 178 -48.86 13.67 44.02
N GLU C 179 -50.20 13.71 43.99
CA GLU C 179 -50.98 12.86 43.07
C GLU C 179 -52.46 13.15 43.22
N TYR C 180 -53.19 12.98 42.12
CA TYR C 180 -54.61 13.28 42.07
C TYR C 180 -55.30 12.30 41.15
N ASP C 181 -56.54 11.94 41.48
CA ASP C 181 -57.28 10.95 40.73
C ASP C 181 -56.48 9.65 40.73
N PRO C 182 -56.30 9.02 41.87
CA PRO C 182 -55.58 7.76 41.91
C PRO C 182 -56.24 6.64 41.17
N HIS C 183 -57.53 6.75 40.86
CA HIS C 183 -58.18 5.71 40.07
C HIS C 183 -58.43 6.11 38.62
N ASN C 184 -57.54 6.89 38.04
CA ASN C 184 -57.53 7.02 36.59
C ASN C 184 -58.85 7.56 36.07
N LYS C 185 -59.73 7.96 36.96
CA LYS C 185 -61.10 8.16 36.55
C LYS C 185 -61.25 9.30 35.57
N LEU C 186 -60.14 9.83 35.09
CA LEU C 186 -60.14 10.73 33.98
C LEU C 186 -59.54 10.12 32.74
N LYS C 187 -58.99 8.91 32.84
CA LYS C 187 -58.27 8.31 31.74
C LYS C 187 -57.20 9.26 31.24
N HIS C 188 -56.55 9.96 32.16
CA HIS C 188 -55.38 10.73 31.78
C HIS C 188 -54.18 9.86 31.57
N THR C 189 -54.16 8.68 32.14
CA THR C 189 -53.03 7.79 31.94
C THR C 189 -53.43 6.69 30.99
N ASP C 190 -52.56 5.71 30.85
CA ASP C 190 -52.84 4.59 29.97
C ASP C 190 -51.99 3.41 30.41
N PHE C 191 -52.46 2.67 31.41
CA PHE C 191 -51.57 1.74 32.08
C PHE C 191 -51.04 0.71 31.11
N TRP C 192 -49.72 0.55 31.13
CA TRP C 192 -49.09 -0.59 30.50
C TRP C 192 -49.54 -1.82 31.24
N PHE C 193 -49.61 -2.94 30.52
CA PHE C 193 -50.10 -4.15 31.15
C PHE C 193 -49.80 -5.30 30.23
N GLU C 194 -49.65 -6.48 30.78
CA GLU C 194 -49.53 -7.66 29.94
C GLU C 194 -50.79 -8.50 30.01
N VAL C 195 -51.18 -8.87 31.21
CA VAL C 195 -52.26 -9.80 31.46
C VAL C 195 -53.53 -9.07 31.82
N ASP C 196 -53.44 -8.07 32.68
CA ASP C 196 -54.60 -7.27 33.04
C ASP C 196 -54.11 -5.97 33.67
N ALA C 197 -54.86 -4.90 33.48
CA ALA C 197 -54.45 -3.66 34.13
C ALA C 197 -54.62 -3.74 35.63
N LYS C 198 -55.84 -3.96 36.12
CA LYS C 198 -56.11 -3.79 37.53
C LYS C 198 -55.24 -4.64 38.43
N LYS C 199 -54.62 -5.67 37.90
CA LYS C 199 -53.75 -6.42 38.80
C LYS C 199 -52.53 -5.61 39.18
N GLU C 200 -51.65 -5.32 38.22
CA GLU C 200 -50.27 -5.04 38.57
C GLU C 200 -50.03 -3.67 39.18
N TRP C 201 -50.59 -2.61 38.62
CA TRP C 201 -50.33 -1.29 39.17
C TRP C 201 -50.86 -1.22 40.59
N PRO C 202 -50.02 -1.30 41.61
CA PRO C 202 -50.53 -1.34 42.97
C PRO C 202 -51.25 -0.04 43.27
N ASP C 203 -52.28 -0.16 44.08
CA ASP C 203 -53.12 0.99 44.28
C ASP C 203 -52.40 2.01 45.16
N SER C 204 -52.60 3.27 44.81
CA SER C 204 -51.89 4.34 45.48
C SER C 204 -52.30 4.43 46.94
N LYS C 205 -51.40 4.99 47.74
CA LYS C 205 -51.67 5.28 49.14
C LYS C 205 -52.91 6.11 49.33
N TYR C 206 -53.58 6.52 48.25
CA TYR C 206 -54.84 7.24 48.30
C TYR C 206 -55.99 6.42 47.77
N ALA C 207 -56.04 5.14 48.11
CA ALA C 207 -57.19 4.35 47.70
C ALA C 207 -58.46 4.88 48.34
N THR C 208 -58.54 4.85 49.65
CA THR C 208 -59.81 5.03 50.31
C THR C 208 -60.37 6.44 50.19
N TRP C 209 -59.58 7.41 49.77
CA TRP C 209 -60.11 8.77 49.79
C TRP C 209 -61.11 9.04 48.68
N GLU C 210 -61.17 8.19 47.67
CA GLU C 210 -62.20 8.29 46.65
C GLU C 210 -62.68 6.88 46.33
N GLU C 211 -63.93 6.75 45.92
CA GLU C 211 -64.60 5.47 45.85
C GLU C 211 -64.41 4.81 44.49
N PRO C 212 -64.27 3.49 44.46
CA PRO C 212 -63.82 2.82 43.25
C PRO C 212 -64.81 3.04 42.11
N PRO C 213 -64.42 2.74 40.88
CA PRO C 213 -65.29 3.05 39.75
C PRO C 213 -66.39 2.03 39.58
N LYS C 214 -67.54 2.52 39.11
CA LYS C 214 -68.48 1.40 38.99
C LYS C 214 -68.31 0.71 37.65
N PRO C 215 -68.59 -0.61 37.60
CA PRO C 215 -68.38 -1.35 36.34
C PRO C 215 -69.16 -0.80 35.16
N GLY C 216 -70.46 -0.58 35.30
CA GLY C 216 -71.22 -0.04 34.19
C GLY C 216 -71.02 1.44 33.93
N GLU C 217 -70.22 2.10 34.74
CA GLU C 217 -70.01 3.53 34.58
C GLU C 217 -69.42 3.83 33.21
N VAL C 218 -69.98 4.81 32.53
CA VAL C 218 -69.44 5.29 31.26
C VAL C 218 -68.33 6.27 31.56
N PHE C 219 -67.58 6.67 30.52
CA PHE C 219 -66.59 7.72 30.68
C PHE C 219 -67.30 9.05 30.90
N ASP C 220 -66.98 9.73 31.98
CA ASP C 220 -67.43 11.11 32.09
C ASP C 220 -66.56 11.98 31.20
N TYR C 221 -67.11 12.38 30.06
CA TYR C 221 -66.32 13.20 29.15
C TYR C 221 -66.25 14.66 29.60
N LYS C 222 -66.83 15.00 30.75
CA LYS C 222 -66.80 16.38 31.18
C LYS C 222 -66.07 16.59 32.50
N ALA C 223 -65.70 15.53 33.19
CA ALA C 223 -65.05 15.64 34.49
C ALA C 223 -63.70 16.33 34.37
N LYS C 224 -63.09 16.60 35.52
CA LYS C 224 -61.79 17.25 35.60
C LYS C 224 -61.00 16.70 36.77
N PRO C 225 -59.70 16.93 36.80
CA PRO C 225 -58.95 16.69 38.03
C PRO C 225 -59.36 17.74 39.04
N ASN C 226 -59.93 17.28 40.14
CA ASN C 226 -60.55 18.25 41.02
C ASN C 226 -60.08 18.16 42.44
N ARG C 227 -59.45 17.07 42.83
CA ARG C 227 -58.85 16.96 44.14
C ARG C 227 -57.36 16.73 43.94
N PHE C 228 -56.59 16.81 45.01
CA PHE C 228 -55.16 16.57 44.95
C PHE C 228 -54.73 15.95 46.27
N TYR C 229 -53.48 15.54 46.34
CA TYR C 229 -52.88 15.30 47.64
C TYR C 229 -51.42 15.62 47.48
N MET C 230 -50.90 16.56 48.26
CA MET C 230 -49.49 16.86 48.18
C MET C 230 -48.93 16.78 49.59
N THR C 231 -47.63 17.03 49.73
CA THR C 231 -46.92 16.64 50.94
C THR C 231 -45.60 17.38 51.05
N VAL C 232 -45.61 18.55 51.65
CA VAL C 232 -44.45 19.43 51.63
C VAL C 232 -43.56 18.98 52.78
N GLU C 233 -42.37 18.49 52.46
CA GLU C 233 -41.36 18.33 53.49
C GLU C 233 -40.38 19.50 53.51
N THR C 234 -39.74 19.68 54.64
CA THR C 234 -38.63 20.61 54.79
C THR C 234 -37.57 20.01 55.69
N THR C 235 -36.33 20.32 55.37
CA THR C 235 -35.20 19.89 56.19
C THR C 235 -35.20 20.50 57.57
N GLY C 236 -36.03 21.51 57.81
CA GLY C 236 -36.07 22.20 59.07
C GLY C 236 -35.78 23.67 58.98
N SER C 237 -35.18 24.11 57.89
CA SER C 237 -34.82 25.52 57.76
C SER C 237 -36.00 26.44 57.96
N LEU C 238 -37.21 25.99 57.66
CA LEU C 238 -38.40 26.79 57.91
C LEU C 238 -39.45 25.91 58.55
N LYS C 239 -40.56 26.52 58.94
CA LYS C 239 -41.69 25.78 59.47
C LYS C 239 -42.74 25.57 58.39
N ALA C 240 -43.06 24.30 58.14
CA ALA C 240 -43.81 23.90 56.96
C ALA C 240 -44.98 24.83 56.69
N ASN C 241 -45.69 25.22 57.74
CA ASN C 241 -46.77 26.15 57.53
C ASN C 241 -46.24 27.47 56.98
N GLN C 242 -45.06 27.91 57.43
CA GLN C 242 -44.49 29.07 56.79
C GLN C 242 -44.16 28.79 55.34
N VAL C 243 -43.74 27.57 55.04
CA VAL C 243 -43.54 27.21 53.65
C VAL C 243 -44.75 27.62 52.85
N PHE C 244 -45.87 27.02 53.19
CA PHE C 244 -47.06 27.20 52.36
C PHE C 244 -47.50 28.66 52.37
N SER C 245 -47.50 29.27 53.55
CA SER C 245 -47.97 30.64 53.67
C SER C 245 -47.11 31.55 52.81
N ARG C 246 -45.82 31.24 52.72
CA ARG C 246 -44.92 32.09 51.98
C ARG C 246 -44.95 31.80 50.49
N GLY C 247 -45.14 30.55 50.11
CA GLY C 247 -45.40 30.30 48.71
C GLY C 247 -46.54 31.16 48.24
N ILE C 248 -47.62 31.19 49.03
CA ILE C 248 -48.77 32.00 48.68
C ILE C 248 -48.41 33.45 48.63
N LYS C 249 -47.69 33.94 49.63
CA LYS C 249 -47.36 35.35 49.63
C LYS C 249 -46.54 35.70 48.40
N THR C 250 -45.55 34.89 48.09
CA THR C 250 -44.68 35.18 46.97
C THR C 250 -45.49 35.24 45.70
N LEU C 251 -46.41 34.31 45.54
CA LEU C 251 -47.09 34.23 44.27
C LEU C 251 -48.03 35.41 44.14
N GLN C 252 -48.68 35.78 45.24
CA GLN C 252 -49.40 37.04 45.27
C GLN C 252 -48.50 38.18 44.83
N GLU C 253 -47.28 38.22 45.35
CA GLU C 253 -46.45 39.39 45.07
C GLU C 253 -46.01 39.41 43.63
N LYS C 254 -45.80 38.24 43.05
CA LYS C 254 -45.42 38.19 41.65
C LYS C 254 -46.54 38.66 40.75
N LEU C 255 -47.74 38.13 40.96
CA LEU C 255 -48.87 38.60 40.16
C LEU C 255 -49.16 40.05 40.41
N ALA C 256 -48.92 40.52 41.63
CA ALA C 256 -49.09 41.93 41.87
C ALA C 256 -48.11 42.74 41.05
N ASN C 257 -46.87 42.28 40.98
CA ASN C 257 -45.89 42.93 40.14
C ASN C 257 -46.36 42.98 38.71
N VAL C 258 -46.95 41.89 38.22
CA VAL C 258 -47.38 41.86 36.83
C VAL C 258 -48.53 42.82 36.60
N LEU C 259 -49.53 42.80 37.48
CA LEU C 259 -50.63 43.73 37.36
C LEU C 259 -50.11 45.16 37.33
N PHE C 260 -49.14 45.43 38.19
CA PHE C 260 -48.54 46.74 38.21
C PHE C 260 -47.83 47.06 36.91
N GLU C 261 -47.19 46.08 36.30
CA GLU C 261 -46.49 46.35 35.05
C GLU C 261 -47.47 46.69 33.94
N LEU C 262 -48.56 45.93 33.85
CA LEU C 262 -49.60 46.27 32.89
C LEU C 262 -50.08 47.69 33.12
N GLU C 263 -50.45 48.01 34.36
CA GLU C 263 -50.85 49.36 34.65
C GLU C 263 -49.74 50.36 34.37
N ASN C 264 -48.49 49.93 34.41
CA ASN C 264 -47.38 50.83 34.18
C ASN C 264 -47.31 51.25 32.74
N SER C 265 -47.38 50.29 31.81
CA SER C 265 -47.59 50.65 30.42
C SER C 265 -48.80 51.59 30.29
N ARG C 266 -49.82 51.33 31.10
CA ARG C 266 -51.00 52.16 31.14
C ARG C 266 -50.68 53.46 31.86
N VAL D 3 7.80 47.76 -16.93
CA VAL D 3 6.41 47.90 -16.52
C VAL D 3 5.51 47.90 -17.75
N SER D 4 5.67 48.89 -18.61
CA SER D 4 4.89 49.01 -19.83
C SER D 4 5.53 48.17 -20.93
N THR D 5 4.70 47.65 -21.83
CA THR D 5 5.13 46.63 -22.77
C THR D 5 4.76 47.00 -24.19
N SER D 6 4.94 46.03 -25.09
CA SER D 6 4.53 46.13 -26.48
C SER D 6 3.83 44.86 -26.92
N THR D 7 3.53 44.74 -28.20
CA THR D 7 2.79 43.57 -28.69
C THR D 7 3.66 42.31 -28.65
N VAL D 8 4.96 42.45 -28.87
CA VAL D 8 5.86 41.30 -28.85
C VAL D 8 6.74 41.40 -27.60
N GLY D 9 7.04 40.25 -27.00
CA GLY D 9 7.90 40.19 -25.82
C GLY D 9 8.87 39.03 -25.84
N GLU D 22 22.68 44.76 -30.28
CA GLU D 22 23.11 46.14 -30.06
C GLU D 22 22.78 47.07 -31.23
N GLU D 23 22.47 48.32 -30.90
CA GLU D 23 22.25 49.33 -31.92
C GLU D 23 23.57 49.81 -32.50
N ASN D 24 23.56 50.11 -33.79
CA ASN D 24 24.66 50.80 -34.46
C ASN D 24 24.06 51.60 -35.61
N ALA D 25 24.17 52.93 -35.53
CA ALA D 25 23.74 53.78 -36.64
C ALA D 25 24.53 53.47 -37.90
N THR D 26 25.71 52.86 -37.75
CA THR D 26 26.52 52.53 -38.92
C THR D 26 26.26 51.09 -39.38
N LEU D 27 25.95 50.19 -38.45
CA LEU D 27 25.73 48.79 -38.82
C LEU D 27 24.31 48.29 -38.58
N LEU D 28 23.29 49.11 -38.87
CA LEU D 28 22.00 48.62 -39.35
C LEU D 28 21.32 47.63 -38.39
N ARG D 29 21.17 48.04 -37.12
CA ARG D 29 20.46 47.26 -36.11
C ARG D 29 19.76 48.27 -35.22
N LEU D 30 18.62 47.90 -34.63
CA LEU D 30 17.96 48.77 -33.67
C LEU D 30 17.36 48.07 -32.44
N GLY D 31 17.22 46.75 -32.46
CA GLY D 31 16.72 46.07 -31.29
C GLY D 31 15.33 45.47 -31.43
N PRO D 32 14.66 45.23 -30.29
CA PRO D 32 13.51 44.32 -30.30
C PRO D 32 12.27 44.90 -30.95
N GLU D 33 11.93 46.16 -30.69
CA GLU D 33 10.74 46.75 -31.28
C GLU D 33 10.95 47.08 -32.75
N PHE D 34 12.21 47.23 -33.16
CA PHE D 34 12.52 47.91 -34.41
C PHE D 34 13.14 46.95 -35.43
N ALA D 35 12.62 45.72 -35.47
CA ALA D 35 12.70 44.92 -36.66
C ALA D 35 11.67 45.44 -37.66
N LEU D 36 11.62 44.82 -38.84
CA LEU D 36 10.86 45.42 -39.93
C LEU D 36 9.38 45.52 -39.60
N LYS D 37 8.69 44.38 -39.50
CA LYS D 37 7.24 44.34 -39.50
C LYS D 37 6.74 44.09 -38.08
N GLN D 38 5.83 44.94 -37.62
CA GLN D 38 5.12 44.73 -36.36
C GLN D 38 3.78 44.05 -36.65
N TYR D 39 3.10 43.68 -35.58
CA TYR D 39 1.75 43.16 -35.67
C TYR D 39 0.83 44.06 -34.88
N ASP D 40 -0.23 44.54 -35.52
CA ASP D 40 -1.07 45.53 -34.87
C ASP D 40 -2.06 44.84 -33.94
N HIS D 41 -2.92 45.64 -33.32
CA HIS D 41 -3.83 45.23 -32.25
C HIS D 41 -4.97 44.38 -32.75
N ASP D 42 -4.86 43.81 -33.95
CA ASP D 42 -5.96 43.07 -34.56
C ASP D 42 -5.53 41.73 -35.12
N GLY D 43 -4.25 41.55 -35.44
CA GLY D 43 -3.80 40.42 -36.24
C GLY D 43 -3.30 40.79 -37.60
N ASN D 44 -3.38 42.07 -37.99
CA ASN D 44 -2.80 42.53 -39.25
C ASN D 44 -1.32 42.85 -39.07
N GLU D 45 -0.56 42.63 -40.13
CA GLU D 45 0.85 43.00 -40.15
C GLU D 45 0.97 44.50 -40.45
N HIS D 46 2.06 45.11 -39.98
CA HIS D 46 2.24 46.55 -40.14
C HIS D 46 3.71 46.86 -40.39
N ASP D 47 3.95 47.95 -41.13
CA ASP D 47 5.26 48.57 -41.18
C ASP D 47 5.49 49.39 -39.91
N LEU D 48 6.75 49.51 -39.53
CA LEU D 48 7.14 50.41 -38.46
C LEU D 48 6.76 51.84 -38.84
N ILE D 49 6.53 52.67 -37.83
CA ILE D 49 6.35 54.10 -38.02
C ILE D 49 7.73 54.71 -37.91
N ALA D 50 8.24 55.24 -39.02
CA ALA D 50 9.40 56.12 -39.01
C ALA D 50 8.98 57.52 -39.45
N LEU D 51 9.24 58.50 -38.59
CA LEU D 51 8.66 59.82 -38.69
C LEU D 51 9.75 60.89 -38.78
N SER D 52 9.59 61.81 -39.73
CA SER D 52 10.51 62.92 -39.91
C SER D 52 10.02 64.14 -39.13
N LEU D 53 10.82 65.21 -39.20
CA LEU D 53 10.50 66.43 -38.47
C LEU D 53 9.22 67.09 -38.97
N SER D 54 9.06 67.21 -40.28
CA SER D 54 7.87 67.87 -40.82
C SER D 54 6.60 67.06 -40.57
N GLU D 55 6.63 65.75 -40.89
CA GLU D 55 5.46 64.91 -40.73
C GLU D 55 5.02 64.88 -39.26
N SER D 56 5.95 64.53 -38.38
CA SER D 56 5.66 64.49 -36.96
C SER D 56 5.20 65.85 -36.45
N ARG D 57 5.85 66.91 -36.90
CA ARG D 57 5.53 68.24 -36.42
C ARG D 57 4.11 68.63 -36.79
N LEU D 58 3.72 68.35 -38.03
CA LEU D 58 2.33 68.57 -38.44
C LEU D 58 1.38 67.79 -37.55
N LEU D 59 1.70 66.51 -37.30
CA LEU D 59 0.80 65.67 -36.51
C LEU D 59 0.65 66.20 -35.09
N ILE D 60 1.78 66.56 -34.45
CA ILE D 60 1.73 67.09 -33.09
C ILE D 60 0.94 68.39 -33.04
N ARG D 61 1.21 69.28 -33.97
CA ARG D 61 0.52 70.57 -33.97
C ARG D 61 -0.98 70.40 -34.12
N GLU D 62 -1.41 69.66 -35.16
CA GLU D 62 -2.85 69.52 -35.39
C GLU D 62 -3.51 68.75 -34.25
N ALA D 63 -2.84 67.73 -33.72
CA ALA D 63 -3.41 67.01 -32.58
C ALA D 63 -3.58 67.93 -31.39
N LEU D 64 -2.55 68.71 -31.04
CA LEU D 64 -2.66 69.61 -29.90
C LEU D 64 -3.79 70.59 -30.08
N LYS D 65 -3.89 71.19 -31.27
CA LYS D 65 -4.90 72.22 -31.46
C LYS D 65 -6.32 71.67 -31.50
N ALA D 66 -6.54 70.51 -32.14
CA ALA D 66 -7.86 69.90 -32.08
C ALA D 66 -8.21 69.49 -30.67
N ARG D 67 -7.23 68.96 -29.92
CA ARG D 67 -7.50 68.50 -28.57
C ARG D 67 -7.84 69.68 -27.66
N SER D 68 -7.14 70.81 -27.79
CA SER D 68 -7.48 71.99 -27.01
C SER D 68 -8.84 72.54 -27.41
N ARG D 69 -9.14 72.56 -28.71
CA ARG D 69 -10.44 73.04 -29.14
C ARG D 69 -11.55 72.16 -28.59
N ALA D 70 -11.24 70.88 -28.38
CA ALA D 70 -12.17 70.00 -27.66
C ALA D 70 -12.20 70.34 -26.17
N ARG D 71 -11.06 70.74 -25.62
CA ARG D 71 -11.01 71.18 -24.23
C ARG D 71 -11.94 72.35 -23.97
N ASN D 72 -12.06 73.27 -24.93
CA ASN D 72 -12.94 74.44 -24.82
C ASN D 72 -14.20 74.33 -25.67
N GLY D 73 -14.32 73.30 -26.51
CA GLY D 73 -15.63 72.95 -27.04
C GLY D 73 -16.14 73.78 -28.19
N GLY D 74 -15.41 73.86 -29.30
CA GLY D 74 -15.91 74.53 -30.48
C GLY D 74 -15.43 75.95 -30.62
N VAL D 75 -14.18 76.19 -30.24
CA VAL D 75 -13.58 77.53 -30.27
C VAL D 75 -12.17 77.42 -30.83
N ILE D 84 -1.98 78.57 -31.91
CA ILE D 84 -1.37 79.51 -32.83
C ILE D 84 0.17 79.55 -32.65
N ASP D 85 0.63 79.63 -31.41
CA ASP D 85 2.06 79.61 -31.10
C ASP D 85 2.45 78.21 -30.63
N ASP D 86 3.70 78.06 -30.18
CA ASP D 86 4.01 76.97 -29.25
C ASP D 86 3.49 77.29 -27.86
N ASP D 87 3.35 78.58 -27.53
CA ASP D 87 2.96 78.97 -26.18
C ASP D 87 1.56 78.48 -25.83
N GLU D 88 0.55 78.86 -26.60
CA GLU D 88 -0.79 78.36 -26.32
C GLU D 88 -0.86 76.86 -26.50
N LEU D 89 -0.10 76.33 -27.45
CA LEU D 89 -0.37 75.00 -27.98
C LEU D 89 0.26 73.90 -27.11
N ALA D 90 1.31 74.22 -26.36
CA ALA D 90 1.86 73.28 -25.39
C ALA D 90 0.95 73.10 -24.18
N LYS D 91 -0.08 73.93 -24.04
CA LYS D 91 -1.04 73.80 -22.95
C LYS D 91 -1.79 72.48 -23.01
N VAL D 92 -1.79 71.82 -24.18
CA VAL D 92 -2.76 70.76 -24.43
C VAL D 92 -2.31 69.47 -23.78
N THR D 93 -1.02 69.29 -23.54
CA THR D 93 -0.56 68.10 -22.87
C THR D 93 -0.95 68.15 -21.39
N SER D 94 -0.62 67.07 -20.69
CA SER D 94 -0.98 66.90 -19.29
C SER D 94 0.30 66.69 -18.49
N GLY D 95 0.66 67.66 -17.65
CA GLY D 95 1.74 67.46 -16.73
C GLY D 95 2.74 68.59 -16.62
N ALA D 96 3.12 68.94 -15.40
CA ALA D 96 4.22 69.88 -15.20
C ALA D 96 5.52 69.33 -15.76
N VAL D 97 5.82 68.06 -15.47
CA VAL D 97 6.89 67.38 -16.16
C VAL D 97 6.63 67.40 -17.66
N ALA D 98 5.36 67.28 -18.06
CA ALA D 98 5.02 67.40 -19.46
C ALA D 98 5.13 68.83 -19.96
N ASN D 99 4.84 69.82 -19.10
CA ASN D 99 5.16 71.21 -19.46
C ASN D 99 6.63 71.34 -19.84
N GLY D 100 7.53 70.84 -18.98
CA GLY D 100 8.94 70.89 -19.29
C GLY D 100 9.33 70.14 -20.55
N VAL D 101 8.85 68.90 -20.66
CA VAL D 101 9.20 68.06 -21.80
C VAL D 101 8.71 68.68 -23.09
N VAL D 102 7.44 69.10 -23.13
CA VAL D 102 6.89 69.69 -24.34
C VAL D 102 7.55 71.01 -24.65
N LYS D 103 7.95 71.77 -23.62
CA LYS D 103 8.62 73.05 -23.86
C LYS D 103 9.97 72.83 -24.53
N LYS D 104 10.81 71.97 -23.95
CA LYS D 104 12.11 71.68 -24.54
C LYS D 104 11.97 71.05 -25.93
N THR D 105 11.08 70.08 -26.08
CA THR D 105 10.95 69.42 -27.36
C THR D 105 10.36 70.36 -28.41
N LEU D 106 9.51 71.32 -28.00
CA LEU D 106 8.99 72.28 -28.96
C LEU D 106 10.08 73.22 -29.43
N ASP D 107 10.96 73.66 -28.53
CA ASP D 107 12.13 74.39 -29.01
C ASP D 107 12.89 73.56 -30.04
N TYR D 108 13.08 72.27 -29.73
CA TYR D 108 13.97 71.41 -30.48
C TYR D 108 13.35 70.98 -31.83
N LEU D 109 12.02 71.12 -31.96
CA LEU D 109 11.38 70.92 -33.27
C LEU D 109 11.01 72.24 -33.93
N ASN D 110 11.11 73.35 -33.21
CA ASN D 110 10.67 74.61 -33.76
C ASN D 110 11.80 75.33 -34.46
N THR D 111 13.03 75.23 -33.97
CA THR D 111 14.14 75.87 -34.67
C THR D 111 14.72 75.00 -35.77
N PHE D 112 13.99 73.96 -36.20
CA PHE D 112 14.50 73.05 -37.21
C PHE D 112 13.47 72.61 -38.25
N ALA D 113 12.33 73.28 -38.36
CA ALA D 113 11.26 72.81 -39.23
C ALA D 113 11.63 73.09 -40.67
N ARG D 114 11.71 72.03 -41.48
CA ARG D 114 12.09 72.18 -42.88
C ARG D 114 10.89 72.46 -43.77
N PHE D 115 9.91 71.56 -43.77
CA PHE D 115 8.70 71.72 -44.57
C PHE D 115 7.56 71.94 -43.58
N LYS D 116 6.92 73.11 -43.66
CA LYS D 116 6.13 73.58 -42.54
C LYS D 116 4.62 73.44 -42.77
N ASP D 117 4.19 72.86 -43.88
CA ASP D 117 2.78 72.58 -44.10
C ASP D 117 2.64 71.24 -44.84
N GLU D 118 1.39 70.85 -45.08
CA GLU D 118 1.12 69.48 -45.52
C GLU D 118 1.38 69.29 -47.02
N GLU D 119 1.30 70.36 -47.81
CA GLU D 119 1.35 70.22 -49.27
C GLU D 119 2.66 69.59 -49.74
N THR D 120 3.76 70.31 -49.58
CA THR D 120 5.03 69.77 -50.03
C THR D 120 5.50 68.66 -49.09
N CYS D 121 4.80 68.47 -47.97
CA CYS D 121 5.01 67.27 -47.18
C CYS D 121 4.52 66.03 -47.91
N THR D 122 3.33 66.10 -48.52
CA THR D 122 2.87 65.01 -49.37
C THR D 122 3.72 64.92 -50.63
N ALA D 123 4.22 66.06 -51.10
CA ALA D 123 5.24 66.01 -52.14
C ALA D 123 6.45 65.20 -51.68
N VAL D 124 6.90 65.39 -50.44
CA VAL D 124 8.03 64.63 -49.93
C VAL D 124 7.66 63.16 -49.78
N ASP D 125 6.42 62.86 -49.46
CA ASP D 125 5.99 61.45 -49.45
C ASP D 125 6.05 60.86 -50.86
N GLN D 126 5.76 61.68 -51.86
CA GLN D 126 6.07 61.30 -53.24
C GLN D 126 7.57 61.13 -53.42
N LEU D 127 8.35 61.94 -52.70
CA LEU D 127 9.77 62.10 -52.98
C LEU D 127 10.60 60.99 -52.36
N LEU D 128 10.78 61.04 -51.04
CA LEU D 128 11.63 60.11 -50.30
C LEU D 128 10.94 58.80 -50.02
N HIS D 129 9.68 58.67 -50.42
CA HIS D 129 8.99 57.39 -50.35
C HIS D 129 8.66 56.92 -51.76
N LEU D 137 14.76 52.34 -49.91
CA LEU D 137 14.09 53.40 -49.16
C LEU D 137 13.83 52.96 -47.73
N HIS D 138 14.81 53.09 -46.86
CA HIS D 138 14.65 52.68 -45.48
C HIS D 138 13.91 53.76 -44.70
N PRO D 139 12.84 53.42 -43.98
CA PRO D 139 12.03 54.46 -43.34
C PRO D 139 12.82 55.36 -42.39
N PHE D 140 13.69 54.78 -41.57
CA PHE D 140 14.52 55.58 -40.68
C PHE D 140 15.47 56.47 -41.49
N GLU D 141 16.06 55.93 -42.57
CA GLU D 141 16.90 56.77 -43.40
C GLU D 141 16.05 57.84 -44.07
N ILE D 142 14.77 57.56 -44.31
CA ILE D 142 13.89 58.56 -44.91
C ILE D 142 13.76 59.76 -43.99
N ALA D 143 13.41 59.52 -42.73
CA ALA D 143 13.34 60.64 -41.78
C ALA D 143 14.70 61.33 -41.61
N GLN D 144 15.80 60.58 -41.71
CA GLN D 144 17.12 61.22 -41.72
C GLN D 144 17.30 62.10 -42.95
N LEU D 145 16.69 61.72 -44.07
CA LEU D 145 16.82 62.50 -45.29
C LEU D 145 16.00 63.78 -45.23
N SER D 146 14.92 63.76 -44.43
CA SER D 146 14.28 65.01 -44.02
C SER D 146 14.95 65.58 -42.78
N SER D 147 16.03 64.94 -42.31
CA SER D 147 16.71 65.42 -41.12
C SER D 147 18.02 66.13 -41.48
N LEU D 148 18.80 65.57 -42.42
CA LEU D 148 20.16 66.04 -42.71
C LEU D 148 20.29 66.36 -44.20
N GLY D 149 20.40 67.65 -44.53
CA GLY D 149 20.62 68.04 -45.91
C GLY D 149 22.02 68.61 -46.11
N CYS D 150 22.69 68.17 -47.18
CA CYS D 150 24.11 68.43 -47.35
C CYS D 150 24.44 68.65 -48.83
N GLU D 151 25.74 68.55 -49.15
CA GLU D 151 26.26 68.83 -50.49
C GLU D 151 26.41 67.58 -51.33
N ASP D 152 27.32 66.69 -50.95
CA ASP D 152 27.70 65.52 -51.73
C ASP D 152 27.53 64.26 -50.91
N VAL D 153 27.25 63.17 -51.63
CA VAL D 153 27.10 61.86 -50.98
C VAL D 153 28.34 61.53 -50.18
N ASP D 154 29.48 62.09 -50.57
CA ASP D 154 30.74 61.77 -49.89
C ASP D 154 30.65 62.10 -48.40
N GLU D 155 29.70 62.96 -48.03
CA GLU D 155 29.28 63.02 -46.64
C GLU D 155 28.19 62.00 -46.32
N ALA D 156 27.34 61.67 -47.29
CA ALA D 156 26.14 60.88 -47.01
C ALA D 156 26.48 59.45 -46.60
N ILE D 157 27.43 58.82 -47.30
CA ILE D 157 27.89 57.51 -46.88
C ILE D 157 28.84 57.60 -45.69
N THR D 158 29.16 58.80 -45.22
CA THR D 158 29.95 58.95 -44.01
C THR D 158 29.04 58.98 -42.77
N LEU D 159 28.14 59.95 -42.72
CA LEU D 159 27.20 60.03 -41.61
C LEU D 159 26.28 58.82 -41.56
N ILE D 160 25.62 58.50 -42.67
CA ILE D 160 24.74 57.35 -42.77
C ILE D 160 25.28 56.42 -43.85
N PRO D 161 26.12 55.47 -43.49
CA PRO D 161 26.69 54.57 -44.50
C PRO D 161 25.70 53.52 -44.96
N SER D 162 24.44 53.64 -44.56
CA SER D 162 23.41 52.72 -45.01
C SER D 162 23.24 52.72 -46.53
N LEU D 163 23.47 53.86 -47.17
CA LEU D 163 23.46 54.00 -48.62
C LEU D 163 24.83 53.79 -49.24
N ALA D 164 25.77 53.14 -48.56
CA ALA D 164 27.14 53.02 -49.04
C ALA D 164 27.19 52.27 -50.37
N ALA D 165 26.90 50.97 -50.34
CA ALA D 165 26.95 50.14 -51.54
C ALA D 165 25.58 49.98 -52.17
N LYS D 166 24.99 51.05 -52.70
CA LYS D 166 23.67 50.95 -53.35
C LYS D 166 23.68 51.35 -54.81
N LYS D 167 24.37 52.43 -55.17
CA LYS D 167 24.61 52.82 -56.56
C LYS D 167 23.32 53.17 -57.30
N GLU D 168 22.32 53.64 -56.56
CA GLU D 168 21.17 54.35 -57.14
C GLU D 168 21.10 55.68 -56.39
N VAL D 169 21.83 56.67 -56.89
CA VAL D 169 22.21 57.81 -56.07
C VAL D 169 21.11 58.85 -56.04
N ASN D 170 20.90 59.55 -57.16
CA ASN D 170 19.84 60.55 -57.32
C ASN D 170 19.97 61.63 -56.26
N LEU D 171 21.04 61.54 -55.46
CA LEU D 171 21.12 62.09 -54.12
C LEU D 171 21.65 63.52 -54.14
N GLN D 172 22.57 63.82 -55.05
CA GLN D 172 22.93 65.22 -55.30
C GLN D 172 21.71 66.05 -55.62
N ARG D 173 20.93 65.59 -56.60
CA ARG D 173 19.66 66.25 -56.91
C ARG D 173 18.74 66.24 -55.70
N ILE D 174 18.79 65.17 -54.89
CA ILE D 174 17.97 65.12 -53.68
C ILE D 174 18.29 66.30 -52.77
N LEU D 175 19.55 66.43 -52.39
CA LEU D 175 19.94 67.43 -51.41
C LEU D 175 19.75 68.84 -51.95
N ASP D 176 19.98 69.05 -53.26
CA ASP D 176 19.81 70.39 -53.79
C ASP D 176 18.33 70.74 -53.97
N GLU D 177 17.51 69.78 -54.41
CA GLU D 177 16.07 69.98 -54.44
C GLU D 177 15.54 70.31 -53.05
N LEU D 178 16.09 69.65 -52.02
CA LEU D 178 15.68 69.95 -50.66
C LEU D 178 16.10 71.36 -50.26
N ASN D 179 17.39 71.69 -50.43
CA ASN D 179 17.85 73.03 -50.14
C ASN D 179 17.01 74.10 -50.82
N ARG D 180 16.53 73.83 -52.03
CA ARG D 180 15.62 74.78 -52.67
C ARG D 180 14.27 74.82 -51.96
N LEU D 181 13.61 73.66 -51.84
CA LEU D 181 12.32 73.61 -51.14
C LEU D 181 12.49 73.85 -49.66
N GLU D 182 13.70 73.70 -49.15
CA GLU D 182 14.01 74.20 -47.81
C GLU D 182 13.64 75.67 -47.79
N ASP D 183 12.57 76.03 -47.10
CA ASP D 183 12.10 77.39 -47.14
C ASP D 183 12.98 78.29 -46.27
N PRO D 184 13.18 79.55 -46.68
CA PRO D 184 14.09 80.43 -45.96
C PRO D 184 13.62 80.72 -44.54
N TYR D 185 14.57 81.05 -43.68
CA TYR D 185 14.33 81.21 -42.26
C TYR D 185 15.18 82.32 -41.64
N GLU E 2 -19.24 -36.19 -38.51
CA GLU E 2 -18.08 -36.51 -37.69
C GLU E 2 -17.22 -35.26 -37.50
N ASP E 3 -15.98 -35.47 -37.06
CA ASP E 3 -15.06 -34.35 -36.90
C ASP E 3 -14.82 -33.64 -38.22
N ASN E 4 -15.01 -34.33 -39.35
CA ASN E 4 -14.99 -33.62 -40.62
C ASN E 4 -16.10 -32.58 -40.68
N ASN E 5 -17.32 -32.97 -40.29
CA ASN E 5 -18.43 -32.04 -40.37
C ASN E 5 -18.21 -30.83 -39.49
N ARG E 6 -17.68 -31.02 -38.29
CA ARG E 6 -17.47 -29.85 -37.46
C ARG E 6 -16.43 -28.92 -38.07
N ILE E 7 -15.34 -29.46 -38.60
CA ILE E 7 -14.34 -28.59 -39.21
C ILE E 7 -14.92 -27.87 -40.40
N ILE E 8 -15.66 -28.57 -41.24
CA ILE E 8 -16.21 -27.92 -42.41
C ILE E 8 -17.21 -26.86 -42.00
N SER E 9 -17.99 -27.14 -40.96
CA SER E 9 -18.92 -26.13 -40.47
C SER E 9 -18.18 -24.91 -39.99
N ARG E 10 -17.09 -25.11 -39.27
CA ARG E 10 -16.30 -23.98 -38.84
C ARG E 10 -15.80 -23.19 -40.03
N LEU E 11 -15.28 -23.89 -41.03
CA LEU E 11 -14.80 -23.20 -42.21
C LEU E 11 -15.93 -22.43 -42.87
N TRP E 12 -17.11 -23.04 -42.92
CA TRP E 12 -18.25 -22.40 -43.52
C TRP E 12 -18.62 -21.13 -42.79
N ARG E 13 -18.66 -21.20 -41.46
CA ARG E 13 -19.00 -20.01 -40.71
C ARG E 13 -17.93 -18.97 -40.89
N SER E 14 -16.69 -19.42 -41.01
CA SER E 14 -15.61 -18.50 -41.34
C SER E 14 -15.94 -17.76 -42.62
N PHE E 15 -16.27 -18.52 -43.65
CA PHE E 15 -16.49 -17.92 -44.95
C PHE E 15 -17.66 -16.95 -44.89
N ARG E 16 -18.73 -17.34 -44.21
CA ARG E 16 -19.86 -16.44 -44.15
C ARG E 16 -19.50 -15.18 -43.39
N THR E 17 -18.74 -15.32 -42.30
CA THR E 17 -18.30 -14.14 -41.59
C THR E 17 -17.54 -13.22 -42.52
N VAL E 18 -16.68 -13.80 -43.33
CA VAL E 18 -15.78 -12.97 -44.13
C VAL E 18 -16.56 -12.26 -45.20
N LYS E 19 -17.52 -12.94 -45.81
CA LYS E 19 -18.38 -12.25 -46.75
C LYS E 19 -19.14 -11.14 -46.05
N GLU E 20 -19.60 -11.39 -44.83
CA GLU E 20 -20.25 -10.31 -44.13
C GLU E 20 -19.31 -9.15 -43.95
N MET E 21 -18.05 -9.43 -43.66
CA MET E 21 -17.09 -8.36 -43.47
C MET E 21 -17.03 -7.51 -44.72
N ALA E 22 -16.83 -8.18 -45.85
CA ALA E 22 -16.70 -7.44 -47.10
C ALA E 22 -17.96 -6.68 -47.40
N ALA E 23 -19.09 -7.20 -46.98
CA ALA E 23 -20.32 -6.44 -47.15
C ALA E 23 -20.32 -5.21 -46.28
N ASP E 24 -19.82 -5.36 -45.06
CA ASP E 24 -19.85 -4.27 -44.10
C ASP E 24 -18.97 -3.14 -44.56
N ARG E 25 -17.82 -3.48 -45.13
CA ARG E 25 -16.83 -2.46 -45.34
C ARG E 25 -17.24 -1.53 -46.48
N GLY E 26 -18.29 -1.90 -47.22
CA GLY E 26 -18.82 -1.05 -48.25
C GLY E 26 -18.94 -1.76 -49.58
N TYR E 27 -18.34 -2.94 -49.69
CA TYR E 27 -18.21 -3.62 -50.96
C TYR E 27 -19.54 -4.17 -51.44
N PHE E 28 -19.57 -4.49 -52.73
CA PHE E 28 -20.72 -5.08 -53.38
C PHE E 28 -20.62 -6.59 -53.30
N ILE E 29 -21.65 -7.22 -52.76
CA ILE E 29 -21.83 -8.65 -52.89
C ILE E 29 -23.24 -8.88 -53.41
N SER E 30 -23.37 -9.74 -54.41
CA SER E 30 -24.67 -10.13 -54.89
C SER E 30 -25.38 -10.98 -53.84
N GLN E 31 -26.65 -10.66 -53.60
CA GLN E 31 -27.37 -11.26 -52.50
C GLN E 31 -27.49 -12.77 -52.62
N GLU E 32 -27.38 -13.30 -53.84
CA GLU E 32 -27.45 -14.75 -53.96
C GLU E 32 -26.19 -15.40 -53.43
N GLU E 33 -25.08 -14.67 -53.39
CA GLU E 33 -23.89 -15.25 -52.81
C GLU E 33 -23.83 -15.07 -51.31
N MET E 34 -24.38 -13.97 -50.80
CA MET E 34 -24.42 -13.75 -49.37
C MET E 34 -24.88 -14.99 -48.61
N ASP E 35 -25.79 -15.76 -49.20
CA ASP E 35 -26.56 -16.74 -48.45
C ASP E 35 -26.26 -18.17 -48.86
N GLN E 36 -24.99 -18.52 -49.02
CA GLN E 36 -24.64 -19.91 -49.29
C GLN E 36 -25.01 -20.77 -48.11
N SER E 37 -25.54 -21.96 -48.40
CA SER E 37 -26.03 -22.84 -47.36
C SER E 37 -24.88 -23.49 -46.62
N LEU E 38 -25.10 -24.69 -46.12
CA LEU E 38 -23.96 -25.49 -45.70
C LEU E 38 -23.51 -26.44 -46.80
N GLU E 39 -24.45 -26.98 -47.57
CA GLU E 39 -24.08 -28.14 -48.37
C GLU E 39 -23.53 -27.79 -49.73
N GLU E 40 -24.05 -26.74 -50.37
CA GLU E 40 -23.41 -26.25 -51.58
C GLU E 40 -21.93 -26.07 -51.35
N PHE E 41 -21.59 -25.65 -50.13
CA PHE E 41 -20.21 -25.49 -49.74
C PHE E 41 -19.44 -26.78 -49.92
N ARG E 42 -19.92 -27.87 -49.31
CA ARG E 42 -19.24 -29.14 -49.46
C ARG E 42 -19.27 -29.65 -50.88
N SER E 43 -20.21 -29.14 -51.68
CA SER E 43 -20.19 -29.47 -53.10
C SER E 43 -19.00 -28.81 -53.78
N LYS E 44 -18.80 -27.52 -53.54
CA LYS E 44 -17.75 -26.81 -54.25
C LYS E 44 -16.38 -27.08 -53.64
N ILE E 45 -16.25 -26.90 -52.35
CA ILE E 45 -14.96 -26.69 -51.72
C ILE E 45 -14.43 -27.96 -51.08
N CYS E 46 -15.27 -28.99 -50.95
CA CYS E 46 -14.76 -30.26 -50.48
C CYS E 46 -14.09 -31.03 -51.60
N ASP E 47 -13.33 -32.05 -51.21
CA ASP E 47 -12.66 -32.90 -52.16
C ASP E 47 -13.48 -34.13 -52.49
N SER E 48 -12.82 -35.16 -53.02
CA SER E 48 -13.38 -36.50 -53.13
C SER E 48 -13.60 -37.14 -51.77
N MET E 49 -13.14 -36.50 -50.70
CA MET E 49 -13.24 -36.98 -49.34
C MET E 49 -14.15 -36.12 -48.49
N GLY E 50 -14.32 -34.85 -48.85
CA GLY E 50 -15.02 -33.93 -48.00
C GLY E 50 -14.04 -33.08 -47.23
N ASN E 51 -12.98 -32.64 -47.89
CA ASN E 51 -11.95 -31.87 -47.22
C ASN E 51 -11.77 -30.54 -47.91
N PRO E 52 -11.32 -29.51 -47.19
CA PRO E 52 -11.34 -28.16 -47.73
C PRO E 52 -10.32 -27.97 -48.84
N GLN E 53 -10.63 -27.02 -49.73
CA GLN E 53 -9.77 -26.60 -50.82
C GLN E 53 -9.52 -25.13 -50.65
N ARG E 54 -8.66 -24.78 -49.68
CA ARG E 54 -8.58 -23.41 -49.23
C ARG E 54 -8.33 -22.44 -50.37
N LYS E 55 -7.29 -22.68 -51.15
CA LYS E 55 -6.90 -21.75 -52.19
C LYS E 55 -8.03 -21.46 -53.16
N LEU E 56 -8.99 -22.37 -53.29
CA LEU E 56 -10.12 -22.21 -54.18
C LEU E 56 -11.12 -21.18 -53.69
N MET E 57 -11.01 -20.76 -52.44
CA MET E 57 -11.96 -19.84 -51.86
C MET E 57 -11.55 -18.40 -52.04
N SER E 58 -10.28 -18.16 -52.36
CA SER E 58 -9.80 -16.83 -52.61
C SER E 58 -10.73 -16.15 -53.58
N PHE E 59 -10.89 -14.85 -53.48
CA PHE E 59 -11.75 -14.21 -54.45
C PHE E 59 -11.52 -12.72 -54.46
N LEU E 60 -11.86 -12.13 -55.60
CA LEU E 60 -11.89 -10.70 -55.77
C LEU E 60 -13.27 -10.21 -55.38
N ALA E 61 -13.33 -8.96 -54.97
CA ALA E 61 -14.57 -8.29 -54.67
C ALA E 61 -14.39 -6.82 -54.98
N ASN E 62 -15.50 -6.14 -55.14
CA ASN E 62 -15.54 -4.82 -55.73
C ASN E 62 -16.47 -3.97 -54.90
N PRO E 63 -16.41 -2.66 -55.03
CA PRO E 63 -17.27 -1.81 -54.22
C PRO E 63 -18.71 -1.84 -54.72
N THR E 64 -19.63 -1.70 -53.77
CA THR E 64 -20.91 -1.15 -54.16
C THR E 64 -20.66 0.21 -54.79
N PRO E 65 -21.55 0.68 -55.65
CA PRO E 65 -21.41 2.06 -56.12
C PRO E 65 -21.61 3.09 -55.03
N GLU E 66 -22.21 2.73 -53.91
CA GLU E 66 -22.48 3.73 -52.87
C GLU E 66 -21.33 3.93 -51.91
N ALA E 67 -20.69 2.86 -51.45
CA ALA E 67 -19.45 3.05 -50.73
C ALA E 67 -18.49 3.86 -51.57
N LEU E 68 -18.26 3.42 -52.81
CA LEU E 68 -17.42 4.15 -53.73
C LEU E 68 -17.93 5.57 -53.93
N GLU E 69 -19.24 5.75 -53.86
CA GLU E 69 -19.81 7.09 -53.87
C GLU E 69 -19.32 7.89 -52.68
N LYS E 70 -19.10 7.20 -51.56
CA LYS E 70 -19.00 7.88 -50.28
C LYS E 70 -17.55 8.08 -49.87
N TYR E 71 -16.80 6.99 -49.70
CA TYR E 71 -15.42 7.05 -49.22
C TYR E 71 -14.50 6.94 -50.43
N SER E 72 -13.92 8.07 -50.83
CA SER E 72 -13.28 8.18 -52.13
C SER E 72 -12.24 7.11 -52.41
N ASP E 73 -11.92 6.28 -51.43
CA ASP E 73 -10.69 5.52 -51.50
C ASP E 73 -10.88 4.02 -51.59
N LEU E 74 -12.09 3.52 -51.54
CA LEU E 74 -12.21 2.07 -51.53
C LEU E 74 -11.75 1.61 -52.91
N GLY E 75 -10.65 0.87 -52.92
CA GLY E 75 -10.10 0.35 -54.15
C GLY E 75 -10.76 -0.96 -54.52
N THR E 76 -10.00 -2.05 -54.64
CA THR E 76 -10.55 -3.36 -54.87
C THR E 76 -10.03 -4.34 -53.83
N LEU E 77 -10.80 -5.38 -53.57
CA LEU E 77 -10.59 -6.20 -52.39
C LEU E 77 -10.26 -7.63 -52.80
N TRP E 78 -9.06 -8.07 -52.50
CA TRP E 78 -8.69 -9.46 -52.72
C TRP E 78 -8.63 -10.14 -51.37
N VAL E 79 -9.23 -11.31 -51.27
CA VAL E 79 -9.32 -12.03 -50.00
C VAL E 79 -8.83 -13.45 -50.24
N GLU E 80 -8.01 -13.98 -49.33
CA GLU E 80 -7.35 -15.23 -49.65
C GLU E 80 -7.04 -16.03 -48.40
N PHE E 81 -7.07 -17.36 -48.52
CA PHE E 81 -6.75 -18.26 -47.41
C PHE E 81 -5.44 -18.96 -47.71
N CYS E 82 -5.10 -19.98 -46.90
CA CYS E 82 -3.87 -20.73 -47.12
C CYS E 82 -3.88 -22.04 -46.34
N ASP E 83 -3.52 -23.14 -47.02
CA ASP E 83 -3.39 -24.46 -46.37
C ASP E 83 -2.21 -24.55 -45.43
N GLU E 84 -1.35 -23.63 -45.47
CA GLU E 84 -0.14 -23.78 -44.68
C GLU E 84 -0.46 -23.51 -43.22
N PRO E 85 -0.33 -24.50 -42.36
CA PRO E 85 -0.67 -24.30 -40.95
C PRO E 85 0.14 -23.20 -40.29
N SER E 86 1.46 -23.20 -40.46
CA SER E 86 2.26 -22.06 -40.04
C SER E 86 2.83 -21.36 -41.25
N VAL E 87 2.61 -20.06 -41.35
CA VAL E 87 3.03 -19.30 -42.53
C VAL E 87 4.25 -18.48 -42.16
N GLY E 88 5.30 -18.62 -42.96
CA GLY E 88 6.49 -17.81 -42.78
C GLY E 88 6.60 -16.72 -43.81
N ILE E 89 7.78 -16.11 -43.94
CA ILE E 89 7.93 -15.03 -44.89
C ILE E 89 7.82 -15.52 -46.32
N LYS E 90 8.16 -16.78 -46.56
CA LYS E 90 8.05 -17.36 -47.89
C LYS E 90 6.69 -17.06 -48.51
N THR E 91 5.62 -17.57 -47.91
CA THR E 91 4.34 -17.47 -48.56
C THR E 91 3.84 -16.04 -48.52
N MET E 92 4.17 -15.31 -47.47
CA MET E 92 3.74 -13.91 -47.41
C MET E 92 4.30 -13.11 -48.55
N ARG E 93 5.58 -13.29 -48.85
CA ARG E 93 6.18 -12.56 -49.95
C ARG E 93 5.58 -12.99 -51.28
N ASN E 94 5.37 -14.30 -51.46
CA ASN E 94 4.65 -14.74 -52.65
C ASN E 94 3.32 -14.01 -52.77
N PHE E 95 2.61 -13.90 -51.66
CA PHE E 95 1.35 -13.17 -51.66
C PHE E 95 1.56 -11.71 -52.01
N CYS E 96 2.64 -11.12 -51.52
CA CYS E 96 2.93 -9.73 -51.82
C CYS E 96 3.04 -9.53 -53.32
N LEU E 97 3.80 -10.40 -53.96
CA LEU E 97 3.84 -10.43 -55.42
C LEU E 97 2.45 -10.49 -56.00
N ARG E 98 1.70 -11.53 -55.63
CA ARG E 98 0.43 -11.78 -56.29
C ARG E 98 -0.49 -10.60 -56.14
N ILE E 99 -0.32 -9.82 -55.07
CA ILE E 99 -1.10 -8.60 -54.92
C ILE E 99 -0.61 -7.52 -55.86
N GLN E 100 0.69 -7.24 -55.84
CA GLN E 100 1.20 -6.18 -56.70
C GLN E 100 0.89 -6.46 -58.16
N GLU E 101 0.58 -7.71 -58.48
CA GLU E 101 0.14 -8.04 -59.83
C GLU E 101 -1.18 -7.34 -60.17
N LYS E 102 -2.25 -7.70 -59.50
CA LYS E 102 -3.57 -7.29 -59.94
C LYS E 102 -3.95 -5.91 -59.49
N ASN E 103 -2.96 -5.08 -59.15
CA ASN E 103 -3.13 -3.70 -58.67
C ASN E 103 -4.44 -3.53 -57.90
N PHE E 104 -4.55 -4.33 -56.84
CA PHE E 104 -5.63 -4.22 -55.88
C PHE E 104 -5.52 -2.91 -55.12
N SER E 105 -6.16 -2.86 -53.97
CA SER E 105 -5.91 -1.80 -53.02
C SER E 105 -6.07 -2.21 -51.58
N THR E 106 -6.46 -3.44 -51.30
CA THR E 106 -6.60 -3.86 -49.91
C THR E 106 -6.58 -5.38 -49.85
N GLY E 107 -5.58 -5.93 -49.17
CA GLY E 107 -5.42 -7.37 -49.07
C GLY E 107 -5.89 -7.87 -47.72
N ILE E 108 -6.29 -9.13 -47.69
CA ILE E 108 -6.80 -9.77 -46.47
C ILE E 108 -6.38 -11.22 -46.50
N PHE E 109 -5.54 -11.61 -45.56
CA PHE E 109 -4.89 -12.90 -45.61
C PHE E 109 -5.24 -13.67 -44.36
N ILE E 110 -6.19 -14.57 -44.46
CA ILE E 110 -6.64 -15.36 -43.32
C ILE E 110 -5.85 -16.64 -43.28
N TYR E 111 -4.96 -16.72 -42.33
CA TYR E 111 -4.17 -17.91 -42.05
C TYR E 111 -4.95 -18.83 -41.13
N GLN E 112 -4.25 -19.81 -40.57
CA GLN E 112 -4.85 -20.61 -39.53
C GLN E 112 -4.20 -20.39 -38.17
N ASN E 113 -2.88 -20.51 -38.08
CA ASN E 113 -2.21 -20.54 -36.79
C ASN E 113 -1.43 -19.27 -36.47
N ASN E 114 -0.50 -18.83 -37.32
CA ASN E 114 0.34 -17.73 -36.91
C ASN E 114 1.15 -17.21 -38.08
N ILE E 115 1.85 -16.12 -37.83
CA ILE E 115 2.78 -15.54 -38.80
C ILE E 115 4.11 -15.30 -38.11
N THR E 116 5.18 -15.70 -38.78
CA THR E 116 6.50 -15.33 -38.30
C THR E 116 6.61 -13.81 -38.28
N PRO E 117 6.91 -13.22 -37.13
CA PRO E 117 6.95 -11.77 -37.04
C PRO E 117 7.88 -11.16 -38.06
N SER E 118 8.98 -11.85 -38.34
CA SER E 118 9.85 -11.47 -39.44
C SER E 118 9.05 -11.24 -40.70
N ALA E 119 8.08 -12.12 -40.97
CA ALA E 119 7.16 -11.86 -42.07
C ALA E 119 6.19 -10.77 -41.73
N ASN E 120 5.84 -10.62 -40.46
CA ASN E 120 4.85 -9.62 -40.09
C ASN E 120 5.38 -8.22 -40.35
N LYS E 121 6.69 -8.09 -40.58
CA LYS E 121 7.24 -6.78 -40.91
C LYS E 121 6.85 -6.31 -42.30
N MET E 122 6.68 -7.23 -43.26
CA MET E 122 6.56 -6.90 -44.66
C MET E 122 5.27 -6.18 -44.99
N ILE E 123 4.49 -5.82 -43.99
CA ILE E 123 3.15 -5.32 -44.27
C ILE E 123 3.22 -3.86 -44.71
N PRO E 124 3.73 -2.92 -43.92
CA PRO E 124 3.76 -1.54 -44.39
C PRO E 124 4.60 -1.34 -45.62
N THR E 125 5.65 -2.14 -45.79
CA THR E 125 6.59 -1.95 -46.89
C THR E 125 6.01 -2.37 -48.24
N VAL E 126 4.71 -2.57 -48.33
CA VAL E 126 4.08 -2.84 -49.62
C VAL E 126 2.96 -1.84 -49.89
N SER E 127 3.02 -0.68 -49.25
CA SER E 127 2.09 0.40 -49.55
C SER E 127 2.28 0.85 -51.00
N PRO E 128 1.28 1.54 -51.58
CA PRO E 128 -0.03 1.87 -51.04
C PRO E 128 -0.93 0.66 -51.07
N ALA E 129 -0.40 -0.45 -51.57
CA ALA E 129 -1.12 -1.71 -51.54
C ALA E 129 -1.19 -2.11 -50.08
N ILE E 130 -2.24 -1.70 -49.40
CA ILE E 130 -2.36 -1.89 -47.96
C ILE E 130 -2.74 -3.34 -47.68
N ILE E 131 -2.26 -3.86 -46.56
CA ILE E 131 -2.37 -5.27 -46.23
C ILE E 131 -2.90 -5.39 -44.82
N GLU E 132 -3.57 -6.49 -44.54
CA GLU E 132 -4.16 -6.77 -43.24
C GLU E 132 -3.98 -8.24 -42.93
N THR E 133 -4.33 -8.61 -41.71
CA THR E 133 -4.63 -10.00 -41.44
C THR E 133 -5.92 -10.07 -40.64
N PHE E 134 -6.32 -11.30 -40.39
CA PHE E 134 -7.25 -11.69 -39.35
C PHE E 134 -6.89 -13.12 -39.05
N GLN E 135 -7.08 -13.53 -37.83
CA GLN E 135 -6.96 -14.97 -37.70
C GLN E 135 -8.31 -15.59 -38.02
N GLU E 136 -8.27 -16.78 -38.61
CA GLU E 136 -9.49 -17.51 -38.90
C GLU E 136 -10.35 -17.67 -37.66
N SER E 137 -9.86 -18.43 -36.69
CA SER E 137 -10.68 -18.80 -35.53
C SER E 137 -11.14 -17.58 -34.78
N ASP E 138 -10.63 -16.40 -35.11
CA ASP E 138 -11.21 -15.19 -34.52
C ASP E 138 -12.32 -14.64 -35.40
N LEU E 139 -12.60 -15.29 -36.53
CA LEU E 139 -13.69 -14.85 -37.39
C LEU E 139 -14.81 -15.86 -37.42
N VAL E 140 -14.88 -16.71 -36.41
CA VAL E 140 -15.92 -17.74 -36.37
C VAL E 140 -17.28 -17.11 -36.05
N VAL E 141 -17.28 -15.93 -35.46
CA VAL E 141 -18.52 -15.23 -35.15
C VAL E 141 -18.41 -13.77 -35.51
N ASN E 142 -19.26 -13.32 -36.42
CA ASN E 142 -19.30 -11.90 -36.70
C ASN E 142 -19.69 -11.19 -35.44
N ILE E 143 -18.69 -10.67 -34.72
CA ILE E 143 -19.00 -10.16 -33.42
C ILE E 143 -19.90 -8.95 -33.49
N THR E 144 -19.82 -8.14 -34.54
CA THR E 144 -20.69 -6.98 -34.58
C THR E 144 -22.17 -7.32 -34.64
N HIS E 145 -22.54 -8.59 -34.66
CA HIS E 145 -23.94 -8.91 -34.45
C HIS E 145 -24.25 -9.19 -32.99
N HIS E 146 -23.25 -9.40 -32.17
CA HIS E 146 -23.45 -9.73 -30.77
C HIS E 146 -24.20 -8.61 -30.05
N GLU E 147 -24.87 -8.97 -28.96
CA GLU E 147 -25.66 -8.00 -28.21
C GLU E 147 -24.79 -6.85 -27.72
N LEU E 148 -23.69 -7.17 -27.06
CA LEU E 148 -22.94 -6.16 -26.32
C LEU E 148 -22.21 -5.21 -27.25
N VAL E 149 -21.58 -5.71 -28.30
CA VAL E 149 -20.87 -4.82 -29.21
C VAL E 149 -21.91 -4.13 -30.08
N PRO E 150 -21.93 -2.83 -30.15
CA PRO E 150 -22.88 -2.18 -31.04
C PRO E 150 -22.29 -1.92 -32.42
N LYS E 151 -23.02 -1.18 -33.24
CA LYS E 151 -22.67 -0.98 -34.64
C LYS E 151 -21.48 -0.05 -34.79
N HIS E 152 -21.12 0.20 -36.03
CA HIS E 152 -20.02 1.11 -36.32
C HIS E 152 -20.22 1.64 -37.72
N ILE E 153 -20.47 2.93 -37.84
CA ILE E 153 -20.47 3.54 -39.14
C ILE E 153 -19.19 4.33 -39.22
N ARG E 154 -18.31 3.96 -40.13
CA ARG E 154 -17.13 4.77 -40.35
C ARG E 154 -17.57 6.11 -40.91
N LEU E 155 -16.77 7.13 -40.72
CA LEU E 155 -17.13 8.42 -41.26
C LEU E 155 -16.41 8.68 -42.56
N SER E 156 -17.07 9.48 -43.38
CA SER E 156 -16.46 10.07 -44.56
C SER E 156 -15.68 11.32 -44.17
N ASP E 157 -14.92 11.85 -45.11
CA ASP E 157 -14.07 12.99 -44.80
C ASP E 157 -14.88 14.25 -44.62
N GLY E 158 -15.81 14.53 -45.54
CA GLY E 158 -16.64 15.71 -45.39
C GLY E 158 -17.34 15.73 -44.05
N GLU E 159 -17.92 14.60 -43.65
CA GLU E 159 -18.61 14.55 -42.38
C GLU E 159 -17.66 14.57 -41.19
N LYS E 160 -16.49 13.95 -41.30
CA LYS E 160 -15.55 14.09 -40.20
C LYS E 160 -15.19 15.54 -39.95
N SER E 161 -14.67 16.22 -40.96
CA SER E 161 -14.26 17.60 -40.74
C SER E 161 -15.44 18.47 -40.32
N GLN E 162 -16.64 18.17 -40.80
CA GLN E 162 -17.79 18.87 -40.27
C GLN E 162 -17.94 18.65 -38.77
N LEU E 163 -17.82 17.40 -38.33
CA LEU E 163 -17.87 17.13 -36.90
C LEU E 163 -16.93 18.04 -36.15
N LEU E 164 -15.66 18.01 -36.52
CA LEU E 164 -14.72 18.84 -35.77
C LEU E 164 -15.12 20.30 -35.75
N GLN E 165 -15.65 20.83 -36.84
CA GLN E 165 -16.03 22.23 -36.75
C GLN E 165 -17.28 22.40 -35.89
N ARG E 166 -17.95 21.32 -35.54
CA ARG E 166 -19.00 21.44 -34.53
C ARG E 166 -18.39 21.62 -33.14
N TYR E 167 -17.62 20.63 -32.68
CA TYR E 167 -17.08 20.65 -31.32
C TYR E 167 -15.83 21.49 -31.16
N LYS E 168 -15.20 21.92 -32.25
CA LYS E 168 -14.02 22.80 -32.17
C LYS E 168 -12.89 22.11 -31.41
N LEU E 169 -12.34 21.10 -32.05
CA LEU E 169 -11.37 20.22 -31.44
C LEU E 169 -10.06 20.22 -32.23
N LYS E 170 -9.20 19.29 -31.88
CA LYS E 170 -8.11 18.86 -32.73
C LYS E 170 -8.01 17.35 -32.63
N GLU E 171 -7.96 16.72 -33.79
CA GLU E 171 -8.23 15.30 -33.95
C GLU E 171 -7.67 14.43 -32.84
N SER E 172 -6.62 14.86 -32.14
CA SER E 172 -6.11 14.06 -31.04
C SER E 172 -7.02 14.06 -29.83
N GLN E 173 -8.00 14.96 -29.79
CA GLN E 173 -8.82 15.20 -28.62
C GLN E 173 -10.15 14.46 -28.69
N LEU E 174 -10.18 13.28 -29.18
CA LEU E 174 -11.41 12.54 -29.03
C LEU E 174 -11.13 11.33 -28.17
N PRO E 175 -12.13 10.60 -27.74
CA PRO E 175 -11.83 9.29 -27.18
C PRO E 175 -11.18 8.48 -28.26
N ARG E 176 -10.43 7.47 -27.86
CA ARG E 176 -9.58 6.79 -28.82
C ARG E 176 -9.76 5.29 -28.78
N ILE E 177 -9.92 4.70 -29.95
CA ILE E 177 -9.95 3.26 -30.08
C ILE E 177 -8.60 2.76 -30.55
N GLN E 178 -8.11 1.71 -29.92
CA GLN E 178 -6.86 1.12 -30.37
C GLN E 178 -6.97 0.69 -31.82
N ARG E 179 -5.84 0.36 -32.42
CA ARG E 179 -5.87 0.02 -33.84
C ARG E 179 -6.35 -1.42 -34.04
N GLU E 180 -5.79 -2.38 -33.32
CA GLU E 180 -6.23 -3.75 -33.47
C GLU E 180 -7.33 -4.13 -32.49
N ASP E 181 -8.15 -3.18 -32.11
CA ASP E 181 -9.34 -3.50 -31.34
C ASP E 181 -10.33 -4.20 -32.25
N PRO E 182 -10.57 -5.50 -32.07
CA PRO E 182 -11.22 -6.31 -33.09
C PRO E 182 -12.25 -5.63 -33.95
N VAL E 183 -13.04 -4.71 -33.43
CA VAL E 183 -13.96 -4.03 -34.34
C VAL E 183 -13.20 -3.09 -35.26
N ALA E 184 -12.19 -2.41 -34.75
CA ALA E 184 -11.42 -1.50 -35.60
C ALA E 184 -10.69 -2.21 -36.72
N ARG E 185 -10.17 -3.41 -36.48
CA ARG E 185 -9.73 -4.27 -37.56
C ARG E 185 -10.87 -4.64 -38.47
N TYR E 186 -12.01 -4.97 -37.89
CA TYR E 186 -13.12 -5.47 -38.67
C TYR E 186 -13.60 -4.46 -39.68
N LEU E 187 -13.24 -3.20 -39.54
CA LEU E 187 -13.59 -2.22 -40.56
C LEU E 187 -12.38 -1.64 -41.26
N GLY E 188 -11.18 -2.08 -40.90
CA GLY E 188 -9.97 -1.55 -41.47
C GLY E 188 -9.89 -0.07 -41.23
N LEU E 189 -9.75 0.32 -39.99
CA LEU E 189 -9.49 1.72 -39.76
C LEU E 189 -8.05 2.04 -40.06
N LYS E 190 -7.80 3.32 -40.29
CA LYS E 190 -6.47 3.86 -40.30
C LYS E 190 -6.50 5.20 -39.56
N ARG E 191 -5.31 5.70 -39.24
CA ARG E 191 -5.20 6.91 -38.44
C ARG E 191 -6.01 8.04 -39.06
N GLY E 192 -6.59 8.87 -38.20
CA GLY E 192 -7.36 10.01 -38.65
C GLY E 192 -8.80 9.72 -38.99
N GLN E 193 -9.30 8.54 -38.68
CA GLN E 193 -10.65 8.14 -39.06
C GLN E 193 -11.54 8.11 -37.83
N VAL E 194 -12.78 8.55 -37.98
CA VAL E 194 -13.63 8.85 -36.85
C VAL E 194 -14.83 7.93 -36.91
N VAL E 195 -14.86 6.87 -36.12
CA VAL E 195 -15.97 5.96 -36.25
C VAL E 195 -17.10 6.37 -35.33
N LYS E 196 -18.32 6.10 -35.73
CA LYS E 196 -19.49 6.58 -35.03
C LYS E 196 -20.22 5.38 -34.50
N ILE E 197 -20.55 5.44 -33.23
CA ILE E 197 -21.20 4.33 -32.56
C ILE E 197 -22.51 4.87 -32.01
N ILE E 198 -23.54 4.04 -31.95
CA ILE E 198 -24.78 4.44 -31.32
C ILE E 198 -25.14 3.42 -30.26
N ARG E 199 -25.59 3.91 -29.11
CA ARG E 199 -25.84 3.08 -27.95
C ARG E 199 -27.19 3.32 -27.32
N ARG E 200 -27.66 2.24 -26.70
CA ARG E 200 -28.82 2.17 -25.83
C ARG E 200 -28.57 2.90 -24.52
N SER E 201 -29.00 4.14 -24.43
CA SER E 201 -28.97 4.92 -23.22
C SER E 201 -30.10 4.45 -22.33
N GLU E 202 -29.79 3.78 -21.28
CA GLU E 202 -30.96 3.53 -20.48
C GLU E 202 -31.45 4.76 -19.78
N THR E 203 -31.02 5.97 -20.14
CA THR E 203 -31.54 7.17 -19.52
C THR E 203 -31.80 8.31 -20.50
N SER E 204 -31.44 8.16 -21.78
CA SER E 204 -32.00 9.02 -22.79
C SER E 204 -32.25 8.31 -24.12
N GLY E 205 -32.23 7.00 -24.14
CA GLY E 205 -32.60 6.30 -25.34
C GLY E 205 -31.46 6.13 -26.31
N ARG E 206 -31.12 7.19 -27.05
CA ARG E 206 -30.21 7.02 -28.16
C ARG E 206 -29.03 7.97 -28.04
N TYR E 207 -27.89 7.46 -27.61
CA TYR E 207 -26.72 8.29 -27.45
C TYR E 207 -25.68 7.91 -28.49
N ALA E 208 -25.28 8.89 -29.29
CA ALA E 208 -24.50 8.65 -30.48
C ALA E 208 -23.08 9.15 -30.25
N SER E 209 -22.21 8.25 -29.87
CA SER E 209 -20.85 8.56 -29.46
C SER E 209 -19.91 8.60 -30.65
N TYR E 210 -18.82 9.34 -30.49
CA TYR E 210 -17.76 9.40 -31.49
C TYR E 210 -16.48 8.91 -30.88
N ARG E 211 -15.95 7.81 -31.41
CA ARG E 211 -14.63 7.34 -31.04
C ARG E 211 -13.70 7.47 -32.23
N ILE E 212 -12.48 7.91 -31.96
CA ILE E 212 -11.47 8.08 -33.01
C ILE E 212 -10.51 6.91 -32.94
N CYS E 213 -9.98 6.54 -34.09
CA CYS E 213 -8.93 5.54 -34.11
C CYS E 213 -7.57 6.21 -34.13
N LEU E 214 -6.54 5.38 -34.15
CA LEU E 214 -5.18 5.88 -34.22
C LEU E 214 -4.50 5.47 -35.50
N GLU F 71 -9.05 37.85 -33.12
CA GLU F 71 -8.63 36.48 -33.37
C GLU F 71 -9.67 35.52 -32.84
N LEU F 72 -10.24 35.85 -31.69
CA LEU F 72 -11.14 34.95 -31.00
C LEU F 72 -12.50 35.54 -30.73
N ALA F 73 -12.57 36.84 -30.43
CA ALA F 73 -13.76 37.44 -29.84
C ALA F 73 -14.99 37.20 -30.70
N ILE F 74 -15.98 36.54 -30.11
CA ILE F 74 -17.14 36.08 -30.85
C ILE F 74 -18.23 37.11 -30.74
N LEU F 75 -18.90 37.33 -31.87
CA LEU F 75 -19.96 38.29 -31.99
C LEU F 75 -21.12 37.87 -31.09
N LYS F 76 -22.03 38.82 -30.81
CA LYS F 76 -23.12 38.56 -29.87
C LYS F 76 -24.33 37.93 -30.53
N GLU F 77 -24.16 37.37 -31.73
CA GLU F 77 -25.28 36.93 -32.54
C GLU F 77 -25.22 35.45 -32.87
N GLU F 78 -24.03 34.88 -32.95
CA GLU F 78 -23.83 33.45 -33.08
C GLU F 78 -23.88 32.75 -31.75
N ARG F 79 -24.45 33.39 -30.73
CA ARG F 79 -24.30 32.94 -29.34
C ARG F 79 -25.08 31.66 -29.14
N THR F 80 -24.40 30.63 -28.64
CA THR F 80 -24.95 29.29 -28.56
C THR F 80 -24.76 28.65 -27.19
N THR F 81 -24.94 29.39 -26.11
CA THR F 81 -24.81 28.75 -24.82
C THR F 81 -26.10 28.86 -24.02
N THR F 82 -26.15 28.14 -22.92
CA THR F 82 -27.32 28.17 -22.07
C THR F 82 -27.65 29.61 -21.67
N PRO F 83 -28.78 30.12 -22.00
CA PRO F 83 -29.02 31.54 -21.80
C PRO F 83 -29.60 31.84 -20.43
N TYR F 84 -29.53 30.88 -19.51
CA TYR F 84 -30.01 31.10 -18.16
C TYR F 84 -28.86 31.28 -17.17
N LEU F 85 -28.85 32.42 -16.49
CA LEU F 85 -27.85 32.62 -15.46
C LEU F 85 -27.88 31.45 -14.48
N THR F 86 -26.80 30.69 -14.42
CA THR F 86 -26.76 29.48 -13.63
C THR F 86 -26.27 29.78 -12.24
N LYS F 87 -26.24 28.73 -11.41
CA LYS F 87 -25.91 28.94 -10.01
C LYS F 87 -24.56 29.60 -9.84
N TYR F 88 -23.51 29.09 -10.47
CA TYR F 88 -22.19 29.66 -10.21
C TYR F 88 -22.13 31.08 -10.73
N GLU F 89 -22.70 31.29 -11.90
CA GLU F 89 -22.81 32.62 -12.45
C GLU F 89 -23.53 33.55 -11.49
N ARG F 90 -24.73 33.18 -11.08
CA ARG F 90 -25.48 34.01 -10.16
C ARG F 90 -24.68 34.28 -8.90
N ALA F 91 -23.98 33.27 -8.42
CA ALA F 91 -23.29 33.42 -7.16
C ALA F 91 -22.21 34.49 -7.26
N ARG F 92 -21.36 34.39 -8.26
CA ARG F 92 -20.29 35.36 -8.30
C ARG F 92 -20.82 36.73 -8.68
N ILE F 93 -21.86 36.79 -9.49
CA ILE F 93 -22.46 38.09 -9.75
C ILE F 93 -22.87 38.75 -8.46
N LEU F 94 -23.67 38.07 -7.65
CA LEU F 94 -24.11 38.65 -6.39
C LEU F 94 -22.93 39.05 -5.53
N GLY F 95 -22.01 38.11 -5.30
CA GLY F 95 -20.91 38.40 -4.41
C GLY F 95 -20.14 39.63 -4.83
N THR F 96 -19.86 39.74 -6.12
CA THR F 96 -19.01 40.84 -6.52
C THR F 96 -19.77 42.14 -6.53
N ARG F 97 -21.05 42.12 -6.89
CA ARG F 97 -21.83 43.34 -6.76
C ARG F 97 -21.83 43.82 -5.32
N ALA F 98 -21.95 42.87 -4.39
CA ALA F 98 -21.87 43.25 -2.99
C ALA F 98 -20.52 43.87 -2.66
N LEU F 99 -19.45 43.16 -2.97
CA LEU F 99 -18.13 43.69 -2.66
C LEU F 99 -17.97 45.08 -3.21
N GLN F 100 -18.56 45.35 -4.36
CA GLN F 100 -18.48 46.69 -4.92
C GLN F 100 -19.26 47.68 -4.09
N ILE F 101 -20.43 47.29 -3.58
CA ILE F 101 -21.17 48.26 -2.76
C ILE F 101 -20.48 48.51 -1.42
N SER F 102 -20.01 47.46 -0.76
CA SER F 102 -19.40 47.63 0.56
C SER F 102 -18.19 48.54 0.50
N MET F 103 -17.61 48.71 -0.68
CA MET F 103 -16.60 49.73 -0.92
C MET F 103 -17.24 50.98 -1.49
N ASN F 104 -18.49 51.22 -1.11
CA ASN F 104 -19.18 52.47 -1.42
C ASN F 104 -19.35 52.66 -2.92
N ALA F 105 -20.12 51.79 -3.56
CA ALA F 105 -20.51 52.00 -4.94
C ALA F 105 -21.81 52.78 -4.98
N PRO F 106 -22.16 53.42 -6.09
CA PRO F 106 -23.52 53.94 -6.23
C PRO F 106 -24.53 52.80 -6.15
N VAL F 107 -25.72 53.13 -5.69
CA VAL F 107 -26.82 52.16 -5.69
C VAL F 107 -27.86 52.60 -6.70
N LEU F 108 -28.40 51.63 -7.41
CA LEU F 108 -29.31 51.95 -8.50
C LEU F 108 -30.77 51.78 -8.11
N VAL F 109 -31.04 51.09 -7.01
CA VAL F 109 -32.40 50.72 -6.66
C VAL F 109 -32.82 51.44 -5.38
N ASP F 110 -34.01 51.10 -4.92
CA ASP F 110 -34.62 51.76 -3.79
C ASP F 110 -34.34 50.97 -2.52
N ILE F 111 -34.39 51.67 -1.39
CA ILE F 111 -34.14 51.06 -0.09
C ILE F 111 -35.45 51.07 0.67
N GLU F 112 -36.02 49.90 0.89
CA GLU F 112 -37.21 49.78 1.72
C GLU F 112 -36.78 49.75 3.18
N GLY F 113 -36.00 48.73 3.55
CA GLY F 113 -35.38 48.66 4.86
C GLY F 113 -33.99 48.06 4.76
N GLU F 114 -33.57 47.78 3.53
CA GLU F 114 -32.39 46.99 3.26
C GLU F 114 -31.14 47.82 3.53
N THR F 115 -30.30 47.33 4.44
CA THR F 115 -29.00 47.95 4.66
C THR F 115 -27.81 47.00 4.62
N ASP F 116 -28.02 45.70 4.75
CA ASP F 116 -26.92 44.78 4.49
C ASP F 116 -26.62 44.75 3.00
N PRO F 117 -25.36 44.57 2.61
CA PRO F 117 -25.04 44.59 1.19
C PRO F 117 -25.61 43.40 0.44
N LEU F 118 -25.45 42.20 0.98
CA LEU F 118 -25.83 40.99 0.27
C LEU F 118 -27.28 41.07 -0.20
N GLN F 119 -28.18 41.57 0.64
CA GLN F 119 -29.56 41.64 0.19
C GLN F 119 -29.77 42.81 -0.75
N ILE F 120 -28.92 43.84 -0.71
CA ILE F 120 -28.99 44.83 -1.79
C ILE F 120 -28.65 44.18 -3.10
N ALA F 121 -27.67 43.29 -3.09
CA ALA F 121 -27.36 42.54 -4.29
C ALA F 121 -28.58 41.78 -4.77
N MET F 122 -29.11 40.90 -3.92
CA MET F 122 -30.24 40.09 -4.34
C MET F 122 -31.43 40.93 -4.78
N LYS F 123 -31.56 42.15 -4.25
CA LYS F 123 -32.67 42.99 -4.68
C LYS F 123 -32.40 43.60 -6.05
N GLU F 124 -31.17 44.06 -6.30
CA GLU F 124 -30.87 44.53 -7.65
C GLU F 124 -31.02 43.40 -8.66
N LEU F 125 -30.76 42.17 -8.24
CA LEU F 125 -30.78 41.09 -9.21
C LEU F 125 -32.18 40.86 -9.74
N SER F 126 -33.15 40.52 -8.88
CA SER F 126 -34.48 40.19 -9.37
C SER F 126 -35.08 41.34 -10.15
N GLN F 127 -34.52 42.53 -10.02
CA GLN F 127 -34.88 43.61 -10.91
C GLN F 127 -34.00 43.66 -12.13
N ARG F 128 -32.82 43.02 -12.09
CA ARG F 128 -31.93 42.93 -13.23
C ARG F 128 -31.57 44.32 -13.74
N LYS F 129 -30.99 45.09 -12.82
CA LYS F 129 -30.47 46.42 -13.12
C LYS F 129 -29.01 46.51 -12.74
N ILE F 130 -28.25 45.44 -12.96
CA ILE F 130 -26.91 45.29 -12.41
C ILE F 130 -25.89 45.46 -13.52
N PRO F 131 -25.09 46.53 -13.54
CA PRO F 131 -24.14 46.77 -14.63
C PRO F 131 -22.90 45.89 -14.52
N LEU F 132 -22.98 44.69 -15.08
CA LEU F 132 -21.84 43.81 -15.23
C LEU F 132 -22.00 43.00 -16.50
N VAL F 133 -20.95 42.25 -16.84
CA VAL F 133 -20.95 41.44 -18.05
C VAL F 133 -20.23 40.13 -17.78
N ILE F 134 -20.86 39.03 -18.15
CA ILE F 134 -20.27 37.71 -18.00
C ILE F 134 -19.48 37.37 -19.24
N ARG F 135 -18.38 36.67 -19.05
CA ARG F 135 -17.52 36.22 -20.12
C ARG F 135 -17.34 34.72 -19.95
N ARG F 136 -18.08 33.94 -20.70
CA ARG F 136 -18.00 32.49 -20.58
C ARG F 136 -16.92 31.96 -21.51
N TYR F 137 -15.79 31.57 -20.95
CA TYR F 137 -14.71 31.02 -21.77
C TYR F 137 -15.08 29.62 -22.22
N LEU F 138 -15.46 29.48 -23.48
CA LEU F 138 -15.63 28.16 -24.06
C LEU F 138 -14.29 27.45 -24.07
N PRO F 139 -14.27 26.12 -24.14
CA PRO F 139 -13.03 25.39 -23.98
C PRO F 139 -11.97 25.74 -25.01
N ASP F 140 -12.37 26.08 -26.23
CA ASP F 140 -11.36 26.34 -27.24
C ASP F 140 -10.50 27.53 -26.88
N GLY F 141 -11.06 28.48 -26.14
CA GLY F 141 -10.34 29.70 -25.88
C GLY F 141 -11.13 30.89 -26.35
N SER F 142 -12.12 30.67 -27.22
CA SER F 142 -13.02 31.75 -27.58
C SER F 142 -13.92 32.06 -26.38
N TYR F 143 -14.80 33.06 -26.54
CA TYR F 143 -15.55 33.53 -25.39
C TYR F 143 -16.70 34.43 -25.83
N GLU F 144 -17.89 34.19 -25.28
CA GLU F 144 -19.07 35.00 -25.57
C GLU F 144 -19.22 36.04 -24.48
N ASP F 145 -19.80 37.18 -24.83
CA ASP F 145 -20.03 38.20 -23.82
C ASP F 145 -21.50 38.42 -23.54
N TRP F 146 -21.98 37.92 -22.43
CA TRP F 146 -23.38 38.11 -22.10
C TRP F 146 -23.55 39.33 -21.22
N GLY F 147 -24.54 40.15 -21.53
CA GLY F 147 -24.93 41.18 -20.61
C GLY F 147 -25.87 40.64 -19.54
N CYS F 148 -25.67 41.08 -18.30
CA CYS F 148 -26.50 40.56 -17.22
C CYS F 148 -27.97 40.76 -17.52
N ASP F 149 -28.30 41.94 -18.03
CA ASP F 149 -29.70 42.28 -18.26
C ASP F 149 -30.29 41.47 -19.40
N GLU F 150 -29.48 41.04 -20.36
CA GLU F 150 -30.04 40.22 -21.42
C GLU F 150 -30.16 38.76 -21.00
N LEU F 151 -29.42 38.35 -19.99
CA LEU F 151 -29.63 37.05 -19.39
C LEU F 151 -30.99 36.93 -18.76
N ILE F 152 -31.46 35.69 -18.65
CA ILE F 152 -32.67 35.38 -17.88
C ILE F 152 -32.24 34.75 -16.57
N VAL F 153 -32.27 35.55 -15.49
CA VAL F 153 -32.18 35.00 -14.15
C VAL F 153 -33.32 34.04 -13.92
N ASP F 154 -33.08 33.04 -13.08
CA ASP F 154 -34.10 32.07 -12.75
C ASP F 154 -35.38 32.74 -12.25
N MET G 1 15.19 61.94 -32.40
CA MET G 1 14.53 61.12 -33.38
C MET G 1 13.06 60.90 -33.01
N PHE G 2 12.17 60.87 -34.00
CA PHE G 2 10.74 60.77 -33.73
C PHE G 2 10.13 59.53 -34.36
N PHE G 3 9.17 58.93 -33.64
CA PHE G 3 8.41 57.78 -34.11
C PHE G 3 7.00 57.84 -33.54
N LEU G 4 6.09 57.10 -34.16
CA LEU G 4 4.86 56.69 -33.51
C LEU G 4 5.06 55.26 -33.06
N LYS G 5 4.47 54.90 -31.92
CA LYS G 5 4.59 53.54 -31.43
C LYS G 5 3.26 53.07 -30.87
N ASP G 6 3.01 51.77 -31.03
CA ASP G 6 1.75 51.14 -30.62
C ASP G 6 1.93 50.59 -29.20
N LEU G 7 1.28 51.24 -28.24
CA LEU G 7 1.49 51.01 -26.82
C LEU G 7 0.32 50.26 -26.20
N SER G 8 0.61 49.66 -25.04
CA SER G 8 -0.39 48.99 -24.23
C SER G 8 -0.03 49.16 -22.76
N LEU G 9 -1.02 49.54 -21.97
CA LEU G 9 -0.82 49.90 -20.57
C LEU G 9 -1.87 49.20 -19.72
N ILE G 10 -1.55 48.91 -18.46
CA ILE G 10 -2.48 48.21 -17.58
C ILE G 10 -2.85 49.12 -16.42
N LEU G 11 -4.15 49.17 -16.10
CA LEU G 11 -4.65 50.02 -15.03
C LEU G 11 -5.57 49.24 -14.10
N THR G 12 -5.67 49.71 -12.86
CA THR G 12 -6.54 49.14 -11.85
C THR G 12 -7.42 50.24 -11.28
N LEU G 13 -8.74 50.01 -11.28
CA LEU G 13 -9.69 51.06 -11.02
C LEU G 13 -10.52 50.76 -9.78
N HIS G 14 -10.53 51.71 -8.84
CA HIS G 14 -11.36 51.66 -7.66
C HIS G 14 -12.83 51.76 -8.08
N PRO G 15 -13.74 51.13 -7.33
CA PRO G 15 -15.14 51.07 -7.78
C PRO G 15 -15.84 52.42 -7.84
N SER G 16 -15.71 53.25 -6.79
CA SER G 16 -16.60 54.39 -6.65
C SER G 16 -16.54 55.35 -7.83
N TYR G 17 -15.63 55.14 -8.78
CA TYR G 17 -15.56 55.92 -10.00
C TYR G 17 -16.52 55.41 -11.07
N PHE G 18 -17.44 54.53 -10.69
CA PHE G 18 -18.36 53.89 -11.62
C PHE G 18 -19.64 54.71 -11.77
N GLY G 19 -19.59 55.67 -12.68
CA GLY G 19 -20.71 56.53 -12.97
C GLY G 19 -20.95 56.68 -14.47
N PRO G 20 -21.40 57.86 -14.88
CA PRO G 20 -21.61 58.10 -16.32
C PRO G 20 -20.33 58.42 -17.06
N GLN G 21 -19.39 59.09 -16.41
CA GLN G 21 -18.23 59.72 -17.02
C GLN G 21 -17.08 58.75 -17.19
N MET G 22 -17.39 57.46 -17.27
CA MET G 22 -16.38 56.43 -17.06
C MET G 22 -15.26 56.55 -18.09
N ASN G 23 -15.55 56.18 -19.35
CA ASN G 23 -14.50 56.08 -20.35
C ASN G 23 -13.72 57.37 -20.45
N GLN G 24 -14.38 58.51 -20.20
CA GLN G 24 -13.66 59.76 -20.31
C GLN G 24 -12.78 60.01 -19.11
N TYR G 25 -13.23 59.63 -17.91
CA TYR G 25 -12.32 59.70 -16.78
C TYR G 25 -11.11 58.79 -17.02
N LEU G 26 -11.32 57.70 -17.75
CA LEU G 26 -10.23 56.79 -18.06
C LEU G 26 -9.22 57.44 -18.99
N ARG G 27 -9.70 58.02 -20.08
CA ARG G 27 -8.81 58.70 -21.03
C ARG G 27 -8.12 59.89 -20.38
N GLU G 28 -8.79 60.54 -19.43
CA GLU G 28 -8.18 61.66 -18.73
C GLU G 28 -7.07 61.19 -17.78
N LYS G 29 -7.28 60.05 -17.11
CA LYS G 29 -6.20 59.45 -16.35
C LYS G 29 -5.02 59.10 -17.25
N LEU G 30 -5.32 58.51 -18.42
CA LEU G 30 -4.26 58.13 -19.34
C LEU G 30 -3.45 59.34 -19.77
N LEU G 31 -4.12 60.44 -20.12
CA LEU G 31 -3.37 61.66 -20.39
C LEU G 31 -2.55 62.08 -19.19
N THR G 32 -3.22 62.27 -18.04
CA THR G 32 -2.58 62.87 -16.88
C THR G 32 -1.30 62.17 -16.49
N ASP G 33 -1.24 60.85 -16.68
CA ASP G 33 -0.04 60.13 -16.24
C ASP G 33 0.76 59.49 -17.37
N VAL G 34 0.45 59.74 -18.63
CA VAL G 34 1.15 59.10 -19.75
C VAL G 34 2.03 60.07 -20.52
N GLU G 35 1.52 61.26 -20.85
CA GLU G 35 2.31 62.18 -21.69
C GLU G 35 3.46 62.80 -20.91
N GLY G 36 4.62 62.87 -21.54
CA GLY G 36 5.77 63.55 -20.98
C GLY G 36 6.77 62.68 -20.27
N THR G 37 6.41 61.44 -19.93
CA THR G 37 7.27 60.61 -19.08
C THR G 37 8.45 60.05 -19.86
N CYS G 38 9.37 59.44 -19.13
CA CYS G 38 10.60 58.87 -19.68
C CYS G 38 10.58 57.35 -19.56
N THR G 39 10.78 56.68 -20.68
CA THR G 39 10.87 55.23 -20.71
C THR G 39 12.12 54.82 -21.45
N GLY G 40 12.97 54.04 -20.78
CA GLY G 40 14.14 53.48 -21.43
C GLY G 40 13.80 52.56 -22.58
N GLN G 41 12.53 52.22 -22.75
CA GLN G 41 12.12 51.32 -23.81
C GLN G 41 11.65 52.08 -25.04
N PHE G 42 10.82 53.11 -24.85
CA PHE G 42 10.20 53.82 -25.96
C PHE G 42 10.76 55.21 -26.20
N GLY G 43 11.63 55.69 -25.32
CA GLY G 43 11.99 57.09 -25.30
C GLY G 43 11.06 57.85 -24.39
N TYR G 44 10.80 59.09 -24.78
CA TYR G 44 9.81 59.89 -24.08
C TYR G 44 8.46 59.69 -24.74
N ILE G 45 7.44 59.37 -23.95
CA ILE G 45 6.07 59.41 -24.44
C ILE G 45 5.72 60.86 -24.63
N VAL G 46 5.74 61.31 -25.88
CA VAL G 46 5.64 62.74 -26.15
C VAL G 46 4.20 63.20 -26.04
N THR G 47 3.37 62.80 -26.97
CA THR G 47 1.96 63.14 -26.93
C THR G 47 1.12 62.03 -27.52
N VAL G 48 -0.18 62.22 -27.48
CA VAL G 48 -1.16 61.27 -27.98
C VAL G 48 -1.74 61.84 -29.27
N LEU G 49 -1.99 60.98 -30.24
CA LEU G 49 -2.90 61.31 -31.32
C LEU G 49 -4.31 60.87 -30.93
N ASP G 50 -5.28 61.74 -31.21
CA ASP G 50 -6.68 61.41 -30.97
C ASP G 50 -6.90 61.08 -29.50
N GLY G 51 -6.66 62.07 -28.64
CA GLY G 51 -6.76 61.82 -27.21
C GLY G 51 -8.18 61.67 -26.73
N MET G 52 -9.13 62.27 -27.45
CA MET G 52 -10.52 62.27 -27.00
C MET G 52 -11.32 61.10 -27.53
N ASN G 53 -10.77 60.30 -28.46
CA ASN G 53 -11.43 59.10 -28.95
C ASN G 53 -10.59 57.85 -28.70
N ILE G 54 -10.01 57.70 -27.51
CA ILE G 54 -9.23 56.52 -27.19
C ILE G 54 -10.17 55.39 -26.77
N ASP G 55 -9.91 54.19 -27.27
CA ASP G 55 -10.68 53.02 -26.88
C ASP G 55 -9.90 52.24 -25.83
N VAL G 56 -10.64 51.64 -24.89
CA VAL G 56 -10.04 50.72 -23.92
C VAL G 56 -10.48 49.29 -24.14
N GLY G 57 -11.61 49.06 -24.78
CA GLY G 57 -12.17 47.73 -24.86
C GLY G 57 -13.03 47.43 -23.65
N LYS G 58 -13.12 46.14 -23.33
CA LYS G 58 -13.90 45.69 -22.18
C LYS G 58 -12.99 45.45 -20.99
N GLY G 59 -13.32 46.09 -19.87
CA GLY G 59 -12.46 46.02 -18.70
C GLY G 59 -12.89 44.90 -17.75
N ARG G 60 -11.90 44.28 -17.11
CA ARG G 60 -12.15 43.12 -16.27
C ARG G 60 -12.04 43.49 -14.81
N ILE G 61 -13.05 43.12 -14.03
CA ILE G 61 -13.08 43.43 -12.60
C ILE G 61 -12.10 42.51 -11.89
N ILE G 62 -11.18 43.10 -11.14
CA ILE G 62 -10.12 42.36 -10.46
C ILE G 62 -10.73 41.25 -9.61
N PRO G 63 -10.48 40.00 -9.93
CA PRO G 63 -11.07 38.90 -9.16
C PRO G 63 -10.54 38.85 -7.74
N GLY G 64 -11.30 39.43 -6.82
CA GLY G 64 -10.95 39.41 -5.42
C GLY G 64 -10.85 40.77 -4.76
N SER G 65 -10.98 41.86 -5.49
CA SER G 65 -10.89 43.18 -4.88
C SER G 65 -11.97 44.15 -5.34
N GLY G 66 -12.79 43.79 -6.32
CA GLY G 66 -13.80 44.70 -6.81
C GLY G 66 -13.27 45.65 -7.87
N SER G 67 -11.97 45.93 -7.81
CA SER G 67 -11.35 46.85 -8.74
C SER G 67 -11.39 46.29 -10.16
N ALA G 68 -11.01 47.12 -11.13
CA ALA G 68 -11.08 46.77 -12.54
C ALA G 68 -9.69 46.78 -13.17
N GLU G 69 -9.47 45.86 -14.11
CA GLU G 69 -8.25 45.81 -14.90
C GLU G 69 -8.53 46.33 -16.30
N PHE G 70 -7.79 47.37 -16.70
CA PHE G 70 -7.94 47.98 -18.02
C PHE G 70 -6.67 47.79 -18.83
N GLU G 71 -6.82 47.24 -20.03
CA GLU G 71 -5.73 47.13 -20.99
C GLU G 71 -5.91 48.24 -22.02
N VAL G 72 -5.24 49.36 -21.79
CA VAL G 72 -5.31 50.53 -22.67
C VAL G 72 -4.40 50.27 -23.86
N LYS G 73 -5.01 50.00 -25.01
CA LYS G 73 -4.30 50.02 -26.27
C LYS G 73 -4.29 51.44 -26.82
N TYR G 74 -3.15 51.86 -27.35
CA TYR G 74 -3.12 53.14 -28.05
C TYR G 74 -1.90 53.20 -28.94
N ARG G 75 -1.62 54.39 -29.46
CA ARG G 75 -0.53 54.66 -30.38
C ARG G 75 -0.13 56.11 -30.24
N ALA G 76 1.06 56.34 -29.71
CA ALA G 76 1.48 57.69 -29.31
C ALA G 76 2.83 58.04 -29.90
N VAL G 77 3.11 59.33 -29.89
CA VAL G 77 4.35 59.85 -30.47
C VAL G 77 5.46 59.72 -29.43
N VAL G 78 6.61 59.24 -29.86
CA VAL G 78 7.79 59.10 -29.00
C VAL G 78 8.98 59.79 -29.64
N TRP G 79 9.79 60.42 -28.79
CA TRP G 79 11.11 60.95 -29.16
C TRP G 79 12.12 60.06 -28.46
N LYS G 80 13.14 59.59 -29.19
CA LYS G 80 14.16 58.80 -28.54
C LYS G 80 15.47 58.93 -29.31
N PRO G 81 16.54 59.33 -28.65
CA PRO G 81 17.84 59.46 -29.33
C PRO G 81 18.54 58.11 -29.43
N PHE G 82 19.48 58.05 -30.35
CA PHE G 82 20.22 56.83 -30.67
C PHE G 82 21.71 57.11 -30.57
N LYS G 83 22.49 56.07 -30.29
CA LYS G 83 23.92 56.23 -30.10
C LYS G 83 24.65 56.26 -31.44
N GLY G 84 25.12 57.45 -31.82
CA GLY G 84 25.70 57.70 -33.11
C GLY G 84 24.98 58.74 -33.94
N GLU G 85 24.18 59.62 -33.30
CA GLU G 85 23.22 60.44 -34.02
C GLU G 85 23.76 61.82 -34.35
N VAL G 86 23.56 62.26 -35.60
CA VAL G 86 23.91 63.60 -36.04
C VAL G 86 22.81 64.56 -35.63
N VAL G 87 23.10 65.46 -34.67
CA VAL G 87 22.08 66.35 -34.13
C VAL G 87 22.62 67.77 -34.00
N ASP G 88 21.77 68.74 -34.33
CA ASP G 88 22.01 70.13 -33.91
C ASP G 88 21.40 70.38 -32.55
N ALA G 89 21.95 71.40 -31.88
CA ALA G 89 21.71 71.61 -30.46
C ALA G 89 22.01 73.06 -30.14
N ILE G 90 21.61 73.48 -28.94
CA ILE G 90 21.88 74.87 -28.51
C ILE G 90 22.61 74.82 -27.18
N VAL G 91 23.80 75.42 -27.14
CA VAL G 91 24.63 75.34 -25.93
C VAL G 91 23.96 76.08 -24.79
N SER G 92 23.95 75.45 -23.63
CA SER G 92 23.26 75.94 -22.44
C SER G 92 24.18 76.73 -21.50
N ASN G 93 25.34 76.16 -21.17
CA ASN G 93 26.36 76.85 -20.41
C ASN G 93 27.70 76.55 -21.06
N VAL G 94 28.74 77.21 -20.57
CA VAL G 94 30.11 76.93 -20.99
C VAL G 94 30.98 76.85 -19.73
N SER G 95 31.94 75.93 -19.74
CA SER G 95 32.77 75.72 -18.58
C SER G 95 34.24 75.73 -18.98
N PRO G 96 35.15 76.08 -18.07
CA PRO G 96 36.59 76.06 -18.42
C PRO G 96 37.10 74.70 -18.89
N ILE G 97 36.25 73.68 -18.85
CA ILE G 97 36.66 72.28 -19.01
C ILE G 97 35.90 71.58 -20.14
N GLY G 98 35.11 72.31 -20.90
CA GLY G 98 34.27 71.67 -21.91
C GLY G 98 32.93 72.36 -22.02
N PHE G 99 32.01 71.80 -22.80
CA PHE G 99 30.78 72.54 -23.10
C PHE G 99 29.56 71.66 -22.98
N PHE G 100 28.47 72.28 -22.51
CA PHE G 100 27.16 71.66 -22.33
C PHE G 100 26.19 72.25 -23.34
N ALA G 101 25.51 71.39 -24.09
CA ALA G 101 24.56 71.85 -25.09
C ALA G 101 23.28 71.04 -25.02
N ASP G 102 22.13 71.72 -24.96
CA ASP G 102 20.83 71.06 -25.09
C ASP G 102 20.79 70.34 -26.42
N VAL G 103 20.83 69.00 -26.36
CA VAL G 103 20.66 68.06 -27.46
C VAL G 103 19.33 67.35 -27.25
N GLY G 104 18.37 67.64 -28.10
CA GLY G 104 17.02 67.15 -27.89
C GLY G 104 16.53 67.59 -26.54
N PRO G 105 15.54 66.89 -26.00
CA PRO G 105 15.10 67.21 -24.64
C PRO G 105 16.20 67.11 -23.59
N LEU G 106 17.24 66.33 -23.84
CA LEU G 106 18.26 66.21 -22.81
C LEU G 106 19.44 67.13 -23.15
N ASN G 107 20.48 67.06 -22.33
CA ASN G 107 21.63 67.93 -22.41
C ASN G 107 22.88 67.07 -22.49
N VAL G 108 23.84 67.46 -23.34
CA VAL G 108 25.02 66.65 -23.60
C VAL G 108 26.27 67.48 -23.34
N PHE G 109 27.26 66.85 -22.71
CA PHE G 109 28.54 67.49 -22.44
C PHE G 109 29.64 66.90 -23.33
N VAL G 110 30.50 67.76 -23.85
CA VAL G 110 31.64 67.36 -24.66
C VAL G 110 32.86 68.10 -24.11
N SER G 111 33.88 67.35 -23.68
CA SER G 111 34.98 67.92 -22.93
C SER G 111 36.16 68.28 -23.83
N THR G 112 37.28 68.60 -23.17
CA THR G 112 38.48 69.07 -23.85
C THR G 112 39.05 68.02 -24.79
N ARG G 113 39.33 66.82 -24.28
CA ARG G 113 39.99 65.75 -25.02
C ARG G 113 39.25 65.35 -26.29
N LEU G 114 38.07 65.91 -26.53
CA LEU G 114 37.28 65.64 -27.72
C LEU G 114 37.09 66.89 -28.57
N ILE G 115 37.90 67.91 -28.36
CA ILE G 115 37.81 69.20 -29.05
C ILE G 115 39.02 69.35 -29.97
N PRO G 116 38.84 69.71 -31.24
CA PRO G 116 40.00 69.91 -32.11
C PRO G 116 40.81 71.12 -31.64
N ASP G 117 42.12 70.89 -31.49
CA ASP G 117 42.96 71.86 -30.78
C ASP G 117 43.31 73.07 -31.61
N ASN G 118 42.58 73.32 -32.70
CA ASN G 118 42.58 74.67 -33.25
C ASN G 118 41.52 75.56 -32.61
N LEU G 119 40.49 74.96 -31.99
CA LEU G 119 39.40 75.70 -31.36
C LEU G 119 39.68 75.83 -29.86
N VAL G 120 40.06 77.03 -29.42
CA VAL G 120 40.46 77.25 -28.04
C VAL G 120 39.30 77.88 -27.27
N TYR G 121 39.03 77.36 -26.09
CA TYR G 121 38.04 77.96 -25.20
C TYR G 121 38.44 79.39 -24.92
N ASN G 122 37.47 80.28 -24.80
CA ASN G 122 37.75 81.70 -24.58
C ASN G 122 36.74 82.26 -23.59
N PRO G 123 37.07 82.31 -22.30
CA PRO G 123 36.08 82.78 -21.31
C PRO G 123 35.78 84.26 -21.41
N SER G 124 36.78 85.12 -21.61
CA SER G 124 36.54 86.55 -21.67
C SER G 124 35.89 86.95 -22.99
N ASN G 125 35.72 86.01 -23.92
CA ASN G 125 34.95 86.27 -25.11
C ASN G 125 33.48 86.46 -24.74
N SER G 126 32.78 87.25 -25.53
CA SER G 126 31.38 87.61 -25.23
C SER G 126 30.48 87.21 -26.39
N PRO G 127 29.74 86.10 -26.30
CA PRO G 127 29.75 85.16 -25.17
C PRO G 127 30.92 84.19 -25.29
N PRO G 128 31.26 83.50 -24.21
CA PRO G 128 32.39 82.55 -24.28
C PRO G 128 32.21 81.55 -25.40
N ALA G 129 33.31 81.29 -26.10
CA ALA G 129 33.25 80.51 -27.32
C ALA G 129 34.57 79.80 -27.54
N TYR G 130 34.50 78.72 -28.31
CA TYR G 130 35.67 78.00 -28.78
C TYR G 130 36.05 78.60 -30.13
N MET G 131 37.24 79.21 -30.19
CA MET G 131 37.63 80.09 -31.26
C MET G 131 38.67 79.44 -32.17
N SER G 132 38.47 79.65 -33.46
CA SER G 132 39.50 79.47 -34.47
C SER G 132 39.30 80.57 -35.50
N ASN G 133 40.06 80.52 -36.57
CA ASN G 133 40.06 81.54 -37.61
C ASN G 133 39.17 81.05 -38.73
N ASP G 134 38.05 81.77 -38.95
CA ASP G 134 36.90 81.39 -39.76
C ASP G 134 36.01 80.38 -39.05
N GLU G 135 36.32 80.07 -37.78
CA GLU G 135 35.59 79.09 -37.00
C GLU G 135 35.09 79.73 -35.71
N LEU G 136 33.96 79.20 -35.21
CA LEU G 136 33.34 79.73 -33.99
C LEU G 136 32.41 78.68 -33.43
N ILE G 137 32.51 78.42 -32.12
CA ILE G 137 31.49 77.64 -31.41
C ILE G 137 31.04 78.44 -30.20
N THR G 138 29.84 79.01 -30.24
CA THR G 138 29.44 80.00 -29.25
C THR G 138 27.99 79.79 -28.80
N LYS G 139 27.62 80.57 -27.78
CA LYS G 139 26.23 80.68 -27.34
C LYS G 139 25.42 81.46 -28.36
N GLY G 140 24.23 80.94 -28.67
CA GLY G 140 23.33 81.57 -29.62
C GLY G 140 23.41 81.04 -31.03
N SER G 141 24.62 80.77 -31.53
CA SER G 141 24.80 80.00 -32.75
C SER G 141 24.83 78.52 -32.38
N LYS G 142 23.91 77.76 -32.98
CA LYS G 142 23.73 76.36 -32.61
C LYS G 142 25.01 75.56 -32.86
N VAL G 143 25.09 74.40 -32.23
CA VAL G 143 26.25 73.52 -32.31
C VAL G 143 25.80 72.10 -32.58
N ARG G 144 26.49 71.42 -33.49
CA ARG G 144 26.16 70.05 -33.85
C ARG G 144 27.02 69.09 -33.03
N LEU G 145 26.46 67.93 -32.66
CA LEU G 145 27.23 66.85 -32.08
C LEU G 145 26.64 65.47 -32.42
N LYS G 146 27.29 64.46 -31.83
CA LYS G 146 27.02 63.04 -32.08
C LYS G 146 27.03 62.28 -30.76
N VAL G 147 25.89 61.68 -30.41
CA VAL G 147 25.76 60.83 -29.23
C VAL G 147 26.55 59.54 -29.47
N VAL G 148 27.57 59.29 -28.65
CA VAL G 148 28.47 58.15 -28.84
C VAL G 148 28.51 57.20 -27.66
N GLY G 149 28.04 57.61 -26.48
CA GLY G 149 28.14 56.71 -25.35
C GLY G 149 26.96 56.68 -24.40
N THR G 150 26.50 55.49 -24.00
CA THR G 150 25.24 55.31 -23.30
C THR G 150 25.45 54.59 -21.97
N ARG G 151 25.00 55.21 -20.87
CA ARG G 151 24.91 54.59 -19.56
C ARG G 151 23.48 54.72 -19.05
N THR G 152 22.81 53.58 -18.86
CA THR G 152 21.36 53.54 -18.69
C THR G 152 21.00 53.57 -17.21
N ASP G 153 20.78 54.77 -16.69
CA ASP G 153 20.06 54.98 -15.45
C ASP G 153 18.58 55.17 -15.71
N VAL G 154 17.82 54.08 -15.86
CA VAL G 154 16.62 54.01 -16.69
C VAL G 154 15.68 55.18 -16.49
N ASN G 155 15.68 55.78 -15.30
CA ASN G 155 14.86 56.97 -15.05
C ASN G 155 15.24 58.13 -15.94
N GLU G 156 16.52 58.33 -16.21
CA GLU G 156 17.00 59.10 -17.34
C GLU G 156 18.27 58.43 -17.86
N ILE G 157 18.19 57.84 -19.04
CA ILE G 157 19.37 57.25 -19.66
C ILE G 157 20.33 58.41 -19.89
N TYR G 158 21.63 58.14 -19.87
CA TYR G 158 22.61 59.20 -20.01
C TYR G 158 23.47 58.95 -21.23
N ALA G 159 23.55 59.95 -22.10
CA ALA G 159 24.33 59.87 -23.32
C ALA G 159 25.39 60.96 -23.32
N ILE G 160 26.56 60.62 -23.83
CA ILE G 160 27.67 61.54 -23.99
C ILE G 160 28.01 61.63 -25.47
N GLY G 161 28.23 62.86 -25.94
CA GLY G 161 28.48 63.15 -27.34
C GLY G 161 29.85 63.75 -27.59
N SER G 162 30.13 63.98 -28.87
CA SER G 162 31.41 64.52 -29.29
C SER G 162 31.33 64.97 -30.73
N ILE G 163 32.32 65.74 -31.17
CA ILE G 163 32.35 66.29 -32.53
C ILE G 163 33.64 65.90 -33.26
N LYS G 164 34.22 64.74 -32.96
CA LYS G 164 35.56 64.38 -33.45
C LYS G 164 35.53 63.40 -34.63
N GLU G 165 34.54 63.48 -35.50
CA GLU G 165 34.57 62.68 -36.71
C GLU G 165 34.36 63.58 -37.92
N ASP G 166 34.00 62.95 -39.04
CA ASP G 166 33.91 63.66 -40.31
C ASP G 166 32.76 64.66 -40.30
N PHE G 167 33.07 65.89 -40.70
CA PHE G 167 32.14 66.94 -41.09
C PHE G 167 31.40 67.58 -39.92
N LEU G 168 31.58 67.08 -38.71
CA LEU G 168 30.90 67.62 -37.53
C LEU G 168 31.69 68.83 -37.02
N GLY G 169 30.97 69.86 -36.60
CA GLY G 169 31.62 71.03 -36.04
C GLY G 169 30.76 72.26 -36.18
N ALA G 170 31.41 73.39 -36.49
CA ALA G 170 30.75 74.68 -36.51
C ALA G 170 29.86 74.84 -37.74
N ILE G 171 28.68 75.42 -37.51
CA ILE G 171 27.76 75.76 -38.59
C ILE G 171 27.32 77.20 -38.43
N SER H 3 -81.28 22.56 6.37
CA SER H 3 -80.28 22.62 5.33
C SER H 3 -79.73 21.22 5.10
N ALA H 4 -80.36 20.25 5.76
CA ALA H 4 -79.98 18.86 5.61
C ALA H 4 -79.97 18.46 4.14
N LEU H 5 -78.87 17.89 3.70
CA LEU H 5 -78.74 17.44 2.33
C LEU H 5 -78.83 15.93 2.22
N PHE H 6 -79.54 15.30 3.15
CA PHE H 6 -79.71 13.87 3.22
C PHE H 6 -80.55 13.62 4.44
N ASP H 7 -81.05 12.40 4.59
CA ASP H 7 -81.51 11.93 5.89
C ASP H 7 -81.83 10.46 5.78
N ASP H 8 -81.45 9.71 6.79
CA ASP H 8 -81.93 8.33 6.81
C ASP H 8 -81.76 7.76 8.20
N ILE H 9 -82.26 6.55 8.36
CA ILE H 9 -82.20 5.81 9.61
C ILE H 9 -81.50 4.49 9.36
N PHE H 10 -80.60 4.11 10.25
CA PHE H 10 -79.76 2.96 10.00
C PHE H 10 -79.78 1.98 11.15
N THR H 11 -79.57 0.72 10.79
CA THR H 11 -79.27 -0.35 11.71
C THR H 11 -77.80 -0.69 11.58
N VAL H 12 -77.14 -0.85 12.70
CA VAL H 12 -75.74 -1.19 12.74
C VAL H 12 -75.61 -2.70 12.73
N GLN H 13 -74.91 -3.24 11.76
CA GLN H 13 -74.76 -4.68 11.73
C GLN H 13 -73.51 -5.18 12.43
N THR H 14 -72.33 -4.67 12.10
CA THR H 14 -71.12 -5.10 12.77
C THR H 14 -70.28 -3.91 13.18
N VAL H 15 -69.73 -4.01 14.38
CA VAL H 15 -68.85 -3.00 14.93
C VAL H 15 -67.57 -3.70 15.39
N ASP H 16 -66.44 -3.28 14.85
CA ASP H 16 -65.15 -3.86 15.22
C ASP H 16 -64.30 -2.80 15.90
N ASN H 17 -63.85 -3.13 17.11
CA ASN H 17 -62.77 -2.39 17.74
C ASN H 17 -61.45 -2.84 17.14
N GLY H 18 -61.02 -4.04 17.49
CA GLY H 18 -59.80 -4.58 16.93
C GLY H 18 -58.59 -3.71 17.16
N ARG H 19 -58.32 -2.86 16.18
CA ARG H 19 -57.05 -2.14 16.13
C ARG H 19 -57.00 -0.94 17.05
N TYR H 20 -58.05 -0.64 17.80
CA TYR H 20 -58.02 0.58 18.58
C TYR H 20 -58.72 0.42 19.90
N ASN H 21 -58.51 1.39 20.78
CA ASN H 21 -59.26 1.40 22.02
C ASN H 21 -60.35 2.46 22.04
N LYS H 22 -60.25 3.48 21.18
CA LYS H 22 -61.27 4.51 21.21
C LYS H 22 -62.12 4.59 19.96
N VAL H 23 -61.62 4.17 18.80
CA VAL H 23 -62.39 4.35 17.59
C VAL H 23 -62.72 2.99 17.02
N SER H 24 -64.02 2.77 16.81
CA SER H 24 -64.53 1.53 16.25
C SER H 24 -65.25 1.84 14.94
N ARG H 25 -65.23 0.89 14.03
CA ARG H 25 -65.86 1.04 12.73
C ARG H 25 -67.23 0.38 12.75
N ILE H 26 -68.20 1.06 12.16
CA ILE H 26 -69.56 0.59 12.08
C ILE H 26 -69.94 0.42 10.63
N ILE H 27 -70.81 -0.56 10.40
CA ILE H 27 -71.36 -0.84 9.08
C ILE H 27 -72.86 -0.70 9.19
N GLY H 28 -73.39 0.42 8.71
CA GLY H 28 -74.79 0.71 8.79
C GLY H 28 -75.53 0.40 7.50
N ILE H 29 -76.73 -0.14 7.61
CA ILE H 29 -77.60 -0.35 6.47
C ILE H 29 -78.96 0.22 6.77
N SER H 30 -79.56 0.85 5.77
CA SER H 30 -80.82 1.52 5.97
C SER H 30 -81.94 0.51 6.17
N THR H 31 -83.13 1.02 6.48
CA THR H 31 -84.34 0.23 6.48
C THR H 31 -85.36 0.76 5.49
N THR H 32 -85.44 2.09 5.31
CA THR H 32 -86.27 2.66 4.25
C THR H 32 -85.87 2.15 2.88
N ASN H 33 -84.61 1.74 2.70
CA ASN H 33 -84.13 1.28 1.40
C ASN H 33 -82.76 0.66 1.61
N SER H 34 -82.61 -0.63 1.32
CA SER H 34 -81.28 -1.17 1.27
C SER H 34 -80.57 -0.62 0.03
N ALA H 35 -79.40 -1.17 -0.27
CA ALA H 35 -78.53 -0.62 -1.31
C ALA H 35 -78.15 0.82 -0.99
N ILE H 36 -78.09 1.16 0.28
CA ILE H 36 -77.40 2.34 0.76
C ILE H 36 -76.52 1.86 1.89
N LYS H 37 -75.31 1.43 1.56
CA LYS H 37 -74.42 0.84 2.54
C LYS H 37 -73.61 1.96 3.17
N LEU H 38 -73.24 1.79 4.42
CA LEU H 38 -72.63 2.88 5.16
C LEU H 38 -71.50 2.34 6.02
N THR H 39 -70.37 3.05 6.04
CA THR H 39 -69.26 2.65 6.87
C THR H 39 -68.62 3.87 7.51
N LEU H 40 -68.54 3.85 8.84
CA LEU H 40 -68.23 5.05 9.58
C LEU H 40 -67.38 4.72 10.79
N ASP H 41 -66.42 5.56 11.12
CA ASP H 41 -65.63 5.33 12.31
C ASP H 41 -66.09 6.26 13.41
N ILE H 42 -66.09 5.79 14.66
CA ILE H 42 -66.68 6.54 15.75
C ILE H 42 -65.85 6.38 17.02
N ASN H 43 -66.09 7.30 17.95
CA ASN H 43 -65.26 7.43 19.13
C ASN H 43 -65.94 6.80 20.33
N ASN H 44 -65.48 5.62 20.73
CA ASN H 44 -66.21 4.83 21.71
C ASN H 44 -66.35 5.56 23.04
N GLU H 45 -65.40 6.41 23.37
CA GLU H 45 -65.50 7.14 24.61
C GLU H 45 -66.44 8.34 24.54
N MET H 46 -66.76 8.84 23.37
CA MET H 46 -67.64 10.00 23.28
C MET H 46 -69.00 9.65 22.71
N PHE H 47 -69.16 8.44 22.19
CA PHE H 47 -70.45 8.01 21.67
C PHE H 47 -70.46 6.50 21.55
N PRO H 48 -70.63 5.77 22.63
CA PRO H 48 -70.60 4.32 22.52
C PRO H 48 -71.79 3.82 21.75
N VAL H 49 -71.63 2.68 21.09
CA VAL H 49 -72.70 2.01 20.40
C VAL H 49 -72.59 0.52 20.67
N SER H 50 -73.59 -0.21 20.20
CA SER H 50 -73.60 -1.66 20.31
C SER H 50 -74.25 -2.21 19.06
N GLN H 51 -74.12 -3.51 18.87
CA GLN H 51 -74.56 -4.11 17.62
C GLN H 51 -76.08 -4.04 17.50
N ASP H 52 -76.54 -3.95 16.26
CA ASP H 52 -77.96 -4.09 15.94
C ASP H 52 -78.79 -2.96 16.56
N ASP H 53 -78.18 -1.81 16.68
CA ASP H 53 -78.88 -0.66 17.23
C ASP H 53 -79.27 0.28 16.10
N SER H 54 -79.63 1.51 16.45
CA SER H 54 -80.17 2.44 15.47
C SER H 54 -79.47 3.77 15.53
N LEU H 55 -79.41 4.44 14.39
CA LEU H 55 -78.78 5.76 14.26
C LEU H 55 -79.61 6.59 13.30
N THR H 56 -79.70 7.89 13.55
CA THR H 56 -80.46 8.75 12.66
C THR H 56 -79.53 9.74 11.97
N VAL H 57 -79.04 9.40 10.79
CA VAL H 57 -77.92 10.10 10.18
C VAL H 57 -78.43 11.24 9.32
N THR H 58 -77.68 12.34 9.35
CA THR H 58 -78.02 13.57 8.64
C THR H 58 -76.73 14.21 8.17
N LEU H 59 -76.73 14.79 6.97
CA LEU H 59 -75.51 15.36 6.40
C LEU H 59 -75.75 16.79 5.95
N ALA H 60 -75.13 17.74 6.63
CA ALA H 60 -75.31 19.14 6.29
C ALA H 60 -74.05 19.69 5.65
N ASN H 61 -74.21 20.78 4.94
CA ASN H 61 -73.08 21.55 4.47
C ASN H 61 -72.98 22.92 5.10
N SER H 62 -73.83 23.23 6.07
CA SER H 62 -73.60 24.41 6.90
C SER H 62 -74.52 24.33 8.11
N LEU H 63 -73.94 24.18 9.30
CA LEU H 63 -74.75 24.05 10.49
C LEU H 63 -75.56 25.29 10.81
N SER H 64 -75.35 26.37 10.07
CA SER H 64 -76.17 27.55 10.30
C SER H 64 -77.59 27.25 9.86
N LEU H 65 -78.54 27.99 10.42
CA LEU H 65 -79.94 27.72 10.13
C LEU H 65 -80.60 28.89 9.43
N LYS H 76 -63.00 33.27 10.21
CA LYS H 76 -63.48 31.90 10.04
C LYS H 76 -62.90 31.01 11.12
N SER H 77 -62.24 31.63 12.08
CA SER H 77 -61.53 30.89 13.10
C SER H 77 -62.49 30.32 14.12
N TRP H 78 -62.61 29.00 14.13
CA TRP H 78 -63.55 28.37 15.03
C TRP H 78 -63.26 28.63 16.49
N ARG H 79 -63.98 29.46 17.08
CA ARG H 79 -63.87 29.50 18.52
C ARG H 79 -64.76 28.45 19.14
N PRO H 80 -64.57 28.12 20.41
CA PRO H 80 -65.61 27.39 21.12
C PRO H 80 -66.89 28.22 21.16
N PRO H 81 -68.04 27.56 21.15
CA PRO H 81 -69.28 28.28 20.90
C PRO H 81 -69.77 29.01 22.13
N LYS H 82 -70.53 30.06 21.89
CA LYS H 82 -71.29 30.68 22.95
C LYS H 82 -72.33 29.70 23.44
N PRO H 83 -72.87 29.92 24.63
CA PRO H 83 -74.00 29.09 25.06
C PRO H 83 -75.28 29.56 24.40
N THR H 84 -75.33 30.86 24.09
CA THR H 84 -76.58 31.50 23.69
C THR H 84 -76.95 31.24 22.24
N ASP H 85 -75.99 31.03 21.36
CA ASP H 85 -76.27 30.83 19.95
C ASP H 85 -76.72 29.39 19.71
N LYS H 86 -77.27 29.15 18.53
CA LYS H 86 -78.00 27.91 18.29
C LYS H 86 -77.57 27.29 16.99
N SER H 87 -77.65 25.97 16.94
CA SER H 87 -77.10 25.19 15.84
C SER H 87 -78.17 24.31 15.24
N LEU H 88 -77.80 23.68 14.14
CA LEU H 88 -78.51 22.48 13.75
C LEU H 88 -78.16 21.33 14.65
N ALA H 89 -76.98 21.39 15.27
CA ALA H 89 -76.54 20.26 16.07
C ALA H 89 -77.38 20.06 17.30
N ASP H 90 -78.18 21.06 17.65
CA ASP H 90 -78.76 21.08 18.98
C ASP H 90 -79.76 19.96 19.19
N ASP H 91 -79.79 18.97 18.31
CA ASP H 91 -80.77 17.89 18.40
C ASP H 91 -80.11 16.52 18.32
N TYR H 92 -78.80 16.46 18.53
CA TYR H 92 -78.06 15.24 18.29
C TYR H 92 -77.00 15.07 19.36
N ASP H 93 -76.05 14.19 19.08
CA ASP H 93 -75.09 13.81 20.09
C ASP H 93 -73.68 13.62 19.56
N TYR H 94 -73.43 13.85 18.29
CA TYR H 94 -72.11 13.56 17.74
C TYR H 94 -72.08 14.22 16.37
N VAL H 95 -71.48 15.38 16.29
CA VAL H 95 -71.56 16.22 15.12
C VAL H 95 -70.15 16.46 14.63
N MET H 96 -69.70 15.66 13.68
CA MET H 96 -68.31 15.65 13.24
C MET H 96 -68.18 16.48 11.98
N PHE H 97 -66.97 16.93 11.70
CA PHE H 97 -66.70 17.70 10.51
C PHE H 97 -65.69 16.98 9.64
N GLY H 98 -65.82 17.15 8.33
CA GLY H 98 -64.94 16.45 7.41
C GLY H 98 -64.89 16.97 6.00
N THR H 99 -64.23 16.25 5.11
CA THR H 99 -64.07 16.76 3.77
C THR H 99 -64.42 15.69 2.77
N VAL H 100 -65.19 16.09 1.75
CA VAL H 100 -65.45 15.24 0.59
C VAL H 100 -64.14 15.09 -0.15
N TYR H 101 -63.59 13.88 -0.20
CA TYR H 101 -62.32 13.74 -0.85
C TYR H 101 -62.32 12.74 -1.99
N LYS H 102 -63.45 12.10 -2.26
CA LYS H 102 -63.55 11.19 -3.41
C LYS H 102 -65.02 11.09 -3.79
N PHE H 103 -65.33 11.22 -5.07
CA PHE H 103 -66.71 11.20 -5.53
C PHE H 103 -66.79 10.39 -6.81
N GLU H 104 -66.93 9.07 -6.69
CA GLU H 104 -66.65 8.19 -7.81
C GLU H 104 -67.95 7.79 -8.48
N GLU H 105 -68.38 8.59 -9.45
CA GLU H 105 -69.64 8.37 -10.16
C GLU H 105 -69.50 7.19 -11.10
N GLY H 106 -69.68 5.97 -10.59
CA GLY H 106 -69.36 4.81 -11.40
C GLY H 106 -70.53 4.36 -12.26
N ASP H 107 -71.03 3.16 -12.00
CA ASP H 107 -72.10 2.59 -12.80
C ASP H 107 -73.40 3.32 -12.55
N GLU H 108 -74.50 2.70 -12.99
CA GLU H 108 -75.81 3.30 -12.84
C GLU H 108 -76.04 3.81 -11.43
N ASP H 109 -75.72 3.00 -10.43
CA ASP H 109 -76.00 3.49 -9.08
C ASP H 109 -74.98 3.01 -8.04
N LYS H 110 -73.80 2.58 -8.46
CA LYS H 110 -72.74 2.34 -7.49
C LYS H 110 -71.98 3.64 -7.36
N ILE H 111 -72.50 4.53 -6.56
CA ILE H 111 -71.92 5.85 -6.33
C ILE H 111 -71.38 5.84 -4.92
N LYS H 112 -70.08 5.67 -4.79
CA LYS H 112 -69.40 5.68 -3.51
C LYS H 112 -68.85 7.07 -3.28
N VAL H 113 -69.08 7.59 -2.08
CA VAL H 113 -68.53 8.87 -1.67
C VAL H 113 -67.65 8.64 -0.47
N TYR H 114 -66.46 9.19 -0.52
CA TYR H 114 -65.51 9.04 0.58
C TYR H 114 -65.26 10.41 1.19
N VAL H 115 -65.70 10.58 2.42
CA VAL H 115 -65.46 11.79 3.18
C VAL H 115 -64.58 11.41 4.34
N SER H 116 -63.56 12.23 4.59
CA SER H 116 -62.62 11.97 5.65
C SER H 116 -62.78 13.01 6.73
N PHE H 117 -62.98 12.54 7.96
CA PHE H 117 -63.10 13.40 9.12
C PHE H 117 -61.80 13.44 9.88
N GLY H 118 -60.79 14.03 9.28
CA GLY H 118 -59.51 14.17 9.94
C GLY H 118 -59.07 12.84 10.49
N GLY H 119 -58.73 11.92 9.62
CA GLY H 119 -58.42 10.58 10.05
C GLY H 119 -59.63 9.69 10.21
N LEU H 120 -60.80 10.27 10.42
CA LEU H 120 -62.03 9.50 10.39
C LEU H 120 -62.57 9.49 8.97
N LEU H 121 -63.10 8.34 8.56
CA LEU H 121 -63.43 8.09 7.18
C LEU H 121 -64.93 8.02 7.02
N MET H 122 -65.41 7.83 5.79
CA MET H 122 -66.83 7.56 5.60
C MET H 122 -67.07 6.99 4.21
N CYS H 123 -67.45 5.73 4.15
CA CYS H 123 -67.90 5.11 2.90
C CYS H 123 -69.40 5.22 2.78
N LEU H 124 -69.84 6.04 1.85
CA LEU H 124 -71.26 6.24 1.65
C LEU H 124 -71.60 5.94 0.21
N GLU H 125 -72.75 5.31 -0.03
CA GLU H 125 -73.14 4.80 -1.33
C GLU H 125 -74.61 5.11 -1.54
N GLY H 126 -75.16 4.65 -2.67
CA GLY H 126 -76.60 4.64 -2.78
C GLY H 126 -77.07 5.34 -4.02
N GLY H 127 -78.35 5.74 -3.99
CA GLY H 127 -79.00 6.21 -5.20
C GLY H 127 -78.43 7.52 -5.71
N TYR H 128 -78.19 7.55 -7.02
CA TYR H 128 -77.64 8.76 -7.64
C TYR H 128 -78.43 9.98 -7.24
N LYS H 129 -79.75 9.91 -7.39
CA LYS H 129 -80.63 11.01 -7.06
C LYS H 129 -80.49 11.44 -5.62
N SER H 130 -80.04 10.54 -4.75
CA SER H 130 -79.88 10.86 -3.34
C SER H 130 -78.57 11.60 -3.11
N LEU H 131 -77.47 10.97 -3.43
CA LEU H 131 -76.18 11.50 -3.08
C LEU H 131 -75.79 12.66 -3.96
N ALA H 132 -76.50 12.89 -5.06
CA ALA H 132 -75.98 13.76 -6.10
C ALA H 132 -75.63 15.15 -5.61
N SER H 133 -76.25 15.63 -4.55
CA SER H 133 -75.91 16.95 -4.05
C SER H 133 -74.63 16.94 -3.23
N LEU H 134 -74.17 15.78 -2.76
CA LEU H 134 -73.00 15.69 -1.89
C LEU H 134 -71.70 16.09 -2.58
N LYS H 135 -71.75 16.67 -3.77
CA LYS H 135 -70.55 17.14 -4.43
C LYS H 135 -70.16 18.46 -3.77
N GLN H 136 -69.73 18.38 -2.52
CA GLN H 136 -69.33 19.56 -1.76
C GLN H 136 -67.93 19.36 -1.20
N ASP H 137 -67.53 20.18 -0.24
CA ASP H 137 -66.24 19.98 0.41
C ASP H 137 -66.33 19.84 1.92
N ASN H 138 -67.36 20.39 2.53
CA ASN H 138 -67.51 20.37 3.98
C ASN H 138 -68.82 19.66 4.30
N LEU H 139 -68.75 18.57 5.04
CA LEU H 139 -69.96 17.86 5.43
C LEU H 139 -69.96 17.62 6.92
N TYR H 140 -70.77 18.38 7.64
CA TYR H 140 -71.04 18.00 9.01
C TYR H 140 -71.73 16.65 8.96
N ILE H 141 -71.82 15.98 10.10
CA ILE H 141 -72.58 14.73 10.18
C ILE H 141 -73.13 14.59 11.59
N LEU H 142 -74.40 14.21 11.70
CA LEU H 142 -75.11 14.48 12.94
C LEU H 142 -75.73 13.18 13.47
N ILE H 143 -74.92 12.35 14.10
CA ILE H 143 -75.44 11.06 14.54
C ILE H 143 -76.38 11.28 15.71
N ARG H 144 -77.34 10.38 15.86
CA ARG H 144 -78.39 10.47 16.86
C ARG H 144 -78.44 9.19 17.67
N ARG H 145 -78.92 9.28 18.90
CA ARG H 145 -79.19 8.10 19.72
C ARG H 145 -77.97 7.30 20.12
N SER I 3 7.96 -48.41 -4.35
CA SER I 3 8.33 -49.22 -3.21
C SER I 3 9.64 -49.92 -3.48
N PHE I 4 10.74 -49.41 -2.92
CA PHE I 4 12.07 -49.91 -3.21
C PHE I 4 12.62 -50.64 -2.00
N ARG I 5 13.16 -51.83 -2.22
CA ARG I 5 13.79 -52.62 -1.19
C ARG I 5 15.31 -52.48 -1.27
N PHE I 6 16.00 -52.92 -0.22
CA PHE I 6 17.36 -52.47 0.01
C PHE I 6 18.42 -53.48 -0.42
N CYS I 7 19.67 -53.08 -0.23
CA CYS I 7 20.83 -53.92 -0.49
C CYS I 7 21.26 -54.64 0.78
N LEU I 8 22.10 -55.66 0.61
CA LEU I 8 22.63 -56.44 1.72
C LEU I 8 24.14 -56.35 1.85
N GLU I 9 24.79 -55.56 1.02
CA GLU I 9 26.23 -55.58 0.92
C GLU I 9 26.88 -54.24 1.16
N CYS I 10 26.29 -53.17 0.63
CA CYS I 10 26.77 -51.81 0.89
C CYS I 10 25.65 -50.94 1.44
N ASN I 11 24.57 -51.54 1.94
CA ASN I 11 23.49 -50.87 2.64
C ASN I 11 22.80 -49.82 1.77
N ASN I 12 22.71 -50.06 0.48
CA ASN I 12 22.17 -49.05 -0.40
C ASN I 12 20.76 -49.41 -0.85
N MET I 13 20.16 -48.49 -1.59
CA MET I 13 18.90 -48.75 -2.28
C MET I 13 19.18 -49.47 -3.59
N LEU I 14 18.11 -49.85 -4.27
CA LEU I 14 18.27 -50.60 -5.50
C LEU I 14 17.69 -49.85 -6.69
N TYR I 15 17.67 -50.52 -7.83
CA TYR I 15 17.04 -50.05 -9.04
C TYR I 15 16.46 -51.20 -9.83
N PRO I 16 15.43 -50.96 -10.61
CA PRO I 16 15.05 -51.92 -11.64
C PRO I 16 16.04 -51.89 -12.78
N LYS I 17 16.19 -53.05 -13.44
CA LYS I 17 17.10 -53.17 -14.56
C LYS I 17 16.69 -54.36 -15.40
N GLU I 18 16.46 -54.09 -16.69
CA GLU I 18 15.90 -55.07 -17.60
C GLU I 18 16.98 -56.04 -18.08
N ASP I 19 16.86 -57.31 -17.69
CA ASP I 19 17.79 -58.32 -18.15
C ASP I 19 17.35 -58.79 -19.53
N LYS I 20 17.96 -58.21 -20.56
CA LYS I 20 17.39 -58.33 -21.90
C LYS I 20 17.66 -59.69 -22.51
N GLU I 21 18.71 -60.40 -22.07
CA GLU I 21 18.98 -61.73 -22.61
C GLU I 21 17.89 -62.72 -22.22
N ASN I 22 17.69 -62.92 -20.93
CA ASN I 22 16.82 -63.96 -20.44
C ASN I 22 15.36 -63.52 -20.40
N GLN I 23 15.05 -62.33 -20.92
CA GLN I 23 13.70 -61.80 -20.91
C GLN I 23 13.08 -61.80 -19.52
N ARG I 24 13.64 -61.01 -18.61
CA ARG I 24 13.08 -60.78 -17.30
C ARG I 24 13.52 -59.40 -16.80
N LEU I 25 12.99 -59.04 -15.64
CA LEU I 25 13.43 -57.85 -14.93
C LEU I 25 14.37 -58.26 -13.81
N LEU I 26 15.10 -57.30 -13.28
CA LEU I 26 16.00 -57.53 -12.16
C LEU I 26 15.88 -56.39 -11.17
N TYR I 27 16.77 -56.42 -10.18
CA TYR I 27 17.05 -55.30 -9.30
C TYR I 27 18.54 -55.30 -9.05
N SER I 28 19.19 -54.20 -9.38
CA SER I 28 20.62 -54.11 -9.18
C SER I 28 20.94 -52.94 -8.26
N CYS I 29 22.08 -53.06 -7.60
CA CYS I 29 22.62 -51.96 -6.83
C CYS I 29 23.38 -51.03 -7.75
N ARG I 30 23.95 -50.01 -7.14
CA ARG I 30 24.83 -49.09 -7.83
C ARG I 30 26.12 -48.90 -7.08
N ASN I 31 26.13 -49.15 -5.77
CA ASN I 31 27.35 -49.08 -4.99
C ASN I 31 27.92 -50.44 -4.64
N CYS I 32 27.31 -51.53 -5.08
CA CYS I 32 27.96 -52.82 -5.06
C CYS I 32 27.64 -53.53 -6.37
N ASP I 33 27.91 -54.83 -6.41
CA ASP I 33 27.64 -55.61 -7.60
C ASP I 33 26.73 -56.79 -7.31
N TYR I 34 26.04 -56.72 -6.18
CA TYR I 34 24.94 -57.62 -5.93
C TYR I 34 23.92 -57.44 -7.05
N THR I 35 23.24 -58.52 -7.41
CA THR I 35 22.30 -58.48 -8.51
C THR I 35 21.20 -59.47 -8.20
N GLU I 36 19.94 -59.11 -8.47
CA GLU I 36 18.92 -60.06 -8.08
C GLU I 36 17.79 -60.07 -9.08
N LEU I 37 17.02 -61.15 -9.04
CA LEU I 37 15.80 -61.39 -9.79
C LEU I 37 14.73 -60.38 -9.39
N ALA I 38 13.69 -60.33 -10.19
CA ALA I 38 12.59 -59.41 -9.98
C ALA I 38 11.39 -60.14 -9.38
N GLU I 39 10.37 -59.34 -9.01
CA GLU I 39 9.18 -59.84 -8.32
C GLU I 39 7.88 -59.19 -8.76
N ASP I 40 7.90 -58.13 -9.58
CA ASP I 40 6.69 -57.40 -9.93
C ASP I 40 6.87 -56.63 -11.23
N PRO I 41 5.99 -56.82 -12.21
CA PRO I 41 5.99 -55.89 -13.34
C PRO I 41 5.72 -54.48 -12.90
N LYS I 42 4.81 -54.27 -11.94
CA LYS I 42 4.56 -52.91 -11.45
C LYS I 42 5.75 -52.48 -10.61
N VAL I 43 6.69 -51.78 -11.22
CA VAL I 43 7.83 -51.26 -10.47
C VAL I 43 7.42 -49.91 -9.93
N TYR I 44 6.67 -49.18 -10.73
CA TYR I 44 6.21 -47.85 -10.34
C TYR I 44 4.71 -47.85 -10.22
N ARG I 45 4.21 -46.92 -9.43
CA ARG I 45 2.79 -46.65 -9.31
C ARG I 45 2.63 -45.24 -8.78
N HIS I 46 1.50 -44.62 -9.08
CA HIS I 46 1.16 -43.36 -8.45
C HIS I 46 -0.35 -43.24 -8.54
N GLU I 47 -1.00 -43.01 -7.40
CA GLU I 47 -2.44 -43.02 -7.40
C GLU I 47 -2.99 -41.60 -7.52
N LEU I 48 -4.13 -41.50 -8.17
CA LEU I 48 -4.87 -40.25 -8.29
C LEU I 48 -6.08 -40.21 -7.38
N ILE I 49 -6.77 -41.33 -7.22
CA ILE I 49 -7.92 -41.42 -6.35
C ILE I 49 -7.63 -42.45 -5.27
N THR I 50 -7.63 -42.00 -4.02
CA THR I 50 -7.48 -42.89 -2.89
C THR I 50 -8.35 -42.39 -1.75
N ASN I 51 -8.49 -43.23 -0.73
CA ASN I 51 -9.25 -42.90 0.47
C ASN I 51 -8.46 -43.29 1.70
N ILE I 52 -7.15 -43.45 1.54
CA ILE I 52 -6.25 -43.96 2.57
C ILE I 52 -5.73 -42.79 3.40
N GLY I 53 -5.57 -43.02 4.70
CA GLY I 53 -5.41 -41.98 5.68
C GLY I 53 -6.62 -41.83 6.57
N GLU I 54 -7.35 -42.92 6.83
CA GLU I 54 -8.76 -42.88 7.15
C GLU I 54 -9.04 -43.16 8.63
N THR I 55 -8.62 -44.31 9.12
CA THR I 55 -8.83 -44.71 10.51
C THR I 55 -7.60 -44.37 11.33
N ALA I 56 -7.04 -43.17 11.08
CA ALA I 56 -5.71 -42.85 11.57
C ALA I 56 -5.62 -42.96 13.09
N GLY I 57 -6.27 -42.04 13.81
CA GLY I 57 -6.02 -41.89 15.22
C GLY I 57 -6.51 -43.02 16.09
N ILE I 58 -6.12 -44.25 15.75
CA ILE I 58 -6.54 -45.45 16.48
C ILE I 58 -5.31 -46.16 17.03
N VAL I 59 -5.33 -46.43 18.33
CA VAL I 59 -4.37 -47.28 19.02
C VAL I 59 -5.16 -48.12 20.01
N ASP I 60 -4.46 -48.90 20.84
CA ASP I 60 -5.19 -49.66 21.84
C ASP I 60 -5.67 -48.78 22.99
N ASP I 61 -4.98 -47.67 23.26
CA ASP I 61 -5.48 -46.70 24.23
C ASP I 61 -6.16 -45.51 23.57
N ILE I 62 -6.86 -45.76 22.46
CA ILE I 62 -7.61 -44.68 21.84
C ILE I 62 -8.73 -44.19 22.74
N GLY I 63 -9.49 -45.11 23.33
CA GLY I 63 -10.65 -44.72 24.10
C GLY I 63 -10.35 -43.94 25.34
N GLN I 64 -9.20 -44.18 25.95
CA GLN I 64 -8.85 -43.46 27.16
C GLN I 64 -8.68 -41.98 26.88
N ASP I 65 -8.79 -41.56 25.63
CA ASP I 65 -8.97 -40.14 25.41
C ASP I 65 -10.41 -39.80 25.79
N PRO I 66 -10.59 -38.90 26.73
CA PRO I 66 -11.96 -38.49 27.07
C PRO I 66 -12.43 -37.34 26.21
N THR I 67 -11.69 -36.98 25.17
CA THR I 67 -12.25 -36.04 24.21
C THR I 67 -12.99 -36.75 23.09
N LEU I 68 -13.01 -38.07 23.10
CA LEU I 68 -13.72 -38.84 22.10
C LEU I 68 -15.07 -39.24 22.66
N PRO I 69 -16.16 -38.83 22.04
CA PRO I 69 -17.47 -39.18 22.57
C PRO I 69 -17.71 -40.68 22.54
N ARG I 70 -18.30 -41.18 23.61
CA ARG I 70 -18.72 -42.56 23.70
C ARG I 70 -20.13 -42.67 23.13
N SER I 71 -20.33 -43.66 22.26
CA SER I 71 -21.58 -43.74 21.50
C SER I 71 -22.33 -45.03 21.80
N ASP I 72 -23.44 -45.23 21.07
CA ASP I 72 -24.44 -46.23 21.39
C ASP I 72 -24.84 -47.08 20.20
N LYS I 73 -23.89 -47.73 19.54
CA LYS I 73 -24.27 -48.73 18.55
C LYS I 73 -24.00 -50.13 19.05
N GLU I 74 -24.47 -51.09 18.26
CA GLU I 74 -24.29 -52.51 18.54
C GLU I 74 -22.89 -52.91 18.09
N CYS I 75 -22.15 -53.56 18.97
CA CYS I 75 -20.84 -54.01 18.57
C CYS I 75 -20.97 -55.21 17.63
N PRO I 76 -20.31 -55.17 16.47
CA PRO I 76 -20.32 -56.35 15.59
C PRO I 76 -19.64 -57.54 16.21
N GLU I 77 -18.77 -57.35 17.20
CA GLU I 77 -17.98 -58.48 17.73
C GLU I 77 -18.53 -58.96 19.07
N CYS I 78 -18.63 -58.07 20.05
CA CYS I 78 -19.10 -58.44 21.37
C CYS I 78 -20.50 -57.94 21.67
N HIS I 79 -21.22 -57.44 20.67
CA HIS I 79 -22.64 -57.10 20.80
C HIS I 79 -22.87 -55.97 21.79
N SER I 80 -21.84 -55.21 22.14
CA SER I 80 -21.96 -54.17 23.14
C SER I 80 -22.74 -52.97 22.59
N ARG I 81 -23.24 -52.16 23.51
CA ARG I 81 -23.82 -50.87 23.18
C ARG I 81 -22.79 -49.76 23.29
N ASP I 82 -21.59 -50.11 23.74
CA ASP I 82 -20.63 -49.13 24.22
C ASP I 82 -19.43 -49.08 23.28
N CYS I 83 -19.27 -47.96 22.61
CA CYS I 83 -18.20 -47.77 21.63
C CYS I 83 -18.09 -46.27 21.36
N VAL I 84 -16.94 -45.86 20.80
CA VAL I 84 -16.70 -44.45 20.53
C VAL I 84 -16.60 -44.27 19.02
N PHE I 85 -16.84 -43.05 18.54
CA PHE I 85 -16.72 -42.84 17.10
C PHE I 85 -16.07 -41.51 16.81
N PHE I 86 -15.64 -41.37 15.55
CA PHE I 86 -14.98 -40.18 15.05
C PHE I 86 -14.85 -40.32 13.55
N GLN I 87 -14.87 -39.19 12.86
CA GLN I 87 -14.83 -39.18 11.41
C GLN I 87 -13.46 -39.63 10.94
N SER I 88 -13.29 -39.74 9.63
CA SER I 88 -11.99 -40.02 9.05
C SER I 88 -11.10 -38.79 9.21
N GLN I 89 -9.93 -39.00 9.82
CA GLN I 89 -8.97 -37.90 10.00
C GLN I 89 -8.25 -37.51 8.71
N GLN I 90 -8.52 -38.20 7.60
CA GLN I 90 -8.19 -37.65 6.30
C GLN I 90 -8.74 -36.24 6.19
N ARG I 91 -7.96 -35.32 5.64
CA ARG I 91 -8.35 -33.93 5.69
C ARG I 91 -8.50 -33.31 4.31
N ARG I 92 -8.60 -34.13 3.27
CA ARG I 92 -9.00 -33.61 1.97
C ARG I 92 -10.40 -33.02 2.07
N LYS I 93 -10.67 -32.02 1.23
CA LYS I 93 -11.96 -31.34 1.27
C LYS I 93 -13.13 -32.31 1.06
N ASP I 94 -12.83 -33.52 0.59
CA ASP I 94 -13.82 -34.58 0.42
C ASP I 94 -13.79 -35.61 1.54
N THR I 95 -13.55 -35.19 2.78
CA THR I 95 -13.44 -36.17 3.86
C THR I 95 -14.69 -37.03 3.94
N ASN I 96 -14.50 -38.31 3.72
CA ASN I 96 -15.59 -39.27 3.80
C ASN I 96 -16.18 -39.22 5.20
N MET I 97 -17.09 -38.28 5.45
CA MET I 97 -17.47 -37.94 6.81
C MET I 97 -18.07 -39.08 7.59
N THR I 98 -18.01 -40.30 7.07
CA THR I 98 -18.64 -41.42 7.70
C THR I 98 -18.07 -41.67 9.10
N LEU I 99 -18.99 -41.94 10.02
CA LEU I 99 -18.67 -42.22 11.41
C LEU I 99 -17.96 -43.54 11.54
N PHE I 100 -16.88 -43.55 12.29
CA PHE I 100 -16.12 -44.76 12.50
C PHE I 100 -16.39 -45.24 13.92
N TYR I 101 -17.41 -46.07 14.08
CA TYR I 101 -17.66 -46.61 15.41
C TYR I 101 -16.49 -47.50 15.75
N VAL I 102 -15.39 -46.86 16.13
CA VAL I 102 -14.25 -47.59 16.65
C VAL I 102 -14.58 -48.05 18.05
N CYS I 103 -14.81 -49.35 18.20
CA CYS I 103 -15.50 -49.88 19.36
C CYS I 103 -14.66 -49.73 20.62
N LEU I 104 -15.22 -50.20 21.73
CA LEU I 104 -14.51 -50.26 22.99
C LEU I 104 -14.23 -51.69 23.43
N ASN I 105 -14.34 -52.66 22.52
CA ASN I 105 -13.82 -54.01 22.74
C ASN I 105 -12.69 -54.35 21.78
N CYS I 106 -13.02 -54.51 20.49
CA CYS I 106 -12.06 -54.83 19.45
C CYS I 106 -11.84 -53.68 18.49
N LYS I 107 -12.74 -52.68 18.51
CA LYS I 107 -12.55 -51.42 17.81
C LYS I 107 -12.71 -51.60 16.30
N LYS I 108 -13.61 -52.50 15.93
CA LYS I 108 -13.90 -52.79 14.52
C LYS I 108 -14.53 -51.57 13.88
N THR I 109 -13.73 -50.87 13.09
CA THR I 109 -14.11 -49.57 12.57
C THR I 109 -15.18 -49.73 11.49
N PHE I 110 -16.45 -49.74 11.88
CA PHE I 110 -17.51 -49.80 10.90
C PHE I 110 -18.14 -48.42 10.79
N ARG I 111 -19.19 -48.32 9.99
CA ARG I 111 -19.56 -47.05 9.38
C ARG I 111 -21.07 -46.90 9.40
N ASP I 112 -21.55 -45.97 8.57
CA ASP I 112 -22.96 -45.64 8.46
C ASP I 112 -23.47 -45.67 7.02
N GLU I 113 -22.69 -46.19 6.07
CA GLU I 113 -23.20 -46.46 4.72
C GLU I 113 -24.24 -47.56 4.76
N MET J 1 -15.07 9.08 51.01
CA MET J 1 -14.99 10.43 51.55
C MET J 1 -16.22 10.60 52.42
N ILE J 2 -16.47 11.80 52.93
CA ILE J 2 -17.34 11.92 54.08
C ILE J 2 -18.76 12.17 53.64
N ILE J 3 -19.70 11.58 54.37
CA ILE J 3 -21.12 11.47 54.00
C ILE J 3 -21.62 12.83 53.54
N PRO J 4 -22.45 12.91 52.55
CA PRO J 4 -22.73 14.22 51.96
C PRO J 4 -23.63 15.09 52.81
N VAL J 5 -24.02 16.22 52.24
CA VAL J 5 -24.86 17.15 52.95
C VAL J 5 -26.29 16.87 52.63
N ARG J 6 -26.65 17.02 51.37
CA ARG J 6 -28.00 16.70 50.96
C ARG J 6 -28.01 15.38 50.23
N CYS J 7 -29.05 14.58 50.41
CA CYS J 7 -29.27 13.53 49.44
C CYS J 7 -29.26 14.13 48.05
N PHE J 8 -28.77 13.35 47.10
CA PHE J 8 -28.57 13.91 45.77
C PHE J 8 -29.86 14.26 45.07
N SER J 9 -30.76 13.28 44.95
CA SER J 9 -31.99 13.46 44.18
C SER J 9 -32.99 14.32 44.93
N CYS J 10 -33.39 13.90 46.12
CA CYS J 10 -34.42 14.65 46.82
C CYS J 10 -33.83 15.92 47.42
N GLY J 11 -33.18 15.80 48.57
CA GLY J 11 -32.75 16.99 49.26
C GLY J 11 -33.16 17.03 50.72
N LYS J 12 -33.21 15.87 51.35
CA LYS J 12 -33.39 15.77 52.79
C LYS J 12 -32.03 15.56 53.44
N VAL J 13 -31.66 16.45 54.36
CA VAL J 13 -30.35 16.38 55.00
C VAL J 13 -30.08 14.97 55.45
N VAL J 14 -28.93 14.43 55.06
CA VAL J 14 -28.55 13.07 55.42
C VAL J 14 -27.32 13.02 56.29
N GLY J 15 -26.47 14.05 56.26
CA GLY J 15 -25.17 13.95 56.91
C GLY J 15 -25.24 13.44 58.33
N ASP J 16 -25.90 14.18 59.21
CA ASP J 16 -26.00 13.79 60.59
C ASP J 16 -26.33 12.32 60.74
N LYS J 17 -27.30 11.83 59.98
CA LYS J 17 -27.81 10.50 60.16
C LYS J 17 -26.77 9.43 59.92
N TRP J 18 -25.51 9.82 59.70
CA TRP J 18 -24.52 8.80 59.46
C TRP J 18 -24.14 8.07 60.74
N ASP J 19 -23.71 8.80 61.76
CA ASP J 19 -23.15 8.18 62.96
C ASP J 19 -24.10 7.15 63.53
N ALA J 20 -25.28 7.59 63.94
CA ALA J 20 -26.27 6.67 64.48
C ALA J 20 -26.33 5.41 63.64
N TYR J 21 -26.34 5.56 62.33
CA TYR J 21 -26.46 4.40 61.47
C TYR J 21 -25.37 3.39 61.75
N LEU J 22 -24.11 3.79 61.73
CA LEU J 22 -23.07 2.84 62.11
C LEU J 22 -23.35 2.22 63.46
N ARG J 23 -23.68 3.06 64.43
CA ARG J 23 -24.04 2.58 65.76
C ARG J 23 -25.13 1.53 65.70
N LEU J 24 -26.13 1.73 64.85
CA LEU J 24 -27.17 0.73 64.73
C LEU J 24 -26.61 -0.59 64.25
N LEU J 25 -25.72 -0.55 63.27
CA LEU J 25 -25.07 -1.77 62.81
C LEU J 25 -24.36 -2.48 63.94
N GLU J 26 -23.99 -1.74 64.97
CA GLU J 26 -23.18 -2.32 66.02
C GLU J 26 -24.01 -3.23 66.90
N GLU J 27 -25.33 -3.23 66.70
CA GLU J 27 -26.20 -4.09 67.49
C GLU J 27 -26.69 -5.30 66.71
N GLY J 28 -26.35 -5.39 65.44
CA GLY J 28 -26.82 -6.46 64.61
C GLY J 28 -28.02 -6.13 63.74
N LYS J 29 -28.32 -4.85 63.54
CA LYS J 29 -29.50 -4.47 62.78
C LYS J 29 -29.42 -4.94 61.34
N GLN J 30 -30.41 -4.50 60.57
CA GLN J 30 -30.40 -4.64 59.13
C GLN J 30 -30.55 -3.27 58.48
N GLU J 31 -29.84 -3.11 57.38
CA GLU J 31 -29.79 -1.85 56.67
C GLU J 31 -31.19 -1.38 56.33
N GLY J 32 -32.06 -2.32 55.95
CA GLY J 32 -33.45 -1.98 55.78
C GLY J 32 -34.06 -1.49 57.08
N ASP J 33 -33.99 -2.32 58.11
CA ASP J 33 -34.55 -1.92 59.39
C ASP J 33 -33.85 -0.69 59.93
N ALA J 34 -32.55 -0.60 59.73
CA ALA J 34 -31.82 0.58 60.19
C ALA J 34 -32.36 1.83 59.52
N LEU J 35 -32.28 1.89 58.20
CA LEU J 35 -32.81 3.02 57.47
C LEU J 35 -34.23 3.35 57.88
N ASP J 36 -35.08 2.34 58.04
CA ASP J 36 -36.45 2.60 58.40
C ASP J 36 -36.51 3.27 59.77
N GLU J 37 -35.67 2.82 60.68
CA GLU J 37 -35.62 3.47 61.97
C GLU J 37 -34.97 4.84 61.83
N LEU J 38 -34.06 5.01 60.88
CA LEU J 38 -33.60 6.37 60.66
C LEU J 38 -34.57 7.18 59.85
N LYS J 39 -35.69 6.59 59.46
CA LYS J 39 -36.77 7.29 58.80
C LYS J 39 -36.29 7.90 57.48
N LEU J 40 -35.87 7.01 56.60
CA LEU J 40 -35.61 7.34 55.20
C LEU J 40 -36.56 6.49 54.37
N LYS J 41 -37.67 7.08 53.98
CA LYS J 41 -38.75 6.34 53.34
C LYS J 41 -38.59 6.19 51.84
N ARG J 42 -38.24 7.25 51.13
CA ARG J 42 -37.95 7.11 49.71
C ARG J 42 -36.68 6.34 49.53
N TYR J 43 -36.37 5.96 48.29
CA TYR J 43 -35.07 5.32 48.15
C TYR J 43 -33.96 6.30 47.81
N CYS J 44 -34.25 7.45 47.20
CA CYS J 44 -33.19 8.38 46.86
C CYS J 44 -32.30 8.63 48.06
N CYS J 45 -32.89 9.08 49.14
CA CYS J 45 -32.14 9.06 50.37
C CYS J 45 -31.62 7.69 50.70
N ARG J 46 -32.35 6.61 50.45
CA ARG J 46 -31.88 5.32 50.94
C ARG J 46 -30.64 4.85 50.23
N ARG J 47 -30.40 5.31 49.01
CA ARG J 47 -29.08 5.06 48.46
C ARG J 47 -28.05 6.06 48.96
N MET J 48 -28.44 7.31 49.19
CA MET J 48 -27.41 8.21 49.68
C MET J 48 -26.84 7.81 51.01
N VAL J 49 -27.30 6.72 51.59
CA VAL J 49 -26.67 6.22 52.79
C VAL J 49 -26.35 4.75 52.65
N LEU J 50 -27.15 4.01 51.89
CA LEU J 50 -26.87 2.60 51.78
C LEU J 50 -25.62 2.37 50.95
N THR J 51 -25.36 3.25 50.00
CA THR J 51 -24.13 3.05 49.27
C THR J 51 -22.95 3.61 50.02
N HIS J 52 -23.10 4.80 50.59
CA HIS J 52 -21.94 5.66 50.77
C HIS J 52 -20.78 4.97 51.44
N VAL J 53 -19.64 5.09 50.82
CA VAL J 53 -18.38 4.62 51.35
C VAL J 53 -17.64 5.83 51.88
N ASP J 54 -17.08 5.65 53.07
CA ASP J 54 -16.45 6.72 53.83
C ASP J 54 -14.95 6.47 53.82
N LEU J 55 -14.23 7.22 52.98
CA LEU J 55 -12.80 7.09 52.87
C LEU J 55 -12.02 7.78 53.96
N ILE J 56 -12.44 8.96 54.36
CA ILE J 56 -11.56 9.90 55.03
C ILE J 56 -10.76 9.25 56.14
N GLU J 57 -11.14 8.05 56.58
CA GLU J 57 -10.34 7.35 57.56
C GLU J 57 -8.93 7.09 57.05
N LYS J 58 -8.84 6.54 55.84
CA LYS J 58 -7.52 6.43 55.27
C LYS J 58 -6.87 7.80 55.17
N PHE J 59 -7.52 8.75 54.47
CA PHE J 59 -6.90 10.05 54.21
C PHE J 59 -6.32 10.67 55.46
N LEU J 60 -6.84 10.33 56.61
CA LEU J 60 -6.13 10.76 57.79
C LEU J 60 -4.94 9.87 58.09
N ARG J 61 -5.11 8.55 58.02
CA ARG J 61 -4.18 7.64 58.69
C ARG J 61 -2.70 7.96 58.48
N TYR J 62 -2.36 8.96 57.68
CA TYR J 62 -0.97 9.38 57.55
C TYR J 62 -0.59 10.28 58.70
N ASN J 63 0.47 9.91 59.41
CA ASN J 63 0.93 10.72 60.51
C ASN J 63 1.19 12.15 60.02
N PRO J 64 1.21 13.15 60.90
CA PRO J 64 0.72 14.48 60.53
C PRO J 64 1.27 14.96 59.21
N LEU J 65 0.40 15.50 58.38
CA LEU J 65 0.89 16.14 57.18
C LEU J 65 1.84 17.27 57.54
N GLU J 66 1.64 17.85 58.72
CA GLU J 66 2.61 18.76 59.30
C GLU J 66 3.51 17.99 60.26
N MET K 1 -17.65 27.28 31.72
CA MET K 1 -17.15 28.65 31.78
C MET K 1 -18.18 29.66 31.32
N ASN K 2 -18.46 29.67 30.02
CA ASN K 2 -19.19 30.77 29.39
C ASN K 2 -20.65 30.79 29.79
N ALA K 3 -21.00 30.19 30.93
CA ALA K 3 -22.35 30.22 31.45
C ALA K 3 -22.70 31.65 31.88
N PRO K 4 -23.89 32.15 31.57
CA PRO K 4 -24.25 33.49 32.03
C PRO K 4 -24.43 33.45 33.54
N ASP K 5 -24.53 34.60 34.19
CA ASP K 5 -24.66 34.59 35.64
C ASP K 5 -25.90 33.79 36.05
N ARG K 6 -25.77 33.02 37.12
CA ARG K 6 -26.87 32.19 37.59
C ARG K 6 -27.99 33.01 38.22
N PHE K 7 -27.85 34.33 38.26
CA PHE K 7 -28.96 35.19 38.64
C PHE K 7 -29.58 35.89 37.43
N GLU K 8 -29.13 35.58 36.22
CA GLU K 8 -29.78 36.09 35.02
C GLU K 8 -31.16 35.48 34.82
N LEU K 9 -31.68 34.71 35.78
CA LEU K 9 -32.97 34.07 35.67
C LEU K 9 -34.10 34.85 36.31
N PHE K 10 -33.81 35.77 37.22
CA PHE K 10 -34.89 36.58 37.78
C PHE K 10 -34.66 38.08 37.69
N ILE K 11 -33.43 38.57 37.79
CA ILE K 11 -33.20 40.01 37.75
C ILE K 11 -33.52 40.51 36.35
N LEU K 12 -34.56 41.31 36.25
CA LEU K 12 -34.88 42.00 35.03
C LEU K 12 -33.68 42.81 34.56
N PRO K 13 -33.48 42.93 33.25
CA PRO K 13 -32.43 43.83 32.76
C PRO K 13 -32.73 45.28 33.09
N ASP K 14 -31.75 46.17 32.92
CA ASP K 14 -31.91 47.55 33.35
C ASP K 14 -33.00 48.27 32.56
N ASP K 15 -32.85 48.34 31.23
CA ASP K 15 -33.81 49.05 30.40
C ASP K 15 -34.73 48.13 29.63
N VAL K 16 -34.60 46.82 29.79
CA VAL K 16 -35.57 45.87 29.26
C VAL K 16 -36.67 45.71 30.30
N PRO K 17 -37.85 46.28 30.09
CA PRO K 17 -38.86 46.28 31.14
C PRO K 17 -39.35 44.88 31.45
N LYS K 18 -40.10 44.78 32.55
CA LYS K 18 -40.56 43.48 33.02
C LYS K 18 -41.38 42.76 31.97
N LEU K 19 -42.03 43.49 31.09
CA LEU K 19 -43.11 42.94 30.28
C LEU K 19 -43.37 43.85 29.11
N LYS K 20 -43.05 43.39 27.90
CA LYS K 20 -43.17 44.21 26.70
C LYS K 20 -44.36 43.72 25.88
N ILE K 21 -45.15 44.65 25.38
CA ILE K 21 -46.37 44.31 24.66
C ILE K 21 -46.20 44.62 23.18
N THR K 22 -46.64 43.71 22.33
CA THR K 22 -46.60 43.93 20.88
C THR K 22 -47.93 43.54 20.24
N PRO K 23 -48.59 44.45 19.52
CA PRO K 23 -49.91 44.14 18.98
C PRO K 23 -49.79 43.21 17.78
N ASP K 24 -50.54 42.12 17.82
CA ASP K 24 -50.50 41.13 16.75
C ASP K 24 -51.24 41.66 15.55
N SER K 25 -50.72 41.38 14.36
CA SER K 25 -51.23 41.99 13.13
C SER K 25 -52.09 41.04 12.32
N ARG K 26 -52.05 39.74 12.62
CA ARG K 26 -52.69 38.77 11.76
C ARG K 26 -54.21 38.83 11.88
N VAL K 27 -54.74 38.47 13.03
CA VAL K 27 -56.20 38.43 13.19
C VAL K 27 -56.63 39.64 14.01
N PRO K 28 -57.90 40.01 14.00
CA PRO K 28 -58.32 41.22 14.70
C PRO K 28 -58.32 41.02 16.20
N ASN K 29 -57.95 42.07 16.93
CA ASN K 29 -58.10 42.10 18.38
C ASN K 29 -57.31 40.97 19.05
N CYS K 30 -56.01 40.96 18.81
CA CYS K 30 -55.14 39.96 19.41
C CYS K 30 -53.75 40.55 19.55
N ILE K 31 -53.04 40.13 20.59
CA ILE K 31 -51.76 40.75 20.93
C ILE K 31 -50.79 39.72 21.49
N ILE K 32 -49.59 40.22 21.79
CA ILE K 32 -48.47 39.42 22.24
C ILE K 32 -47.87 40.10 23.46
N ILE K 33 -47.41 39.30 24.42
CA ILE K 33 -46.67 39.80 25.55
C ILE K 33 -45.39 38.99 25.66
N LYS K 34 -44.27 39.69 25.77
CA LYS K 34 -42.97 39.11 26.04
C LYS K 34 -42.72 39.29 27.53
N PHE K 35 -42.68 38.17 28.25
CA PHE K 35 -42.33 38.20 29.66
C PHE K 35 -40.83 38.20 29.82
N GLU K 36 -40.39 38.44 31.05
CA GLU K 36 -38.98 38.32 31.38
C GLU K 36 -38.76 37.61 32.70
N ARG K 37 -37.76 36.73 32.71
CA ARG K 37 -37.25 36.13 33.94
C ARG K 37 -38.32 35.27 34.60
N GLU K 38 -39.30 34.88 33.80
CA GLU K 38 -40.40 34.11 34.34
C GLU K 38 -40.33 32.72 33.74
N ASP K 39 -41.12 31.82 34.27
CA ASP K 39 -41.10 30.45 33.80
C ASP K 39 -42.54 29.96 33.70
N HIS K 40 -42.67 28.66 33.50
CA HIS K 40 -43.95 28.01 33.56
C HIS K 40 -44.70 28.38 34.82
N THR K 41 -44.00 28.52 35.93
CA THR K 41 -44.63 28.85 37.20
C THR K 41 -45.58 30.02 37.08
N LEU K 42 -45.32 30.93 36.15
CA LEU K 42 -46.27 32.01 36.00
C LEU K 42 -47.13 31.85 34.76
N ALA K 43 -46.51 31.49 33.65
CA ALA K 43 -47.24 31.42 32.39
C ALA K 43 -48.34 30.39 32.45
N ASN K 44 -48.02 29.18 32.88
CA ASN K 44 -49.00 28.11 32.93
C ASN K 44 -50.24 28.55 33.68
N LEU K 45 -50.03 29.31 34.75
CA LEU K 45 -51.13 29.73 35.61
C LEU K 45 -51.96 30.80 34.94
N LEU K 46 -51.32 31.86 34.48
CA LEU K 46 -52.06 32.87 33.74
C LEU K 46 -52.84 32.27 32.59
N ARG K 47 -52.24 31.36 31.82
CA ARG K 47 -52.99 30.74 30.74
C ARG K 47 -54.23 30.06 31.25
N GLU K 48 -54.08 29.04 32.10
CA GLU K 48 -55.27 28.32 32.48
C GLU K 48 -56.36 29.26 32.97
N GLU K 49 -56.00 30.23 33.80
CA GLU K 49 -57.03 31.16 34.21
C GLU K 49 -57.63 31.91 33.02
N LEU K 50 -56.87 32.10 31.97
CA LEU K 50 -57.52 32.66 30.80
C LEU K 50 -58.25 31.62 29.97
N ALA K 51 -58.12 30.33 30.30
CA ALA K 51 -58.74 29.30 29.48
C ALA K 51 -60.12 28.94 29.99
N LEU K 52 -60.56 29.58 31.06
CA LEU K 52 -61.92 29.34 31.53
C LEU K 52 -62.85 30.51 31.24
N TYR K 53 -62.35 31.57 30.73
CA TYR K 53 -63.25 32.70 30.63
C TYR K 53 -64.13 32.64 29.40
N PRO K 54 -65.30 33.19 29.49
CA PRO K 54 -66.19 33.24 28.35
C PRO K 54 -65.62 34.01 27.20
N ASP K 55 -65.29 35.27 27.43
CA ASP K 55 -64.97 36.10 26.28
C ASP K 55 -63.57 35.88 25.77
N VAL K 56 -62.79 34.99 26.37
CA VAL K 56 -61.46 34.69 25.86
C VAL K 56 -61.54 33.68 24.74
N THR K 57 -61.04 34.04 23.57
CA THR K 57 -61.17 33.19 22.40
C THR K 57 -59.95 32.34 22.15
N PHE K 58 -58.76 32.94 22.12
CA PHE K 58 -57.55 32.17 21.92
C PHE K 58 -56.39 32.78 22.67
N VAL K 59 -55.71 31.96 23.46
CA VAL K 59 -54.59 32.45 24.25
C VAL K 59 -53.68 31.28 24.59
N ALA K 60 -52.39 31.51 24.44
CA ALA K 60 -51.41 30.47 24.73
C ALA K 60 -50.02 31.06 24.83
N TYR K 61 -49.11 30.33 25.48
CA TYR K 61 -47.74 30.77 25.62
C TYR K 61 -46.81 29.74 25.00
N LYS K 62 -45.59 30.16 24.70
CA LYS K 62 -44.51 29.23 24.48
C LYS K 62 -43.23 29.77 25.10
N VAL K 63 -42.27 28.87 25.31
CA VAL K 63 -41.04 29.17 26.05
C VAL K 63 -39.88 28.98 25.10
N GLU K 64 -39.46 30.06 24.44
CA GLU K 64 -38.58 29.93 23.28
C GLU K 64 -37.46 28.95 23.54
N HIS K 65 -36.62 29.22 24.53
CA HIS K 65 -35.57 28.26 24.71
C HIS K 65 -35.04 28.29 26.12
N PRO K 66 -34.97 27.14 26.80
CA PRO K 66 -34.73 27.15 28.26
C PRO K 66 -33.43 27.79 28.65
N LEU K 67 -32.48 27.94 27.74
CA LEU K 67 -31.30 28.72 28.05
C LEU K 67 -31.61 30.20 28.11
N PHE K 68 -32.87 30.55 28.23
CA PHE K 68 -33.27 31.95 28.25
C PHE K 68 -34.48 32.08 29.16
N ALA K 69 -34.32 32.88 30.19
CA ALA K 69 -35.39 33.03 31.17
C ALA K 69 -36.47 33.95 30.66
N ASN K 70 -37.25 33.50 29.68
CA ASN K 70 -38.38 34.29 29.21
C ASN K 70 -39.36 33.39 28.50
N PHE K 71 -40.46 33.98 28.10
CA PHE K 71 -41.45 33.30 27.28
C PHE K 71 -42.38 34.36 26.72
N VAL K 72 -43.37 33.90 25.95
CA VAL K 72 -44.24 34.81 25.25
C VAL K 72 -45.64 34.24 25.26
N MET K 73 -46.62 35.14 25.37
CA MET K 73 -48.02 34.79 25.42
C MET K 73 -48.79 35.56 24.37
N ARG K 74 -49.87 34.97 23.88
CA ARG K 74 -50.70 35.56 22.85
C ARG K 74 -52.16 35.47 23.25
N LEU K 75 -52.86 36.59 23.06
CA LEU K 75 -54.13 36.83 23.71
C LEU K 75 -55.12 37.39 22.69
N GLN K 76 -56.33 36.82 22.68
CA GLN K 76 -57.43 37.33 21.85
C GLN K 76 -58.77 36.97 22.47
N THR K 77 -59.51 38.00 22.84
CA THR K 77 -60.89 37.86 23.24
C THR K 77 -61.77 38.36 22.10
N GLU K 78 -63.08 38.37 22.32
CA GLU K 78 -64.00 38.70 21.25
C GLU K 78 -63.96 40.21 21.03
N GLU K 79 -64.92 40.72 20.26
CA GLU K 79 -64.85 42.10 19.78
C GLU K 79 -65.07 43.09 20.91
N GLY K 80 -65.63 42.62 22.04
CA GLY K 80 -65.97 43.55 23.11
C GLY K 80 -64.80 43.97 23.98
N THR K 81 -64.00 43.03 24.45
CA THR K 81 -63.06 43.31 25.54
C THR K 81 -61.66 43.56 25.01
N ARG K 82 -61.11 44.73 25.33
CA ARG K 82 -59.69 44.95 25.10
C ARG K 82 -58.93 43.88 25.87
N PRO K 83 -57.92 43.26 25.28
CA PRO K 83 -57.27 42.11 25.94
C PRO K 83 -56.62 42.42 27.27
N LYS K 84 -56.01 43.60 27.29
CA LYS K 84 -55.52 44.21 28.52
C LYS K 84 -56.48 43.95 29.68
N GLN K 85 -57.71 44.44 29.56
CA GLN K 85 -58.65 44.39 30.67
C GLN K 85 -58.86 42.97 31.15
N ALA K 86 -59.02 42.04 30.21
CA ALA K 86 -59.22 40.65 30.60
C ALA K 86 -58.05 40.17 31.43
N LEU K 87 -56.84 40.52 31.00
CA LEU K 87 -55.68 40.07 31.74
C LEU K 87 -55.73 40.61 33.16
N GLU K 88 -56.13 41.85 33.32
CA GLU K 88 -56.28 42.40 34.66
C GLU K 88 -57.27 41.61 35.46
N ARG K 89 -58.42 41.28 34.88
CA ARG K 89 -59.42 40.57 35.66
C ARG K 89 -58.90 39.22 36.08
N ALA K 90 -58.10 38.58 35.24
CA ALA K 90 -57.51 37.30 35.61
C ALA K 90 -56.56 37.45 36.78
N CYS K 91 -55.73 38.48 36.75
CA CYS K 91 -54.87 38.76 37.88
C CYS K 91 -55.67 38.90 39.16
N ALA K 92 -56.69 39.75 39.12
CA ALA K 92 -57.54 39.92 40.30
C ALA K 92 -58.05 38.58 40.78
N SER K 93 -58.50 37.73 39.86
CA SER K 93 -59.13 36.51 40.31
C SER K 93 -58.13 35.57 40.94
N ILE K 94 -56.95 35.45 40.35
CA ILE K 94 -55.98 34.52 40.91
C ILE K 94 -55.52 35.02 42.26
N ILE K 95 -55.23 36.31 42.36
CA ILE K 95 -54.91 36.89 43.65
C ILE K 95 -55.99 36.55 44.67
N ASN K 96 -57.25 36.72 44.30
CA ASN K 96 -58.32 36.57 45.27
C ASN K 96 -58.44 35.13 45.72
N LYS K 97 -58.39 34.21 44.76
CA LYS K 97 -58.41 32.80 45.11
C LYS K 97 -57.29 32.50 46.09
N LEU K 98 -56.12 33.06 45.85
CA LEU K 98 -54.99 32.71 46.69
C LEU K 98 -55.09 33.34 48.07
N LYS K 99 -55.55 34.58 48.16
CA LYS K 99 -55.82 35.15 49.46
C LYS K 99 -56.75 34.28 50.27
N THR K 100 -57.86 33.87 49.65
CA THR K 100 -58.78 32.98 50.34
C THR K 100 -58.08 31.70 50.77
N LEU K 101 -57.22 31.19 49.91
CA LEU K 101 -56.54 29.94 50.22
C LEU K 101 -55.68 30.08 51.45
N ASP K 102 -54.85 31.11 51.48
CA ASP K 102 -54.08 31.44 52.67
C ASP K 102 -54.94 31.50 53.90
N HIS K 103 -56.00 32.28 53.83
CA HIS K 103 -56.91 32.47 54.95
C HIS K 103 -57.36 31.13 55.51
N LYS K 104 -57.85 30.27 54.62
CA LYS K 104 -58.39 29.01 55.06
C LYS K 104 -57.31 28.10 55.59
N PHE K 105 -56.10 28.16 55.04
CA PHE K 105 -55.08 27.26 55.55
C PHE K 105 -54.63 27.67 56.93
N ASN K 106 -54.46 28.97 57.18
CA ASN K 106 -54.17 29.37 58.54
C ASN K 106 -55.24 28.90 59.50
N GLU K 107 -56.50 29.16 59.17
CA GLU K 107 -57.57 28.78 60.07
C GLU K 107 -57.51 27.28 60.36
N GLU K 108 -57.32 26.48 59.31
CA GLU K 108 -57.25 25.05 59.46
C GLU K 108 -56.06 24.61 60.28
N TRP K 109 -54.90 25.20 60.05
CA TRP K 109 -53.71 24.80 60.77
C TRP K 109 -53.85 25.10 62.25
N ASN K 110 -54.49 26.21 62.59
CA ASN K 110 -54.70 26.50 64.00
C ASN K 110 -55.75 25.58 64.60
N ILE K 111 -56.69 25.09 63.79
CA ILE K 111 -57.64 24.12 64.31
C ILE K 111 -56.94 22.80 64.61
N LYS K 112 -56.12 22.32 63.68
CA LYS K 112 -55.49 21.02 63.89
C LYS K 112 -54.65 20.98 65.16
N ASN K 113 -53.93 22.05 65.46
CA ASN K 113 -53.06 22.05 66.61
C ASN K 113 -53.85 22.01 67.91
N GLY L 28 13.74 33.03 53.44
CA GLY L 28 13.23 33.55 54.68
C GLY L 28 11.81 33.12 55.00
N VAL L 29 10.99 32.91 53.97
CA VAL L 29 9.60 32.58 54.19
C VAL L 29 9.48 31.15 54.69
N LYS L 30 8.66 30.94 55.69
CA LYS L 30 8.73 29.78 56.57
C LYS L 30 8.70 28.50 55.76
N TYR L 31 9.84 27.82 55.68
CA TYR L 31 9.92 26.55 54.99
C TYR L 31 9.70 25.43 55.99
N THR L 32 8.56 24.77 55.90
CA THR L 32 8.26 23.67 56.78
C THR L 32 8.96 22.41 56.28
N CYS L 33 9.57 21.67 57.19
CA CYS L 33 10.08 20.38 56.80
C CYS L 33 8.98 19.33 56.91
N GLY L 34 9.22 18.17 56.29
CA GLY L 34 8.16 17.18 56.19
C GLY L 34 7.72 16.53 57.49
N ALA L 35 8.63 16.31 58.44
CA ALA L 35 8.32 15.56 59.64
C ALA L 35 8.32 16.46 60.87
N CYS L 36 9.37 17.24 61.06
CA CYS L 36 9.58 18.00 62.27
C CYS L 36 8.74 19.26 62.33
N ALA L 37 8.24 19.75 61.20
CA ALA L 37 7.56 21.02 61.10
C ALA L 37 8.40 22.16 61.69
N HIS L 38 9.71 21.97 61.78
CA HIS L 38 10.56 23.03 62.31
C HIS L 38 10.51 24.22 61.38
N ASN L 39 9.74 25.23 61.75
CA ASN L 39 9.39 26.31 60.83
C ASN L 39 10.58 27.21 60.61
N PHE L 40 11.72 26.62 60.21
CA PHE L 40 12.95 27.37 60.06
C PHE L 40 13.00 27.96 58.67
N SER L 41 13.54 29.16 58.57
CA SER L 41 13.68 29.79 57.28
C SER L 41 15.03 29.43 56.67
N LEU L 42 15.15 29.69 55.38
CA LEU L 42 16.43 29.62 54.69
C LEU L 42 16.75 31.00 54.14
N ASN L 43 17.97 31.16 53.65
CA ASN L 43 18.61 32.47 53.54
C ASN L 43 19.20 32.71 52.16
N LYS L 44 18.66 32.05 51.13
CA LYS L 44 19.20 32.03 49.77
C LYS L 44 20.64 31.52 49.70
N SER L 45 21.17 30.94 50.77
CA SER L 45 22.51 30.35 50.68
C SER L 45 22.66 29.02 51.40
N ASP L 46 21.85 28.70 52.39
CA ASP L 46 22.10 27.49 53.17
C ASP L 46 21.86 26.25 52.31
N PRO L 47 22.52 25.14 52.63
CA PRO L 47 22.19 23.88 51.95
C PRO L 47 20.80 23.42 52.36
N VAL L 48 19.96 23.24 51.36
CA VAL L 48 18.53 23.15 51.56
C VAL L 48 18.23 21.79 52.19
N ARG L 49 18.05 21.80 53.50
CA ARG L 49 17.80 20.58 54.26
C ARG L 49 17.15 20.94 55.57
N CYS L 50 16.59 19.94 56.23
CA CYS L 50 15.94 20.14 57.52
C CYS L 50 16.98 20.53 58.55
N LYS L 51 16.61 21.43 59.45
CA LYS L 51 17.48 21.70 60.59
C LYS L 51 17.28 20.68 61.71
N GLU L 52 16.71 19.53 61.41
CA GLU L 52 16.59 18.44 62.37
C GLU L 52 17.32 17.18 61.91
N CYS L 53 17.05 16.71 60.70
CA CYS L 53 17.49 15.40 60.26
C CYS L 53 18.00 15.36 58.83
N GLY L 54 18.64 16.43 58.35
CA GLY L 54 19.12 16.47 56.98
C GLY L 54 18.05 16.27 55.94
N HIS L 55 16.79 16.27 56.35
CA HIS L 55 15.70 15.93 55.45
C HIS L 55 15.54 17.05 54.44
N ARG L 56 16.06 16.85 53.23
CA ARG L 56 16.24 17.93 52.27
C ARG L 56 14.97 18.35 51.57
N VAL L 57 13.82 18.04 52.14
CA VAL L 57 12.53 18.30 51.53
C VAL L 57 11.85 19.40 52.31
N ILE L 58 11.72 20.57 51.72
CA ILE L 58 11.03 21.66 52.37
C ILE L 58 9.82 22.05 51.55
N TYR L 59 8.82 22.57 52.24
CA TYR L 59 7.64 23.08 51.57
C TYR L 59 7.53 24.55 51.93
N LYS L 60 7.08 25.35 50.99
CA LYS L 60 6.71 26.67 51.42
C LYS L 60 5.48 26.60 52.28
N ALA L 61 5.58 27.12 53.50
CA ALA L 61 4.40 27.27 54.31
C ALA L 61 3.54 28.35 53.69
N ARG L 62 2.36 28.54 54.26
CA ARG L 62 1.24 29.14 53.55
C ARG L 62 1.32 30.65 53.53
N THR L 63 0.63 31.27 52.58
CA THR L 63 0.58 32.72 52.52
C THR L 63 0.02 33.29 53.81
N LYS L 64 0.25 34.58 54.04
CA LYS L 64 -0.39 35.32 55.12
C LYS L 64 -1.79 35.74 54.78
N ARG L 65 -2.16 35.65 53.52
CA ARG L 65 -3.36 36.30 53.05
C ARG L 65 -4.61 35.63 53.59
N MET L 66 -5.74 36.14 53.13
CA MET L 66 -7.07 35.61 53.38
C MET L 66 -7.72 35.31 52.03
N ILE L 67 -8.17 34.07 51.85
CA ILE L 67 -8.73 33.68 50.56
C ILE L 67 -10.24 33.53 50.67
N GLN L 68 -10.92 33.67 49.54
CA GLN L 68 -12.37 33.61 49.50
C GLN L 68 -12.84 32.46 48.62
N PHE L 69 -14.15 32.27 48.55
CA PHE L 69 -14.73 31.28 47.66
C PHE L 69 -16.19 31.64 47.41
N ASP L 70 -16.93 30.66 46.92
CA ASP L 70 -18.36 30.81 46.68
C ASP L 70 -19.16 29.63 47.19
N ALA L 71 -18.52 28.68 47.85
CA ALA L 71 -19.19 27.51 48.39
C ALA L 71 -19.94 26.71 47.35
N ARG L 72 -19.87 27.10 46.09
CA ARG L 72 -20.59 26.41 45.03
C ARG L 72 -19.63 25.43 44.38
N PRO P 42 63.12 -89.95 -67.48
CA PRO P 42 63.04 -90.35 -66.08
C PRO P 42 61.95 -89.60 -65.31
N HIS P 43 62.30 -89.06 -64.15
CA HIS P 43 61.36 -88.38 -63.27
C HIS P 43 61.49 -86.87 -63.30
N ARG P 44 61.67 -86.29 -64.50
CA ARG P 44 61.92 -84.88 -64.81
C ARG P 44 61.11 -83.88 -63.99
N TYR P 45 59.83 -84.18 -63.76
CA TYR P 45 58.94 -83.38 -62.90
C TYR P 45 58.72 -81.96 -63.37
N ARG P 46 57.77 -81.78 -64.30
CA ARG P 46 57.09 -80.50 -64.49
C ARG P 46 56.86 -79.80 -63.15
N PRO P 47 57.18 -78.52 -63.07
CA PRO P 47 57.73 -77.96 -61.81
C PRO P 47 56.69 -77.76 -60.73
N GLY P 48 57.15 -77.29 -59.58
CA GLY P 48 56.29 -76.88 -58.49
C GLY P 48 56.78 -77.31 -57.12
N THR P 49 57.35 -78.52 -57.04
CA THR P 49 57.78 -79.04 -55.75
C THR P 49 59.18 -78.55 -55.40
N VAL P 50 59.97 -78.23 -56.42
CA VAL P 50 61.35 -77.82 -56.23
C VAL P 50 61.44 -76.52 -55.46
N ALA P 51 60.81 -75.47 -55.99
CA ALA P 51 60.88 -74.13 -55.43
C ALA P 51 60.27 -74.08 -54.03
N LEU P 52 59.06 -74.63 -53.90
CA LEU P 52 58.33 -74.53 -52.65
C LEU P 52 58.96 -75.43 -51.59
N ARG P 53 59.53 -76.55 -52.02
CA ARG P 53 60.25 -77.43 -51.12
C ARG P 53 61.50 -76.75 -50.58
N GLU P 54 62.21 -76.04 -51.44
CA GLU P 54 63.39 -75.33 -50.95
C GLU P 54 63.02 -74.13 -50.11
N ILE P 55 61.84 -73.55 -50.34
CA ILE P 55 61.32 -72.54 -49.42
C ILE P 55 61.07 -73.16 -48.04
N ARG P 56 60.50 -74.38 -48.03
CA ARG P 56 60.30 -75.09 -46.77
C ARG P 56 61.61 -75.39 -46.08
N ARG P 57 62.62 -75.74 -46.85
CA ARG P 57 63.93 -76.01 -46.26
C ARG P 57 64.56 -74.74 -45.71
N TYR P 58 64.53 -73.65 -46.46
CA TYR P 58 65.17 -72.42 -46.03
C TYR P 58 64.37 -71.69 -44.96
N GLN P 59 63.13 -72.09 -44.72
CA GLN P 59 62.42 -71.57 -43.57
C GLN P 59 62.44 -72.53 -42.40
N LYS P 60 62.82 -73.79 -42.62
CA LYS P 60 63.25 -74.62 -41.51
C LYS P 60 64.63 -74.19 -41.03
N SER P 61 65.37 -73.48 -41.87
CA SER P 61 66.76 -73.19 -41.66
C SER P 61 66.96 -72.18 -40.55
N THR P 62 68.21 -72.02 -40.15
CA THR P 62 68.61 -71.02 -39.16
C THR P 62 69.59 -70.01 -39.73
N GLU P 63 70.67 -70.51 -40.32
CA GLU P 63 71.87 -69.70 -40.54
C GLU P 63 71.82 -68.88 -41.82
N LEU P 64 73.00 -68.38 -42.22
CA LEU P 64 73.09 -67.42 -43.31
C LEU P 64 72.88 -68.08 -44.67
N LEU P 65 72.98 -67.28 -45.73
CA LEU P 65 72.99 -67.82 -47.08
C LEU P 65 74.15 -67.30 -47.90
N ILE P 66 74.50 -66.03 -47.78
CA ILE P 66 75.63 -65.51 -48.51
C ILE P 66 76.90 -65.97 -47.81
N ARG P 67 77.81 -66.56 -48.57
CA ARG P 67 79.00 -67.07 -47.93
C ARG P 67 80.07 -65.99 -47.82
N LYS P 68 81.05 -66.27 -46.96
CA LYS P 68 81.68 -65.24 -46.14
C LYS P 68 82.61 -64.34 -46.92
N LEU P 69 83.66 -64.91 -47.47
CA LEU P 69 84.77 -64.24 -48.15
C LEU P 69 84.40 -63.22 -49.22
N PRO P 70 83.51 -63.50 -50.19
CA PRO P 70 83.27 -62.48 -51.22
C PRO P 70 82.54 -61.29 -50.67
N PHE P 71 81.62 -61.53 -49.72
CA PHE P 71 80.95 -60.46 -49.02
C PHE P 71 81.94 -59.62 -48.24
N GLN P 72 82.90 -60.26 -47.58
CA GLN P 72 83.92 -59.53 -46.84
C GLN P 72 84.77 -58.65 -47.76
N ARG P 73 85.15 -59.19 -48.92
CA ARG P 73 85.97 -58.42 -49.85
C ARG P 73 85.21 -57.25 -50.44
N LEU P 74 83.91 -57.43 -50.68
CA LEU P 74 83.08 -56.31 -51.13
C LEU P 74 82.98 -55.23 -50.06
N VAL P 75 82.84 -55.66 -48.81
CA VAL P 75 82.82 -54.72 -47.69
C VAL P 75 84.10 -53.91 -47.65
N ARG P 76 85.25 -54.58 -47.81
CA ARG P 76 86.51 -53.86 -47.76
C ARG P 76 86.70 -52.96 -48.97
N GLU P 77 86.09 -53.30 -50.11
CA GLU P 77 86.21 -52.42 -51.27
C GLU P 77 85.38 -51.15 -51.07
N ILE P 78 84.17 -51.28 -50.52
CA ILE P 78 83.41 -50.10 -50.14
C ILE P 78 84.13 -49.34 -49.03
N ALA P 79 84.79 -50.06 -48.14
CA ALA P 79 85.50 -49.46 -47.03
C ALA P 79 86.74 -48.70 -47.48
N GLN P 80 87.26 -49.03 -48.66
CA GLN P 80 88.51 -48.44 -49.09
C GLN P 80 88.27 -47.09 -49.79
N ASP P 81 87.14 -46.45 -49.51
CA ASP P 81 86.71 -45.30 -50.27
C ASP P 81 86.67 -44.00 -49.47
N PHE P 82 86.48 -44.07 -48.16
CA PHE P 82 86.33 -42.86 -47.37
C PHE P 82 87.49 -42.62 -46.42
N LYS P 83 87.96 -43.65 -45.74
CA LYS P 83 89.24 -43.61 -45.06
C LYS P 83 89.98 -44.87 -45.44
N THR P 84 91.22 -44.72 -45.85
CA THR P 84 92.01 -45.87 -46.28
C THR P 84 92.40 -46.69 -45.09
N ASP P 85 92.70 -47.97 -45.35
CA ASP P 85 93.54 -48.82 -44.52
C ASP P 85 92.93 -49.03 -43.12
N LEU P 86 91.76 -49.65 -43.12
CA LEU P 86 91.04 -49.82 -41.88
C LEU P 86 90.92 -51.29 -41.52
N ARG P 87 91.04 -51.58 -40.24
CA ARG P 87 91.03 -52.97 -39.78
C ARG P 87 89.74 -53.25 -39.03
N PHE P 88 89.41 -54.53 -38.94
CA PHE P 88 88.06 -54.96 -38.59
C PHE P 88 88.11 -56.21 -37.72
N GLN P 89 87.16 -56.31 -36.81
CA GLN P 89 86.94 -57.57 -36.11
C GLN P 89 85.78 -58.31 -36.76
N SER P 90 85.76 -59.62 -36.58
CA SER P 90 84.90 -60.46 -37.41
C SER P 90 83.44 -60.32 -37.05
N ALA P 91 83.15 -59.99 -35.79
CA ALA P 91 81.78 -59.91 -35.33
C ALA P 91 81.04 -58.74 -35.97
N ALA P 92 81.77 -57.66 -36.25
CA ALA P 92 81.20 -56.55 -37.00
C ALA P 92 80.73 -56.98 -38.37
N ILE P 93 81.57 -57.77 -39.05
CA ILE P 93 81.26 -58.24 -40.38
C ILE P 93 80.08 -59.19 -40.35
N GLY P 94 80.01 -60.03 -39.32
CA GLY P 94 78.87 -60.93 -39.18
C GLY P 94 77.57 -60.20 -38.93
N ALA P 95 77.63 -59.13 -38.14
CA ALA P 95 76.45 -58.29 -37.94
C ALA P 95 76.02 -57.63 -39.23
N LEU P 96 77.01 -57.17 -40.01
CA LEU P 96 76.72 -56.55 -41.31
C LEU P 96 76.05 -57.54 -42.24
N GLN P 97 76.51 -58.78 -42.24
CA GLN P 97 75.93 -59.81 -43.08
C GLN P 97 74.52 -60.16 -42.63
N GLU P 98 74.32 -60.23 -41.31
CA GLU P 98 73.01 -60.50 -40.72
C GLU P 98 71.99 -59.45 -41.12
N ALA P 99 72.31 -58.18 -40.89
CA ALA P 99 71.37 -57.11 -41.16
C ALA P 99 71.18 -56.91 -42.65
N SER P 100 72.21 -57.22 -43.43
CA SER P 100 72.08 -57.16 -44.88
C SER P 100 71.05 -58.16 -45.38
N GLU P 101 71.18 -59.42 -44.93
CA GLU P 101 70.25 -60.44 -45.38
C GLU P 101 68.85 -60.18 -44.86
N ALA P 102 68.73 -59.60 -43.66
CA ALA P 102 67.41 -59.25 -43.15
C ALA P 102 66.76 -58.14 -43.99
N TYR P 103 67.56 -57.14 -44.37
CA TYR P 103 67.10 -56.02 -45.18
C TYR P 103 66.58 -56.52 -46.52
N LEU P 104 67.31 -57.45 -47.11
CA LEU P 104 66.90 -57.95 -48.40
C LEU P 104 65.72 -58.90 -48.28
N VAL P 105 65.61 -59.62 -47.16
CA VAL P 105 64.47 -60.49 -46.92
C VAL P 105 63.19 -59.67 -46.83
N GLY P 106 63.25 -58.53 -46.15
CA GLY P 106 62.08 -57.67 -46.07
C GLY P 106 61.71 -57.06 -47.41
N LEU P 107 62.72 -56.67 -48.19
CA LEU P 107 62.49 -56.23 -49.56
C LEU P 107 61.78 -57.30 -50.37
N PHE P 108 62.25 -58.54 -50.27
CA PHE P 108 61.64 -59.64 -51.00
C PHE P 108 60.22 -59.92 -50.54
N GLU P 109 59.93 -59.78 -49.24
CA GLU P 109 58.58 -60.04 -48.76
C GLU P 109 57.58 -59.04 -49.34
N ASP P 110 57.90 -57.76 -49.23
CA ASP P 110 56.96 -56.77 -49.76
C ASP P 110 56.92 -56.82 -51.29
N THR P 111 58.04 -57.20 -51.92
CA THR P 111 58.05 -57.37 -53.35
C THR P 111 57.15 -58.52 -53.77
N ASN P 112 57.16 -59.59 -52.98
CA ASN P 112 56.31 -60.75 -53.20
C ASN P 112 54.85 -60.37 -53.08
N LEU P 113 54.51 -59.56 -52.09
CA LEU P 113 53.11 -59.15 -51.97
C LEU P 113 52.70 -58.20 -53.09
N CYS P 114 53.66 -57.39 -53.58
CA CYS P 114 53.38 -56.57 -54.76
C CYS P 114 53.10 -57.42 -55.98
N ALA P 115 53.84 -58.52 -56.11
CA ALA P 115 53.63 -59.39 -57.25
C ALA P 115 52.30 -60.12 -57.15
N ILE P 116 51.92 -60.52 -55.93
CA ILE P 116 50.65 -61.19 -55.72
C ILE P 116 49.51 -60.24 -56.02
N HIS P 117 49.66 -58.97 -55.68
CA HIS P 117 48.66 -58.00 -56.07
C HIS P 117 48.71 -57.72 -57.57
N ALA P 118 49.84 -57.97 -58.20
CA ALA P 118 49.93 -57.81 -59.65
C ALA P 118 49.32 -58.96 -60.43
N LYS P 119 48.67 -59.91 -59.74
CA LYS P 119 48.10 -61.14 -60.30
C LYS P 119 49.14 -61.95 -61.07
N ARG P 120 50.38 -61.90 -60.60
CA ARG P 120 51.47 -62.60 -61.24
C ARG P 120 52.28 -63.29 -60.16
N VAL P 121 53.13 -64.22 -60.58
CA VAL P 121 54.13 -64.77 -59.70
C VAL P 121 55.53 -64.33 -60.12
N THR P 122 55.72 -63.96 -61.37
CA THR P 122 56.98 -63.40 -61.82
C THR P 122 57.19 -62.03 -61.21
N ILE P 123 58.36 -61.83 -60.61
CA ILE P 123 58.69 -60.53 -60.07
C ILE P 123 59.10 -59.58 -61.18
N MET P 124 59.17 -58.30 -60.85
CA MET P 124 59.61 -57.25 -61.77
C MET P 124 60.50 -56.30 -61.01
N PRO P 125 61.34 -55.53 -61.70
CA PRO P 125 62.17 -54.56 -60.99
C PRO P 125 61.38 -53.41 -60.41
N LYS P 126 60.35 -52.93 -61.10
CA LYS P 126 59.63 -51.78 -60.60
C LYS P 126 58.78 -52.12 -59.40
N ASP P 127 58.55 -53.41 -59.17
CA ASP P 127 58.08 -53.89 -57.87
C ASP P 127 59.00 -53.44 -56.74
N ILE P 128 60.29 -53.73 -56.87
CA ILE P 128 61.26 -53.32 -55.86
C ILE P 128 61.33 -51.82 -55.78
N GLN P 129 61.20 -51.14 -56.92
CA GLN P 129 61.23 -49.68 -56.90
C GLN P 129 60.02 -49.10 -56.18
N LEU P 130 58.86 -49.72 -56.34
CA LEU P 130 57.67 -49.28 -55.62
C LEU P 130 57.80 -49.57 -54.14
N ALA P 131 58.40 -50.70 -53.79
CA ALA P 131 58.57 -51.07 -52.39
C ALA P 131 59.48 -50.09 -51.67
N ARG P 132 60.61 -49.78 -52.29
CA ARG P 132 61.48 -48.78 -51.72
C ARG P 132 60.92 -47.36 -51.82
N ARG P 133 59.99 -47.11 -52.74
CA ARG P 133 59.29 -45.83 -52.76
C ARG P 133 58.43 -45.68 -51.53
N ILE P 134 57.73 -46.75 -51.17
CA ILE P 134 56.85 -46.66 -50.01
C ILE P 134 57.66 -46.70 -48.73
N ARG P 135 58.81 -47.36 -48.72
CA ARG P 135 59.60 -47.39 -47.50
C ARG P 135 60.32 -46.09 -47.21
N GLY P 136 60.28 -45.11 -48.11
CA GLY P 136 60.96 -43.85 -47.86
C GLY P 136 62.46 -43.94 -47.88
N GLU P 137 63.03 -44.97 -48.49
CA GLU P 137 64.46 -45.18 -48.56
C GLU P 137 64.88 -45.04 -50.02
N ARG P 138 65.11 -43.81 -50.44
CA ARG P 138 65.11 -43.46 -51.85
C ARG P 138 66.44 -43.77 -52.53
N ARG Q 27 88.01 -54.59 -56.36
CA ARG Q 27 87.40 -54.49 -57.68
C ARG Q 27 86.51 -55.70 -57.96
N ASP Q 28 85.32 -55.42 -58.51
CA ASP Q 28 84.45 -56.40 -59.15
C ASP Q 28 83.87 -57.42 -58.16
N ASN Q 29 84.05 -57.17 -56.86
CA ASN Q 29 83.38 -58.00 -55.86
C ASN Q 29 81.91 -57.69 -55.77
N ILE Q 30 81.48 -56.56 -56.32
CA ILE Q 30 80.07 -56.33 -56.58
C ILE Q 30 79.52 -57.41 -57.49
N GLN Q 31 80.31 -57.87 -58.45
CA GLN Q 31 79.98 -59.02 -59.26
C GLN Q 31 80.29 -60.33 -58.56
N GLY Q 32 80.84 -60.28 -57.35
CA GLY Q 32 80.96 -61.48 -56.54
C GLY Q 32 79.63 -61.96 -56.00
N ILE Q 33 78.60 -61.13 -56.09
CA ILE Q 33 77.24 -61.54 -55.76
C ILE Q 33 76.81 -62.58 -56.79
N THR Q 34 76.42 -63.77 -56.31
CA THR Q 34 76.04 -64.83 -57.22
C THR Q 34 74.53 -64.93 -57.36
N LYS Q 35 74.11 -65.27 -58.56
CA LYS Q 35 72.70 -65.58 -58.80
C LYS Q 35 72.11 -66.67 -57.89
N PRO Q 36 72.77 -67.80 -57.59
CA PRO Q 36 72.16 -68.74 -56.64
C PRO Q 36 72.03 -68.21 -55.23
N ALA Q 37 72.87 -67.26 -54.83
CA ALA Q 37 72.67 -66.64 -53.53
C ALA Q 37 71.40 -65.80 -53.51
N ILE Q 38 71.17 -65.08 -54.61
CA ILE Q 38 69.95 -64.30 -54.76
C ILE Q 38 68.75 -65.22 -54.78
N ARG Q 39 68.90 -66.38 -55.42
CA ARG Q 39 67.88 -67.41 -55.38
C ARG Q 39 67.56 -67.85 -53.96
N ARG Q 40 68.61 -68.16 -53.18
CA ARG Q 40 68.41 -68.63 -51.80
C ARG Q 40 67.74 -67.56 -50.96
N LEU Q 41 68.12 -66.31 -51.16
CA LEU Q 41 67.47 -65.21 -50.47
C LEU Q 41 66.03 -65.03 -50.88
N ALA Q 42 65.71 -65.31 -52.14
CA ALA Q 42 64.34 -65.25 -52.57
C ALA Q 42 63.52 -66.37 -51.95
N ARG Q 43 64.15 -67.54 -51.76
CA ARG Q 43 63.37 -68.67 -51.25
C ARG Q 43 63.09 -68.51 -49.77
N ARG Q 44 64.09 -68.11 -48.98
CA ARG Q 44 63.79 -67.78 -47.59
C ARG Q 44 62.91 -66.54 -47.52
N GLY Q 45 63.10 -65.62 -48.47
CA GLY Q 45 62.16 -64.54 -48.67
C GLY Q 45 60.82 -64.98 -49.19
N GLY Q 46 60.71 -66.23 -49.66
CA GLY Q 46 59.43 -66.79 -50.00
C GLY Q 46 59.05 -66.52 -51.43
N VAL Q 47 59.95 -65.94 -52.18
CA VAL Q 47 59.67 -65.59 -53.56
C VAL Q 47 59.73 -66.85 -54.40
N LYS Q 48 58.69 -67.08 -55.20
CA LYS Q 48 58.67 -68.24 -56.06
C LYS Q 48 59.38 -68.00 -57.39
N ARG Q 49 58.90 -67.08 -58.18
CA ARG Q 49 59.31 -66.93 -59.57
C ARG Q 49 60.25 -65.74 -59.71
N ILE Q 50 61.38 -65.96 -60.39
CA ILE Q 50 62.46 -65.00 -60.44
C ILE Q 50 62.62 -64.50 -61.87
N SER Q 51 62.56 -63.20 -62.07
CA SER Q 51 62.84 -62.64 -63.38
C SER Q 51 64.34 -62.44 -63.55
N GLY Q 52 64.76 -62.18 -64.78
CA GLY Q 52 66.17 -62.09 -65.07
C GLY Q 52 66.74 -60.69 -64.93
N LEU Q 53 65.88 -59.70 -64.94
CA LEU Q 53 66.34 -58.32 -64.85
C LEU Q 53 66.43 -57.83 -63.41
N ILE Q 54 66.74 -58.73 -62.48
CA ILE Q 54 66.59 -58.39 -61.08
C ILE Q 54 67.94 -58.24 -60.41
N TYR Q 55 68.94 -58.97 -60.90
CA TYR Q 55 70.12 -59.26 -60.12
C TYR Q 55 71.01 -58.04 -59.92
N GLU Q 56 71.22 -57.27 -60.99
CA GLU Q 56 72.09 -56.12 -60.85
C GLU Q 56 71.39 -54.98 -60.14
N GLU Q 57 70.07 -54.90 -60.29
CA GLU Q 57 69.30 -53.96 -59.49
C GLU Q 57 69.44 -54.26 -58.01
N THR Q 58 69.37 -55.55 -57.67
CA THR Q 58 69.59 -56.03 -56.32
C THR Q 58 70.98 -55.65 -55.81
N ARG Q 59 71.99 -55.84 -56.68
CA ARG Q 59 73.35 -55.47 -56.34
C ARG Q 59 73.48 -53.98 -56.05
N GLY Q 60 72.82 -53.15 -56.85
CA GLY Q 60 72.90 -51.71 -56.65
C GLY Q 60 72.24 -51.26 -55.36
N VAL Q 61 71.10 -51.85 -55.02
CA VAL Q 61 70.42 -51.48 -53.79
C VAL Q 61 71.23 -51.92 -52.57
N LEU Q 62 71.73 -53.15 -52.61
CA LEU Q 62 72.61 -53.66 -51.56
C LEU Q 62 73.84 -52.79 -51.38
N LYS Q 63 74.38 -52.32 -52.49
CA LYS Q 63 75.58 -51.49 -52.46
C LYS Q 63 75.32 -50.15 -51.79
N VAL Q 64 74.21 -49.48 -52.14
CA VAL Q 64 73.89 -48.17 -51.56
C VAL Q 64 73.60 -48.28 -50.07
N PHE Q 65 72.87 -49.32 -49.70
CA PHE Q 65 72.67 -49.70 -48.29
C PHE Q 65 74.00 -49.74 -47.54
N LEU Q 66 74.91 -50.60 -48.02
CA LEU Q 66 76.17 -50.78 -47.32
C LEU Q 66 77.05 -49.54 -47.37
N GLU Q 67 76.87 -48.71 -48.41
CA GLU Q 67 77.55 -47.42 -48.47
C GLU Q 67 77.23 -46.55 -47.27
N ASN Q 68 75.93 -46.32 -47.05
CA ASN Q 68 75.52 -45.46 -45.94
C ASN Q 68 75.92 -46.06 -44.60
N VAL Q 69 75.81 -47.39 -44.50
CA VAL Q 69 76.16 -48.09 -43.26
C VAL Q 69 77.63 -47.89 -42.91
N ILE Q 70 78.52 -48.24 -43.83
CA ILE Q 70 79.93 -48.22 -43.49
C ILE Q 70 80.46 -46.81 -43.42
N ARG Q 71 79.86 -45.86 -44.15
CA ARG Q 71 80.20 -44.44 -43.96
C ARG Q 71 79.98 -44.02 -42.53
N ASP Q 72 78.80 -44.34 -41.99
CA ASP Q 72 78.51 -43.92 -40.63
C ASP Q 72 79.37 -44.65 -39.60
N ALA Q 73 79.64 -45.93 -39.86
CA ALA Q 73 80.45 -46.71 -38.91
C ALA Q 73 81.88 -46.21 -38.88
N VAL Q 74 82.44 -45.90 -40.05
CA VAL Q 74 83.77 -45.37 -40.12
C VAL Q 74 83.82 -43.97 -39.52
N THR Q 75 82.74 -43.20 -39.60
CA THR Q 75 82.75 -41.88 -38.97
C THR Q 75 82.76 -41.99 -37.45
N TYR Q 76 81.94 -42.89 -36.91
CA TYR Q 76 82.04 -43.26 -35.50
C TYR Q 76 83.44 -43.72 -35.10
N THR Q 77 84.15 -44.37 -36.02
CA THR Q 77 85.48 -44.80 -35.63
C THR Q 77 86.50 -43.67 -35.83
N GLU Q 78 86.18 -42.71 -36.71
CA GLU Q 78 87.00 -41.52 -36.88
C GLU Q 78 87.10 -40.74 -35.59
N HIS Q 79 85.96 -40.52 -34.95
CA HIS Q 79 86.05 -39.88 -33.64
C HIS Q 79 86.60 -40.80 -32.57
N ALA Q 80 86.62 -42.12 -32.81
CA ALA Q 80 87.16 -43.04 -31.82
C ALA Q 80 88.67 -42.96 -31.70
N LYS Q 81 89.36 -42.38 -32.71
CA LYS Q 81 90.83 -42.28 -32.75
C LYS Q 81 91.50 -43.63 -32.62
N ARG Q 82 90.87 -44.65 -33.19
CA ARG Q 82 91.43 -45.98 -33.26
C ARG Q 82 91.21 -46.46 -34.68
N LYS Q 83 92.25 -46.99 -35.30
CA LYS Q 83 92.20 -47.32 -36.72
C LYS Q 83 91.45 -48.61 -37.00
N THR Q 84 90.82 -49.20 -35.99
CA THR Q 84 90.06 -50.45 -36.14
C THR Q 84 88.63 -50.22 -35.70
N VAL Q 85 87.69 -50.67 -36.52
CA VAL Q 85 86.26 -50.52 -36.25
C VAL Q 85 85.78 -51.77 -35.52
N THR Q 86 84.97 -51.59 -34.48
CA THR Q 86 84.48 -52.72 -33.71
C THR Q 86 83.06 -53.06 -34.12
N ALA Q 87 82.61 -54.19 -33.60
CA ALA Q 87 81.22 -54.58 -33.74
C ALA Q 87 80.30 -53.59 -33.06
N MET Q 88 80.75 -53.04 -31.93
CA MET Q 88 79.96 -52.08 -31.18
C MET Q 88 79.70 -50.83 -32.00
N ASP Q 89 80.70 -50.43 -32.78
CA ASP Q 89 80.60 -49.26 -33.65
C ASP Q 89 79.48 -49.44 -34.67
N VAL Q 90 79.47 -50.58 -35.32
CA VAL Q 90 78.48 -50.86 -36.35
C VAL Q 90 77.10 -50.97 -35.72
N VAL Q 91 77.04 -51.51 -34.50
CA VAL Q 91 75.80 -51.56 -33.74
C VAL Q 91 75.25 -50.17 -33.50
N TYR Q 92 76.10 -49.26 -33.06
CA TYR Q 92 75.65 -47.92 -32.71
C TYR Q 92 75.21 -47.17 -33.96
N ALA Q 93 75.96 -47.38 -35.05
CA ALA Q 93 75.65 -46.72 -36.31
C ALA Q 93 74.34 -47.22 -36.89
N LEU Q 94 74.07 -48.50 -36.76
CA LEU Q 94 72.81 -48.97 -37.32
C LEU Q 94 71.65 -48.62 -36.41
N LYS Q 95 71.92 -48.41 -35.13
CA LYS Q 95 70.88 -47.85 -34.28
C LYS Q 95 70.56 -46.42 -34.70
N ARG Q 96 71.58 -45.68 -35.14
CA ARG Q 96 71.38 -44.34 -35.67
C ARG Q 96 70.50 -44.32 -36.91
N GLN Q 97 70.56 -45.37 -37.72
CA GLN Q 97 69.67 -45.43 -38.89
C GLN Q 97 68.29 -45.91 -38.51
N GLY Q 98 68.13 -46.56 -37.37
CA GLY Q 98 66.81 -46.98 -36.95
C GLY Q 98 66.45 -48.34 -37.51
N ARG Q 99 67.46 -49.02 -38.03
CA ARG Q 99 67.35 -50.38 -38.56
C ARG Q 99 67.91 -51.34 -37.53
N THR Q 100 67.59 -51.05 -36.27
CA THR Q 100 68.42 -51.43 -35.14
C THR Q 100 68.39 -52.92 -34.90
N LEU Q 101 69.58 -53.48 -34.75
CA LEU Q 101 69.80 -54.91 -34.68
C LEU Q 101 70.37 -55.27 -33.32
N TYR Q 102 69.86 -56.32 -32.71
CA TYR Q 102 70.38 -56.79 -31.43
C TYR Q 102 71.48 -57.81 -31.67
N GLY Q 103 71.81 -58.56 -30.65
CA GLY Q 103 72.58 -59.78 -30.79
C GLY Q 103 74.01 -59.71 -30.35
N PHE Q 104 74.69 -58.61 -30.66
CA PHE Q 104 76.11 -58.53 -30.38
C PHE Q 104 76.42 -57.51 -29.30
N GLY Q 105 75.40 -56.97 -28.63
CA GLY Q 105 75.61 -56.02 -27.57
C GLY Q 105 75.86 -54.61 -28.07
N GLY Q 106 75.34 -53.62 -27.37
CA GLY Q 106 75.57 -52.23 -27.74
C GLY Q 106 74.54 -51.22 -27.31
N THR R 20 79.63 -9.43 -26.52
CA THR R 20 79.11 -10.77 -26.75
C THR R 20 80.07 -11.58 -27.58
N ARG R 21 80.24 -12.84 -27.18
CA ARG R 21 81.13 -13.77 -27.85
C ARG R 21 80.75 -14.01 -29.31
N SER R 22 79.48 -13.86 -29.65
CA SER R 22 79.02 -14.02 -31.03
C SER R 22 79.62 -12.95 -31.93
N SER R 23 79.53 -11.69 -31.49
CA SER R 23 80.26 -10.63 -32.15
C SER R 23 81.76 -10.85 -32.09
N ARG R 24 82.27 -11.39 -30.99
CA ARG R 24 83.68 -11.71 -30.92
C ARG R 24 84.02 -12.94 -31.76
N ALA R 25 83.04 -13.76 -32.11
CA ALA R 25 83.20 -14.73 -33.17
C ALA R 25 82.76 -14.21 -34.53
N GLY R 26 82.19 -13.01 -34.58
CA GLY R 26 81.75 -12.42 -35.83
C GLY R 26 80.57 -13.14 -36.44
N LEU R 27 79.66 -13.62 -35.60
CA LEU R 27 78.55 -14.43 -36.09
C LEU R 27 77.24 -13.82 -35.63
N GLN R 28 76.14 -14.57 -35.75
CA GLN R 28 74.84 -14.01 -35.40
C GLN R 28 74.06 -14.80 -34.37
N PHE R 29 74.58 -15.92 -33.87
CA PHE R 29 73.71 -16.54 -32.89
C PHE R 29 74.28 -16.39 -31.48
N PRO R 30 73.41 -16.13 -30.51
CA PRO R 30 73.89 -15.94 -29.13
C PRO R 30 74.46 -17.20 -28.52
N VAL R 31 75.74 -17.09 -28.17
CA VAL R 31 76.53 -18.20 -27.67
C VAL R 31 76.01 -18.62 -26.30
N GLY R 32 75.92 -17.66 -25.40
CA GLY R 32 75.71 -17.98 -24.00
C GLY R 32 74.34 -18.55 -23.72
N ARG R 33 73.34 -18.19 -24.53
CA ARG R 33 72.05 -18.84 -24.44
C ARG R 33 72.17 -20.31 -24.77
N VAL R 34 72.97 -20.62 -25.78
CA VAL R 34 73.17 -22.00 -26.15
C VAL R 34 73.99 -22.71 -25.09
N HIS R 35 74.99 -22.03 -24.54
CA HIS R 35 75.79 -22.57 -23.45
C HIS R 35 74.94 -22.87 -22.22
N ARG R 36 73.94 -22.03 -21.97
CA ARG R 36 72.99 -22.26 -20.90
C ARG R 36 72.13 -23.49 -21.20
N LEU R 37 71.62 -23.58 -22.42
CA LEU R 37 70.73 -24.67 -22.77
C LEU R 37 71.46 -26.00 -22.80
N LEU R 38 72.76 -25.98 -23.11
CA LEU R 38 73.54 -27.20 -23.02
C LEU R 38 73.68 -27.67 -21.59
N ARG R 39 73.85 -26.75 -20.65
CA ARG R 39 73.86 -27.07 -19.24
C ARG R 39 72.54 -27.64 -18.77
N LYS R 40 71.43 -26.98 -19.04
CA LYS R 40 70.16 -27.43 -18.50
C LYS R 40 69.54 -28.58 -19.29
N GLY R 41 70.24 -29.10 -20.29
CA GLY R 41 69.73 -30.22 -21.05
C GLY R 41 70.20 -31.56 -20.54
N ASN R 42 71.00 -31.55 -19.47
CA ASN R 42 71.74 -32.71 -18.95
C ASN R 42 72.58 -33.34 -20.04
N TYR R 43 73.18 -32.50 -20.88
CA TYR R 43 73.81 -32.99 -22.07
C TYR R 43 75.17 -33.60 -21.79
N SER R 44 75.85 -33.13 -20.76
CA SER R 44 77.06 -33.77 -20.27
C SER R 44 77.21 -33.39 -18.81
N GLU R 45 78.40 -33.60 -18.27
CA GLU R 45 78.67 -33.06 -16.96
C GLU R 45 79.34 -31.69 -17.08
N ARG R 46 80.36 -31.58 -17.93
CA ARG R 46 81.00 -30.29 -18.16
C ARG R 46 80.90 -29.87 -19.62
N VAL R 47 81.04 -28.57 -19.84
CA VAL R 47 80.83 -27.93 -21.14
C VAL R 47 82.07 -27.14 -21.50
N GLY R 48 82.62 -27.39 -22.68
CA GLY R 48 83.84 -26.76 -23.12
C GLY R 48 83.67 -25.28 -23.46
N ALA R 49 84.75 -24.72 -24.02
CA ALA R 49 84.73 -23.29 -24.33
C ALA R 49 83.98 -23.00 -25.63
N GLY R 50 84.49 -23.51 -26.75
CA GLY R 50 84.02 -23.07 -28.05
C GLY R 50 83.08 -24.00 -28.78
N ALA R 51 82.74 -25.14 -28.19
CA ALA R 51 81.69 -25.99 -28.75
C ALA R 51 80.37 -25.27 -29.07
N PRO R 52 79.83 -24.35 -28.25
CA PRO R 52 78.62 -23.65 -28.69
C PRO R 52 78.84 -22.72 -29.85
N VAL R 53 80.05 -22.21 -30.02
CA VAL R 53 80.34 -21.38 -31.19
C VAL R 53 80.23 -22.21 -32.46
N TYR R 54 80.79 -23.42 -32.42
CA TYR R 54 80.76 -24.31 -33.57
C TYR R 54 79.34 -24.72 -33.89
N LEU R 55 78.57 -25.04 -32.86
CA LEU R 55 77.19 -25.44 -33.06
C LEU R 55 76.35 -24.29 -33.61
N ALA R 56 76.59 -23.08 -33.11
CA ALA R 56 75.85 -21.92 -33.55
C ALA R 56 76.14 -21.61 -34.99
N ALA R 57 77.40 -21.76 -35.39
CA ALA R 57 77.77 -21.54 -36.79
C ALA R 57 77.13 -22.59 -37.69
N VAL R 58 77.03 -23.83 -37.19
CA VAL R 58 76.36 -24.88 -37.96
C VAL R 58 74.90 -24.51 -38.20
N LEU R 59 74.22 -24.10 -37.13
CA LEU R 59 72.85 -23.63 -37.23
C LEU R 59 72.73 -22.47 -38.20
N GLU R 60 73.71 -21.57 -38.17
CA GLU R 60 73.68 -20.36 -38.97
C GLU R 60 73.78 -20.68 -40.44
N TYR R 61 74.68 -21.59 -40.81
CA TYR R 61 74.80 -21.95 -42.21
C TYR R 61 73.61 -22.78 -42.68
N LEU R 62 73.06 -23.61 -41.79
CA LEU R 62 71.88 -24.39 -42.15
C LEU R 62 70.70 -23.49 -42.47
N THR R 63 70.38 -22.57 -41.57
CA THR R 63 69.26 -21.69 -41.82
C THR R 63 69.54 -20.74 -42.97
N ALA R 64 70.81 -20.41 -43.21
CA ALA R 64 71.16 -19.60 -44.37
C ALA R 64 70.83 -20.31 -45.66
N GLU R 65 71.20 -21.59 -45.75
CA GLU R 65 70.94 -22.36 -46.96
C GLU R 65 69.45 -22.57 -47.18
N ILE R 66 68.74 -22.91 -46.10
CA ILE R 66 67.30 -23.17 -46.19
C ILE R 66 66.56 -21.93 -46.63
N LEU R 67 66.80 -20.82 -45.92
CA LEU R 67 66.05 -19.63 -46.24
C LEU R 67 66.55 -18.97 -47.52
N GLU R 68 67.75 -19.33 -47.99
CA GLU R 68 68.19 -18.87 -49.28
C GLU R 68 67.36 -19.51 -50.39
N LEU R 69 67.16 -20.83 -50.27
CA LEU R 69 66.27 -21.49 -51.21
C LEU R 69 64.84 -21.00 -51.08
N ALA R 70 64.45 -20.64 -49.87
CA ALA R 70 63.12 -20.07 -49.66
C ALA R 70 63.00 -18.71 -50.34
N GLY R 71 64.08 -17.94 -50.31
CA GLY R 71 64.08 -16.67 -51.00
C GLY R 71 63.95 -16.85 -52.50
N ASN R 72 64.62 -17.88 -53.03
CA ASN R 72 64.42 -18.20 -54.44
C ASN R 72 62.99 -18.65 -54.72
N ALA R 73 62.39 -19.36 -53.76
CA ALA R 73 61.00 -19.78 -53.91
C ALA R 73 60.05 -18.59 -53.96
N ALA R 74 60.34 -17.56 -53.18
CA ALA R 74 59.55 -16.34 -53.25
C ALA R 74 59.82 -15.58 -54.54
N ARG R 75 61.05 -15.68 -55.04
CA ARG R 75 61.37 -15.11 -56.36
C ARG R 75 60.58 -15.77 -57.46
N ASP R 76 60.26 -17.05 -57.29
CA ASP R 76 59.48 -17.76 -58.29
C ASP R 76 58.07 -17.21 -58.40
N ASN R 77 57.37 -17.16 -57.28
CA ASN R 77 55.98 -16.74 -57.26
C ASN R 77 55.83 -15.24 -57.30
N LYS R 78 56.95 -14.51 -57.23
CA LYS R 78 56.99 -13.06 -57.09
C LYS R 78 56.20 -12.61 -55.85
N LYS R 79 56.49 -13.26 -54.73
CA LYS R 79 55.92 -12.90 -53.45
C LYS R 79 57.01 -12.28 -52.59
N THR R 80 56.61 -11.35 -51.72
CA THR R 80 57.58 -10.67 -50.88
C THR R 80 57.65 -11.25 -49.48
N ARG R 81 56.50 -11.55 -48.89
CA ARG R 81 56.45 -12.21 -47.60
C ARG R 81 56.48 -13.71 -47.81
N ILE R 82 57.25 -14.40 -46.97
CA ILE R 82 57.39 -15.83 -47.12
C ILE R 82 56.14 -16.50 -46.60
N ILE R 83 55.50 -17.31 -47.44
CA ILE R 83 54.45 -18.19 -46.95
C ILE R 83 55.10 -19.54 -46.68
N PRO R 84 54.53 -20.35 -45.79
CA PRO R 84 55.11 -21.68 -45.53
C PRO R 84 55.09 -22.62 -46.72
N ARG R 85 54.22 -22.37 -47.70
CA ARG R 85 54.20 -23.20 -48.90
C ARG R 85 55.53 -23.13 -49.64
N HIS R 86 56.12 -21.93 -49.67
CA HIS R 86 57.46 -21.75 -50.19
C HIS R 86 58.45 -22.64 -49.46
N LEU R 87 58.29 -22.76 -48.15
CA LEU R 87 59.22 -23.53 -47.33
C LEU R 87 59.12 -25.00 -47.66
N GLN R 88 57.89 -25.50 -47.76
CA GLN R 88 57.70 -26.92 -48.05
C GLN R 88 58.17 -27.26 -49.45
N LEU R 89 57.94 -26.36 -50.42
CA LEU R 89 58.40 -26.58 -51.78
C LEU R 89 59.91 -26.62 -51.85
N ALA R 90 60.58 -25.66 -51.20
CA ALA R 90 62.03 -25.63 -51.24
C ALA R 90 62.63 -26.81 -50.48
N ILE R 91 61.90 -27.35 -49.50
CA ILE R 91 62.35 -28.59 -48.90
C ILE R 91 62.20 -29.73 -49.89
N ARG R 92 61.09 -29.80 -50.58
CA ARG R 92 60.82 -30.94 -51.46
C ARG R 92 61.56 -30.86 -52.79
N ASN R 93 62.24 -29.77 -53.08
CA ASN R 93 62.97 -29.72 -54.33
C ASN R 93 64.39 -30.26 -54.19
N ASP R 94 65.15 -29.71 -53.26
CA ASP R 94 66.54 -30.11 -53.06
C ASP R 94 66.64 -31.53 -52.54
N GLU R 95 67.71 -32.22 -52.95
CA GLU R 95 67.83 -33.64 -52.65
C GLU R 95 68.18 -33.86 -51.18
N GLU R 96 69.37 -33.39 -50.78
CA GLU R 96 69.91 -33.72 -49.46
C GLU R 96 69.05 -33.18 -48.33
N LEU R 97 68.45 -32.01 -48.55
CA LEU R 97 67.53 -31.43 -47.59
C LEU R 97 66.28 -32.26 -47.43
N ASN R 98 65.73 -32.77 -48.52
CA ASN R 98 64.55 -33.59 -48.43
C ASN R 98 64.85 -34.96 -47.84
N LYS R 99 66.07 -35.47 -48.05
CA LYS R 99 66.42 -36.72 -47.38
C LYS R 99 66.63 -36.50 -45.90
N LEU R 100 67.10 -35.32 -45.53
CA LEU R 100 67.17 -34.94 -44.13
C LEU R 100 65.79 -34.88 -43.51
N LEU R 101 64.91 -34.06 -44.07
CA LEU R 101 63.62 -33.84 -43.45
C LEU R 101 62.54 -34.76 -44.02
N GLY R 102 62.85 -36.05 -44.09
CA GLY R 102 61.94 -37.00 -44.70
C GLY R 102 60.76 -37.26 -43.79
N ARG R 103 61.04 -37.39 -42.52
CA ARG R 103 59.99 -37.60 -41.54
C ARG R 103 59.40 -36.30 -41.02
N VAL R 104 59.49 -35.23 -41.78
CA VAL R 104 59.12 -33.90 -41.32
C VAL R 104 57.91 -33.46 -42.11
N THR R 105 56.88 -33.01 -41.42
CA THR R 105 55.85 -32.27 -42.12
C THR R 105 55.60 -30.93 -41.46
N ILE R 106 54.93 -30.06 -42.19
CA ILE R 106 54.71 -28.68 -41.77
C ILE R 106 53.24 -28.36 -41.99
N ALA R 107 52.61 -27.73 -41.00
CA ALA R 107 51.27 -27.19 -41.18
C ALA R 107 51.29 -26.13 -42.28
N GLN R 108 50.18 -26.06 -43.02
CA GLN R 108 50.10 -25.33 -44.30
C GLN R 108 51.21 -25.76 -45.25
N GLY R 109 51.49 -27.05 -45.29
CA GLY R 109 52.57 -27.54 -46.12
C GLY R 109 52.21 -27.79 -47.58
N GLY R 110 51.26 -28.67 -47.84
CA GLY R 110 51.02 -29.12 -49.18
C GLY R 110 52.12 -30.06 -49.63
N VAL R 111 52.06 -30.46 -50.90
CA VAL R 111 53.00 -31.41 -51.46
C VAL R 111 53.46 -30.91 -52.82
N LEU R 112 54.22 -31.76 -53.50
CA LEU R 112 54.67 -31.51 -54.84
C LEU R 112 53.50 -31.45 -55.81
N PRO R 113 53.43 -30.43 -56.65
CA PRO R 113 52.45 -30.47 -57.74
C PRO R 113 52.88 -31.51 -58.74
N ASN R 114 52.27 -32.69 -58.67
CA ASN R 114 52.80 -33.87 -59.32
C ASN R 114 51.68 -34.69 -59.91
N ILE R 115 51.84 -35.11 -61.16
CA ILE R 115 50.83 -35.83 -61.91
C ILE R 115 51.50 -37.00 -62.58
N GLN R 116 51.00 -38.21 -62.31
CA GLN R 116 51.43 -39.38 -63.05
C GLN R 116 50.85 -39.32 -64.46
N ALA R 117 51.72 -39.16 -65.46
CA ALA R 117 51.27 -38.91 -66.83
C ALA R 117 50.63 -40.13 -67.45
N VAL R 118 50.81 -41.31 -66.85
CA VAL R 118 50.04 -42.48 -67.24
C VAL R 118 48.57 -42.34 -66.90
N LEU R 119 48.21 -41.40 -66.05
CA LEU R 119 46.83 -41.08 -65.78
C LEU R 119 46.37 -39.84 -66.51
N LEU R 120 47.25 -39.19 -67.23
CA LEU R 120 46.81 -38.18 -68.17
C LEU R 120 46.06 -38.84 -69.32
N PRO R 121 45.02 -38.19 -69.85
CA PRO R 121 44.27 -38.79 -70.95
C PRO R 121 45.06 -38.73 -72.26
N LYS R 122 44.50 -39.40 -73.26
CA LYS R 122 45.18 -39.55 -74.53
C LYS R 122 44.54 -38.69 -75.61
N ARG S 35 54.54 -11.54 -15.33
CA ARG S 35 54.57 -11.98 -16.72
C ARG S 35 55.82 -12.80 -16.98
N SER S 36 55.64 -14.09 -17.23
CA SER S 36 56.77 -14.98 -17.48
C SER S 36 57.36 -14.71 -18.85
N ARG S 37 58.69 -14.68 -18.92
CA ARG S 37 59.41 -14.30 -20.13
C ARG S 37 59.63 -15.55 -20.98
N LYS S 38 59.06 -15.55 -22.18
CA LYS S 38 59.18 -16.69 -23.08
C LYS S 38 60.30 -16.45 -24.09
N GLU S 39 60.67 -17.53 -24.78
CA GLU S 39 61.82 -17.54 -25.68
C GLU S 39 61.39 -17.54 -27.13
N SER S 40 62.27 -17.03 -27.99
CA SER S 40 62.15 -17.18 -29.44
C SER S 40 63.54 -17.03 -30.02
N TYR S 41 63.71 -17.47 -31.26
CA TYR S 41 64.97 -17.25 -31.96
C TYR S 41 64.74 -16.32 -33.13
N SER S 42 63.65 -15.56 -33.06
CA SER S 42 63.13 -14.89 -34.24
C SER S 42 64.03 -13.75 -34.71
N ILE S 43 64.60 -13.01 -33.77
CA ILE S 43 65.36 -11.83 -34.14
C ILE S 43 66.68 -12.20 -34.80
N TYR S 44 67.23 -13.34 -34.43
CA TYR S 44 68.55 -13.78 -34.89
C TYR S 44 68.49 -14.20 -36.35
N VAL S 45 67.65 -15.20 -36.62
CA VAL S 45 67.43 -15.68 -37.97
C VAL S 45 66.78 -14.61 -38.82
N TYR S 46 66.03 -13.71 -38.18
CA TYR S 46 65.51 -12.52 -38.83
C TYR S 46 66.64 -11.66 -39.39
N LYS S 47 67.66 -11.39 -38.57
CA LYS S 47 68.85 -10.68 -39.04
C LYS S 47 69.56 -11.43 -40.15
N VAL S 48 69.64 -12.76 -40.04
CA VAL S 48 70.32 -13.57 -41.04
C VAL S 48 69.58 -13.49 -42.37
N LEU S 49 68.25 -13.53 -42.30
CA LEU S 49 67.42 -13.35 -43.48
C LEU S 49 67.62 -11.98 -44.10
N LYS S 50 67.69 -10.94 -43.27
CA LYS S 50 67.98 -9.61 -43.76
C LYS S 50 69.36 -9.51 -44.40
N GLN S 51 70.33 -10.28 -43.90
CA GLN S 51 71.63 -10.35 -44.56
C GLN S 51 71.50 -10.95 -45.94
N VAL S 52 70.98 -12.17 -46.01
CA VAL S 52 70.99 -12.89 -47.28
C VAL S 52 69.96 -12.37 -48.27
N HIS S 53 68.92 -11.68 -47.79
CA HIS S 53 67.94 -11.04 -48.66
C HIS S 53 67.45 -9.80 -47.98
N PRO S 54 67.96 -8.64 -48.36
CA PRO S 54 67.47 -7.40 -47.76
C PRO S 54 66.06 -7.07 -48.19
N ASP S 55 65.69 -7.34 -49.44
CA ASP S 55 64.35 -7.05 -49.93
C ASP S 55 63.47 -8.29 -49.88
N THR S 56 63.04 -8.66 -48.67
CA THR S 56 62.25 -9.86 -48.45
C THR S 56 61.51 -9.76 -47.13
N GLY S 57 60.19 -9.98 -47.16
CA GLY S 57 59.40 -10.10 -45.96
C GLY S 57 59.16 -11.55 -45.59
N ILE S 58 58.44 -11.74 -44.47
CA ILE S 58 58.23 -13.09 -43.93
C ILE S 58 56.95 -13.05 -43.10
N SER S 59 56.28 -14.20 -43.00
CA SER S 59 55.13 -14.36 -42.12
C SER S 59 55.58 -14.80 -40.74
N SER S 60 54.71 -14.55 -39.77
CA SER S 60 55.05 -14.84 -38.39
C SER S 60 55.06 -16.33 -38.11
N LYS S 61 54.10 -17.06 -38.68
CA LYS S 61 54.03 -18.49 -38.45
C LYS S 61 55.25 -19.19 -38.98
N ALA S 62 55.74 -18.76 -40.14
CA ALA S 62 56.95 -19.32 -40.71
C ALA S 62 58.16 -19.03 -39.83
N MET S 63 58.15 -17.90 -39.14
CA MET S 63 59.22 -17.61 -38.21
C MET S 63 59.18 -18.58 -37.04
N GLY S 64 57.98 -18.91 -36.59
CA GLY S 64 57.85 -19.96 -35.58
C GLY S 64 58.29 -21.31 -36.10
N ILE S 65 58.03 -21.57 -37.38
CA ILE S 65 58.44 -22.84 -37.99
C ILE S 65 59.94 -22.96 -37.98
N MET S 66 60.62 -21.86 -38.30
CA MET S 66 62.07 -21.89 -38.29
C MET S 66 62.62 -22.03 -36.89
N ASN S 67 61.91 -21.48 -35.91
CA ASN S 67 62.33 -21.67 -34.52
C ASN S 67 62.22 -23.14 -34.14
N SER S 68 61.14 -23.78 -34.56
CA SER S 68 60.98 -25.21 -34.33
C SER S 68 62.04 -26.01 -35.09
N PHE S 69 62.45 -25.50 -36.25
CA PHE S 69 63.48 -26.15 -37.06
C PHE S 69 64.80 -26.18 -36.32
N VAL S 70 65.19 -25.02 -35.77
CA VAL S 70 66.41 -24.92 -34.98
C VAL S 70 66.33 -25.82 -33.77
N ASN S 71 65.14 -25.87 -33.15
CA ASN S 71 64.92 -26.77 -32.02
C ASN S 71 65.20 -28.21 -32.38
N ASP S 72 64.63 -28.66 -33.49
CA ASP S 72 64.73 -30.06 -33.88
C ASP S 72 66.15 -30.44 -34.22
N ILE S 73 66.83 -29.59 -35.00
CA ILE S 73 68.20 -29.90 -35.41
C ILE S 73 69.11 -29.92 -34.21
N PHE S 74 68.92 -28.94 -33.31
CA PHE S 74 69.69 -28.87 -32.08
C PHE S 74 69.48 -30.11 -31.23
N GLU S 75 68.24 -30.58 -31.14
CA GLU S 75 67.95 -31.74 -30.31
C GLU S 75 68.58 -33.01 -30.85
N ARG S 76 68.53 -33.21 -32.18
CA ARG S 76 69.15 -34.39 -32.74
C ARG S 76 70.66 -34.37 -32.57
N ILE S 77 71.26 -33.19 -32.76
CA ILE S 77 72.68 -33.02 -32.53
C ILE S 77 73.07 -33.33 -31.10
N ALA S 78 72.29 -32.80 -30.16
CA ALA S 78 72.63 -32.96 -28.75
C ALA S 78 72.48 -34.40 -28.32
N GLY S 79 71.47 -35.08 -28.86
CA GLY S 79 71.33 -36.50 -28.57
C GLY S 79 72.48 -37.31 -29.13
N GLU S 80 72.96 -36.93 -30.30
CA GLU S 80 74.14 -37.60 -30.83
C GLU S 80 75.37 -37.25 -30.00
N ALA S 81 75.38 -36.07 -29.40
CA ALA S 81 76.49 -35.70 -28.53
C ALA S 81 76.48 -36.54 -27.26
N SER S 82 75.30 -36.81 -26.71
CA SER S 82 75.22 -37.63 -25.51
C SER S 82 75.62 -39.06 -25.82
N ARG S 83 75.21 -39.55 -26.98
CA ARG S 83 75.69 -40.86 -27.39
C ARG S 83 77.19 -40.85 -27.68
N LEU S 84 77.72 -39.74 -28.19
CA LEU S 84 79.16 -39.60 -28.34
C LEU S 84 79.87 -39.74 -27.02
N ALA S 85 79.28 -39.13 -25.99
CA ALA S 85 79.82 -39.21 -24.65
C ALA S 85 79.82 -40.65 -24.16
N HIS S 86 78.69 -41.33 -24.26
CA HIS S 86 78.56 -42.63 -23.63
C HIS S 86 79.25 -43.71 -24.45
N TYR S 87 79.41 -43.51 -25.75
CA TYR S 87 80.24 -44.46 -26.46
C TYR S 87 81.69 -44.02 -26.46
N ASN S 88 82.00 -42.94 -25.77
CA ASN S 88 83.40 -42.60 -25.55
C ASN S 88 83.77 -42.54 -24.09
N LYS S 89 82.81 -42.76 -23.18
CA LYS S 89 83.03 -42.84 -21.73
C LYS S 89 83.66 -41.56 -21.19
N ARG S 90 83.33 -40.44 -21.81
CA ARG S 90 83.85 -39.14 -21.45
C ARG S 90 82.68 -38.19 -21.26
N SER S 91 82.91 -37.11 -20.51
CA SER S 91 81.81 -36.20 -20.20
C SER S 91 82.16 -34.76 -20.53
N THR S 92 83.25 -34.51 -21.21
CA THR S 92 83.61 -33.18 -21.65
C THR S 92 83.05 -33.04 -23.06
N ILE S 93 82.58 -31.85 -23.41
CA ILE S 93 82.17 -31.61 -24.78
C ILE S 93 83.07 -30.54 -25.39
N THR S 94 83.79 -30.89 -26.45
CA THR S 94 84.49 -29.92 -27.27
C THR S 94 83.84 -29.81 -28.64
N SER S 95 84.39 -28.93 -29.48
CA SER S 95 83.89 -28.70 -30.82
C SER S 95 84.11 -29.88 -31.76
N ARG S 96 85.08 -30.73 -31.46
CA ARG S 96 85.38 -31.89 -32.29
C ARG S 96 84.19 -32.85 -32.31
N GLU S 97 83.55 -33.00 -31.16
CA GLU S 97 82.37 -33.84 -31.05
C GLU S 97 81.21 -33.26 -31.82
N ILE S 98 81.12 -31.93 -31.85
CA ILE S 98 80.07 -31.28 -32.61
C ILE S 98 80.28 -31.51 -34.09
N GLN S 99 81.53 -31.44 -34.54
CA GLN S 99 81.87 -31.70 -35.94
C GLN S 99 81.51 -33.12 -36.34
N THR S 100 81.91 -34.09 -35.52
CA THR S 100 81.62 -35.46 -35.90
C THR S 100 80.13 -35.76 -35.77
N ALA S 101 79.42 -35.04 -34.90
CA ALA S 101 77.98 -35.19 -34.81
C ALA S 101 77.29 -34.67 -36.07
N VAL S 102 77.73 -33.51 -36.55
CA VAL S 102 77.10 -32.93 -37.74
C VAL S 102 77.35 -33.81 -38.95
N ARG S 103 78.58 -34.29 -39.12
CA ARG S 103 78.79 -35.15 -40.29
C ARG S 103 78.34 -36.59 -40.04
N LEU S 104 77.85 -36.89 -38.84
CA LEU S 104 77.04 -38.10 -38.71
C LEU S 104 75.61 -37.84 -39.15
N LEU S 105 75.07 -36.68 -38.83
CA LEU S 105 73.65 -36.50 -39.10
C LEU S 105 73.39 -36.00 -40.50
N LEU S 106 74.01 -35.01 -40.87
CA LEU S 106 73.67 -34.40 -42.14
C LEU S 106 74.31 -35.12 -43.31
N PRO S 107 73.68 -35.08 -44.49
CA PRO S 107 74.28 -35.68 -45.67
C PRO S 107 75.46 -34.85 -46.19
N GLY S 108 76.35 -35.56 -46.89
CA GLY S 108 77.72 -35.18 -47.16
C GLY S 108 78.11 -33.77 -47.57
N GLU S 109 77.60 -33.30 -48.71
CA GLU S 109 78.11 -32.07 -49.31
C GLU S 109 77.71 -30.84 -48.49
N LEU S 110 76.42 -30.77 -48.17
CA LEU S 110 75.90 -29.81 -47.21
C LEU S 110 76.68 -29.82 -45.91
N ALA S 111 76.93 -31.03 -45.39
CA ALA S 111 77.65 -31.19 -44.13
C ALA S 111 79.06 -30.65 -44.20
N LYS S 112 79.76 -30.91 -45.31
CA LYS S 112 81.14 -30.47 -45.40
C LYS S 112 81.21 -28.95 -45.54
N HIS S 113 80.26 -28.35 -46.25
CA HIS S 113 80.18 -26.90 -46.29
C HIS S 113 79.92 -26.31 -44.92
N ALA S 114 79.03 -26.93 -44.15
CA ALA S 114 78.74 -26.43 -42.82
C ALA S 114 79.93 -26.60 -41.90
N VAL S 115 80.67 -27.70 -42.04
CA VAL S 115 81.87 -27.93 -41.24
C VAL S 115 82.91 -26.88 -41.57
N SER S 116 83.00 -26.50 -42.84
CA SER S 116 83.91 -25.44 -43.26
C SER S 116 83.57 -24.12 -42.61
N GLU S 117 82.27 -23.77 -42.62
CA GLU S 117 81.81 -22.53 -42.00
C GLU S 117 82.12 -22.51 -40.51
N GLY S 118 81.82 -23.62 -39.84
CA GLY S 118 82.07 -23.70 -38.41
C GLY S 118 83.54 -23.66 -38.07
N THR S 119 84.37 -24.28 -38.90
CA THR S 119 85.78 -24.36 -38.60
C THR S 119 86.43 -22.99 -38.80
N LYS S 120 86.04 -22.28 -39.85
CA LYS S 120 86.55 -20.93 -40.07
C LYS S 120 86.08 -20.00 -38.96
N ALA S 121 84.87 -20.21 -38.46
CA ALA S 121 84.42 -19.41 -37.34
C ALA S 121 85.20 -19.72 -36.07
N VAL S 122 85.57 -21.00 -35.87
CA VAL S 122 86.39 -21.39 -34.73
C VAL S 122 87.74 -20.71 -34.79
N THR S 123 88.33 -20.66 -35.98
CA THR S 123 89.59 -19.99 -36.17
C THR S 123 89.48 -18.50 -35.90
N LYS S 124 88.43 -17.85 -36.44
CA LYS S 124 88.31 -16.40 -36.29
C LYS S 124 88.02 -16.00 -34.84
N TYR S 125 87.24 -16.81 -34.12
CA TYR S 125 87.03 -16.51 -32.71
C TYR S 125 88.27 -16.80 -31.88
N THR S 126 88.71 -18.06 -31.83
CA THR S 126 89.77 -18.46 -30.93
C THR S 126 91.14 -17.93 -31.32
N SER S 127 91.28 -17.37 -32.53
CA SER S 127 92.53 -16.69 -32.88
C SER S 127 92.68 -15.41 -32.09
N ALA S 128 91.61 -14.63 -31.99
CA ALA S 128 91.51 -13.56 -31.01
C ALA S 128 91.03 -14.17 -29.70
N LYS S 129 90.57 -13.34 -28.78
CA LYS S 129 90.03 -13.83 -27.51
C LYS S 129 88.71 -14.56 -27.76
N HIS T 43 25.67 -29.16 -72.20
CA HIS T 43 25.88 -30.52 -72.69
C HIS T 43 26.71 -31.29 -71.68
N ARG T 44 27.15 -32.49 -72.04
CA ARG T 44 27.86 -33.35 -71.09
C ARG T 44 29.35 -33.39 -71.41
N TYR T 45 30.18 -33.29 -70.38
CA TYR T 45 31.63 -33.40 -70.52
C TYR T 45 32.07 -34.85 -70.42
N ARG T 46 33.24 -35.14 -70.94
CA ARG T 46 33.75 -36.50 -70.96
C ARG T 46 34.59 -36.76 -69.71
N PRO T 47 34.44 -37.95 -69.11
CA PRO T 47 34.89 -38.13 -67.72
C PRO T 47 36.39 -38.17 -67.58
N GLY T 48 36.84 -37.96 -66.34
CA GLY T 48 38.23 -37.94 -65.99
C GLY T 48 38.84 -36.55 -66.03
N THR T 49 38.24 -35.64 -66.78
CA THR T 49 38.89 -34.36 -67.06
C THR T 49 38.82 -33.43 -65.86
N VAL T 50 37.60 -33.24 -65.34
CA VAL T 50 37.35 -32.29 -64.26
C VAL T 50 38.10 -32.69 -63.00
N ALA T 51 38.27 -33.99 -62.80
CA ALA T 51 39.01 -34.51 -61.65
C ALA T 51 40.47 -34.07 -61.70
N LEU T 52 41.11 -34.21 -62.86
CA LEU T 52 42.50 -33.82 -62.97
C LEU T 52 42.66 -32.31 -62.93
N ARG T 53 41.67 -31.60 -63.46
CA ARG T 53 41.71 -30.14 -63.40
C ARG T 53 41.63 -29.66 -61.96
N GLU T 54 40.80 -30.32 -61.15
CA GLU T 54 40.77 -29.95 -59.75
C GLU T 54 41.90 -30.57 -58.95
N ILE T 55 42.59 -31.56 -59.50
CA ILE T 55 43.87 -31.94 -58.90
C ILE T 55 44.86 -30.80 -59.04
N ARG T 56 44.91 -30.20 -60.23
CA ARG T 56 45.76 -29.03 -60.46
C ARG T 56 45.30 -27.84 -59.62
N ARG T 57 44.02 -27.78 -59.33
CA ARG T 57 43.55 -26.73 -58.45
C ARG T 57 43.90 -27.01 -56.99
N TYR T 58 43.78 -28.26 -56.53
CA TYR T 58 43.92 -28.64 -55.13
C TYR T 58 45.34 -28.97 -54.74
N GLN T 59 46.28 -28.88 -55.67
CA GLN T 59 47.69 -28.88 -55.32
C GLN T 59 48.19 -27.48 -55.01
N LYS T 60 47.29 -26.52 -54.85
CA LYS T 60 47.71 -25.13 -54.69
C LYS T 60 47.49 -24.59 -53.29
N SER T 61 46.27 -24.57 -52.79
CA SER T 61 46.00 -24.02 -51.48
C SER T 61 46.19 -25.10 -50.43
N THR T 62 47.04 -24.84 -49.45
CA THR T 62 47.28 -25.78 -48.37
C THR T 62 46.27 -25.63 -47.24
N GLU T 63 45.10 -25.08 -47.52
CA GLU T 63 44.09 -24.94 -46.50
C GLU T 63 43.49 -26.29 -46.15
N LEU T 64 42.90 -26.37 -44.96
CA LEU T 64 42.43 -27.64 -44.44
C LEU T 64 41.19 -28.12 -45.17
N LEU T 65 41.22 -29.37 -45.58
CA LEU T 65 40.12 -29.95 -46.35
C LEU T 65 38.91 -30.28 -45.50
N ILE T 66 39.07 -31.06 -44.44
CA ILE T 66 37.93 -31.35 -43.58
C ILE T 66 37.63 -30.14 -42.73
N ARG T 67 36.40 -29.63 -42.80
CA ARG T 67 36.11 -28.45 -42.00
C ARG T 67 35.78 -28.84 -40.57
N LYS T 68 35.66 -27.82 -39.72
CA LYS T 68 36.15 -27.91 -38.35
C LYS T 68 35.22 -28.73 -37.46
N LEU T 69 34.00 -28.25 -37.26
CA LEU T 69 32.99 -28.78 -36.34
C LEU T 69 32.77 -30.30 -36.38
N PRO T 70 32.62 -30.95 -37.55
CA PRO T 70 32.42 -32.40 -37.48
C PRO T 70 33.68 -33.15 -37.10
N PHE T 71 34.82 -32.66 -37.57
CA PHE T 71 36.11 -33.22 -37.18
C PHE T 71 36.32 -33.10 -35.69
N GLN T 72 35.95 -31.95 -35.14
CA GLN T 72 36.05 -31.71 -33.71
C GLN T 72 35.16 -32.65 -32.93
N ARG T 73 33.93 -32.87 -33.43
CA ARG T 73 33.04 -33.80 -32.76
C ARG T 73 33.58 -35.22 -32.79
N LEU T 74 34.19 -35.61 -33.89
CA LEU T 74 34.72 -36.97 -33.99
C LEU T 74 35.90 -37.17 -33.04
N VAL T 75 36.78 -36.17 -32.99
CA VAL T 75 37.92 -36.24 -32.09
C VAL T 75 37.46 -36.25 -30.65
N ARG T 76 36.46 -35.42 -30.31
CA ARG T 76 35.93 -35.40 -28.96
C ARG T 76 35.28 -36.72 -28.58
N GLU T 77 34.59 -37.36 -29.52
CA GLU T 77 33.89 -38.60 -29.22
C GLU T 77 34.88 -39.72 -28.96
N ILE T 78 35.97 -39.76 -29.71
CA ILE T 78 36.98 -40.77 -29.44
C ILE T 78 37.71 -40.45 -28.15
N ALA T 79 37.88 -39.17 -27.88
CA ALA T 79 38.54 -38.77 -26.65
C ALA T 79 37.68 -38.99 -25.42
N GLN T 80 36.39 -39.24 -25.61
CA GLN T 80 35.49 -39.42 -24.48
C GLN T 80 35.84 -40.65 -23.65
N ASP T 81 36.36 -41.68 -24.29
CA ASP T 81 36.46 -42.98 -23.65
C ASP T 81 37.83 -43.25 -23.06
N PHE T 82 38.50 -42.23 -22.54
CA PHE T 82 39.72 -42.45 -21.79
C PHE T 82 39.67 -41.87 -20.39
N LYS T 83 39.28 -40.61 -20.26
CA LYS T 83 38.87 -40.05 -19.00
C LYS T 83 37.86 -38.96 -19.33
N THR T 84 36.90 -38.76 -18.45
CA THR T 84 35.67 -38.09 -18.81
C THR T 84 35.87 -36.59 -19.01
N ASP T 85 35.49 -36.12 -20.21
CA ASP T 85 35.22 -34.72 -20.52
C ASP T 85 36.44 -33.82 -20.30
N LEU T 86 37.45 -34.02 -21.14
CA LEU T 86 38.65 -33.22 -21.07
C LEU T 86 38.51 -32.00 -21.96
N ARG T 87 38.87 -30.83 -21.45
CA ARG T 87 38.86 -29.62 -22.27
C ARG T 87 39.99 -29.66 -23.29
N PHE T 88 39.89 -28.78 -24.28
CA PHE T 88 40.82 -28.79 -25.41
C PHE T 88 41.26 -27.41 -25.82
N GLN T 89 42.53 -27.32 -26.18
CA GLN T 89 43.06 -26.16 -26.86
C GLN T 89 42.71 -26.26 -28.35
N SER T 90 42.16 -25.16 -28.88
CA SER T 90 41.77 -25.13 -30.28
C SER T 90 42.95 -25.21 -31.22
N ALA T 91 44.10 -24.67 -30.81
CA ALA T 91 45.31 -24.81 -31.60
C ALA T 91 45.76 -26.25 -31.69
N ALA T 92 45.57 -27.00 -30.60
CA ALA T 92 45.84 -28.43 -30.61
C ALA T 92 44.92 -29.16 -31.58
N ILE T 93 43.67 -28.70 -31.67
CA ILE T 93 42.73 -29.28 -32.60
C ILE T 93 43.16 -29.03 -34.03
N GLY T 94 43.64 -27.81 -34.31
CA GLY T 94 44.20 -27.54 -35.63
C GLY T 94 45.43 -28.38 -35.93
N ALA T 95 46.23 -28.66 -34.90
CA ALA T 95 47.41 -29.50 -35.09
C ALA T 95 47.02 -30.92 -35.47
N LEU T 96 46.07 -31.50 -34.74
CA LEU T 96 45.50 -32.81 -35.07
C LEU T 96 44.96 -32.84 -36.48
N GLN T 97 44.27 -31.76 -36.88
CA GLN T 97 43.66 -31.69 -38.19
C GLN T 97 44.71 -31.67 -39.30
N GLU T 98 45.73 -30.83 -39.13
CA GLU T 98 46.83 -30.75 -40.07
C GLU T 98 47.54 -32.08 -40.24
N ALA T 99 47.92 -32.70 -39.11
CA ALA T 99 48.70 -33.92 -39.14
C ALA T 99 47.91 -35.05 -39.76
N SER T 100 46.62 -35.10 -39.45
CA SER T 100 45.75 -36.13 -39.99
C SER T 100 45.61 -35.98 -41.50
N GLU T 101 45.39 -34.76 -41.98
CA GLU T 101 45.16 -34.58 -43.40
C GLU T 101 46.42 -34.84 -44.22
N ALA T 102 47.58 -34.38 -43.74
CA ALA T 102 48.82 -34.65 -44.48
C ALA T 102 49.15 -36.14 -44.49
N TYR T 103 48.94 -36.80 -43.34
CA TYR T 103 49.10 -38.24 -43.20
C TYR T 103 48.30 -39.01 -44.23
N LEU T 104 47.01 -38.73 -44.29
CA LEU T 104 46.15 -39.41 -45.24
C LEU T 104 46.49 -39.08 -46.69
N VAL T 105 46.94 -37.86 -46.97
CA VAL T 105 47.30 -37.51 -48.35
C VAL T 105 48.51 -38.32 -48.81
N GLY T 106 49.52 -38.42 -47.95
CA GLY T 106 50.70 -39.18 -48.33
C GLY T 106 50.42 -40.66 -48.48
N LEU T 107 49.57 -41.20 -47.59
CA LEU T 107 49.21 -42.60 -47.71
C LEU T 107 48.40 -42.85 -48.97
N PHE T 108 47.58 -41.88 -49.37
CA PHE T 108 46.94 -41.95 -50.66
C PHE T 108 47.91 -41.94 -51.81
N GLU T 109 48.99 -41.17 -51.70
CA GLU T 109 49.96 -41.11 -52.78
C GLU T 109 50.60 -42.46 -53.01
N ASP T 110 51.03 -43.11 -51.92
CA ASP T 110 51.59 -44.45 -52.04
C ASP T 110 50.57 -45.45 -52.56
N THR T 111 49.31 -45.34 -52.11
CA THR T 111 48.28 -46.26 -52.58
C THR T 111 48.00 -46.07 -54.06
N ASN T 112 48.01 -44.82 -54.51
CA ASN T 112 47.79 -44.50 -55.91
C ASN T 112 48.91 -45.06 -56.75
N LEU T 113 50.15 -44.95 -56.28
CA LEU T 113 51.26 -45.51 -57.05
C LEU T 113 51.22 -47.02 -57.06
N CYS T 114 50.70 -47.64 -55.99
CA CYS T 114 50.46 -49.08 -56.00
C CYS T 114 49.50 -49.47 -57.10
N ALA T 115 48.40 -48.73 -57.22
CA ALA T 115 47.40 -49.07 -58.24
C ALA T 115 47.92 -48.83 -59.64
N ILE T 116 48.73 -47.78 -59.82
CA ILE T 116 49.36 -47.52 -61.11
C ILE T 116 50.29 -48.66 -61.48
N HIS T 117 50.99 -49.20 -60.50
CA HIS T 117 51.77 -50.41 -60.73
C HIS T 117 50.87 -51.60 -61.03
N ALA T 118 49.65 -51.61 -60.49
CA ALA T 118 48.76 -52.74 -60.64
C ALA T 118 48.03 -52.76 -61.97
N LYS T 119 48.53 -52.03 -62.97
CA LYS T 119 48.04 -52.03 -64.35
C LYS T 119 46.59 -51.54 -64.41
N ARG T 120 46.23 -50.67 -63.47
CA ARG T 120 44.88 -50.16 -63.34
C ARG T 120 44.96 -48.66 -63.06
N VAL T 121 43.78 -48.04 -63.02
CA VAL T 121 43.70 -46.63 -62.68
C VAL T 121 42.91 -46.41 -61.40
N THR T 122 41.92 -47.22 -61.11
CA THR T 122 41.03 -47.00 -59.99
C THR T 122 41.62 -47.64 -58.73
N ILE T 123 41.39 -47.00 -57.59
CA ILE T 123 41.85 -47.54 -56.33
C ILE T 123 41.00 -48.76 -55.93
N MET T 124 41.55 -49.54 -55.01
CA MET T 124 40.87 -50.66 -54.38
C MET T 124 41.21 -50.63 -52.91
N PRO T 125 40.38 -51.22 -52.05
CA PRO T 125 40.75 -51.31 -50.63
C PRO T 125 41.93 -52.22 -50.39
N LYS T 126 42.09 -53.26 -51.22
CA LYS T 126 43.24 -54.13 -51.13
C LYS T 126 44.54 -53.38 -51.39
N ASP T 127 44.47 -52.28 -52.14
CA ASP T 127 45.65 -51.45 -52.35
C ASP T 127 46.08 -50.78 -51.06
N ILE T 128 45.10 -50.31 -50.29
CA ILE T 128 45.39 -49.71 -48.99
C ILE T 128 45.97 -50.76 -48.07
N GLN T 129 45.45 -51.98 -48.16
CA GLN T 129 45.99 -53.07 -47.35
C GLN T 129 47.42 -53.37 -47.73
N LEU T 130 47.74 -53.32 -49.02
CA LEU T 130 49.10 -53.57 -49.48
C LEU T 130 50.05 -52.51 -48.99
N ALA T 131 49.64 -51.25 -49.10
CA ALA T 131 50.51 -50.16 -48.68
C ALA T 131 50.73 -50.18 -47.17
N ARG T 132 49.68 -50.47 -46.41
CA ARG T 132 49.81 -50.56 -44.97
C ARG T 132 50.65 -51.76 -44.56
N ARG T 133 50.55 -52.84 -45.32
CA ARG T 133 51.35 -54.03 -45.07
C ARG T 133 52.82 -53.77 -45.34
N ILE T 134 53.10 -52.86 -46.26
CA ILE T 134 54.49 -52.46 -46.48
C ILE T 134 54.97 -51.57 -45.34
N ARG T 135 54.16 -50.59 -44.94
CA ARG T 135 54.59 -49.72 -43.86
C ARG T 135 54.62 -50.40 -42.50
N GLY T 136 53.67 -51.27 -42.22
CA GLY T 136 53.73 -52.04 -40.99
C GLY T 136 52.87 -51.52 -39.86
N GLU T 137 51.72 -50.93 -40.16
CA GLU T 137 50.78 -50.60 -39.10
C GLU T 137 50.17 -51.84 -38.50
N ARG T 138 49.37 -52.54 -39.30
CA ARG T 138 48.81 -53.83 -38.90
C ARG T 138 49.93 -54.87 -38.94
N ALA T 139 49.82 -55.90 -38.11
CA ALA T 139 50.65 -57.08 -38.24
C ALA T 139 50.34 -57.79 -39.54
N ASN U 29 28.68 -40.10 -35.91
CA ASN U 29 29.86 -40.52 -35.17
C ASN U 29 31.06 -40.47 -36.10
N ILE U 30 31.54 -41.65 -36.49
CA ILE U 30 32.58 -41.76 -37.50
C ILE U 30 32.02 -41.38 -38.87
N GLN U 31 30.70 -41.41 -39.03
CA GLN U 31 30.04 -41.09 -40.29
C GLN U 31 29.93 -39.59 -40.53
N GLY U 32 30.58 -38.77 -39.70
CA GLY U 32 30.71 -37.37 -40.01
C GLY U 32 31.73 -37.08 -41.08
N ILE U 33 32.44 -38.08 -41.54
CA ILE U 33 33.38 -37.94 -42.64
C ILE U 33 32.59 -38.03 -43.93
N THR U 34 32.55 -36.94 -44.71
CA THR U 34 31.79 -36.98 -45.95
C THR U 34 32.59 -37.65 -47.05
N LYS U 35 31.87 -38.22 -48.01
CA LYS U 35 32.46 -38.71 -49.25
C LYS U 35 33.31 -37.67 -50.00
N PRO U 36 32.85 -36.43 -50.25
CA PRO U 36 33.74 -35.50 -50.97
C PRO U 36 34.93 -35.05 -50.15
N ALA U 37 34.93 -35.26 -48.84
CA ALA U 37 36.14 -34.99 -48.08
C ALA U 37 37.26 -35.96 -48.43
N ILE U 38 36.97 -37.26 -48.43
CA ILE U 38 37.98 -38.24 -48.81
C ILE U 38 38.29 -38.11 -50.30
N ARG U 39 37.32 -37.64 -51.09
CA ARG U 39 37.62 -37.32 -52.48
C ARG U 39 38.63 -36.17 -52.59
N ARG U 40 38.46 -35.12 -51.79
CA ARG U 40 39.43 -34.04 -51.76
C ARG U 40 40.78 -34.52 -51.27
N LEU U 41 40.77 -35.50 -50.36
CA LEU U 41 42.01 -36.14 -49.94
C LEU U 41 42.68 -36.88 -51.10
N ALA U 42 41.89 -37.48 -51.97
CA ALA U 42 42.47 -38.06 -53.17
C ALA U 42 42.99 -36.99 -54.11
N ARG U 43 42.33 -35.83 -54.13
CA ARG U 43 42.69 -34.79 -55.07
C ARG U 43 44.02 -34.12 -54.67
N ARG U 44 44.20 -33.82 -53.39
CA ARG U 44 45.49 -33.29 -52.96
C ARG U 44 46.55 -34.37 -53.02
N GLY U 45 46.16 -35.62 -52.80
CA GLY U 45 47.04 -36.71 -53.16
C GLY U 45 47.25 -36.84 -54.65
N GLY U 46 46.29 -36.39 -55.44
CA GLY U 46 46.38 -36.49 -56.87
C GLY U 46 45.86 -37.77 -57.45
N VAL U 47 44.77 -38.30 -56.92
CA VAL U 47 44.28 -39.60 -57.32
C VAL U 47 43.05 -39.41 -58.18
N LYS U 48 42.95 -40.18 -59.25
CA LYS U 48 41.93 -39.89 -60.26
C LYS U 48 40.62 -40.61 -59.98
N ARG U 49 40.64 -41.94 -59.95
CA ARG U 49 39.41 -42.70 -60.06
C ARG U 49 39.19 -43.55 -58.81
N ILE U 50 37.95 -43.54 -58.32
CA ILE U 50 37.62 -43.91 -56.94
C ILE U 50 36.67 -45.10 -56.95
N SER U 51 36.93 -46.07 -56.06
CA SER U 51 36.03 -47.21 -55.89
C SER U 51 35.02 -47.00 -54.77
N GLY U 52 34.37 -48.07 -54.33
CA GLY U 52 33.30 -47.97 -53.36
C GLY U 52 33.68 -48.12 -51.89
N LEU U 53 34.29 -49.25 -51.51
CA LEU U 53 34.53 -49.60 -50.11
C LEU U 53 35.64 -48.78 -49.46
N ILE U 54 36.33 -48.00 -50.30
CA ILE U 54 37.33 -47.01 -49.95
C ILE U 54 36.92 -46.15 -48.78
N TYR U 55 35.66 -45.75 -48.73
CA TYR U 55 35.20 -44.75 -47.78
C TYR U 55 35.25 -45.28 -46.37
N GLU U 56 34.67 -46.46 -46.17
CA GLU U 56 34.61 -47.04 -44.84
C GLU U 56 35.98 -47.53 -44.41
N GLU U 57 36.78 -48.01 -45.36
CA GLU U 57 38.15 -48.41 -45.05
C GLU U 57 38.97 -47.20 -44.59
N THR U 58 38.74 -46.05 -45.23
CA THR U 58 39.44 -44.82 -44.90
C THR U 58 39.09 -44.38 -43.49
N ARG U 59 37.79 -44.40 -43.17
CA ARG U 59 37.34 -43.99 -41.85
C ARG U 59 37.94 -44.91 -40.78
N GLY U 60 38.08 -46.20 -41.09
CA GLY U 60 38.66 -47.12 -40.13
C GLY U 60 40.13 -46.84 -39.83
N VAL U 61 40.91 -46.60 -40.89
CA VAL U 61 42.34 -46.40 -40.67
C VAL U 61 42.59 -45.07 -39.99
N LEU U 62 41.81 -44.04 -40.37
CA LEU U 62 41.85 -42.76 -39.69
C LEU U 62 41.52 -42.89 -38.21
N LYS U 63 40.56 -43.76 -37.91
CA LYS U 63 40.16 -43.97 -36.52
C LYS U 63 41.29 -44.54 -35.70
N VAL U 64 41.95 -45.59 -36.21
CA VAL U 64 43.02 -46.24 -35.45
C VAL U 64 44.19 -45.29 -35.25
N PHE U 65 44.47 -44.49 -36.29
CA PHE U 65 45.49 -43.44 -36.22
C PHE U 65 45.23 -42.47 -35.08
N LEU U 66 44.03 -41.89 -35.06
CA LEU U 66 43.67 -40.96 -34.02
C LEU U 66 43.59 -41.63 -32.66
N GLU U 67 43.27 -42.92 -32.63
CA GLU U 67 43.21 -43.67 -31.38
C GLU U 67 44.56 -43.70 -30.69
N ASN U 68 45.60 -44.12 -31.41
CA ASN U 68 46.92 -44.16 -30.80
C ASN U 68 47.42 -42.77 -30.42
N VAL U 69 47.17 -41.80 -31.31
CA VAL U 69 47.64 -40.43 -31.09
C VAL U 69 47.02 -39.83 -29.84
N ILE U 70 45.70 -39.86 -29.74
CA ILE U 70 45.04 -39.19 -28.65
C ILE U 70 45.17 -40.00 -27.37
N ARG U 71 45.39 -41.33 -27.47
CA ARG U 71 45.67 -42.12 -26.27
C ARG U 71 46.93 -41.66 -25.58
N ASP U 72 48.04 -41.60 -26.32
CA ASP U 72 49.25 -41.16 -25.63
C ASP U 72 49.25 -39.66 -25.35
N ALA U 73 48.44 -38.90 -26.07
CA ALA U 73 48.28 -37.48 -25.73
C ALA U 73 47.61 -37.31 -24.37
N VAL U 74 46.55 -38.07 -24.14
CA VAL U 74 45.89 -38.01 -22.85
C VAL U 74 46.77 -38.65 -21.78
N THR U 75 47.68 -39.55 -22.17
CA THR U 75 48.67 -40.04 -21.21
C THR U 75 49.60 -38.92 -20.76
N TYR U 76 50.08 -38.10 -21.70
CA TYR U 76 50.84 -36.91 -21.38
C TYR U 76 50.07 -35.97 -20.45
N THR U 77 48.79 -35.78 -20.72
CA THR U 77 48.04 -34.84 -19.90
C THR U 77 47.71 -35.43 -18.54
N GLU U 78 47.59 -36.76 -18.47
CA GLU U 78 47.51 -37.45 -17.20
C GLU U 78 48.72 -37.18 -16.33
N HIS U 79 49.91 -37.24 -16.93
CA HIS U 79 51.06 -36.86 -16.13
C HIS U 79 51.09 -35.37 -15.83
N ALA U 80 50.47 -34.56 -16.67
CA ALA U 80 50.42 -33.12 -16.43
C ALA U 80 49.55 -32.73 -15.25
N LYS U 81 48.70 -33.64 -14.77
CA LYS U 81 47.77 -33.41 -13.65
C LYS U 81 46.80 -32.26 -13.93
N ARG U 82 46.54 -32.02 -15.20
CA ARG U 82 45.74 -30.89 -15.61
C ARG U 82 44.64 -31.37 -16.54
N LYS U 83 43.60 -30.56 -16.67
CA LYS U 83 42.36 -31.02 -17.27
C LYS U 83 42.20 -30.59 -18.72
N THR U 84 43.25 -30.07 -19.33
CA THR U 84 43.23 -29.73 -20.75
C THR U 84 44.50 -30.27 -21.38
N VAL U 85 44.35 -30.98 -22.50
CA VAL U 85 45.50 -31.48 -23.22
C VAL U 85 46.17 -30.30 -23.90
N THR U 86 47.48 -30.17 -23.70
CA THR U 86 48.19 -29.08 -24.31
C THR U 86 48.47 -29.39 -25.77
N ALA U 87 48.63 -28.34 -26.56
CA ALA U 87 49.13 -28.51 -27.91
C ALA U 87 50.55 -29.05 -27.89
N MET U 88 51.32 -28.67 -26.86
CA MET U 88 52.66 -29.18 -26.66
C MET U 88 52.66 -30.70 -26.56
N ASP U 89 51.75 -31.25 -25.75
CA ASP U 89 51.66 -32.69 -25.56
C ASP U 89 51.29 -33.40 -26.85
N VAL U 90 50.42 -32.77 -27.66
CA VAL U 90 50.10 -33.30 -28.97
C VAL U 90 51.35 -33.38 -29.83
N VAL U 91 52.15 -32.32 -29.80
CA VAL U 91 53.38 -32.28 -30.58
C VAL U 91 54.34 -33.36 -30.11
N TYR U 92 54.48 -33.49 -28.79
CA TYR U 92 55.44 -34.46 -28.27
C TYR U 92 54.97 -35.89 -28.51
N ALA U 93 53.66 -36.11 -28.53
CA ALA U 93 53.15 -37.43 -28.85
C ALA U 93 53.40 -37.77 -30.31
N LEU U 94 53.28 -36.77 -31.17
CA LEU U 94 53.65 -36.97 -32.57
C LEU U 94 55.13 -37.29 -32.70
N LYS U 95 55.97 -36.65 -31.90
CA LYS U 95 57.39 -37.02 -31.87
C LYS U 95 57.57 -38.44 -31.38
N ARG U 96 56.73 -38.86 -30.43
CA ARG U 96 56.85 -40.20 -29.88
C ARG U 96 56.46 -41.25 -30.90
N GLN U 97 55.55 -40.92 -31.80
CA GLN U 97 55.33 -41.81 -32.93
C GLN U 97 56.21 -41.50 -34.12
N GLY U 98 57.23 -40.67 -33.95
CA GLY U 98 58.13 -40.37 -35.05
C GLY U 98 57.47 -39.59 -36.15
N ARG U 99 56.55 -38.70 -35.81
CA ARG U 99 55.72 -37.98 -36.75
C ARG U 99 55.87 -36.50 -36.54
N THR U 100 57.12 -36.05 -36.52
CA THR U 100 57.46 -34.71 -36.09
C THR U 100 56.88 -33.66 -37.01
N LEU U 101 56.09 -32.76 -36.41
CA LEU U 101 55.40 -31.69 -37.11
C LEU U 101 55.84 -30.36 -36.53
N TYR U 102 56.27 -29.47 -37.40
CA TYR U 102 56.67 -28.14 -36.99
C TYR U 102 55.44 -27.24 -36.87
N GLY U 103 55.68 -25.93 -36.83
CA GLY U 103 54.64 -24.97 -37.03
C GLY U 103 53.99 -24.45 -35.78
N PHE U 104 53.68 -25.31 -34.82
CA PHE U 104 52.87 -24.89 -33.70
C PHE U 104 53.64 -24.90 -32.39
N GLY U 105 54.91 -24.48 -32.44
CA GLY U 105 55.71 -24.42 -31.24
C GLY U 105 56.06 -25.80 -30.71
N GLY U 106 57.00 -26.48 -31.36
CA GLY U 106 57.42 -27.79 -30.90
C GLY U 106 58.92 -27.97 -30.80
N ALA V 18 66.36 -57.54 6.26
CA ALA V 18 67.02 -57.63 4.96
C ALA V 18 67.97 -56.45 4.75
N LYS V 19 69.26 -56.76 4.59
CA LYS V 19 70.25 -55.72 4.36
C LYS V 19 70.10 -55.13 2.97
N THR V 20 70.07 -56.00 1.95
CA THR V 20 70.05 -55.53 0.57
C THR V 20 68.64 -55.09 0.17
N ARG V 21 68.58 -54.02 -0.61
CA ARG V 21 67.32 -53.49 -1.11
C ARG V 21 66.63 -54.45 -2.05
N SER V 22 67.39 -55.33 -2.72
CA SER V 22 66.79 -56.36 -3.55
C SER V 22 66.00 -57.33 -2.69
N SER V 23 66.55 -57.71 -1.54
CA SER V 23 65.78 -58.51 -0.60
C SER V 23 64.67 -57.69 0.04
N ARG V 24 64.88 -56.38 0.18
CA ARG V 24 63.83 -55.51 0.67
C ARG V 24 62.74 -55.29 -0.36
N ALA V 25 63.01 -55.59 -1.62
CA ALA V 25 61.99 -55.56 -2.65
C ALA V 25 61.49 -56.94 -3.02
N GLY V 26 62.19 -57.99 -2.61
CA GLY V 26 61.79 -59.34 -2.97
C GLY V 26 61.92 -59.64 -4.44
N LEU V 27 62.85 -58.99 -5.12
CA LEU V 27 62.98 -59.07 -6.55
C LEU V 27 64.35 -59.67 -6.90
N GLN V 28 64.70 -59.61 -8.17
CA GLN V 28 65.91 -60.26 -8.64
C GLN V 28 66.92 -59.33 -9.29
N PHE V 29 66.63 -58.04 -9.39
CA PHE V 29 67.56 -57.13 -10.05
C PHE V 29 68.25 -56.23 -9.04
N PRO V 30 69.47 -55.75 -9.31
CA PRO V 30 70.12 -54.81 -8.38
C PRO V 30 69.61 -53.40 -8.61
N VAL V 31 69.04 -52.81 -7.56
CA VAL V 31 68.42 -51.50 -7.72
C VAL V 31 69.47 -50.41 -7.73
N GLY V 32 70.46 -50.50 -6.84
CA GLY V 32 71.47 -49.46 -6.75
C GLY V 32 72.35 -49.40 -7.99
N ARG V 33 72.48 -50.54 -8.67
CA ARG V 33 72.94 -50.57 -10.05
C ARG V 33 72.17 -49.57 -10.90
N VAL V 34 70.84 -49.66 -10.89
CA VAL V 34 70.01 -48.84 -11.74
C VAL V 34 70.10 -47.39 -11.31
N HIS V 35 70.19 -47.14 -10.01
CA HIS V 35 70.29 -45.78 -9.51
C HIS V 35 71.61 -45.16 -9.92
N ARG V 36 72.68 -45.95 -9.94
CA ARG V 36 73.96 -45.42 -10.40
C ARG V 36 73.94 -45.20 -11.91
N LEU V 37 73.23 -46.09 -12.62
CA LEU V 37 73.02 -45.91 -14.05
C LEU V 37 72.28 -44.62 -14.34
N LEU V 38 71.29 -44.30 -13.54
CA LEU V 38 70.60 -43.03 -13.66
C LEU V 38 71.51 -41.88 -13.31
N ARG V 39 72.34 -42.05 -12.28
CA ARG V 39 73.29 -41.00 -11.92
C ARG V 39 74.38 -40.88 -12.97
N LYS V 40 74.99 -41.98 -13.36
CA LYS V 40 75.93 -41.98 -14.47
C LYS V 40 75.19 -42.14 -15.80
N GLY V 41 74.21 -41.29 -16.01
CA GLY V 41 73.44 -41.33 -17.23
C GLY V 41 73.37 -39.96 -17.85
N ASN V 42 73.61 -38.94 -17.04
CA ASN V 42 73.21 -37.56 -17.34
C ASN V 42 71.74 -37.52 -17.74
N TYR V 43 70.92 -38.17 -16.93
CA TYR V 43 69.51 -38.30 -17.20
C TYR V 43 68.70 -37.21 -16.52
N SER V 44 68.72 -37.16 -15.20
CA SER V 44 68.18 -36.04 -14.44
C SER V 44 69.33 -35.48 -13.61
N GLU V 45 69.02 -34.49 -12.80
CA GLU V 45 70.02 -34.05 -11.83
C GLU V 45 69.92 -34.86 -10.54
N ARG V 46 68.72 -35.02 -10.03
CA ARG V 46 68.52 -35.87 -8.87
C ARG V 46 67.57 -37.00 -9.24
N VAL V 47 67.67 -38.09 -8.49
CA VAL V 47 66.86 -39.28 -8.69
C VAL V 47 66.29 -39.70 -7.34
N GLY V 48 64.98 -39.85 -7.28
CA GLY V 48 64.32 -40.27 -6.07
C GLY V 48 64.53 -41.74 -5.74
N ALA V 49 63.81 -42.19 -4.72
CA ALA V 49 63.98 -43.52 -4.17
C ALA V 49 63.05 -44.55 -4.76
N GLY V 50 61.91 -44.15 -5.31
CA GLY V 50 60.93 -45.13 -5.74
C GLY V 50 60.98 -45.44 -7.22
N ALA V 51 61.38 -44.45 -8.01
CA ALA V 51 61.58 -44.65 -9.44
C ALA V 51 62.51 -45.80 -9.82
N PRO V 52 63.71 -46.01 -9.22
CA PRO V 52 64.54 -47.14 -9.68
C PRO V 52 63.96 -48.47 -9.36
N VAL V 53 63.34 -48.59 -8.19
CA VAL V 53 62.61 -49.80 -7.82
C VAL V 53 61.49 -50.06 -8.80
N TYR V 54 60.76 -49.00 -9.18
CA TYR V 54 59.60 -49.12 -10.06
C TYR V 54 60.02 -49.60 -11.43
N LEU V 55 61.08 -49.00 -11.96
CA LEU V 55 61.55 -49.36 -13.28
C LEU V 55 62.13 -50.76 -13.30
N ALA V 56 62.86 -51.14 -12.25
CA ALA V 56 63.42 -52.48 -12.18
C ALA V 56 62.31 -53.53 -12.11
N ALA V 57 61.22 -53.22 -11.41
CA ALA V 57 60.09 -54.13 -11.37
C ALA V 57 59.45 -54.28 -12.74
N VAL V 58 59.35 -53.17 -13.49
CA VAL V 58 58.83 -53.24 -14.85
C VAL V 58 59.70 -54.12 -15.72
N LEU V 59 61.03 -53.97 -15.58
CA LEU V 59 61.98 -54.78 -16.32
C LEU V 59 61.81 -56.26 -16.01
N GLU V 60 61.65 -56.56 -14.72
CA GLU V 60 61.52 -57.95 -14.28
C GLU V 60 60.24 -58.56 -14.81
N TYR V 61 59.16 -57.77 -14.85
CA TYR V 61 57.92 -58.26 -15.44
C TYR V 61 58.08 -58.52 -16.93
N LEU V 62 58.79 -57.64 -17.63
CA LEU V 62 58.98 -57.81 -19.06
C LEU V 62 59.79 -59.05 -19.38
N THR V 63 60.84 -59.30 -18.57
CA THR V 63 61.63 -60.50 -18.73
C THR V 63 60.78 -61.75 -18.54
N ALA V 64 60.02 -61.81 -17.44
CA ALA V 64 59.22 -63.01 -17.16
C ALA V 64 58.15 -63.22 -18.21
N GLU V 65 57.54 -62.13 -18.67
CA GLU V 65 56.47 -62.19 -19.65
C GLU V 65 56.97 -62.72 -20.99
N ILE V 66 58.11 -62.23 -21.46
CA ILE V 66 58.57 -62.69 -22.77
C ILE V 66 59.20 -64.06 -22.66
N LEU V 67 59.83 -64.35 -21.52
CA LEU V 67 60.37 -65.68 -21.32
C LEU V 67 59.31 -66.75 -21.20
N GLU V 68 58.07 -66.38 -20.85
CA GLU V 68 56.97 -67.33 -20.97
C GLU V 68 56.79 -67.81 -22.41
N LEU V 69 56.70 -66.88 -23.35
CA LEU V 69 56.55 -67.24 -24.75
C LEU V 69 57.79 -67.93 -25.27
N ALA V 70 58.95 -67.59 -24.71
CA ALA V 70 60.18 -68.28 -25.04
C ALA V 70 60.13 -69.74 -24.59
N GLY V 71 59.61 -69.98 -23.38
CA GLY V 71 59.54 -71.34 -22.87
C GLY V 71 58.62 -72.21 -23.68
N ASN V 72 57.44 -71.69 -24.03
CA ASN V 72 56.52 -72.47 -24.87
C ASN V 72 57.07 -72.67 -26.27
N ALA V 73 57.71 -71.64 -26.84
CA ALA V 73 58.21 -71.76 -28.20
C ALA V 73 59.40 -72.72 -28.28
N ALA V 74 60.22 -72.77 -27.23
CA ALA V 74 61.30 -73.74 -27.22
C ALA V 74 60.79 -75.14 -26.95
N ARG V 75 59.73 -75.25 -26.15
CA ARG V 75 59.13 -76.55 -25.85
C ARG V 75 58.39 -77.11 -27.06
N ASP V 76 58.11 -76.26 -28.06
CA ASP V 76 57.49 -76.73 -29.30
C ASP V 76 58.36 -77.72 -30.08
N ASN V 77 59.67 -77.76 -29.81
CA ASN V 77 60.57 -78.56 -30.61
C ASN V 77 61.42 -79.53 -29.80
N LYS V 78 61.00 -79.85 -28.57
CA LYS V 78 61.63 -80.86 -27.71
C LYS V 78 63.09 -80.54 -27.42
N LYS V 79 63.37 -79.27 -27.24
CA LYS V 79 64.73 -78.81 -26.99
C LYS V 79 64.75 -77.99 -25.71
N THR V 80 65.69 -78.33 -24.83
CA THR V 80 65.74 -77.72 -23.52
C THR V 80 66.26 -76.29 -23.61
N ARG V 81 67.03 -76.00 -24.66
CA ARG V 81 67.72 -74.73 -24.75
C ARG V 81 66.99 -73.79 -25.71
N ILE V 82 66.91 -72.52 -25.33
CA ILE V 82 66.28 -71.51 -26.17
C ILE V 82 67.27 -71.10 -27.24
N ILE V 83 66.83 -71.09 -28.49
CA ILE V 83 67.68 -70.65 -29.58
C ILE V 83 67.15 -69.30 -30.03
N PRO V 84 67.90 -68.50 -30.79
CA PRO V 84 67.34 -67.23 -31.29
C PRO V 84 66.12 -67.38 -32.18
N ARG V 85 66.03 -68.46 -32.96
CA ARG V 85 64.87 -68.71 -33.80
C ARG V 85 63.62 -68.85 -32.95
N HIS V 86 63.75 -69.50 -31.79
CA HIS V 86 62.66 -69.57 -30.82
C HIS V 86 62.20 -68.18 -30.40
N LEU V 87 63.15 -67.30 -30.14
CA LEU V 87 62.80 -65.97 -29.65
C LEU V 87 62.08 -65.18 -30.72
N GLN V 88 62.56 -65.28 -31.96
CA GLN V 88 61.89 -64.56 -33.04
C GLN V 88 60.50 -65.11 -33.30
N LEU V 89 60.35 -66.44 -33.23
CA LEU V 89 59.04 -67.06 -33.36
C LEU V 89 58.09 -66.61 -32.27
N ALA V 90 58.58 -66.57 -31.03
CA ALA V 90 57.72 -66.19 -29.92
C ALA V 90 57.35 -64.72 -29.99
N ILE V 91 58.23 -63.89 -30.53
CA ILE V 91 57.88 -62.49 -30.72
C ILE V 91 56.83 -62.35 -31.80
N ARG V 92 57.07 -62.93 -32.97
CA ARG V 92 56.14 -62.77 -34.08
C ARG V 92 54.81 -63.46 -33.84
N ASN V 93 54.78 -64.45 -32.96
CA ASN V 93 53.51 -65.05 -32.62
C ASN V 93 52.76 -64.24 -31.58
N ASP V 94 53.43 -63.28 -30.95
CA ASP V 94 52.72 -62.33 -30.10
C ASP V 94 52.21 -61.17 -30.96
N GLU V 95 51.21 -60.47 -30.44
CA GLU V 95 50.78 -59.24 -31.09
C GLU V 95 51.42 -58.00 -30.48
N GLU V 96 51.33 -57.84 -29.15
CA GLU V 96 51.90 -56.65 -28.52
C GLU V 96 53.41 -56.59 -28.65
N LEU V 97 54.07 -57.73 -28.53
CA LEU V 97 55.51 -57.74 -28.67
C LEU V 97 55.95 -57.51 -30.10
N ASN V 98 55.13 -57.89 -31.08
CA ASN V 98 55.51 -57.68 -32.47
C ASN V 98 55.38 -56.23 -32.85
N LYS V 99 54.32 -55.57 -32.39
CA LYS V 99 54.20 -54.14 -32.62
C LYS V 99 55.19 -53.38 -31.74
N LEU V 100 55.62 -53.98 -30.62
CA LEU V 100 56.75 -53.45 -29.88
C LEU V 100 58.02 -53.49 -30.71
N LEU V 101 58.34 -54.65 -31.26
CA LEU V 101 59.63 -54.88 -31.89
C LEU V 101 59.58 -54.71 -33.40
N GLY V 102 58.82 -53.73 -33.89
CA GLY V 102 58.59 -53.59 -35.32
C GLY V 102 59.81 -53.17 -36.08
N ARG V 103 60.57 -52.23 -35.55
CA ARG V 103 61.82 -51.82 -36.17
C ARG V 103 62.98 -52.70 -35.74
N VAL V 104 62.71 -53.84 -35.13
CA VAL V 104 63.71 -54.60 -34.40
C VAL V 104 64.00 -55.90 -35.13
N THR V 105 65.26 -56.29 -35.16
CA THR V 105 65.70 -57.50 -35.82
C THR V 105 66.58 -58.27 -34.85
N ILE V 106 66.40 -59.57 -34.82
CA ILE V 106 67.20 -60.45 -33.97
C ILE V 106 68.27 -61.10 -34.83
N ALA V 107 69.48 -61.20 -34.29
CA ALA V 107 70.49 -62.01 -34.94
C ALA V 107 70.08 -63.48 -34.91
N GLN V 108 70.41 -64.17 -36.01
CA GLN V 108 70.00 -65.55 -36.29
C GLN V 108 68.49 -65.72 -36.22
N GLY V 109 67.73 -64.75 -36.70
CA GLY V 109 66.30 -64.79 -36.59
C GLY V 109 65.54 -65.46 -37.72
N GLY V 110 65.67 -64.95 -38.95
CA GLY V 110 64.77 -65.35 -40.00
C GLY V 110 63.39 -64.74 -39.79
N VAL V 111 62.40 -65.28 -40.51
CA VAL V 111 61.01 -64.84 -40.38
C VAL V 111 60.09 -66.06 -40.35
N LEU V 112 58.79 -65.78 -40.31
CA LEU V 112 57.78 -66.79 -40.12
C LEU V 112 57.60 -67.63 -41.37
N PRO V 113 56.97 -68.80 -41.26
CA PRO V 113 56.51 -69.48 -42.47
C PRO V 113 55.37 -68.72 -43.11
N ASN V 114 55.66 -68.07 -44.23
CA ASN V 114 54.64 -67.37 -44.99
C ASN V 114 54.53 -68.05 -46.35
N ILE V 115 53.77 -69.14 -46.39
CA ILE V 115 53.48 -69.84 -47.63
C ILE V 115 52.15 -69.32 -48.12
N GLN V 116 52.15 -68.67 -49.27
CA GLN V 116 50.90 -68.13 -49.79
C GLN V 116 50.05 -69.25 -50.39
N ALA V 117 48.74 -69.04 -50.39
CA ALA V 117 47.80 -70.08 -50.79
C ALA V 117 47.84 -70.31 -52.30
N VAL V 118 48.39 -69.35 -53.04
CA VAL V 118 48.57 -69.50 -54.49
C VAL V 118 49.71 -70.43 -54.85
N LEU V 119 50.37 -71.05 -53.88
CA LEU V 119 51.62 -71.73 -54.13
C LEU V 119 51.53 -73.24 -53.96
N LEU V 120 50.61 -73.71 -53.14
CA LEU V 120 50.52 -75.15 -52.89
C LEU V 120 49.96 -75.87 -54.12
N PRO V 121 50.46 -77.06 -54.43
CA PRO V 121 49.94 -77.80 -55.59
C PRO V 121 48.54 -78.32 -55.33
N LYS V 122 47.57 -77.73 -56.01
CA LYS V 122 46.16 -78.02 -55.79
C LYS V 122 45.58 -78.91 -56.88
N LYS W 38 82.66 -56.40 -16.49
CA LYS W 38 81.65 -55.62 -17.20
C LYS W 38 80.39 -56.46 -17.26
N GLU W 39 79.46 -56.19 -16.35
CA GLU W 39 78.50 -57.21 -15.96
C GLU W 39 77.38 -57.37 -16.98
N SER W 40 77.01 -58.62 -17.23
CA SER W 40 75.79 -58.95 -17.94
C SER W 40 74.77 -59.42 -16.93
N TYR W 41 73.59 -59.84 -17.38
CA TYR W 41 72.48 -60.05 -16.46
C TYR W 41 72.13 -61.53 -16.35
N SER W 42 73.14 -62.39 -16.38
CA SER W 42 72.96 -63.80 -16.74
C SER W 42 72.22 -64.57 -15.67
N ILE W 43 72.68 -64.48 -14.43
CA ILE W 43 72.03 -65.26 -13.38
C ILE W 43 70.69 -64.68 -13.02
N TYR W 44 70.47 -63.40 -13.33
CA TYR W 44 69.15 -62.80 -13.20
C TYR W 44 68.17 -63.50 -14.13
N VAL W 45 68.62 -63.71 -15.38
CA VAL W 45 67.87 -64.48 -16.34
C VAL W 45 67.67 -65.92 -15.88
N TYR W 46 68.69 -66.52 -15.28
CA TYR W 46 68.55 -67.89 -14.77
C TYR W 46 67.51 -67.98 -13.68
N LYS W 47 67.45 -66.99 -12.81
CA LYS W 47 66.48 -67.05 -11.73
C LYS W 47 65.07 -66.76 -12.21
N VAL W 48 64.92 -65.85 -13.17
CA VAL W 48 63.60 -65.62 -13.80
C VAL W 48 63.13 -66.90 -14.50
N LEU W 49 64.06 -67.55 -15.19
CA LEU W 49 63.76 -68.75 -15.94
C LEU W 49 63.37 -69.90 -15.01
N LYS W 50 64.08 -70.05 -13.90
CA LYS W 50 63.69 -71.06 -12.92
C LYS W 50 62.41 -70.71 -12.22
N GLN W 51 62.07 -69.42 -12.14
CA GLN W 51 60.75 -69.05 -11.65
C GLN W 51 59.65 -69.25 -12.67
N VAL W 52 59.98 -69.48 -13.94
CA VAL W 52 58.89 -69.63 -14.91
C VAL W 52 58.87 -71.02 -15.52
N HIS W 53 59.90 -71.38 -16.29
CA HIS W 53 60.01 -72.73 -16.84
C HIS W 53 61.25 -73.35 -16.23
N PRO W 54 61.15 -73.98 -15.06
CA PRO W 54 62.36 -74.32 -14.31
C PRO W 54 63.13 -75.53 -14.83
N ASP W 55 62.82 -76.05 -16.01
CA ASP W 55 63.55 -77.16 -16.60
C ASP W 55 64.02 -76.79 -17.99
N THR W 56 64.62 -75.62 -18.13
CA THR W 56 64.87 -75.04 -19.43
C THR W 56 66.29 -74.51 -19.50
N GLY W 57 67.03 -74.94 -20.52
CA GLY W 57 68.36 -74.42 -20.76
C GLY W 57 68.31 -73.22 -21.69
N ILE W 58 69.50 -72.77 -22.08
CA ILE W 58 69.65 -71.57 -22.88
C ILE W 58 71.04 -71.60 -23.52
N SER W 59 71.15 -71.02 -24.70
CA SER W 59 72.45 -70.87 -25.33
C SER W 59 73.10 -69.56 -24.89
N SER W 60 74.35 -69.39 -25.28
CA SER W 60 75.07 -68.16 -24.95
C SER W 60 74.49 -66.98 -25.70
N LYS W 61 74.32 -67.12 -27.01
CA LYS W 61 73.93 -65.98 -27.80
C LYS W 61 72.48 -65.61 -27.56
N ALA W 62 71.67 -66.56 -27.10
CA ALA W 62 70.33 -66.23 -26.64
C ALA W 62 70.38 -65.25 -25.48
N MET W 63 71.25 -65.52 -24.51
CA MET W 63 71.48 -64.59 -23.41
C MET W 63 71.99 -63.25 -23.91
N GLY W 64 72.84 -63.27 -24.93
CA GLY W 64 73.33 -62.02 -25.49
C GLY W 64 72.22 -61.17 -26.09
N ILE W 65 71.31 -61.81 -26.83
CA ILE W 65 70.20 -61.09 -27.43
C ILE W 65 69.26 -60.58 -26.35
N MET W 66 69.09 -61.37 -25.29
CA MET W 66 68.27 -60.94 -24.17
C MET W 66 68.83 -59.70 -23.50
N ASN W 67 70.15 -59.65 -23.32
CA ASN W 67 70.71 -58.50 -22.63
C ASN W 67 70.73 -57.28 -23.54
N SER W 68 70.87 -57.52 -24.85
CA SER W 68 70.67 -56.47 -25.84
C SER W 68 69.28 -55.87 -25.72
N PHE W 69 68.29 -56.75 -25.62
CA PHE W 69 66.90 -56.37 -25.44
C PHE W 69 66.71 -55.54 -24.19
N VAL W 70 67.25 -56.01 -23.06
CA VAL W 70 67.04 -55.35 -21.78
C VAL W 70 67.66 -53.96 -21.79
N ASN W 71 68.85 -53.84 -22.37
CA ASN W 71 69.51 -52.55 -22.44
C ASN W 71 68.74 -51.59 -23.33
N ASP W 72 68.22 -52.07 -24.46
CA ASP W 72 67.40 -51.23 -25.34
C ASP W 72 66.19 -50.69 -24.60
N ILE W 73 65.49 -51.58 -23.90
CA ILE W 73 64.27 -51.18 -23.20
C ILE W 73 64.58 -50.17 -22.11
N PHE W 74 65.64 -50.42 -21.36
CA PHE W 74 66.05 -49.52 -20.29
C PHE W 74 66.40 -48.15 -20.83
N GLU W 75 67.12 -48.12 -21.95
CA GLU W 75 67.51 -46.85 -22.54
C GLU W 75 66.30 -46.09 -23.07
N ARG W 76 65.35 -46.79 -23.68
CA ARG W 76 64.20 -46.12 -24.25
C ARG W 76 63.33 -45.51 -23.16
N ILE W 77 63.11 -46.26 -22.08
CA ILE W 77 62.29 -45.76 -21.00
C ILE W 77 62.96 -44.58 -20.31
N ALA W 78 64.26 -44.72 -20.06
CA ALA W 78 64.99 -43.69 -19.33
C ALA W 78 65.05 -42.39 -20.11
N GLY W 79 65.30 -42.48 -21.42
CA GLY W 79 65.30 -41.29 -22.24
C GLY W 79 63.93 -40.68 -22.34
N GLU W 80 62.88 -41.51 -22.35
CA GLU W 80 61.55 -40.95 -22.39
C GLU W 80 61.22 -40.26 -21.07
N ALA W 81 61.74 -40.78 -19.97
CA ALA W 81 61.56 -40.12 -18.68
C ALA W 81 62.30 -38.81 -18.62
N SER W 82 63.47 -38.76 -19.26
CA SER W 82 64.21 -37.51 -19.31
C SER W 82 63.47 -36.49 -20.16
N ARG W 83 62.80 -36.97 -21.21
CA ARG W 83 61.89 -36.11 -21.97
C ARG W 83 60.74 -35.64 -21.10
N LEU W 84 60.24 -36.50 -20.21
CA LEU W 84 59.18 -36.08 -19.30
C LEU W 84 59.63 -34.95 -18.41
N ALA W 85 60.86 -35.05 -17.89
CA ALA W 85 61.42 -34.01 -17.05
C ALA W 85 61.55 -32.70 -17.80
N HIS W 86 62.22 -32.73 -18.94
CA HIS W 86 62.48 -31.49 -19.67
C HIS W 86 61.23 -30.93 -20.33
N TYR W 87 60.25 -31.77 -20.65
CA TYR W 87 58.99 -31.25 -21.15
C TYR W 87 58.11 -30.79 -19.99
N ASN W 88 58.49 -31.11 -18.76
CA ASN W 88 57.67 -30.75 -17.62
C ASN W 88 58.41 -29.96 -16.55
N LYS W 89 59.69 -29.63 -16.78
CA LYS W 89 60.48 -28.74 -15.93
C LYS W 89 60.59 -29.26 -14.50
N ARG W 90 60.57 -30.57 -14.35
CA ARG W 90 60.65 -31.18 -13.04
C ARG W 90 62.08 -31.66 -12.86
N SER W 91 62.74 -31.16 -11.83
CA SER W 91 64.18 -31.32 -11.71
C SER W 91 64.60 -32.70 -11.25
N THR W 92 63.66 -33.56 -10.92
CA THR W 92 63.98 -34.95 -10.67
C THR W 92 62.87 -35.82 -11.21
N ILE W 93 63.01 -37.13 -10.97
CA ILE W 93 62.08 -38.13 -11.47
C ILE W 93 61.71 -39.06 -10.34
N THR W 94 60.41 -39.19 -10.09
CA THR W 94 59.87 -40.15 -9.16
C THR W 94 59.27 -41.32 -9.92
N SER W 95 58.56 -42.18 -9.22
CA SER W 95 57.97 -43.35 -9.85
C SER W 95 56.79 -43.02 -10.75
N ARG W 96 56.11 -41.88 -10.52
CA ARG W 96 54.93 -41.53 -11.32
C ARG W 96 55.31 -41.27 -12.77
N GLU W 97 56.45 -40.63 -12.96
CA GLU W 97 57.02 -40.44 -14.29
C GLU W 97 57.31 -41.78 -14.97
N ILE W 98 57.76 -42.75 -14.18
CA ILE W 98 58.10 -44.04 -14.76
C ILE W 98 56.84 -44.76 -15.18
N GLN W 99 55.77 -44.61 -14.37
CA GLN W 99 54.48 -45.20 -14.72
C GLN W 99 53.94 -44.62 -16.00
N THR W 100 53.95 -43.30 -16.12
CA THR W 100 53.40 -42.72 -17.34
C THR W 100 54.29 -42.99 -18.54
N ALA W 101 55.59 -43.18 -18.34
CA ALA W 101 56.45 -43.50 -19.48
C ALA W 101 56.22 -44.93 -19.96
N VAL W 102 56.02 -45.87 -19.02
CA VAL W 102 55.69 -47.23 -19.39
C VAL W 102 54.36 -47.28 -20.11
N ARG W 103 53.41 -46.42 -19.72
CA ARG W 103 52.20 -46.23 -20.52
C ARG W 103 52.52 -45.73 -21.92
N LEU W 104 53.48 -44.82 -22.04
CA LEU W 104 53.76 -44.22 -23.34
C LEU W 104 54.45 -45.18 -24.28
N LEU W 105 55.15 -46.18 -23.74
CA LEU W 105 55.87 -47.10 -24.62
C LEU W 105 55.06 -48.36 -24.91
N LEU W 106 54.70 -49.06 -23.89
CA LEU W 106 54.10 -50.35 -24.18
C LEU W 106 52.59 -50.19 -24.38
N PRO W 107 51.99 -50.96 -25.28
CA PRO W 107 50.53 -50.93 -25.44
C PRO W 107 49.78 -51.62 -24.32
N GLY W 108 48.45 -51.62 -24.42
CA GLY W 108 47.50 -51.82 -23.33
C GLY W 108 47.66 -52.91 -22.28
N GLU W 109 47.62 -54.18 -22.69
CA GLU W 109 47.61 -55.28 -21.72
C GLU W 109 48.93 -55.36 -20.96
N LEU W 110 50.03 -55.33 -21.72
CA LEU W 110 51.36 -55.25 -21.14
C LEU W 110 51.49 -54.05 -20.21
N ALA W 111 50.93 -52.92 -20.60
CA ALA W 111 51.03 -51.70 -19.81
C ALA W 111 50.30 -51.84 -18.48
N LYS W 112 49.10 -52.41 -18.52
CA LYS W 112 48.30 -52.49 -17.31
C LYS W 112 48.90 -53.49 -16.35
N HIS W 113 49.36 -54.65 -16.86
CA HIS W 113 49.99 -55.64 -16.00
C HIS W 113 51.31 -55.13 -15.45
N ALA W 114 52.02 -54.32 -16.22
CA ALA W 114 53.28 -53.77 -15.73
C ALA W 114 53.04 -52.74 -14.65
N VAL W 115 52.01 -51.91 -14.81
CA VAL W 115 51.64 -50.94 -13.78
C VAL W 115 51.27 -51.66 -12.50
N SER W 116 50.55 -52.77 -12.64
CA SER W 116 50.17 -53.58 -11.48
C SER W 116 51.38 -54.14 -10.76
N GLU W 117 52.32 -54.71 -11.51
CA GLU W 117 53.50 -55.29 -10.90
C GLU W 117 54.38 -54.24 -10.25
N GLY W 118 54.48 -53.07 -10.88
CA GLY W 118 55.29 -52.01 -10.32
C GLY W 118 54.72 -51.47 -9.03
N THR W 119 53.40 -51.25 -9.01
CA THR W 119 52.78 -50.75 -7.79
C THR W 119 52.82 -51.79 -6.67
N LYS W 120 52.75 -53.08 -7.03
CA LYS W 120 52.87 -54.12 -6.01
C LYS W 120 54.27 -54.14 -5.41
N ALA W 121 55.28 -53.95 -6.25
CA ALA W 121 56.64 -53.86 -5.74
C ALA W 121 56.84 -52.63 -4.87
N VAL W 122 56.27 -51.49 -5.28
CA VAL W 122 56.28 -50.27 -4.48
C VAL W 122 55.64 -50.52 -3.13
N THR W 123 54.54 -51.26 -3.12
CA THR W 123 53.82 -51.57 -1.90
C THR W 123 54.66 -52.42 -0.96
N LYS W 124 55.24 -53.50 -1.47
CA LYS W 124 55.95 -54.42 -0.58
C LYS W 124 57.28 -53.82 -0.12
N TYR W 125 57.92 -53.01 -0.96
CA TYR W 125 59.12 -52.33 -0.51
C TYR W 125 58.80 -51.22 0.47
N THR W 126 57.63 -50.59 0.34
CA THR W 126 57.28 -49.47 1.21
C THR W 126 56.85 -49.99 2.57
N SER W 127 56.24 -51.17 2.60
CA SER W 127 55.83 -51.78 3.87
C SER W 127 57.03 -52.16 4.72
N ALA W 128 58.13 -52.51 4.09
CA ALA W 128 59.36 -52.85 4.80
C ALA W 128 60.58 -52.59 3.91
#